data_5BKN
#
_entry.id   5BKN
#
_cell.length_a   234.650
_cell.length_b   234.650
_cell.length_c   234.650
_cell.angle_alpha   90.000
_cell.angle_beta   90.000
_cell.angle_gamma   90.000
#
_symmetry.space_group_name_H-M   'P 2 3'
#
loop_
_entity.id
_entity.type
_entity.pdbx_description
1 polymer 'Coat protein'
2 polymer "RNA (5'-R(P*AP*AP*AP*AP*AP*AP*AP*A)-3')"
3 polymer "RNA (5'-R(P*AP*AP*AP*AP*AP*A)-3')"
4 polymer "RNA (5'-R(P*AP*AP*AP*AP*AP*AP*AP*AP*A)-3')"
5 polymer "RNA (5'-R(P*AP*AP*AP*AP*AP*AP*AP*AP*AP*A)-3')"
6 polymer "RNA (5'-R(P*UP*UP*UP*UP*UP*UP*UP*UP*UP*UP*UP*U)-3')"
7 polymer "RNA (5'-R(P*UP*UP*UP*UP*UP*UP*U)-3')"
8 polymer "RNA (5'-R(P*UP*UP*UP*UP*UP*U)-3')"
9 polymer "RNA (5'-R(P*UP*UP*UP*UP*UP*UP*UP*UP*U)-3')"
10 polymer "RNA (5'-R(P*UP*UP*UP*UP*UP*UP*UP*U)-3')"
11 polymer "RNA (5'-R(P*AP*AP*AP*AP*AP*AP*AP*AP*AP*AP*AP*A)-3')"
12 non-polymer 'CHLORIDE ION'
13 non-polymer 'MAGNESIUM ION'
14 water water
#
loop_
_entity_poly.entity_id
_entity_poly.type
_entity_poly.pdbx_seq_one_letter_code
_entity_poly.pdbx_strand_id
1 'polypeptide(L)'
;MGRGKVKPNRKSTGDNSNVVTMIRAGSYPKVNPTPTWVRAIPFEVSVQSGIAFKVPVGSLFSANFRTDSFTSVTVMSVRA
WTQLTPPVNEYSFVRLKPLFKTGDSTEEFEGRASNINTRASVGYRIPTNLRQNTVAADNVCEVRSNCRQVALVISCCFN
;
A,B,C,D,E,F,G,H,I,J,K,L,M,N,O,GG,HH,II,JJ,KK
2 'polyribonucleotide' AAAAAAAA P,S,a
3 'polyribonucleotide' AAAAAA T
4 'polyribonucleotide' AAAAAAAAA V
5 'polyribonucleotide' AAAAAAAAAA X,Y,TT,UU
6 'polyribonucleotide' UUUUUUUUUUUU e,qq
7 'polyribonucleotide' UUUUUUU h
8 'polyribonucleotide' UUUUUU i,ll
9 'polyribonucleotide' UUUUUUUUU m,WW,kk
10 'polyribonucleotide' UUUUUUUU n
11 'polyribonucleotide' AAAAAAAAAAAA bb
#
loop_
_chem_comp.id
_chem_comp.type
_chem_comp.name
_chem_comp.formula
A RNA linking ADENOSINE-5'-MONOPHOSPHATE 'C10 H14 N5 O7 P'
CL non-polymer 'CHLORIDE ION' 'Cl -1'
MG non-polymer 'MAGNESIUM ION' 'Mg 2'
U RNA linking URIDINE-5'-MONOPHOSPHATE 'C9 H13 N2 O9 P'
#
# COMPACT_ATOMS: atom_id res chain seq x y z
N ASN A 16 17.14 44.53 -10.53
CA ASN A 16 16.56 44.77 -11.84
C ASN A 16 16.93 46.16 -12.39
N SER A 17 17.03 47.14 -11.49
CA SER A 17 17.37 48.51 -11.85
C SER A 17 18.83 48.80 -11.50
N ASN A 18 19.27 50.02 -11.83
CA ASN A 18 20.64 50.41 -11.59
C ASN A 18 20.77 51.50 -10.54
N VAL A 19 19.66 51.96 -9.94
CA VAL A 19 19.70 53.03 -8.95
C VAL A 19 18.70 52.77 -7.84
N VAL A 20 18.91 53.46 -6.72
CA VAL A 20 17.99 53.35 -5.60
C VAL A 20 16.58 53.74 -6.04
N THR A 21 15.59 53.04 -5.52
CA THR A 21 14.19 53.32 -5.79
C THR A 21 13.45 53.40 -4.47
N MET A 22 12.37 54.18 -4.46
CA MET A 22 11.61 54.41 -3.24
CA MET A 22 11.59 54.41 -3.26
C MET A 22 10.69 53.23 -2.94
N ILE A 23 10.52 52.96 -1.65
CA ILE A 23 9.59 51.95 -1.15
C ILE A 23 8.45 52.67 -0.45
N ARG A 24 7.21 52.37 -0.87
CA ARG A 24 6.03 52.98 -0.28
C ARG A 24 5.65 52.19 0.98
N ALA A 25 6.48 52.37 2.00
CA ALA A 25 6.29 51.69 3.27
C ALA A 25 4.97 52.10 3.93
N GLY A 26 4.54 51.26 4.86
CA GLY A 26 3.30 51.48 5.57
C GLY A 26 3.51 51.50 7.08
N SER A 27 2.59 50.84 7.78
CA SER A 27 2.64 50.81 9.23
C SER A 27 3.91 50.14 9.71
N TYR A 28 4.29 50.44 10.95
CA TYR A 28 5.43 49.76 11.56
C TYR A 28 5.11 48.27 11.69
N PRO A 29 5.93 47.38 11.14
CA PRO A 29 5.58 45.95 11.14
C PRO A 29 5.83 45.31 12.49
N LYS A 30 5.43 44.06 12.59
CA LYS A 30 5.87 43.24 13.71
C LYS A 30 7.35 42.93 13.49
N VAL A 31 8.14 43.07 14.54
CA VAL A 31 9.58 42.87 14.47
C VAL A 31 9.99 41.85 15.54
N ASN A 32 11.27 41.46 15.49
CA ASN A 32 11.85 40.51 16.42
C ASN A 32 13.36 40.61 16.31
N PRO A 33 14.02 41.26 17.26
CA PRO A 33 15.47 41.46 17.11
C PRO A 33 16.27 40.22 17.37
N THR A 34 15.68 39.19 17.99
CA THR A 34 16.39 37.97 18.36
C THR A 34 15.59 36.76 17.88
N PRO A 35 15.64 36.44 16.60
CA PRO A 35 14.81 35.36 16.07
C PRO A 35 15.42 33.99 16.34
N THR A 36 14.71 32.95 15.87
CA THR A 36 15.21 31.60 15.93
C THR A 36 16.18 31.36 14.77
N TRP A 37 16.83 30.19 14.78
CA TRP A 37 17.83 29.87 13.77
C TRP A 37 17.98 28.37 13.65
N VAL A 38 17.79 27.84 12.44
CA VAL A 38 18.00 26.44 12.14
C VAL A 38 19.42 26.28 11.63
N ARG A 39 20.15 25.31 12.18
CA ARG A 39 21.58 25.20 11.97
C ARG A 39 22.01 23.75 11.92
N ALA A 40 23.15 23.52 11.25
CA ALA A 40 23.90 22.27 11.33
C ALA A 40 25.24 22.61 11.99
N ILE A 41 25.38 22.29 13.26
CA ILE A 41 26.53 22.72 14.06
C ILE A 41 27.60 21.63 14.00
N PRO A 42 28.80 21.92 13.47
CA PRO A 42 29.86 20.91 13.46
C PRO A 42 30.85 21.10 14.60
N PHE A 43 30.99 20.09 15.47
CA PHE A 43 31.96 20.18 16.56
C PHE A 43 32.45 18.77 16.87
N GLU A 44 33.60 18.71 17.55
CA GLU A 44 34.26 17.46 17.87
C GLU A 44 34.25 17.22 19.37
N VAL A 45 34.30 15.93 19.74
CA VAL A 45 34.40 15.52 21.13
C VAL A 45 35.50 14.47 21.25
N SER A 46 36.12 14.41 22.42
CA SER A 46 37.14 13.41 22.72
C SER A 46 36.48 12.18 23.35
N VAL A 47 36.88 11.00 22.88
CA VAL A 47 36.30 9.73 23.32
C VAL A 47 37.41 8.80 23.78
N GLN A 48 37.22 8.21 24.96
CA GLN A 48 38.12 7.18 25.44
C GLN A 48 37.65 5.82 24.95
N SER A 49 38.54 4.83 25.05
CA SER A 49 38.20 3.47 24.65
C SER A 49 37.34 2.81 25.72
N GLY A 50 36.32 2.07 25.28
CA GLY A 50 35.46 1.33 26.18
C GLY A 50 34.61 2.17 27.10
N ILE A 51 34.71 3.50 27.01
CA ILE A 51 33.97 4.42 27.86
C ILE A 51 33.04 5.27 26.99
N ALA A 52 31.83 5.49 27.48
CA ALA A 52 30.85 6.31 26.77
C ALA A 52 30.94 7.76 27.25
N PHE A 53 31.05 8.69 26.31
CA PHE A 53 31.16 10.11 26.63
C PHE A 53 29.82 10.80 26.37
N LYS A 54 29.33 11.52 27.36
CA LYS A 54 28.04 12.22 27.25
CA LYS A 54 28.04 12.22 27.25
C LYS A 54 28.27 13.57 26.59
N VAL A 55 27.74 13.74 25.39
CA VAL A 55 27.87 14.97 24.63
C VAL A 55 27.05 16.07 25.31
N PRO A 56 27.65 17.18 25.72
CA PRO A 56 26.86 18.23 26.37
C PRO A 56 26.20 19.15 25.36
N VAL A 57 24.95 19.54 25.65
CA VAL A 57 24.26 20.49 24.81
C VAL A 57 24.98 21.84 24.81
N GLY A 58 25.63 22.18 25.91
CA GLY A 58 26.29 23.46 26.02
C GLY A 58 27.34 23.69 24.95
N SER A 59 27.88 22.62 24.36
CA SER A 59 28.84 22.77 23.29
C SER A 59 28.23 23.40 22.05
N LEU A 60 26.90 23.40 21.94
CA LEU A 60 26.23 24.01 20.79
C LEU A 60 26.17 25.52 20.91
N PHE A 61 26.19 26.05 22.13
CA PHE A 61 26.18 27.50 22.36
C PHE A 61 27.62 27.98 22.40
N SER A 62 28.02 28.78 21.40
CA SER A 62 29.36 29.34 21.34
C SER A 62 29.38 30.45 20.30
N ALA A 63 30.27 31.41 20.51
CA ALA A 63 30.48 32.46 19.52
C ALA A 63 31.17 31.92 18.28
N ASN A 64 31.82 30.76 18.37
CA ASN A 64 32.38 30.14 17.19
C ASN A 64 31.30 29.65 16.24
N PHE A 65 30.07 29.56 16.71
CA PHE A 65 28.94 29.18 15.89
C PHE A 65 27.94 30.31 15.68
N ARG A 66 28.22 31.50 16.20
CA ARG A 66 27.32 32.65 16.20
C ARG A 66 26.10 32.46 17.09
N THR A 67 26.14 31.46 17.98
CA THR A 67 24.98 31.08 18.78
C THR A 67 25.18 31.32 20.27
N ASP A 68 26.18 32.08 20.67
CA ASP A 68 26.38 32.35 22.10
C ASP A 68 25.24 33.16 22.70
N SER A 69 24.36 33.75 21.88
CA SER A 69 23.23 34.51 22.40
C SER A 69 22.06 33.63 22.80
N PHE A 70 22.03 32.38 22.35
CA PHE A 70 20.95 31.46 22.71
C PHE A 70 21.29 30.73 24.00
N THR A 71 20.25 30.36 24.74
CA THR A 71 20.38 29.54 25.94
C THR A 71 19.63 28.22 25.84
N SER A 72 18.71 28.09 24.88
CA SER A 72 17.98 26.85 24.65
C SER A 72 18.10 26.48 23.18
N VAL A 73 17.73 25.23 22.88
CA VAL A 73 17.86 24.72 21.53
C VAL A 73 17.03 23.44 21.41
N THR A 74 16.41 23.26 20.24
CA THR A 74 15.64 22.07 19.92
C THR A 74 16.46 21.23 18.95
N VAL A 75 16.87 20.04 19.38
CA VAL A 75 17.68 19.15 18.55
C VAL A 75 16.75 18.30 17.70
N MET A 76 17.08 18.20 16.41
CA MET A 76 16.29 17.43 15.46
C MET A 76 16.94 16.12 15.05
N SER A 77 18.25 16.12 14.78
CA SER A 77 18.95 14.90 14.40
C SER A 77 20.42 15.05 14.74
N VAL A 78 21.10 13.91 14.84
CA VAL A 78 22.51 13.86 15.22
C VAL A 78 23.23 12.87 14.31
N ARG A 79 24.28 13.34 13.65
CA ARG A 79 25.17 12.50 12.85
C ARG A 79 26.58 12.58 13.41
N ALA A 80 27.27 11.44 13.39
CA ALA A 80 28.60 11.34 13.97
C ALA A 80 29.57 10.72 12.96
N TRP A 81 30.82 11.19 12.99
CA TRP A 81 31.91 10.64 12.20
C TRP A 81 33.13 10.45 13.08
N THR A 82 33.86 9.38 12.86
CA THR A 82 35.13 9.21 13.56
C THR A 82 36.13 10.24 13.03
N GLN A 83 36.77 10.97 13.94
CA GLN A 83 37.62 12.10 13.57
C GLN A 83 39.11 11.75 13.46
N LEU A 84 39.53 10.61 13.99
CA LEU A 84 40.92 10.16 13.90
C LEU A 84 40.98 8.70 13.53
N THR A 85 42.18 8.24 13.16
CA THR A 85 42.35 6.87 12.70
C THR A 85 42.10 5.90 13.85
N PRO A 86 41.77 4.66 13.53
CA PRO A 86 41.46 3.68 14.59
C PRO A 86 42.72 3.01 15.10
N PRO A 87 42.58 2.10 16.06
CA PRO A 87 43.73 1.29 16.48
C PRO A 87 44.25 0.44 15.34
N VAL A 88 45.47 -0.06 15.50
CA VAL A 88 46.05 -0.91 14.48
C VAL A 88 45.21 -2.18 14.34
N ASN A 89 45.03 -2.62 13.09
CA ASN A 89 44.33 -3.83 12.68
C ASN A 89 42.81 -3.66 12.72
N GLU A 90 42.28 -2.55 13.21
CA GLU A 90 40.86 -2.38 13.40
C GLU A 90 40.27 -1.46 12.36
N TYR A 91 38.97 -1.64 12.09
CA TYR A 91 38.16 -0.71 11.33
C TYR A 91 37.43 0.22 12.29
N SER A 92 37.35 1.50 11.94
CA SER A 92 36.74 2.49 12.84
C SER A 92 35.26 2.17 13.04
N PHE A 93 34.76 2.50 14.24
CA PHE A 93 33.33 2.38 14.51
C PHE A 93 32.91 3.51 15.44
N VAL A 94 31.62 3.85 15.39
CA VAL A 94 31.05 4.89 16.24
C VAL A 94 29.62 4.51 16.58
N ARG A 95 29.26 4.63 17.85
CA ARG A 95 27.93 4.31 18.33
C ARG A 95 27.30 5.56 18.91
N LEU A 96 25.97 5.60 18.88
CA LEU A 96 25.23 6.73 19.44
C LEU A 96 24.04 6.18 20.24
N LYS A 97 23.91 6.64 21.47
CA LYS A 97 22.75 6.32 22.32
C LYS A 97 22.02 7.61 22.65
N PRO A 98 20.80 7.83 22.13
CA PRO A 98 20.13 9.11 22.37
C PRO A 98 19.74 9.26 23.84
N LEU A 99 19.80 10.51 24.31
CA LEU A 99 19.44 10.85 25.68
C LEU A 99 18.32 11.88 25.68
N PHE A 100 17.38 11.72 26.62
CA PHE A 100 16.30 12.67 26.80
C PHE A 100 16.07 12.87 28.29
N LYS A 101 15.71 14.10 28.66
CA LYS A 101 15.44 14.40 30.07
C LYS A 101 14.27 13.58 30.61
N THR A 102 13.32 13.19 29.74
CA THR A 102 12.17 12.40 30.16
C THR A 102 12.47 10.91 30.23
N GLY A 103 13.60 10.47 29.69
CA GLY A 103 13.91 9.07 29.70
C GLY A 103 14.96 8.70 28.66
N ASP A 104 16.19 8.46 29.10
CA ASP A 104 17.23 8.02 28.19
C ASP A 104 16.81 6.74 27.47
N SER A 105 17.41 6.54 26.30
CA SER A 105 17.14 5.36 25.49
C SER A 105 18.25 4.33 25.70
N THR A 106 18.07 3.18 25.04
CA THR A 106 19.06 2.12 25.05
C THR A 106 19.43 1.68 23.63
N GLU A 107 18.96 2.40 22.62
CA GLU A 107 19.41 2.15 21.25
C GLU A 107 20.88 2.57 21.12
N GLU A 108 21.65 1.75 20.42
CA GLU A 108 23.06 2.04 20.16
C GLU A 108 23.28 1.99 18.64
N PHE A 109 22.75 2.99 17.95
CA PHE A 109 22.94 3.09 16.51
C PHE A 109 24.44 3.10 16.20
N GLU A 110 24.87 2.13 15.39
CA GLU A 110 26.29 1.91 15.17
C GLU A 110 26.60 1.92 13.69
N GLY A 111 27.72 2.54 13.34
CA GLY A 111 28.26 2.45 11.99
C GLY A 111 29.73 2.12 12.04
N ARG A 112 30.14 1.23 11.15
CA ARG A 112 31.52 0.78 11.07
C ARG A 112 32.06 1.04 9.67
N ALA A 113 33.36 1.31 9.59
CA ALA A 113 34.01 1.54 8.31
C ALA A 113 34.36 0.21 7.66
N SER A 114 34.09 0.11 6.35
CA SER A 114 34.52 -1.05 5.59
C SER A 114 35.94 -0.89 5.05
N ASN A 115 36.62 0.20 5.41
CA ASN A 115 38.00 0.45 5.02
C ASN A 115 38.70 1.11 6.20
N ILE A 116 39.84 0.55 6.61
CA ILE A 116 40.52 1.02 7.81
C ILE A 116 40.84 2.50 7.69
N ASN A 117 41.19 2.95 6.49
CA ASN A 117 41.52 4.35 6.26
C ASN A 117 40.30 5.27 6.22
N THR A 118 39.10 4.70 6.23
CA THR A 118 37.88 5.48 6.04
C THR A 118 37.17 5.70 7.38
N ARG A 119 36.48 6.82 7.47
CA ARG A 119 35.70 7.13 8.66
C ARG A 119 34.55 6.14 8.83
N ALA A 120 34.09 6.00 10.06
CA ALA A 120 32.82 5.37 10.37
C ALA A 120 31.80 6.46 10.65
N SER A 121 30.55 6.21 10.28
CA SER A 121 29.53 7.25 10.40
C SER A 121 28.18 6.62 10.73
N VAL A 122 27.38 7.36 11.49
CA VAL A 122 26.05 6.94 11.88
C VAL A 122 25.33 8.16 12.45
N GLY A 123 24.01 8.11 12.48
CA GLY A 123 23.23 9.21 13.02
C GLY A 123 21.83 8.75 13.35
N TYR A 124 21.10 9.59 14.09
CA TYR A 124 19.73 9.27 14.46
C TYR A 124 18.88 10.54 14.42
N ARG A 125 17.61 10.35 14.07
CA ARG A 125 16.62 11.42 13.98
C ARG A 125 15.76 11.38 15.24
N ILE A 126 15.51 12.55 15.81
CA ILE A 126 14.62 12.69 16.96
C ILE A 126 13.20 12.89 16.44
N PRO A 127 12.23 12.08 16.83
CA PRO A 127 10.87 12.26 16.32
C PRO A 127 10.28 13.57 16.83
N THR A 128 9.24 14.03 16.12
CA THR A 128 8.59 15.29 16.48
C THR A 128 8.18 15.31 17.95
N ASN A 129 7.55 14.23 18.43
CA ASN A 129 7.03 14.20 19.79
C ASN A 129 8.12 14.26 20.83
N LEU A 130 9.39 14.15 20.44
CA LEU A 130 10.50 14.23 21.38
C LEU A 130 11.40 15.44 21.15
N ARG A 131 10.93 16.41 20.37
CA ARG A 131 11.71 17.60 20.06
C ARG A 131 11.28 18.75 20.97
N GLN A 132 11.79 18.71 22.20
CA GLN A 132 11.64 19.81 23.13
C GLN A 132 12.97 20.53 23.28
N ASN A 133 12.95 21.63 24.03
CA ASN A 133 14.16 22.41 24.20
C ASN A 133 15.11 21.70 25.16
N THR A 134 16.39 22.08 25.04
CA THR A 134 17.45 21.57 25.91
C THR A 134 18.39 22.72 26.22
N VAL A 135 19.02 22.65 27.40
CA VAL A 135 19.88 23.72 27.87
C VAL A 135 21.30 23.21 28.06
N ALA A 136 22.21 24.11 28.41
CA ALA A 136 23.62 23.76 28.42
C ALA A 136 23.90 22.55 29.32
N ALA A 137 23.29 22.52 30.50
CA ALA A 137 23.56 21.42 31.42
C ALA A 137 23.07 20.07 30.88
N ASP A 138 22.03 20.07 30.05
CA ASP A 138 21.50 18.83 29.51
C ASP A 138 22.54 18.14 28.62
N ASN A 139 22.21 16.92 28.20
CA ASN A 139 23.07 16.13 27.34
C ASN A 139 22.25 15.57 26.18
N VAL A 140 22.91 15.46 25.03
CA VAL A 140 22.25 15.02 23.80
C VAL A 140 22.28 13.50 23.74
N CYS A 141 23.48 12.92 23.83
CA CYS A 141 23.63 11.48 23.63
C CYS A 141 25.01 11.06 24.14
N GLU A 142 25.17 9.75 24.32
CA GLU A 142 26.47 9.15 24.57
C GLU A 142 27.12 8.76 23.26
N VAL A 143 28.44 8.73 23.25
CA VAL A 143 29.21 8.37 22.07
CA VAL A 143 29.21 8.37 22.07
C VAL A 143 30.27 7.35 22.47
N ARG A 144 30.41 6.30 21.67
CA ARG A 144 31.43 5.28 21.87
C ARG A 144 32.20 5.14 20.56
N SER A 145 33.47 4.80 20.67
CA SER A 145 34.29 4.71 19.47
C SER A 145 35.67 4.16 19.84
N ASN A 146 36.21 3.34 18.95
CA ASN A 146 37.61 2.93 19.06
C ASN A 146 38.57 4.03 18.65
N CYS A 147 38.07 5.08 18.02
CA CYS A 147 38.87 6.26 17.71
C CYS A 147 38.74 7.28 18.84
N ARG A 148 39.79 8.08 19.01
CA ARG A 148 39.86 8.95 20.18
C ARG A 148 39.20 10.30 19.96
N GLN A 149 38.75 10.61 18.75
CA GLN A 149 37.97 11.81 18.51
C GLN A 149 36.80 11.48 17.59
N VAL A 150 35.67 12.12 17.85
CA VAL A 150 34.44 11.92 17.09
C VAL A 150 33.92 13.27 16.59
N ALA A 151 33.69 13.36 15.29
CA ALA A 151 33.12 14.56 14.69
C ALA A 151 31.61 14.45 14.67
N LEU A 152 30.93 15.45 15.22
CA LEU A 152 29.48 15.48 15.27
C LEU A 152 28.95 16.61 14.39
N VAL A 153 27.77 16.39 13.83
CA VAL A 153 27.03 17.42 13.11
C VAL A 153 25.58 17.32 13.57
N ILE A 154 25.12 18.29 14.34
CA ILE A 154 23.79 18.26 14.96
C ILE A 154 22.91 19.29 14.27
N SER A 155 21.87 18.83 13.60
CA SER A 155 20.84 19.70 13.06
C SER A 155 19.90 20.11 14.19
N CYS A 156 19.77 21.41 14.42
CA CYS A 156 19.01 21.87 15.57
C CYS A 156 18.40 23.23 15.28
N CYS A 157 17.40 23.59 16.08
CA CYS A 157 16.70 24.86 15.97
C CYS A 157 17.03 25.69 17.20
N PHE A 158 17.88 26.70 17.02
CA PHE A 158 18.19 27.61 18.11
C PHE A 158 17.01 28.56 18.36
N ASN A 159 16.61 28.66 19.62
CA ASN A 159 15.51 29.54 20.00
C ASN A 159 15.69 30.09 21.41
N ASN B 16 34.61 21.76 -46.51
CA ASN B 16 34.70 20.69 -47.50
C ASN B 16 35.71 21.06 -48.60
N SER B 17 36.09 22.33 -48.63
CA SER B 17 37.06 22.81 -49.61
C SER B 17 38.48 22.47 -49.19
N ASN B 18 39.28 22.00 -50.15
CA ASN B 18 40.66 21.66 -49.90
C ASN B 18 41.63 22.78 -50.25
N VAL B 19 41.12 23.95 -50.63
CA VAL B 19 41.96 25.02 -51.14
C VAL B 19 41.52 26.34 -50.53
N VAL B 20 42.36 27.37 -50.74
CA VAL B 20 42.07 28.70 -50.21
C VAL B 20 40.86 29.30 -50.93
N THR B 21 40.26 30.30 -50.30
CA THR B 21 39.10 30.97 -50.86
C THR B 21 39.21 32.47 -50.61
N MET B 22 38.35 33.24 -51.26
CA MET B 22 38.38 34.70 -51.16
CA MET B 22 38.37 34.70 -51.17
C MET B 22 37.25 35.15 -50.24
N ILE B 23 37.60 35.90 -49.20
CA ILE B 23 36.62 36.49 -48.30
C ILE B 23 36.32 37.91 -48.79
N ARG B 24 35.05 38.19 -49.06
CA ARG B 24 34.62 39.50 -49.54
C ARG B 24 34.49 40.45 -48.36
N ALA B 25 35.65 40.75 -47.75
CA ALA B 25 35.68 41.62 -46.58
C ALA B 25 35.12 42.99 -46.91
N GLY B 26 34.62 43.66 -45.87
CA GLY B 26 34.01 44.97 -46.04
C GLY B 26 34.75 46.05 -45.28
N SER B 27 33.99 46.90 -44.59
CA SER B 27 34.61 47.98 -43.82
C SER B 27 35.48 47.40 -42.70
N TYR B 28 36.42 48.20 -42.24
CA TYR B 28 37.31 47.76 -41.17
C TYR B 28 36.52 47.58 -39.88
N PRO B 29 36.58 46.42 -39.24
CA PRO B 29 35.72 46.16 -38.08
C PRO B 29 36.29 46.73 -36.79
N LYS B 30 35.42 46.79 -35.79
CA LYS B 30 35.87 47.16 -34.45
C LYS B 30 36.81 46.08 -33.94
N VAL B 31 37.97 46.49 -33.44
CA VAL B 31 38.99 45.54 -33.02
C VAL B 31 39.34 45.80 -31.56
N ASN B 32 40.01 44.82 -30.95
CA ASN B 32 40.49 44.92 -29.57
C ASN B 32 41.68 43.98 -29.44
N PRO B 33 42.90 44.53 -29.42
CA PRO B 33 44.08 43.66 -29.33
C PRO B 33 44.31 43.08 -27.94
N THR B 34 43.52 43.47 -26.95
CA THR B 34 43.75 43.07 -25.56
C THR B 34 42.41 42.72 -24.91
N PRO B 35 41.78 41.62 -25.35
CA PRO B 35 40.51 41.21 -24.73
C PRO B 35 40.66 40.78 -23.28
N THR B 36 39.66 40.04 -22.76
CA THR B 36 39.54 39.82 -21.32
C THR B 36 39.90 38.41 -20.89
N TRP B 37 39.23 37.41 -21.45
CA TRP B 37 39.54 36.02 -21.13
C TRP B 37 39.01 35.58 -19.78
N VAL B 38 38.21 34.51 -19.78
CA VAL B 38 37.69 33.88 -18.56
C VAL B 38 38.48 32.60 -18.35
N ARG B 39 38.90 32.38 -17.11
CA ARG B 39 39.91 31.35 -16.84
C ARG B 39 39.55 30.53 -15.60
N ALA B 40 40.27 29.42 -15.45
CA ALA B 40 40.30 28.61 -14.23
C ALA B 40 41.77 28.41 -13.86
N ILE B 41 42.28 29.25 -12.96
CA ILE B 41 43.72 29.34 -12.70
C ILE B 41 44.06 28.33 -11.60
N PRO B 42 44.94 27.33 -11.87
CA PRO B 42 45.38 26.43 -10.80
C PRO B 42 46.71 26.86 -10.23
N PHE B 43 46.77 27.01 -8.91
CA PHE B 43 48.03 27.32 -8.23
C PHE B 43 47.94 26.82 -6.80
N GLU B 44 49.11 26.70 -6.17
CA GLU B 44 49.22 26.16 -4.83
C GLU B 44 49.66 27.26 -3.86
N VAL B 45 49.43 27.00 -2.58
CA VAL B 45 49.80 27.91 -1.51
C VAL B 45 50.26 27.11 -0.31
N SER B 46 51.36 27.53 0.31
CA SER B 46 51.92 26.85 1.47
C SER B 46 51.23 27.34 2.74
N VAL B 47 50.74 26.41 3.54
CA VAL B 47 49.99 26.70 4.74
C VAL B 47 50.74 26.16 5.95
N GLN B 48 50.66 26.89 7.06
CA GLN B 48 51.25 26.48 8.32
C GLN B 48 50.14 26.05 9.27
N SER B 49 50.48 25.20 10.23
CA SER B 49 49.49 24.68 11.16
C SER B 49 48.96 25.78 12.06
N GLY B 50 47.64 25.88 12.14
CA GLY B 50 46.99 26.83 13.03
C GLY B 50 47.09 28.28 12.63
N ILE B 51 47.64 28.56 11.44
CA ILE B 51 47.86 29.92 10.96
C ILE B 51 47.08 30.13 9.68
N ALA B 52 46.34 31.23 9.60
CA ALA B 52 45.59 31.57 8.41
C ALA B 52 46.49 32.27 7.40
N PHE B 53 46.36 31.86 6.14
CA PHE B 53 47.17 32.39 5.06
C PHE B 53 46.28 33.18 4.10
N LYS B 54 46.63 34.44 3.87
CA LYS B 54 45.87 35.29 2.95
C LYS B 54 46.35 35.02 1.52
N VAL B 55 45.45 34.53 0.68
CA VAL B 55 45.77 34.22 -0.70
C VAL B 55 45.81 35.51 -1.51
N PRO B 56 46.94 35.90 -2.09
CA PRO B 56 46.98 37.17 -2.82
C PRO B 56 46.52 37.03 -4.27
N VAL B 57 45.75 38.02 -4.70
CA VAL B 57 45.29 38.06 -6.09
C VAL B 57 46.47 38.04 -7.06
N GLY B 58 47.58 38.64 -6.65
CA GLY B 58 48.74 38.75 -7.53
C GLY B 58 49.20 37.42 -8.09
N SER B 59 48.77 36.32 -7.48
CA SER B 59 49.17 35.00 -7.93
C SER B 59 48.50 34.59 -9.23
N LEU B 60 47.40 35.25 -9.60
CA LEU B 60 46.73 34.98 -10.85
C LEU B 60 47.42 35.63 -12.03
N PHE B 61 48.21 36.68 -11.79
CA PHE B 61 48.95 37.39 -12.83
C PHE B 61 50.34 36.77 -12.94
N SER B 62 50.58 36.05 -14.04
CA SER B 62 51.87 35.39 -14.23
C SER B 62 51.94 34.85 -15.64
N ALA B 63 53.14 34.92 -16.23
CA ALA B 63 53.34 34.31 -17.54
C ALA B 63 53.11 32.81 -17.50
N ASN B 64 53.17 32.19 -16.31
CA ASN B 64 52.86 30.78 -16.19
C ASN B 64 51.40 30.48 -16.49
N PHE B 65 50.54 31.49 -16.56
CA PHE B 65 49.15 31.34 -16.92
C PHE B 65 48.79 32.14 -18.16
N ARG B 66 49.76 32.80 -18.80
CA ARG B 66 49.52 33.68 -19.93
C ARG B 66 48.80 34.97 -19.53
N THR B 67 48.81 35.31 -18.26
CA THR B 67 48.01 36.41 -17.73
C THR B 67 48.83 37.57 -17.18
N ASP B 68 50.14 37.58 -17.41
CA ASP B 68 50.96 38.67 -16.91
C ASP B 68 50.60 39.99 -17.57
N SER B 69 49.89 39.95 -18.70
CA SER B 69 49.49 41.17 -19.39
C SER B 69 48.29 41.84 -18.75
N PHE B 70 47.70 41.24 -17.73
CA PHE B 70 46.58 41.83 -17.01
C PHE B 70 47.05 42.42 -15.69
N THR B 71 46.26 43.39 -15.19
CA THR B 71 46.49 43.95 -13.86
C THR B 71 45.26 43.88 -12.96
N SER B 72 44.12 43.43 -13.48
CA SER B 72 42.88 43.37 -12.72
C SER B 72 42.14 42.11 -13.11
N VAL B 73 41.35 41.60 -12.17
CA VAL B 73 40.62 40.35 -12.39
C VAL B 73 39.39 40.33 -11.48
N THR B 74 38.28 39.88 -12.04
CA THR B 74 37.04 39.70 -11.28
C THR B 74 36.91 38.22 -10.94
N VAL B 75 37.04 37.90 -9.66
CA VAL B 75 36.93 36.51 -9.20
C VAL B 75 35.47 36.13 -9.11
N MET B 76 35.12 34.95 -9.62
CA MET B 76 33.75 34.46 -9.58
C MET B 76 33.55 33.39 -8.51
N SER B 77 34.44 32.39 -8.44
CA SER B 77 34.34 31.32 -7.46
C SER B 77 35.73 30.76 -7.17
N VAL B 78 35.90 30.28 -5.94
CA VAL B 78 37.18 29.76 -5.45
C VAL B 78 36.98 28.32 -5.02
N ARG B 79 37.91 27.45 -5.40
CA ARG B 79 37.88 26.05 -5.02
C ARG B 79 39.25 25.66 -4.48
N ALA B 80 39.28 24.82 -3.44
CA ALA B 80 40.50 24.47 -2.77
C ALA B 80 40.61 22.96 -2.61
N TRP B 81 41.85 22.49 -2.56
CA TRP B 81 42.16 21.07 -2.31
C TRP B 81 43.44 21.00 -1.49
N THR B 82 43.45 20.19 -0.44
CA THR B 82 44.70 19.90 0.25
C THR B 82 45.67 19.25 -0.74
N GLN B 83 46.92 19.74 -0.76
CA GLN B 83 47.89 19.31 -1.75
C GLN B 83 48.93 18.33 -1.21
N LEU B 84 49.07 18.22 0.12
CA LEU B 84 49.96 17.25 0.73
C LEU B 84 49.20 16.46 1.78
N THR B 85 49.75 15.29 2.13
CA THR B 85 49.09 14.42 3.09
C THR B 85 48.92 15.15 4.41
N PRO B 86 48.00 14.69 5.24
CA PRO B 86 47.78 15.33 6.54
C PRO B 86 48.70 14.75 7.61
N PRO B 87 48.73 15.36 8.79
CA PRO B 87 49.46 14.75 9.91
C PRO B 87 49.07 13.30 10.14
N VAL B 88 49.76 12.65 11.07
CA VAL B 88 49.45 11.26 11.37
C VAL B 88 48.12 11.19 12.11
N ASN B 89 47.35 10.13 11.82
CA ASN B 89 46.11 9.82 12.53
C ASN B 89 44.97 10.78 12.18
N GLU B 90 45.27 11.84 11.45
CA GLU B 90 44.30 12.87 11.15
C GLU B 90 43.71 12.69 9.75
N TYR B 91 42.50 13.24 9.58
CA TYR B 91 41.89 13.40 8.27
C TYR B 91 42.11 14.83 7.81
N SER B 92 42.39 15.01 6.52
CA SER B 92 42.67 16.34 6.00
C SER B 92 41.47 17.26 6.14
N PHE B 93 41.74 18.57 6.21
CA PHE B 93 40.67 19.57 6.18
C PHE B 93 41.21 20.86 5.58
N VAL B 94 40.30 21.62 4.98
CA VAL B 94 40.62 22.93 4.42
C VAL B 94 39.46 23.88 4.70
N ARG B 95 39.79 25.13 5.00
CA ARG B 95 38.78 26.15 5.28
C ARG B 95 39.05 27.36 4.40
N LEU B 96 37.98 28.07 4.05
CA LEU B 96 38.08 29.29 3.26
C LEU B 96 37.22 30.38 3.88
N LYS B 97 37.83 31.52 4.18
CA LYS B 97 37.12 32.70 4.64
C LYS B 97 37.17 33.75 3.54
N PRO B 98 36.05 34.09 2.90
CA PRO B 98 36.12 35.06 1.80
C PRO B 98 36.51 36.43 2.31
N LEU B 99 37.37 37.10 1.54
CA LEU B 99 37.85 38.44 1.84
C LEU B 99 37.47 39.40 0.73
N PHE B 100 36.94 40.56 1.10
CA PHE B 100 36.54 41.58 0.15
C PHE B 100 37.03 42.95 0.63
N LYS B 101 37.35 43.82 -0.33
CA LYS B 101 37.81 45.15 0.04
C LYS B 101 36.74 45.92 0.78
N THR B 102 35.49 45.79 0.36
CA THR B 102 34.40 46.51 1.00
C THR B 102 34.04 45.94 2.37
N GLY B 103 34.61 44.79 2.73
CA GLY B 103 34.29 44.17 4.01
C GLY B 103 34.55 42.68 4.03
N ASP B 104 35.37 42.22 4.97
CA ASP B 104 35.74 40.82 5.03
C ASP B 104 34.63 39.98 5.65
N SER B 105 34.52 38.74 5.20
CA SER B 105 33.55 37.80 5.74
C SER B 105 34.15 37.01 6.90
N THR B 106 33.25 36.42 7.69
CA THR B 106 33.63 35.53 8.78
C THR B 106 33.21 34.10 8.53
N GLU B 107 32.66 33.79 7.36
CA GLU B 107 32.40 32.40 7.01
C GLU B 107 33.70 31.61 6.96
N GLU B 108 33.60 30.33 7.29
CA GLU B 108 34.73 29.41 7.23
C GLU B 108 34.26 28.12 6.53
N PHE B 109 34.03 28.23 5.23
CA PHE B 109 33.59 27.10 4.41
C PHE B 109 34.62 25.99 4.47
N GLU B 110 34.29 24.92 5.19
CA GLU B 110 35.23 23.87 5.51
C GLU B 110 34.91 22.60 4.73
N GLY B 111 35.93 21.78 4.56
CA GLY B 111 35.77 20.46 3.99
C GLY B 111 36.77 19.50 4.61
N ARG B 112 36.36 18.25 4.84
CA ARG B 112 37.23 17.26 5.43
C ARG B 112 37.17 15.99 4.60
N ALA B 113 38.26 15.24 4.61
CA ALA B 113 38.34 13.98 3.90
C ALA B 113 37.83 12.85 4.78
N SER B 114 37.06 11.94 4.18
CA SER B 114 36.57 10.76 4.89
C SER B 114 37.51 9.58 4.75
N ASN B 115 38.57 9.71 3.94
CA ASN B 115 39.66 8.76 3.85
C ASN B 115 40.97 9.52 4.07
N ILE B 116 41.83 9.00 4.95
CA ILE B 116 43.05 9.73 5.29
C ILE B 116 43.89 10.00 4.04
N ASN B 117 43.89 9.05 3.11
CA ASN B 117 44.72 9.15 1.92
C ASN B 117 44.12 10.06 0.85
N THR B 118 42.93 10.61 1.08
CA THR B 118 42.23 11.41 0.09
C THR B 118 42.29 12.89 0.44
N ARG B 119 42.23 13.71 -0.59
CA ARG B 119 42.27 15.15 -0.40
C ARG B 119 40.99 15.62 0.30
N ALA B 120 41.12 16.73 1.02
CA ALA B 120 39.97 17.50 1.45
C ALA B 120 39.72 18.59 0.42
N SER B 121 38.47 19.02 0.30
CA SER B 121 38.15 20.04 -0.67
C SER B 121 36.98 20.88 -0.18
N VAL B 122 36.91 22.12 -0.70
CA VAL B 122 35.77 22.98 -0.46
C VAL B 122 35.88 24.16 -1.41
N GLY B 123 34.77 24.85 -1.62
CA GLY B 123 34.77 26.03 -2.47
C GLY B 123 33.61 26.95 -2.11
N TYR B 124 33.69 28.19 -2.55
CA TYR B 124 32.61 29.15 -2.34
C TYR B 124 32.44 29.99 -3.59
N ARG B 125 31.19 30.35 -3.87
CA ARG B 125 30.85 31.20 -5.00
C ARG B 125 30.68 32.64 -4.53
N ILE B 126 31.10 33.58 -5.36
CA ILE B 126 30.95 35.01 -5.10
C ILE B 126 29.68 35.47 -5.81
N PRO B 127 28.74 36.10 -5.11
CA PRO B 127 27.53 36.59 -5.77
C PRO B 127 27.83 37.76 -6.70
N THR B 128 26.92 37.95 -7.65
CA THR B 128 27.14 38.97 -8.69
C THR B 128 27.42 40.35 -8.08
N ASN B 129 26.64 40.73 -7.08
CA ASN B 129 26.78 42.07 -6.50
C ASN B 129 28.14 42.29 -5.85
N LEU B 130 28.93 41.23 -5.69
CA LEU B 130 30.25 41.34 -5.07
C LEU B 130 31.37 41.03 -6.05
N ARG B 131 31.07 40.91 -7.34
CA ARG B 131 32.06 40.55 -8.33
C ARG B 131 32.62 41.81 -9.01
N GLN B 132 33.43 42.53 -8.27
CA GLN B 132 34.18 43.65 -8.80
C GLN B 132 35.61 43.20 -9.11
N ASN B 133 36.44 44.13 -9.56
CA ASN B 133 37.82 43.78 -9.86
C ASN B 133 38.67 43.80 -8.59
N THR B 134 39.81 43.10 -8.67
CA THR B 134 40.79 43.06 -7.61
C THR B 134 42.16 43.09 -8.25
N VAL B 135 43.11 43.71 -7.54
CA VAL B 135 44.47 43.88 -8.05
C VAL B 135 45.39 42.98 -7.24
N ALA B 136 46.67 42.95 -7.65
CA ALA B 136 47.62 42.02 -7.04
C ALA B 136 47.80 42.28 -5.56
N ALA B 137 47.69 43.53 -5.11
CA ALA B 137 47.90 43.82 -3.70
C ALA B 137 46.79 43.22 -2.83
N ASP B 138 45.57 43.11 -3.37
CA ASP B 138 44.43 42.65 -2.60
C ASP B 138 44.55 41.15 -2.33
N ASN B 139 43.73 40.69 -1.38
CA ASN B 139 43.65 39.28 -1.03
C ASN B 139 42.32 38.69 -1.47
N VAL B 140 42.28 37.36 -1.57
CA VAL B 140 41.11 36.64 -2.04
C VAL B 140 40.37 35.96 -0.89
N CYS B 141 41.10 35.35 0.04
CA CYS B 141 40.50 34.57 1.11
C CYS B 141 41.62 34.03 2.00
N GLU B 142 41.25 33.64 3.21
CA GLU B 142 42.17 32.99 4.13
C GLU B 142 42.04 31.47 4.02
N VAL B 143 43.17 30.79 4.03
CA VAL B 143 43.21 29.34 3.92
C VAL B 143 43.77 28.78 5.20
N ARG B 144 43.01 27.89 5.85
CA ARG B 144 43.48 27.13 7.00
C ARG B 144 43.44 25.65 6.64
N SER B 145 44.43 24.90 7.11
CA SER B 145 44.49 23.48 6.82
C SER B 145 45.50 22.82 7.75
N ASN B 146 45.27 21.54 8.04
CA ASN B 146 46.27 20.74 8.72
C ASN B 146 47.34 20.19 7.76
N CYS B 147 47.11 20.30 6.45
CA CYS B 147 48.10 19.93 5.45
C CYS B 147 48.95 21.14 5.10
N ARG B 148 50.23 20.90 4.84
CA ARG B 148 51.19 21.98 4.65
C ARG B 148 51.08 22.64 3.29
N GLN B 149 50.20 22.16 2.41
CA GLN B 149 50.01 22.78 1.11
C GLN B 149 48.58 22.56 0.64
N VAL B 150 48.00 23.60 0.04
CA VAL B 150 46.65 23.55 -0.51
C VAL B 150 46.73 23.93 -1.98
N ALA B 151 46.10 23.14 -2.83
CA ALA B 151 45.93 23.47 -4.24
C ALA B 151 44.66 24.29 -4.40
N LEU B 152 44.73 25.31 -5.27
CA LEU B 152 43.59 26.18 -5.53
C LEU B 152 43.27 26.18 -7.02
N VAL B 153 42.02 26.49 -7.33
CA VAL B 153 41.56 26.68 -8.70
C VAL B 153 40.52 27.80 -8.65
N ILE B 154 40.89 28.98 -9.14
CA ILE B 154 40.03 30.15 -9.09
C ILE B 154 39.42 30.39 -10.46
N SER B 155 38.09 30.53 -10.50
CA SER B 155 37.36 30.86 -11.72
C SER B 155 37.17 32.37 -11.74
N CYS B 156 37.87 33.04 -12.65
CA CYS B 156 37.95 34.49 -12.63
C CYS B 156 37.94 35.03 -14.05
N CYS B 157 37.60 36.33 -14.15
CA CYS B 157 37.52 37.02 -15.43
C CYS B 157 38.62 38.08 -15.45
N PHE B 158 39.66 37.82 -16.22
CA PHE B 158 40.71 38.82 -16.40
C PHE B 158 40.23 39.94 -17.30
N ASN B 159 40.75 41.14 -17.08
CA ASN B 159 40.35 42.30 -17.87
C ASN B 159 41.29 43.47 -17.66
N SER C 17 25.18 -24.52 -41.49
CA SER C 17 26.18 -25.11 -42.38
C SER C 17 27.35 -25.67 -41.59
N ASN C 18 27.43 -26.99 -41.49
CA ASN C 18 28.51 -27.64 -40.77
C ASN C 18 29.62 -28.13 -41.69
N VAL C 19 29.56 -27.79 -42.98
CA VAL C 19 30.53 -28.28 -43.96
C VAL C 19 30.93 -27.13 -44.87
N VAL C 20 32.08 -27.30 -45.52
CA VAL C 20 32.57 -26.29 -46.45
C VAL C 20 31.54 -26.09 -47.55
N THR C 21 31.51 -24.88 -48.11
CA THR C 21 30.58 -24.51 -49.16
C THR C 21 31.33 -23.76 -50.24
N MET C 22 30.96 -24.00 -51.50
CA MET C 22 31.63 -23.35 -52.61
CA MET C 22 31.62 -23.35 -52.63
C MET C 22 31.32 -21.86 -52.64
N ILE C 23 32.29 -21.09 -53.13
CA ILE C 23 32.17 -19.65 -53.32
C ILE C 23 32.29 -19.39 -54.81
N ARG C 24 31.35 -18.63 -55.35
CA ARG C 24 31.36 -18.29 -56.77
C ARG C 24 32.16 -17.01 -57.01
N ALA C 25 33.43 -17.07 -56.61
CA ALA C 25 34.33 -15.94 -56.77
C ALA C 25 34.37 -15.50 -58.23
N GLY C 26 34.65 -14.22 -58.43
CA GLY C 26 34.67 -13.66 -59.77
C GLY C 26 36.05 -13.22 -60.18
N SER C 27 36.19 -11.98 -60.61
CA SER C 27 37.48 -11.46 -61.04
C SER C 27 38.41 -11.32 -59.85
N TYR C 28 39.69 -11.10 -60.13
CA TYR C 28 40.67 -10.93 -59.07
C TYR C 28 40.47 -9.55 -58.43
N PRO C 29 40.33 -9.47 -57.12
CA PRO C 29 40.01 -8.19 -56.49
C PRO C 29 41.27 -7.34 -56.27
N LYS C 30 41.02 -6.06 -56.01
CA LYS C 30 42.09 -5.18 -55.56
C LYS C 30 42.58 -5.68 -54.20
N VAL C 31 43.90 -5.78 -54.06
CA VAL C 31 44.50 -6.39 -52.88
C VAL C 31 45.48 -5.41 -52.26
N ASN C 32 45.94 -5.76 -51.07
CA ASN C 32 46.95 -4.98 -50.36
C ASN C 32 47.53 -5.85 -49.25
N PRO C 33 48.78 -6.31 -49.39
CA PRO C 33 49.36 -7.16 -48.34
C PRO C 33 49.86 -6.39 -47.12
N THR C 34 49.97 -5.07 -47.19
CA THR C 34 50.52 -4.24 -46.11
C THR C 34 49.57 -3.10 -45.78
N PRO C 35 48.44 -3.41 -45.15
CA PRO C 35 47.41 -2.39 -44.90
C PRO C 35 47.77 -1.53 -43.69
N THR C 36 46.86 -0.58 -43.40
CA THR C 36 46.98 0.27 -42.23
C THR C 36 46.39 -0.43 -41.00
N TRP C 37 46.44 0.23 -39.86
CA TRP C 37 45.98 -0.39 -38.62
C TRP C 37 45.75 0.70 -37.58
N VAL C 38 44.52 0.80 -37.08
CA VAL C 38 44.20 1.70 -35.97
C VAL C 38 44.44 0.95 -34.67
N ARG C 39 45.21 1.55 -33.77
CA ARG C 39 45.70 0.80 -32.62
C ARG C 39 45.75 1.68 -31.38
N ALA C 40 45.67 1.04 -30.22
CA ALA C 40 45.94 1.65 -28.92
C ALA C 40 47.21 0.98 -28.38
N ILE C 41 48.32 1.70 -28.41
CA ILE C 41 49.63 1.14 -28.09
C ILE C 41 49.96 1.54 -26.65
N PRO C 42 50.09 0.57 -25.73
CA PRO C 42 50.50 0.90 -24.36
C PRO C 42 52.00 0.70 -24.17
N PHE C 43 52.71 1.72 -23.72
CA PHE C 43 54.13 1.60 -23.46
C PHE C 43 54.49 2.58 -22.35
N GLU C 44 55.56 2.26 -21.63
CA GLU C 44 55.97 3.05 -20.48
C GLU C 44 57.23 3.85 -20.82
N VAL C 45 57.44 4.91 -20.04
CA VAL C 45 58.59 5.79 -20.19
C VAL C 45 59.10 6.16 -18.80
N SER C 46 60.40 6.45 -18.71
CA SER C 46 61.01 6.89 -17.47
C SER C 46 61.05 8.42 -17.44
N VAL C 47 60.69 8.99 -16.30
CA VAL C 47 60.61 10.43 -16.10
C VAL C 47 61.40 10.81 -14.87
N GLN C 48 62.06 11.96 -14.92
CA GLN C 48 62.90 12.42 -13.81
C GLN C 48 62.22 13.58 -13.11
N SER C 49 62.56 13.77 -11.84
CA SER C 49 61.90 14.77 -11.01
C SER C 49 62.17 16.17 -11.53
N GLY C 50 61.10 16.92 -11.79
CA GLY C 50 61.23 18.27 -12.28
C GLY C 50 61.76 18.41 -13.68
N ILE C 51 61.78 17.33 -14.47
CA ILE C 51 62.34 17.32 -15.81
C ILE C 51 61.29 16.82 -16.79
N ALA C 52 61.28 17.40 -17.98
CA ALA C 52 60.41 16.95 -19.05
C ALA C 52 61.13 15.93 -19.91
N PHE C 53 60.40 14.89 -20.33
CA PHE C 53 60.92 13.85 -21.20
C PHE C 53 60.15 13.86 -22.51
N LYS C 54 60.86 13.88 -23.63
CA LYS C 54 60.24 13.86 -24.94
C LYS C 54 59.88 12.41 -25.28
N VAL C 55 58.59 12.17 -25.55
CA VAL C 55 58.14 10.84 -25.93
C VAL C 55 58.46 10.61 -27.41
N PRO C 56 59.40 9.73 -27.73
CA PRO C 56 59.78 9.56 -29.15
C PRO C 56 58.75 8.69 -29.88
N VAL C 57 58.37 9.14 -31.07
CA VAL C 57 57.46 8.38 -31.91
C VAL C 57 57.98 6.96 -32.13
N GLY C 58 59.28 6.79 -32.16
CA GLY C 58 59.83 5.48 -32.45
C GLY C 58 59.33 4.40 -31.52
N SER C 59 58.90 4.78 -30.31
CA SER C 59 58.47 3.79 -29.35
C SER C 59 57.25 3.02 -29.85
N LEU C 60 56.50 3.57 -30.80
CA LEU C 60 55.33 2.90 -31.33
C LEU C 60 55.68 1.82 -32.34
N PHE C 61 56.87 1.90 -32.95
CA PHE C 61 57.34 0.89 -33.90
C PHE C 61 58.13 -0.16 -33.12
N SER C 62 57.60 -1.38 -33.06
CA SER C 62 58.24 -2.44 -32.30
C SER C 62 57.52 -3.75 -32.60
N ALA C 63 58.28 -4.85 -32.56
CA ALA C 63 57.68 -6.17 -32.70
C ALA C 63 56.79 -6.51 -31.52
N ASN C 64 57.01 -5.86 -30.37
CA ASN C 64 56.14 -6.07 -29.22
C ASN C 64 54.71 -5.62 -29.49
N PHE C 65 54.51 -4.71 -30.44
CA PHE C 65 53.19 -4.23 -30.82
C PHE C 65 52.74 -4.72 -32.17
N ARG C 66 53.53 -5.57 -32.83
CA ARG C 66 53.29 -6.05 -34.19
C ARG C 66 53.47 -4.95 -35.23
N THR C 67 54.09 -3.83 -34.86
CA THR C 67 54.19 -2.67 -35.73
C THR C 67 55.63 -2.38 -36.16
N ASP C 68 56.49 -3.41 -36.21
CA ASP C 68 57.85 -3.18 -36.67
C ASP C 68 57.88 -2.92 -38.18
N SER C 69 56.92 -3.47 -38.92
CA SER C 69 56.86 -3.30 -40.36
C SER C 69 56.44 -1.90 -40.78
N PHE C 70 56.11 -1.03 -39.83
CA PHE C 70 55.71 0.32 -40.14
C PHE C 70 56.88 1.27 -39.94
N THR C 71 56.84 2.39 -40.67
CA THR C 71 57.83 3.44 -40.55
C THR C 71 57.21 4.79 -40.21
N SER C 72 55.89 4.93 -40.33
CA SER C 72 55.19 6.17 -40.05
C SER C 72 53.90 5.86 -39.29
N VAL C 73 53.36 6.88 -38.64
CA VAL C 73 52.15 6.70 -37.85
C VAL C 73 51.50 8.07 -37.66
N THR C 74 50.17 8.08 -37.72
CA THR C 74 49.38 9.28 -37.48
C THR C 74 48.79 9.17 -36.08
N VAL C 75 49.28 9.99 -35.16
CA VAL C 75 48.77 9.97 -33.79
C VAL C 75 47.48 10.76 -33.74
N MET C 76 46.47 10.20 -33.07
CA MET C 76 45.17 10.84 -32.91
C MET C 76 44.98 11.42 -31.53
N SER C 77 45.24 10.62 -30.49
CA SER C 77 45.16 11.08 -29.11
C SER C 77 46.28 10.48 -28.28
N VAL C 78 46.47 11.00 -27.06
CA VAL C 78 47.50 10.54 -26.15
C VAL C 78 46.95 10.61 -24.74
N ARG C 79 47.02 9.50 -24.01
CA ARG C 79 46.62 9.43 -22.63
C ARG C 79 47.79 8.93 -21.79
N ALA C 80 47.83 9.38 -20.53
CA ALA C 80 48.98 9.14 -19.66
C ALA C 80 48.53 8.80 -18.25
N TRP C 81 49.25 7.88 -17.62
CA TRP C 81 49.02 7.51 -16.23
C TRP C 81 50.36 7.40 -15.55
N THR C 82 50.44 7.88 -14.31
CA THR C 82 51.63 7.63 -13.50
C THR C 82 51.74 6.13 -13.19
N GLN C 83 52.93 5.57 -13.37
CA GLN C 83 53.12 4.12 -13.29
C GLN C 83 53.74 3.67 -11.97
N LEU C 84 54.30 4.58 -11.17
CA LEU C 84 54.88 4.25 -9.88
C LEU C 84 54.34 5.23 -8.84
N THR C 85 54.56 4.90 -7.57
CA THR C 85 54.06 5.73 -6.49
C THR C 85 54.73 7.10 -6.50
N PRO C 86 54.13 8.08 -5.83
CA PRO C 86 54.69 9.43 -5.84
C PRO C 86 55.65 9.62 -4.68
N PRO C 87 56.31 10.78 -4.59
CA PRO C 87 57.14 11.07 -3.42
C PRO C 87 56.31 11.11 -2.15
N VAL C 88 56.95 10.77 -1.03
CA VAL C 88 56.23 10.70 0.23
C VAL C 88 55.55 12.05 0.49
N ASN C 89 54.31 11.99 0.97
CA ASN C 89 53.46 13.11 1.34
C ASN C 89 52.77 13.72 0.11
N GLU C 90 53.14 13.35 -1.11
CA GLU C 90 52.64 13.99 -2.31
C GLU C 90 51.55 13.14 -2.96
N TYR C 91 50.66 13.81 -3.70
CA TYR C 91 49.71 13.14 -4.58
C TYR C 91 50.30 13.10 -5.99
N SER C 92 50.13 11.97 -6.68
CA SER C 92 50.64 11.83 -8.02
C SER C 92 50.14 12.96 -8.93
N PHE C 93 50.85 13.18 -10.02
CA PHE C 93 50.40 14.10 -11.05
C PHE C 93 51.14 13.81 -12.35
N VAL C 94 50.58 14.26 -13.46
CA VAL C 94 51.19 14.04 -14.76
C VAL C 94 50.73 15.16 -15.70
N ARG C 95 51.68 15.68 -16.46
CA ARG C 95 51.41 16.74 -17.43
C ARG C 95 51.80 16.27 -18.83
N LEU C 96 51.11 16.79 -19.84
CA LEU C 96 51.39 16.48 -21.23
C LEU C 96 51.43 17.77 -22.04
N LYS C 97 52.50 17.96 -22.80
CA LYS C 97 52.64 19.13 -23.67
C LYS C 97 52.74 18.64 -25.10
N PRO C 98 51.73 18.88 -25.95
CA PRO C 98 51.80 18.37 -27.33
C PRO C 98 52.94 18.98 -28.11
N LEU C 99 53.51 18.17 -29.00
CA LEU C 99 54.64 18.58 -29.84
C LEU C 99 54.33 18.25 -31.30
N PHE C 100 54.59 19.20 -32.18
CA PHE C 100 54.34 19.02 -33.61
C PHE C 100 55.53 19.53 -34.41
N LYS C 101 55.76 18.89 -35.56
CA LYS C 101 56.86 19.32 -36.42
C LYS C 101 56.67 20.74 -36.93
N THR C 102 55.42 21.15 -37.13
CA THR C 102 55.11 22.47 -37.64
C THR C 102 55.04 23.53 -36.54
N GLY C 103 55.31 23.15 -35.30
CA GLY C 103 55.24 24.09 -34.19
C GLY C 103 54.81 23.43 -32.90
N ASP C 104 55.70 23.47 -31.91
CA ASP C 104 55.39 22.86 -30.61
C ASP C 104 54.33 23.68 -29.86
N SER C 105 53.56 22.98 -29.03
CA SER C 105 52.54 23.63 -28.22
C SER C 105 53.13 24.05 -26.88
N THR C 106 52.35 24.86 -26.16
CA THR C 106 52.68 25.28 -24.80
C THR C 106 51.62 24.84 -23.81
N GLU C 107 50.61 24.11 -24.24
CA GLU C 107 49.62 23.58 -23.32
C GLU C 107 50.24 22.57 -22.36
N GLU C 108 49.85 22.63 -21.10
CA GLU C 108 50.29 21.69 -20.07
C GLU C 108 49.05 21.00 -19.53
N PHE C 109 48.50 20.08 -20.31
CA PHE C 109 47.36 19.28 -19.87
C PHE C 109 47.74 18.43 -18.66
N GLU C 110 47.34 18.85 -17.47
CA GLU C 110 47.76 18.21 -16.23
C GLU C 110 46.57 17.52 -15.56
N GLY C 111 46.81 16.32 -15.07
CA GLY C 111 45.88 15.66 -14.19
C GLY C 111 46.59 15.23 -12.93
N ARG C 112 45.86 15.29 -11.82
CA ARG C 112 46.41 14.94 -10.51
C ARG C 112 45.56 13.87 -9.83
N ALA C 113 46.20 13.14 -8.93
CA ALA C 113 45.51 12.16 -8.12
C ALA C 113 44.87 12.85 -6.93
N SER C 114 43.76 12.27 -6.45
CA SER C 114 43.11 12.72 -5.24
C SER C 114 43.27 11.75 -4.09
N ASN C 115 43.79 10.55 -4.35
CA ASN C 115 44.22 9.61 -3.33
C ASN C 115 45.69 9.28 -3.63
N ILE C 116 46.55 9.43 -2.62
CA ILE C 116 47.97 9.23 -2.83
C ILE C 116 48.22 7.88 -3.47
N ASN C 117 47.46 6.86 -3.05
CA ASN C 117 47.63 5.50 -3.55
C ASN C 117 47.16 5.32 -5.00
N THR C 118 46.56 6.35 -5.61
CA THR C 118 45.94 6.23 -6.92
C THR C 118 46.76 6.94 -7.98
N ARG C 119 46.63 6.45 -9.21
CA ARG C 119 47.31 7.06 -10.33
C ARG C 119 46.70 8.41 -10.67
N ALA C 120 47.55 9.31 -11.17
CA ALA C 120 47.08 10.51 -11.84
C ALA C 120 46.95 10.19 -13.33
N SER C 121 46.10 10.96 -14.02
CA SER C 121 45.85 10.67 -15.43
C SER C 121 45.41 11.93 -16.16
N VAL C 122 45.75 11.98 -17.45
CA VAL C 122 45.32 13.07 -18.32
C VAL C 122 45.62 12.65 -19.76
N GLY C 123 45.03 13.37 -20.71
CA GLY C 123 45.24 13.06 -22.11
C GLY C 123 44.81 14.23 -22.96
N TYR C 124 45.10 14.13 -24.26
CA TYR C 124 44.71 15.19 -25.19
C TYR C 124 44.46 14.58 -26.57
N ARG C 125 43.57 15.23 -27.32
CA ARG C 125 43.22 14.80 -28.67
C ARG C 125 43.89 15.75 -29.66
N ILE C 126 44.37 15.18 -30.77
CA ILE C 126 44.95 15.95 -31.86
C ILE C 126 43.83 16.31 -32.83
N PRO C 127 43.63 17.57 -33.18
CA PRO C 127 42.57 17.90 -34.15
C PRO C 127 42.94 17.41 -35.54
N THR C 128 41.90 17.19 -36.34
CA THR C 128 42.12 16.63 -37.68
C THR C 128 43.15 17.44 -38.46
N ASN C 129 43.15 18.77 -38.32
CA ASN C 129 44.03 19.60 -39.11
C ASN C 129 45.49 19.42 -38.76
N LEU C 130 45.81 18.76 -37.64
CA LEU C 130 47.18 18.55 -37.20
C LEU C 130 47.59 17.08 -37.24
N ARG C 131 46.76 16.22 -37.82
CA ARG C 131 47.03 14.79 -37.81
C ARG C 131 47.80 14.41 -39.07
N GLN C 132 49.09 14.72 -39.04
N GLN C 132 49.09 14.72 -39.04
CA GLN C 132 50.00 14.32 -40.11
CA GLN C 132 50.02 14.33 -40.09
C GLN C 132 50.88 13.17 -39.62
C GLN C 132 50.86 13.14 -39.62
N ASN C 133 51.53 12.50 -40.58
CA ASN C 133 52.43 11.41 -40.23
C ASN C 133 53.59 11.90 -39.36
N THR C 134 54.15 10.97 -38.59
CA THR C 134 55.34 11.22 -37.78
C THR C 134 56.17 9.95 -37.80
N VAL C 135 57.49 10.11 -37.96
CA VAL C 135 58.40 8.99 -38.07
C VAL C 135 59.14 8.77 -36.75
N ALA C 136 60.02 7.78 -36.71
CA ALA C 136 60.64 7.39 -35.44
C ALA C 136 61.46 8.51 -34.82
N ALA C 137 62.06 9.35 -35.66
CA ALA C 137 62.91 10.43 -35.15
C ALA C 137 62.09 11.50 -34.43
N ASP C 138 60.80 11.58 -34.68
CA ASP C 138 59.96 12.64 -34.15
C ASP C 138 59.58 12.36 -32.69
N ASN C 139 58.98 13.36 -32.07
CA ASN C 139 58.53 13.29 -30.69
C ASN C 139 57.06 13.66 -30.59
N VAL C 140 56.35 12.97 -29.70
CA VAL C 140 54.91 13.15 -29.58
C VAL C 140 54.60 14.30 -28.64
N CYS C 141 55.17 14.28 -27.44
CA CYS C 141 54.80 15.21 -26.39
C CYS C 141 55.82 15.17 -25.27
N GLU C 142 55.86 16.24 -24.49
CA GLU C 142 56.67 16.30 -23.28
C GLU C 142 55.85 15.79 -22.11
N VAL C 143 56.47 15.00 -21.25
CA VAL C 143 55.82 14.40 -20.08
C VAL C 143 56.54 14.90 -18.84
N ARG C 144 55.77 15.41 -17.88
CA ARG C 144 56.30 15.80 -16.58
C ARG C 144 55.52 15.09 -15.50
N SER C 145 56.20 14.69 -14.44
CA SER C 145 55.52 14.03 -13.33
C SER C 145 56.45 13.95 -12.14
N ASN C 146 55.85 13.94 -10.94
CA ASN C 146 56.59 13.62 -9.73
C ASN C 146 56.77 12.12 -9.54
N CYS C 147 56.27 11.31 -10.47
CA CYS C 147 56.42 9.86 -10.40
C CYS C 147 57.50 9.41 -11.38
N ARG C 148 58.27 8.39 -10.96
CA ARG C 148 59.45 8.00 -11.73
C ARG C 148 59.11 7.26 -13.01
N GLN C 149 57.86 6.90 -13.24
CA GLN C 149 57.45 6.35 -14.52
C GLN C 149 56.06 6.83 -14.88
N VAL C 150 55.73 6.69 -16.16
CA VAL C 150 54.44 7.11 -16.70
C VAL C 150 54.04 6.10 -17.76
N ALA C 151 52.85 5.52 -17.64
CA ALA C 151 52.32 4.59 -18.64
C ALA C 151 51.48 5.37 -19.63
N LEU C 152 51.84 5.29 -20.91
CA LEU C 152 51.14 6.03 -21.95
C LEU C 152 50.38 5.05 -22.84
N VAL C 153 49.16 5.41 -23.19
CA VAL C 153 48.35 4.68 -24.17
C VAL C 153 48.02 5.67 -25.27
N ILE C 154 48.61 5.48 -26.45
CA ILE C 154 48.45 6.40 -27.57
C ILE C 154 47.56 5.73 -28.60
N SER C 155 46.42 6.36 -28.90
CA SER C 155 45.54 5.92 -29.97
C SER C 155 46.01 6.57 -31.26
N CYS C 156 46.42 5.75 -32.23
CA CYS C 156 47.02 6.26 -33.44
C CYS C 156 46.67 5.35 -34.61
N CYS C 157 47.11 5.73 -35.81
CA CYS C 157 46.87 5.00 -37.04
C CYS C 157 48.21 4.73 -37.72
N PHE C 158 48.53 3.46 -37.90
CA PHE C 158 49.78 3.06 -38.53
C PHE C 158 49.59 2.96 -40.04
N ASN C 159 50.54 3.52 -40.78
CA ASN C 159 50.48 3.51 -42.24
C ASN C 159 51.87 3.61 -42.83
N ASN D 16 -0.19 -24.19 -0.94
CA ASN D 16 0.47 -25.37 -1.48
C ASN D 16 0.16 -26.59 -0.61
N SER D 17 0.60 -27.77 -1.06
CA SER D 17 0.26 -29.00 -0.38
C SER D 17 1.06 -29.15 0.92
N ASN D 18 0.42 -29.71 1.94
CA ASN D 18 1.06 -29.99 3.21
C ASN D 18 1.41 -31.46 3.37
N VAL D 19 1.05 -32.30 2.41
CA VAL D 19 1.23 -33.74 2.55
C VAL D 19 1.69 -34.34 1.22
N VAL D 20 2.27 -35.53 1.32
CA VAL D 20 2.74 -36.23 0.13
C VAL D 20 1.57 -36.47 -0.81
N THR D 21 1.84 -36.38 -2.11
CA THR D 21 0.84 -36.59 -3.14
C THR D 21 1.35 -37.64 -4.11
N MET D 22 0.42 -38.28 -4.80
CA MET D 22 0.78 -39.33 -5.74
CA MET D 22 0.76 -39.33 -5.74
C MET D 22 1.14 -38.74 -7.10
N ILE D 23 2.21 -39.26 -7.68
CA ILE D 23 2.63 -38.90 -9.03
C ILE D 23 2.22 -40.05 -9.92
N ARG D 24 1.45 -39.75 -10.98
CA ARG D 24 1.02 -40.77 -11.94
C ARG D 24 2.10 -40.93 -13.01
N ALA D 25 3.21 -41.52 -12.59
CA ALA D 25 4.34 -41.74 -13.48
C ALA D 25 3.99 -42.75 -14.56
N GLY D 26 4.63 -42.59 -15.72
CA GLY D 26 4.34 -43.43 -16.85
C GLY D 26 5.49 -44.34 -17.19
N SER D 27 5.84 -44.44 -18.47
CA SER D 27 6.94 -45.28 -18.89
C SER D 27 8.25 -44.83 -18.23
N TYR D 28 9.20 -45.75 -18.14
CA TYR D 28 10.49 -45.40 -17.58
C TYR D 28 11.14 -44.34 -18.45
N PRO D 29 11.65 -43.25 -17.88
CA PRO D 29 12.17 -42.15 -18.70
C PRO D 29 13.60 -42.41 -19.15
N LYS D 30 14.10 -41.51 -19.99
CA LYS D 30 15.52 -41.46 -20.28
C LYS D 30 16.24 -40.91 -19.05
N VAL D 31 17.42 -41.45 -18.76
CA VAL D 31 18.18 -41.05 -17.60
C VAL D 31 19.64 -40.87 -17.99
N ASN D 32 20.44 -40.39 -17.04
CA ASN D 32 21.87 -40.21 -17.22
C ASN D 32 22.47 -39.95 -15.85
N PRO D 33 23.16 -40.93 -15.26
CA PRO D 33 23.69 -40.75 -13.90
C PRO D 33 24.91 -39.85 -13.82
N THR D 34 25.52 -39.49 -14.95
CA THR D 34 26.75 -38.70 -14.97
C THR D 34 26.56 -37.56 -15.97
N PRO D 35 25.84 -36.51 -15.59
CA PRO D 35 25.53 -35.42 -16.51
C PRO D 35 26.64 -34.37 -16.58
N THR D 36 26.52 -33.49 -17.57
CA THR D 36 27.42 -32.37 -17.72
C THR D 36 27.16 -31.36 -16.60
N TRP D 37 27.96 -30.31 -16.55
CA TRP D 37 27.85 -29.33 -15.47
C TRP D 37 28.59 -28.06 -15.84
N VAL D 38 27.87 -26.96 -15.95
CA VAL D 38 28.46 -25.64 -16.21
C VAL D 38 28.83 -25.01 -14.88
N ARG D 39 30.07 -24.53 -14.78
CA ARG D 39 30.62 -24.12 -13.50
C ARG D 39 31.44 -22.85 -13.66
N ALA D 40 31.73 -22.23 -12.51
CA ALA D 40 32.75 -21.18 -12.38
C ALA D 40 33.71 -21.63 -11.29
N ILE D 41 34.90 -22.06 -11.68
CA ILE D 41 35.85 -22.71 -10.77
C ILE D 41 36.85 -21.67 -10.29
N PRO D 42 36.95 -21.42 -8.98
CA PRO D 42 37.99 -20.52 -8.48
C PRO D 42 39.21 -21.25 -7.91
N PHE D 43 40.40 -20.80 -8.29
CA PHE D 43 41.63 -21.37 -7.74
C PHE D 43 42.76 -20.37 -7.94
N GLU D 44 43.88 -20.61 -7.26
CA GLU D 44 45.02 -19.72 -7.31
C GLU D 44 46.24 -20.48 -7.82
N VAL D 45 47.15 -19.72 -8.43
CA VAL D 45 48.40 -20.25 -8.98
C VAL D 45 49.54 -19.37 -8.51
N SER D 46 50.74 -19.96 -8.43
CA SER D 46 51.94 -19.22 -8.10
C SER D 46 52.64 -18.75 -9.37
N VAL D 47 53.04 -17.48 -9.39
N VAL D 47 53.04 -17.48 -9.39
CA VAL D 47 53.67 -16.85 -10.54
CA VAL D 47 53.68 -16.86 -10.55
C VAL D 47 54.96 -16.19 -10.10
C VAL D 47 54.96 -16.17 -10.10
N GLN D 48 56.02 -16.36 -10.88
CA GLN D 48 57.31 -15.78 -10.57
C GLN D 48 57.51 -14.50 -11.39
N SER D 49 58.44 -13.67 -10.92
CA SER D 49 58.69 -12.38 -11.55
C SER D 49 59.34 -12.58 -12.92
N GLY D 50 58.78 -11.93 -13.93
CA GLY D 50 59.29 -12.02 -15.28
C GLY D 50 59.11 -13.36 -15.95
N ILE D 51 58.56 -14.34 -15.25
CA ILE D 51 58.37 -15.69 -15.79
C ILE D 51 56.88 -15.95 -15.94
N ALA D 52 56.48 -16.37 -17.13
CA ALA D 52 55.11 -16.82 -17.34
C ALA D 52 54.89 -18.16 -16.65
N PHE D 53 53.61 -18.47 -16.39
CA PHE D 53 53.22 -19.74 -15.79
C PHE D 53 52.08 -20.33 -16.59
N LYS D 54 52.30 -21.51 -17.16
CA LYS D 54 51.26 -22.21 -17.91
C LYS D 54 50.31 -22.85 -16.91
N VAL D 55 49.06 -22.41 -16.92
CA VAL D 55 48.05 -22.89 -15.97
C VAL D 55 47.51 -24.23 -16.48
N PRO D 56 47.54 -25.29 -15.67
CA PRO D 56 47.12 -26.61 -16.15
C PRO D 56 45.62 -26.85 -16.02
N VAL D 57 45.06 -27.44 -17.07
CA VAL D 57 43.65 -27.81 -17.07
C VAL D 57 43.33 -28.75 -15.92
N GLY D 58 44.31 -29.55 -15.51
CA GLY D 58 44.08 -30.50 -14.42
C GLY D 58 43.67 -29.84 -13.13
N SER D 59 43.95 -28.55 -12.96
CA SER D 59 43.54 -27.86 -11.75
C SER D 59 42.04 -27.81 -11.61
N LEU D 60 41.31 -27.95 -12.73
CA LEU D 60 39.85 -27.85 -12.69
C LEU D 60 39.22 -29.13 -12.16
N PHE D 61 39.78 -30.28 -12.50
CA PHE D 61 39.31 -31.56 -11.97
C PHE D 61 39.83 -31.72 -10.55
N SER D 62 38.92 -31.93 -9.59
CA SER D 62 39.30 -31.99 -8.19
C SER D 62 38.09 -32.25 -7.30
N ALA D 63 38.27 -32.98 -6.20
CA ALA D 63 37.19 -33.13 -5.24
C ALA D 63 36.87 -31.83 -4.53
N ASN D 64 37.82 -30.88 -4.49
CA ASN D 64 37.53 -29.58 -3.92
C ASN D 64 36.46 -28.84 -4.69
N PHE D 65 36.27 -29.17 -5.97
CA PHE D 65 35.27 -28.54 -6.81
C PHE D 65 34.14 -29.49 -7.14
N ARG D 66 34.17 -30.71 -6.64
CA ARG D 66 33.21 -31.76 -6.98
C ARG D 66 33.36 -32.24 -8.41
N THR D 67 34.52 -32.04 -9.03
CA THR D 67 34.72 -32.36 -10.43
C THR D 67 35.79 -33.43 -10.65
N ASP D 68 36.10 -34.22 -9.62
CA ASP D 68 37.08 -35.29 -9.79
C ASP D 68 36.52 -36.45 -10.61
N SER D 69 35.23 -36.45 -10.90
CA SER D 69 34.62 -37.48 -11.73
C SER D 69 34.69 -37.16 -13.21
N PHE D 70 35.16 -35.97 -13.57
CA PHE D 70 35.28 -35.55 -14.95
C PHE D 70 36.71 -35.76 -15.42
N THR D 71 36.88 -36.02 -16.72
CA THR D 71 38.19 -36.11 -17.33
C THR D 71 38.42 -35.08 -18.43
N SER D 72 37.40 -34.33 -18.82
CA SER D 72 37.48 -33.32 -19.87
C SER D 72 36.65 -32.10 -19.46
N VAL D 73 36.89 -30.99 -20.14
CA VAL D 73 36.19 -29.75 -19.83
C VAL D 73 36.32 -28.75 -20.96
N THR D 74 35.19 -28.17 -21.37
CA THR D 74 35.16 -27.16 -22.43
C THR D 74 35.24 -25.77 -21.80
N VAL D 75 36.41 -25.14 -21.88
CA VAL D 75 36.60 -23.83 -21.28
C VAL D 75 35.89 -22.79 -22.14
N MET D 76 35.27 -21.81 -21.48
CA MET D 76 34.53 -20.76 -22.15
C MET D 76 35.18 -19.39 -21.98
N SER D 77 35.40 -18.95 -20.75
CA SER D 77 36.11 -17.71 -20.49
C SER D 77 37.04 -17.88 -19.31
N VAL D 78 38.02 -16.98 -19.22
CA VAL D 78 39.00 -16.99 -18.13
C VAL D 78 39.09 -15.58 -17.56
N ARG D 79 39.07 -15.48 -16.24
CA ARG D 79 39.25 -14.22 -15.53
C ARG D 79 40.31 -14.40 -14.46
N ALA D 80 41.16 -13.39 -14.29
CA ALA D 80 42.30 -13.49 -13.41
C ALA D 80 42.46 -12.22 -12.58
N TRP D 81 42.66 -12.40 -11.28
CA TRP D 81 42.94 -11.31 -10.35
C TRP D 81 44.26 -11.58 -9.63
N THR D 82 44.94 -10.49 -9.24
CA THR D 82 46.13 -10.64 -8.42
C THR D 82 45.72 -10.98 -6.99
N GLN D 83 46.42 -11.96 -6.40
CA GLN D 83 46.04 -12.48 -5.08
C GLN D 83 46.89 -11.94 -3.94
N LEU D 84 48.06 -11.37 -4.22
CA LEU D 84 48.93 -10.83 -3.20
C LEU D 84 49.37 -9.43 -3.61
N THR D 85 49.97 -8.72 -2.66
CA THR D 85 50.35 -7.33 -2.89
C THR D 85 51.49 -7.25 -3.91
N PRO D 86 51.62 -6.13 -4.61
CA PRO D 86 52.68 -5.99 -5.59
C PRO D 86 53.93 -5.45 -4.93
N PRO D 87 55.05 -5.42 -5.65
CA PRO D 87 56.29 -4.84 -5.09
C PRO D 87 56.09 -3.39 -4.68
N VAL D 88 56.98 -2.93 -3.81
CA VAL D 88 56.92 -1.55 -3.34
C VAL D 88 57.01 -0.60 -4.52
N ASN D 89 56.19 0.44 -4.48
CA ASN D 89 56.15 1.55 -5.43
C ASN D 89 55.42 1.21 -6.72
N GLU D 90 54.91 -0.01 -6.88
CA GLU D 90 54.33 -0.46 -8.13
C GLU D 90 52.83 -0.70 -8.00
N TYR D 91 52.15 -0.67 -9.15
CA TYR D 91 50.75 -1.04 -9.25
C TYR D 91 50.65 -2.46 -9.81
N SER D 92 49.77 -3.26 -9.22
CA SER D 92 49.60 -4.64 -9.65
C SER D 92 49.23 -4.70 -11.13
N PHE D 93 49.66 -5.76 -11.79
CA PHE D 93 49.26 -6.02 -13.16
C PHE D 93 49.21 -7.53 -13.37
N VAL D 94 48.42 -7.94 -14.37
CA VAL D 94 48.25 -9.36 -14.69
C VAL D 94 47.95 -9.45 -16.17
N ARG D 95 48.71 -10.29 -16.87
CA ARG D 95 48.52 -10.52 -18.30
C ARG D 95 48.04 -11.96 -18.52
N LEU D 96 47.47 -12.19 -19.71
CA LEU D 96 46.99 -13.51 -20.08
C LEU D 96 47.27 -13.76 -21.56
N LYS D 97 47.82 -14.93 -21.86
CA LYS D 97 48.06 -15.33 -23.25
C LYS D 97 47.30 -16.62 -23.51
N PRO D 98 46.19 -16.57 -24.24
CA PRO D 98 45.43 -17.81 -24.49
C PRO D 98 46.27 -18.88 -25.17
N LEU D 99 46.13 -20.12 -24.70
CA LEU D 99 46.82 -21.27 -25.26
C LEU D 99 45.80 -22.28 -25.76
N PHE D 100 46.01 -22.76 -27.00
CA PHE D 100 45.13 -23.77 -27.60
C PHE D 100 45.98 -24.89 -28.19
N LYS D 101 45.42 -26.10 -28.21
CA LYS D 101 46.13 -27.23 -28.79
C LYS D 101 46.29 -27.07 -30.30
N THR D 102 45.30 -26.48 -30.95
CA THR D 102 45.38 -26.22 -32.38
C THR D 102 46.31 -25.06 -32.70
N GLY D 103 46.75 -24.30 -31.70
CA GLY D 103 47.67 -23.21 -31.93
C GLY D 103 47.65 -22.19 -30.82
N ASP D 104 48.80 -21.89 -30.25
CA ASP D 104 48.87 -20.92 -29.16
C ASP D 104 48.76 -19.49 -29.69
N SER D 105 48.10 -18.64 -28.92
CA SER D 105 47.93 -17.24 -29.28
C SER D 105 49.10 -16.40 -28.76
N THR D 106 49.24 -15.21 -29.33
CA THR D 106 50.25 -14.26 -28.89
C THR D 106 49.62 -13.03 -28.23
N GLU D 107 48.31 -13.03 -28.03
CA GLU D 107 47.66 -11.92 -27.34
C GLU D 107 48.08 -11.88 -25.87
N GLU D 108 48.34 -10.68 -25.37
CA GLU D 108 48.74 -10.47 -23.98
C GLU D 108 47.73 -9.55 -23.32
N PHE D 109 46.48 -10.03 -23.18
CA PHE D 109 45.43 -9.28 -22.50
C PHE D 109 45.89 -8.87 -21.11
N GLU D 110 46.12 -7.58 -20.90
CA GLU D 110 46.71 -7.07 -19.68
C GLU D 110 45.69 -6.25 -18.90
N GLY D 111 45.86 -6.24 -17.59
CA GLY D 111 45.06 -5.41 -16.72
C GLY D 111 45.91 -4.88 -15.57
N ARG D 112 45.86 -3.57 -15.34
CA ARG D 112 46.65 -2.94 -14.30
C ARG D 112 45.73 -2.28 -13.29
N ALA D 113 46.18 -2.25 -12.04
CA ALA D 113 45.46 -1.55 -11.00
C ALA D 113 45.80 -0.06 -11.03
N SER D 114 44.84 0.74 -10.61
CA SER D 114 45.03 2.18 -10.45
C SER D 114 45.14 2.59 -8.99
N ASN D 115 45.02 1.63 -8.06
CA ASN D 115 45.31 1.84 -6.64
C ASN D 115 46.26 0.74 -6.22
N ILE D 116 47.43 1.13 -5.68
CA ILE D 116 48.43 0.13 -5.29
C ILE D 116 47.83 -0.92 -4.37
N ASN D 117 46.84 -0.53 -3.56
CA ASN D 117 46.21 -1.46 -2.63
C ASN D 117 45.18 -2.36 -3.29
N THR D 118 44.85 -2.11 -4.55
CA THR D 118 43.77 -2.80 -5.25
C THR D 118 44.29 -3.86 -6.20
N ARG D 119 43.53 -4.94 -6.31
CA ARG D 119 43.88 -5.99 -7.24
C ARG D 119 43.90 -5.47 -8.67
N ALA D 120 44.58 -6.23 -9.53
CA ALA D 120 44.56 -6.03 -10.98
C ALA D 120 43.78 -7.18 -11.58
N SER D 121 43.00 -6.90 -12.62
CA SER D 121 42.09 -7.90 -13.16
C SER D 121 42.05 -7.81 -14.68
N VAL D 122 41.75 -8.94 -15.31
CA VAL D 122 41.60 -9.01 -16.75
C VAL D 122 41.10 -10.41 -17.10
N GLY D 123 40.37 -10.54 -18.20
CA GLY D 123 39.89 -11.82 -18.67
C GLY D 123 39.78 -11.84 -20.18
N TYR D 124 39.47 -13.02 -20.71
CA TYR D 124 39.28 -13.17 -22.15
C TYR D 124 38.24 -14.25 -22.39
N ARG D 125 37.48 -14.08 -23.47
CA ARG D 125 36.43 -15.01 -23.87
C ARG D 125 36.93 -15.89 -25.00
N ILE D 126 36.60 -17.18 -24.92
CA ILE D 126 36.91 -18.14 -25.98
C ILE D 126 35.74 -18.19 -26.94
N PRO D 127 35.97 -18.04 -28.25
CA PRO D 127 34.85 -18.05 -29.20
C PRO D 127 34.33 -19.46 -29.42
N THR D 128 33.06 -19.52 -29.84
CA THR D 128 32.38 -20.81 -30.01
C THR D 128 33.23 -21.76 -30.86
N ASN D 129 33.84 -21.26 -31.92
CA ASN D 129 34.61 -22.12 -32.82
C ASN D 129 35.89 -22.63 -32.19
N LEU D 130 36.24 -22.20 -30.97
CA LEU D 130 37.43 -22.67 -30.27
C LEU D 130 37.09 -23.34 -28.95
N ARG D 131 35.83 -23.71 -28.75
CA ARG D 131 35.39 -24.29 -27.49
C ARG D 131 35.32 -25.82 -27.58
N GLN D 132 36.48 -26.41 -27.87
CA GLN D 132 36.63 -27.85 -27.82
C GLN D 132 37.02 -28.27 -26.40
N ASN D 133 37.16 -29.57 -26.18
CA ASN D 133 37.51 -30.03 -24.85
C ASN D 133 39.01 -29.89 -24.60
N THR D 134 39.39 -30.03 -23.34
CA THR D 134 40.78 -30.08 -22.91
C THR D 134 40.91 -31.07 -21.77
N VAL D 135 42.05 -31.75 -21.71
CA VAL D 135 42.30 -32.77 -20.70
C VAL D 135 43.30 -32.23 -19.69
N ALA D 136 43.47 -32.97 -18.59
CA ALA D 136 44.34 -32.51 -17.52
C ALA D 136 45.72 -32.15 -18.05
N ALA D 137 46.23 -32.92 -19.02
CA ALA D 137 47.55 -32.64 -19.57
C ALA D 137 47.60 -31.27 -20.23
N ASP D 138 46.47 -30.80 -20.76
CA ASP D 138 46.43 -29.58 -21.53
C ASP D 138 46.62 -28.36 -20.62
N ASN D 139 47.01 -27.25 -21.24
CA ASN D 139 47.17 -25.98 -20.56
C ASN D 139 46.15 -24.97 -21.07
N VAL D 140 45.81 -24.01 -20.22
CA VAL D 140 44.78 -23.03 -20.53
C VAL D 140 45.38 -21.74 -21.08
N CYS D 141 46.40 -21.21 -20.41
CA CYS D 141 46.96 -19.92 -20.78
C CYS D 141 48.19 -19.65 -19.92
N GLU D 142 48.97 -18.66 -20.36
CA GLU D 142 50.15 -18.21 -19.64
C GLU D 142 49.78 -16.97 -18.82
N VAL D 143 50.24 -16.94 -17.57
CA VAL D 143 49.93 -15.85 -16.65
C VAL D 143 51.24 -15.17 -16.25
N ARG D 144 51.28 -13.84 -16.39
CA ARG D 144 52.39 -13.03 -15.93
C ARG D 144 51.87 -11.98 -14.97
N SER D 145 52.72 -11.57 -14.04
CA SER D 145 52.30 -10.60 -13.03
C SER D 145 53.51 -10.19 -12.21
N ASN D 146 53.40 -9.03 -11.57
CA ASN D 146 54.37 -8.58 -10.58
C ASN D 146 54.04 -9.07 -9.17
N CYS D 147 52.86 -9.65 -8.97
CA CYS D 147 52.46 -10.20 -7.68
C CYS D 147 52.75 -11.70 -7.68
N ARG D 148 53.18 -12.21 -6.53
CA ARG D 148 53.65 -13.59 -6.45
C ARG D 148 52.53 -14.61 -6.57
N GLN D 149 51.28 -14.20 -6.64
CA GLN D 149 50.19 -15.15 -6.70
C GLN D 149 48.98 -14.52 -7.41
N VAL D 150 48.29 -15.32 -8.21
CA VAL D 150 47.18 -14.86 -9.03
C VAL D 150 45.97 -15.74 -8.76
N ALA D 151 44.79 -15.12 -8.67
CA ALA D 151 43.54 -15.84 -8.48
C ALA D 151 42.84 -15.97 -9.83
N LEU D 152 42.38 -17.17 -10.13
CA LEU D 152 41.71 -17.46 -11.39
C LEU D 152 40.26 -17.86 -11.13
N VAL D 153 39.39 -17.49 -12.07
CA VAL D 153 38.00 -17.92 -12.07
C VAL D 153 37.65 -18.30 -13.50
N ILE D 154 37.58 -19.59 -13.79
CA ILE D 154 37.40 -20.09 -15.14
C ILE D 154 35.96 -20.55 -15.27
N SER D 155 35.20 -19.87 -16.10
CA SER D 155 33.85 -20.28 -16.46
C SER D 155 33.97 -21.37 -17.52
N CYS D 156 33.57 -22.60 -17.17
CA CYS D 156 33.73 -23.73 -18.07
C CYS D 156 32.55 -24.67 -17.94
N CYS D 157 32.48 -25.62 -18.88
CA CYS D 157 31.47 -26.67 -18.89
C CYS D 157 32.17 -28.00 -18.75
N PHE D 158 31.98 -28.67 -17.61
CA PHE D 158 32.51 -30.02 -17.43
C PHE D 158 31.60 -31.03 -18.12
N ASN D 159 32.21 -32.01 -18.77
CA ASN D 159 31.47 -33.04 -19.48
C ASN D 159 32.29 -34.32 -19.51
N ASN E 16 -3.57 18.11 13.94
CA ASN E 16 -3.91 16.93 14.74
C ASN E 16 -4.38 17.33 16.14
N SER E 17 -4.92 16.35 16.87
CA SER E 17 -5.40 16.60 18.22
C SER E 17 -4.26 17.07 19.13
N ASN E 18 -4.61 17.89 20.11
CA ASN E 18 -3.65 18.36 21.10
C ASN E 18 -3.97 17.86 22.50
N VAL E 19 -5.07 17.11 22.66
CA VAL E 19 -5.52 16.67 23.98
C VAL E 19 -5.96 15.22 23.90
N VAL E 20 -6.08 14.61 25.09
CA VAL E 20 -6.50 13.22 25.17
C VAL E 20 -7.92 13.09 24.65
N THR E 21 -8.25 11.91 24.12
CA THR E 21 -9.55 11.64 23.55
C THR E 21 -9.96 10.22 23.93
N MET E 22 -11.23 10.05 24.26
CA MET E 22 -11.71 8.76 24.70
CA MET E 22 -11.71 8.76 24.70
C MET E 22 -11.67 7.74 23.57
N ILE E 23 -11.44 6.48 23.94
CA ILE E 23 -11.48 5.34 23.04
C ILE E 23 -12.70 4.51 23.43
N ARG E 24 -13.57 4.23 22.47
CA ARG E 24 -14.78 3.45 22.74
C ARG E 24 -14.46 1.96 22.57
N ALA E 25 -13.73 1.45 23.55
CA ALA E 25 -13.27 0.07 23.53
C ALA E 25 -14.43 -0.90 23.66
N GLY E 26 -14.20 -2.12 23.19
CA GLY E 26 -15.21 -3.16 23.24
C GLY E 26 -14.85 -4.31 24.15
N SER E 27 -14.94 -5.53 23.64
CA SER E 27 -14.62 -6.70 24.45
C SER E 27 -13.12 -6.80 24.66
N TYR E 28 -12.74 -7.59 25.66
CA TYR E 28 -11.32 -7.80 25.90
C TYR E 28 -10.71 -8.48 24.68
N PRO E 29 -9.59 -7.99 24.15
CA PRO E 29 -9.03 -8.54 22.91
C PRO E 29 -8.14 -9.74 23.16
N LYS E 30 -7.74 -10.38 22.06
CA LYS E 30 -6.71 -11.41 22.14
C LYS E 30 -5.39 -10.72 22.44
N VAL E 31 -4.63 -11.27 23.39
CA VAL E 31 -3.39 -10.66 23.84
C VAL E 31 -2.27 -11.68 23.79
N ASN E 32 -1.04 -11.17 23.73
CA ASN E 32 0.15 -12.01 23.76
C ASN E 32 1.29 -11.23 24.40
N PRO E 33 1.60 -11.51 25.67
CA PRO E 33 2.64 -10.71 26.34
C PRO E 33 4.04 -10.97 25.82
N THR E 34 4.26 -12.08 25.13
CA THR E 34 5.60 -12.49 24.71
C THR E 34 5.61 -12.80 23.22
N PRO E 35 5.51 -11.79 22.38
CA PRO E 35 5.39 -12.00 20.93
C PRO E 35 6.74 -12.35 20.30
N THR E 36 6.70 -12.55 18.98
CA THR E 36 7.88 -12.84 18.19
C THR E 36 8.54 -11.54 17.74
N TRP E 37 9.76 -11.67 17.22
CA TRP E 37 10.54 -10.49 16.86
C TRP E 37 11.46 -10.84 15.69
N VAL E 38 11.27 -10.15 14.57
CA VAL E 38 12.15 -10.30 13.41
C VAL E 38 13.27 -9.29 13.55
N ARG E 39 14.52 -9.78 13.50
CA ARG E 39 15.66 -8.98 13.91
C ARG E 39 16.84 -9.20 12.96
N ALA E 40 17.77 -8.25 12.99
CA ALA E 40 19.09 -8.37 12.40
C ALA E 40 20.11 -8.24 13.53
N ILE E 41 20.76 -9.34 13.88
CA ILE E 41 21.58 -9.41 15.09
C ILE E 41 23.04 -9.26 14.69
N PRO E 42 23.73 -8.19 15.12
CA PRO E 42 25.16 -8.08 14.82
C PRO E 42 26.04 -8.53 15.99
N PHE E 43 26.98 -9.41 15.71
CA PHE E 43 27.92 -9.88 16.72
C PHE E 43 29.17 -10.39 16.00
N GLU E 44 30.27 -10.45 16.75
CA GLU E 44 31.55 -10.84 16.19
C GLU E 44 31.99 -12.20 16.75
N VAL E 45 32.92 -12.83 16.04
CA VAL E 45 33.49 -14.10 16.46
C VAL E 45 34.98 -14.10 16.14
N SER E 46 35.74 -14.86 16.93
CA SER E 46 37.17 -15.03 16.69
C SER E 46 37.39 -16.27 15.83
N VAL E 47 38.34 -16.16 14.90
N VAL E 47 38.34 -16.17 14.89
CA VAL E 47 38.66 -17.23 13.95
CA VAL E 47 38.63 -17.28 13.98
C VAL E 47 40.17 -17.44 13.94
C VAL E 47 40.15 -17.43 13.88
N GLN E 48 40.58 -18.68 13.75
CA GLN E 48 41.99 -19.04 13.70
C GLN E 48 42.41 -19.41 12.29
N SER E 49 43.70 -19.26 12.02
CA SER E 49 44.22 -19.46 10.68
C SER E 49 44.03 -20.91 10.25
N GLY E 50 43.36 -21.09 9.10
CA GLY E 50 43.15 -22.41 8.53
C GLY E 50 42.13 -23.28 9.22
N ILE E 51 41.66 -22.90 10.40
CA ILE E 51 40.67 -23.67 11.14
C ILE E 51 39.29 -23.06 10.93
N ALA E 52 38.27 -23.93 10.93
CA ALA E 52 36.88 -23.52 10.79
C ALA E 52 36.24 -23.36 12.16
N PHE E 53 35.49 -22.27 12.32
CA PHE E 53 34.83 -21.94 13.59
C PHE E 53 33.33 -22.15 13.46
N LYS E 54 32.76 -22.93 14.39
CA LYS E 54 31.33 -23.20 14.41
C LYS E 54 30.64 -22.09 15.19
N VAL E 55 29.82 -21.31 14.50
CA VAL E 55 29.11 -20.18 15.10
C VAL E 55 27.95 -20.71 15.93
N PRO E 56 27.89 -20.42 17.23
CA PRO E 56 26.79 -20.97 18.04
C PRO E 56 25.55 -20.10 18.00
N VAL E 57 24.38 -20.75 17.83
CA VAL E 57 23.12 -20.02 17.82
C VAL E 57 22.92 -19.30 19.14
N GLY E 58 23.48 -19.82 20.22
CA GLY E 58 23.33 -19.18 21.52
C GLY E 58 23.85 -17.77 21.56
N SER E 59 24.71 -17.41 20.61
CA SER E 59 25.18 -16.04 20.54
C SER E 59 24.06 -15.07 20.24
N LEU E 60 22.95 -15.57 19.69
CA LEU E 60 21.83 -14.71 19.34
C LEU E 60 20.92 -14.40 20.53
N PHE E 61 20.88 -15.27 21.53
CA PHE E 61 20.14 -15.03 22.76
C PHE E 61 21.02 -14.28 23.75
N SER E 62 20.64 -13.04 24.09
CA SER E 62 21.45 -12.20 24.96
C SER E 62 20.71 -10.91 25.22
N ALA E 63 20.90 -10.38 26.44
CA ALA E 63 20.32 -9.10 26.80
C ALA E 63 20.93 -7.97 25.99
N ASN E 64 22.16 -8.14 25.51
CA ASN E 64 22.75 -7.15 24.63
C ASN E 64 21.91 -6.92 23.38
N PHE E 65 21.12 -7.91 22.97
CA PHE E 65 20.21 -7.80 21.84
C PHE E 65 18.75 -7.76 22.25
N ARG E 66 18.45 -7.73 23.55
CA ARG E 66 17.10 -7.75 24.09
C ARG E 66 16.38 -9.08 23.85
N THR E 67 17.13 -10.14 23.62
CA THR E 67 16.55 -11.43 23.22
C THR E 67 16.83 -12.54 24.23
N ASP E 68 17.22 -12.19 25.45
CA ASP E 68 17.51 -13.22 26.44
C ASP E 68 16.27 -13.97 26.89
N SER E 69 15.07 -13.54 26.44
CA SER E 69 13.83 -14.20 26.80
C SER E 69 13.40 -15.24 25.79
N PHE E 70 14.06 -15.33 24.64
CA PHE E 70 13.77 -16.37 23.67
C PHE E 70 14.71 -17.56 23.87
N THR E 71 14.19 -18.76 23.65
CA THR E 71 15.02 -19.97 23.66
C THR E 71 15.17 -20.60 22.28
N SER E 72 14.40 -20.15 21.29
CA SER E 72 14.47 -20.68 19.94
C SER E 72 14.46 -19.53 18.95
N VAL E 73 15.00 -19.79 17.77
CA VAL E 73 15.09 -18.78 16.73
C VAL E 73 15.11 -19.46 15.37
N THR E 74 14.53 -18.77 14.37
CA THR E 74 14.48 -19.25 13.00
C THR E 74 15.41 -18.38 12.16
N VAL E 75 16.47 -18.95 11.64
CA VAL E 75 17.47 -18.20 10.87
C VAL E 75 17.02 -18.16 9.42
N MET E 76 17.09 -16.98 8.83
CA MET E 76 16.67 -16.76 7.43
C MET E 76 17.84 -16.51 6.50
N SER E 77 18.76 -15.62 6.90
CA SER E 77 19.95 -15.34 6.11
C SER E 77 21.13 -15.09 7.05
N VAL E 78 22.33 -15.23 6.51
CA VAL E 78 23.57 -15.03 7.27
C VAL E 78 24.53 -14.27 6.37
N ARG E 79 25.00 -13.12 6.84
CA ARG E 79 26.02 -12.34 6.16
C ARG E 79 27.22 -12.18 7.09
N ALA E 80 28.41 -12.14 6.48
CA ALA E 80 29.65 -12.10 7.24
C ALA E 80 30.60 -11.05 6.68
N TRP E 81 31.35 -10.41 7.57
CA TRP E 81 32.37 -9.45 7.21
C TRP E 81 33.61 -9.72 8.04
N THR E 82 34.79 -9.57 7.43
CA THR E 82 36.04 -9.60 8.19
C THR E 82 36.08 -8.37 9.11
N GLN E 83 36.46 -8.60 10.37
CA GLN E 83 36.44 -7.55 11.38
C GLN E 83 37.80 -6.93 11.65
N LEU E 84 38.89 -7.62 11.30
CA LEU E 84 40.24 -7.12 11.49
C LEU E 84 41.00 -7.23 10.17
N THR E 85 42.15 -6.57 10.14
CA THR E 85 42.95 -6.51 8.91
C THR E 85 43.54 -7.89 8.61
N PRO E 86 43.92 -8.12 7.35
CA PRO E 86 44.44 -9.44 6.97
C PRO E 86 45.94 -9.53 7.21
N PRO E 87 46.50 -10.72 7.06
CA PRO E 87 47.96 -10.85 7.13
C PRO E 87 48.64 -10.01 6.05
N VAL E 88 49.90 -9.65 6.31
CA VAL E 88 50.65 -8.85 5.37
C VAL E 88 50.56 -9.48 3.98
N ASN E 89 50.52 -8.63 2.97
CA ASN E 89 50.54 -9.00 1.55
C ASN E 89 49.27 -9.69 1.09
N GLU E 90 48.32 -9.96 1.99
CA GLU E 90 47.13 -10.73 1.65
C GLU E 90 45.91 -9.84 1.48
N TYR E 91 44.95 -10.35 0.72
CA TYR E 91 43.63 -9.74 0.59
C TYR E 91 42.65 -10.50 1.47
N SER E 92 41.91 -9.76 2.30
CA SER E 92 40.98 -10.38 3.23
C SER E 92 40.02 -11.32 2.48
N PHE E 93 39.60 -12.39 3.16
CA PHE E 93 38.63 -13.30 2.60
C PHE E 93 37.84 -13.93 3.74
N VAL E 94 36.66 -14.44 3.41
CA VAL E 94 35.77 -15.06 4.40
C VAL E 94 34.91 -16.08 3.70
N ARG E 95 34.75 -17.24 4.32
CA ARG E 95 33.93 -18.32 3.80
C ARG E 95 32.84 -18.66 4.81
N LEU E 96 31.71 -19.16 4.30
CA LEU E 96 30.61 -19.59 5.14
C LEU E 96 30.12 -20.96 4.68
N LYS E 97 29.99 -21.89 5.63
CA LYS E 97 29.44 -23.22 5.34
C LYS E 97 28.16 -23.42 6.15
N PRO E 98 26.99 -23.44 5.53
CA PRO E 98 25.76 -23.63 6.31
C PRO E 98 25.75 -24.97 7.03
N LEU E 99 25.20 -24.97 8.24
CA LEU E 99 25.02 -26.17 9.04
C LEU E 99 23.55 -26.31 9.40
N PHE E 100 23.05 -27.55 9.32
CA PHE E 100 21.68 -27.86 9.68
C PHE E 100 21.67 -29.16 10.47
N LYS E 101 20.82 -29.20 11.51
CA LYS E 101 20.70 -30.42 12.30
C LYS E 101 20.34 -31.62 11.43
N THR E 102 19.43 -31.43 10.48
CA THR E 102 19.03 -32.51 9.58
C THR E 102 20.13 -32.87 8.59
N GLY E 103 21.25 -32.19 8.60
CA GLY E 103 22.32 -32.46 7.65
C GLY E 103 23.11 -31.23 7.25
N ASP E 104 24.41 -31.23 7.58
CA ASP E 104 25.26 -30.11 7.23
C ASP E 104 25.56 -30.09 5.73
N SER E 105 25.71 -28.90 5.19
CA SER E 105 26.02 -28.71 3.78
C SER E 105 27.53 -28.71 3.57
N THR E 106 27.92 -28.78 2.30
CA THR E 106 29.32 -28.66 1.91
C THR E 106 29.56 -27.45 1.02
N GLU E 107 28.66 -26.46 1.07
CA GLU E 107 28.87 -25.21 0.35
C GLU E 107 29.82 -24.33 1.13
N GLU E 108 30.79 -23.74 0.44
CA GLU E 108 31.73 -22.78 1.02
C GLU E 108 31.56 -21.44 0.30
N PHE E 109 30.44 -20.76 0.54
CA PHE E 109 30.23 -19.44 -0.02
C PHE E 109 31.34 -18.51 0.42
N GLU E 110 32.06 -17.96 -0.54
CA GLU E 110 33.28 -17.20 -0.26
C GLU E 110 33.24 -15.82 -0.90
N GLY E 111 33.66 -14.82 -0.14
CA GLY E 111 33.85 -13.50 -0.67
C GLY E 111 35.20 -12.96 -0.27
N ARG E 112 35.94 -12.40 -1.22
CA ARG E 112 37.25 -11.83 -0.97
C ARG E 112 37.20 -10.33 -1.25
N ALA E 113 38.16 -9.61 -0.67
CA ALA E 113 38.28 -8.18 -0.90
C ALA E 113 39.17 -7.94 -2.12
N SER E 114 38.93 -6.80 -2.78
CA SER E 114 39.77 -6.36 -3.88
C SER E 114 40.68 -5.21 -3.50
N ASN E 115 40.60 -4.74 -2.25
CA ASN E 115 41.51 -3.74 -1.69
C ASN E 115 41.96 -4.24 -0.32
N ILE E 116 43.28 -4.27 -0.11
CA ILE E 116 43.79 -4.88 1.12
C ILE E 116 43.22 -4.20 2.36
N ASN E 117 42.88 -2.91 2.23
CA ASN E 117 42.37 -2.14 3.36
C ASN E 117 40.88 -2.34 3.59
N THR E 118 40.22 -3.14 2.78
CA THR E 118 38.77 -3.26 2.81
C THR E 118 38.34 -4.64 3.34
N ARG E 119 37.14 -4.67 3.90
CA ARG E 119 36.62 -5.91 4.43
C ARG E 119 36.20 -6.84 3.31
N ALA E 120 36.34 -8.14 3.55
CA ALA E 120 35.74 -9.17 2.70
C ALA E 120 34.38 -9.54 3.26
N SER E 121 33.40 -9.74 2.39
CA SER E 121 32.04 -10.01 2.83
C SER E 121 31.42 -11.11 1.98
N VAL E 122 30.46 -11.83 2.58
CA VAL E 122 29.66 -12.81 1.85
C VAL E 122 28.52 -13.23 2.75
N GLY E 123 27.50 -13.82 2.16
CA GLY E 123 26.37 -14.32 2.94
C GLY E 123 25.57 -15.31 2.11
N TYR E 124 24.70 -16.04 2.80
CA TYR E 124 23.84 -17.02 2.16
C TYR E 124 22.43 -16.92 2.74
N ARG E 125 21.46 -17.35 1.94
CA ARG E 125 20.05 -17.34 2.33
C ARG E 125 19.57 -18.77 2.54
N ILE E 126 18.72 -18.96 3.54
CA ILE E 126 18.16 -20.27 3.88
C ILE E 126 16.79 -20.38 3.22
N PRO E 127 16.54 -21.41 2.40
CA PRO E 127 15.22 -21.54 1.77
C PRO E 127 14.15 -21.85 2.79
N THR E 128 12.90 -21.59 2.40
CA THR E 128 11.78 -21.74 3.32
C THR E 128 11.68 -23.15 3.88
N ASN E 129 12.00 -24.16 3.07
CA ASN E 129 11.87 -25.53 3.51
C ASN E 129 12.88 -25.89 4.58
N LEU E 130 13.92 -25.09 4.77
CA LEU E 130 14.94 -25.34 5.78
C LEU E 130 14.87 -24.36 6.94
N ARG E 131 13.80 -23.58 7.03
CA ARG E 131 13.68 -22.56 8.07
C ARG E 131 12.92 -23.16 9.24
N GLN E 132 13.63 -23.96 10.03
CA GLN E 132 13.12 -24.51 11.28
C GLN E 132 13.83 -23.81 12.44
N ASN E 133 13.35 -24.09 13.65
CA ASN E 133 13.91 -23.47 14.83
C ASN E 133 15.30 -24.04 15.11
N THR E 134 16.12 -23.25 15.80
CA THR E 134 17.42 -23.68 16.28
C THR E 134 17.60 -23.14 17.70
N VAL E 135 18.31 -23.89 18.53
CA VAL E 135 18.50 -23.55 19.93
C VAL E 135 19.97 -23.23 20.15
N ALA E 136 20.27 -22.72 21.36
CA ALA E 136 21.63 -22.26 21.66
C ALA E 136 22.66 -23.36 21.42
N ALA E 137 22.36 -24.59 21.83
CA ALA E 137 23.30 -25.68 21.66
C ALA E 137 23.67 -25.90 20.19
N ASP E 138 22.79 -25.51 19.28
CA ASP E 138 23.00 -25.78 17.87
C ASP E 138 24.02 -24.81 17.28
N ASN E 139 24.40 -25.07 16.03
CA ASN E 139 25.28 -24.21 15.26
C ASN E 139 24.58 -23.78 13.99
N VAL E 140 24.98 -22.63 13.45
CA VAL E 140 24.39 -22.08 12.25
C VAL E 140 25.27 -22.31 11.02
N CYS E 141 26.59 -22.24 11.18
CA CYS E 141 27.49 -22.34 10.04
C CYS E 141 28.93 -22.41 10.53
N GLU E 142 29.83 -22.72 9.61
CA GLU E 142 31.26 -22.68 9.83
C GLU E 142 31.85 -21.47 9.14
N VAL E 143 32.74 -20.77 9.83
CA VAL E 143 33.36 -19.54 9.33
C VAL E 143 34.85 -19.77 9.18
N ARG E 144 35.36 -19.52 7.98
CA ARG E 144 36.80 -19.50 7.73
C ARG E 144 37.20 -18.11 7.24
N SER E 145 38.41 -17.70 7.60
CA SER E 145 38.90 -16.39 7.22
C SER E 145 40.38 -16.21 7.62
N ASN E 146 41.12 -15.44 6.82
CA ASN E 146 42.50 -15.10 7.16
C ASN E 146 42.59 -13.94 8.15
N CYS E 147 41.46 -13.32 8.49
CA CYS E 147 41.41 -12.29 9.51
C CYS E 147 41.02 -12.92 10.84
N ARG E 148 41.65 -12.45 11.93
CA ARG E 148 41.47 -13.11 13.22
C ARG E 148 40.07 -12.95 13.79
N GLN E 149 39.26 -12.04 13.26
CA GLN E 149 37.88 -11.88 13.68
C GLN E 149 36.98 -11.69 12.46
N VAL E 150 35.70 -11.97 12.65
CA VAL E 150 34.71 -11.87 11.58
C VAL E 150 33.42 -11.34 12.17
N ALA E 151 32.95 -10.21 11.65
CA ALA E 151 31.68 -9.63 12.08
C ALA E 151 30.54 -10.27 11.31
N LEU E 152 29.48 -10.61 12.03
CA LEU E 152 28.32 -11.29 11.46
C LEU E 152 27.05 -10.49 11.71
N VAL E 153 26.18 -10.44 10.71
CA VAL E 153 24.82 -9.95 10.85
C VAL E 153 23.90 -11.10 10.42
N ILE E 154 23.02 -11.51 11.32
CA ILE E 154 22.12 -12.64 11.06
C ILE E 154 20.67 -12.14 11.16
N SER E 155 19.96 -12.19 10.04
CA SER E 155 18.52 -11.92 10.03
C SER E 155 17.79 -13.17 10.49
N CYS E 156 16.90 -13.01 11.47
CA CYS E 156 16.24 -14.16 12.06
C CYS E 156 14.94 -13.76 12.75
N CYS E 157 14.11 -14.75 13.01
CA CYS E 157 12.79 -14.56 13.61
C CYS E 157 12.79 -15.22 14.97
N PHE E 158 12.98 -14.41 16.02
CA PHE E 158 12.91 -14.91 17.38
C PHE E 158 11.48 -15.29 17.73
N ASN E 159 11.33 -16.39 18.45
CA ASN E 159 10.02 -16.86 18.84
C ASN E 159 10.07 -17.77 20.04
N ASN F 16 11.11 -18.45 -4.90
CA ASN F 16 11.14 -19.77 -4.26
C ASN F 16 12.53 -20.39 -4.42
N SER F 17 12.78 -21.47 -3.68
CA SER F 17 14.04 -22.20 -3.74
C SER F 17 14.01 -23.32 -2.71
N ASN F 18 14.76 -24.40 -2.94
CA ASN F 18 14.82 -25.52 -2.02
C ASN F 18 16.17 -25.67 -1.34
N VAL F 19 17.19 -24.95 -1.79
CA VAL F 19 18.53 -25.06 -1.23
C VAL F 19 19.06 -23.67 -0.92
N VAL F 20 20.17 -23.64 -0.19
CA VAL F 20 20.81 -22.37 0.16
C VAL F 20 21.36 -21.73 -1.10
N THR F 21 21.31 -20.40 -1.14
CA THR F 21 21.81 -19.62 -2.25
C THR F 21 22.75 -18.56 -1.71
N MET F 22 23.61 -18.04 -2.59
CA MET F 22 24.60 -17.06 -2.19
CA MET F 22 24.61 -17.06 -2.21
C MET F 22 24.02 -15.66 -2.22
N ILE F 23 24.47 -14.83 -1.28
CA ILE F 23 24.11 -13.42 -1.20
C ILE F 23 25.37 -12.62 -1.50
N ARG F 24 25.30 -11.75 -2.51
CA ARG F 24 26.42 -10.89 -2.88
C ARG F 24 26.40 -9.65 -1.99
N ALA F 25 26.74 -9.87 -0.72
CA ALA F 25 26.76 -8.79 0.26
C ALA F 25 27.74 -7.70 -0.16
N GLY F 26 27.56 -6.52 0.44
CA GLY F 26 28.40 -5.39 0.12
C GLY F 26 29.20 -4.88 1.29
N SER F 27 29.17 -3.57 1.52
CA SER F 27 29.88 -3.01 2.66
CA SER F 27 29.88 -3.01 2.66
C SER F 27 29.15 -3.35 3.95
N TYR F 28 29.81 -3.09 5.07
CA TYR F 28 29.21 -3.39 6.36
C TYR F 28 28.09 -2.39 6.63
N PRO F 29 26.90 -2.84 7.01
CA PRO F 29 25.76 -1.93 7.11
C PRO F 29 25.73 -1.23 8.46
N LYS F 30 24.87 -0.21 8.54
CA LYS F 30 24.50 0.37 9.82
C LYS F 30 23.71 -0.66 10.61
N VAL F 31 24.03 -0.80 11.89
CA VAL F 31 23.40 -1.82 12.73
C VAL F 31 23.01 -1.22 14.07
N ASN F 32 22.18 -1.96 14.79
CA ASN F 32 21.73 -1.53 16.11
C ASN F 32 21.27 -2.77 16.89
N PRO F 33 22.05 -3.22 17.87
CA PRO F 33 21.67 -4.44 18.60
C PRO F 33 20.52 -4.25 19.56
N THR F 34 20.14 -3.02 19.88
CA THR F 34 19.11 -2.73 20.87
C THR F 34 18.05 -1.82 20.27
N PRO F 35 17.27 -2.31 19.29
CA PRO F 35 16.32 -1.44 18.60
C PRO F 35 15.10 -1.08 19.45
N THR F 36 14.22 -0.25 18.89
CA THR F 36 12.97 0.09 19.53
C THR F 36 11.97 -1.05 19.35
N TRP F 37 10.75 -0.87 19.89
CA TRP F 37 9.75 -1.91 19.82
C TRP F 37 8.39 -1.32 20.15
N VAL F 38 7.44 -1.52 19.24
CA VAL F 38 6.05 -1.13 19.44
C VAL F 38 5.29 -2.35 19.95
N ARG F 39 4.55 -2.16 21.04
CA ARG F 39 3.96 -3.29 21.74
C ARG F 39 2.58 -2.92 22.26
N ALA F 40 1.78 -3.96 22.51
CA ALA F 40 0.51 -3.87 23.24
C ALA F 40 0.67 -4.75 24.47
N ILE F 41 0.99 -4.15 25.61
CA ILE F 41 1.39 -4.88 26.81
C ILE F 41 0.13 -5.18 27.62
N PRO F 42 -0.17 -6.45 27.90
CA PRO F 42 -1.30 -6.76 28.79
C PRO F 42 -0.86 -7.06 30.21
N PHE F 43 -1.53 -6.44 31.19
CA PHE F 43 -1.26 -6.72 32.60
C PHE F 43 -2.40 -6.20 33.46
N GLU F 44 -2.48 -6.71 34.67
CA GLU F 44 -3.56 -6.40 35.59
C GLU F 44 -3.05 -5.62 36.79
N VAL F 45 -3.97 -4.97 37.49
CA VAL F 45 -3.65 -4.20 38.68
C VAL F 45 -4.79 -4.34 39.69
N SER F 46 -4.45 -4.42 40.98
CA SER F 46 -5.43 -4.50 42.04
C SER F 46 -5.99 -3.13 42.35
N VAL F 47 -7.31 -3.06 42.52
N VAL F 47 -7.31 -3.05 42.52
CA VAL F 47 -8.03 -1.82 42.77
CA VAL F 47 -7.99 -1.80 42.79
C VAL F 47 -8.98 -2.03 43.93
C VAL F 47 -8.98 -2.02 43.93
N GLN F 48 -9.02 -1.08 44.86
CA GLN F 48 -9.89 -1.17 46.02
C GLN F 48 -11.13 -0.33 45.79
N SER F 49 -12.13 -0.55 46.66
CA SER F 49 -13.39 0.16 46.54
C SER F 49 -13.21 1.63 46.97
N GLY F 50 -13.64 2.55 46.11
CA GLY F 50 -13.63 3.96 46.43
C GLY F 50 -12.28 4.65 46.35
N ILE F 51 -11.20 3.92 46.16
CA ILE F 51 -9.86 4.48 46.13
C ILE F 51 -9.35 4.47 44.70
N ALA F 52 -8.63 5.52 44.33
CA ALA F 52 -7.95 5.58 43.04
C ALA F 52 -6.58 4.93 43.13
N PHE F 53 -6.21 4.21 42.06
CA PHE F 53 -4.94 3.51 41.99
C PHE F 53 -4.15 4.06 40.81
N LYS F 54 -3.00 4.65 41.10
CA LYS F 54 -2.12 5.16 40.07
C LYS F 54 -1.36 3.98 39.45
N VAL F 55 -1.40 3.86 38.14
CA VAL F 55 -0.77 2.74 37.44
C VAL F 55 0.68 3.12 37.17
N PRO F 56 1.65 2.34 37.64
CA PRO F 56 3.04 2.72 37.44
C PRO F 56 3.56 2.29 36.08
N VAL F 57 4.40 3.16 35.49
CA VAL F 57 5.04 2.82 34.23
C VAL F 57 5.94 1.60 34.39
N GLY F 58 6.55 1.45 35.56
CA GLY F 58 7.50 0.36 35.78
C GLY F 58 6.92 -1.02 35.52
N SER F 59 5.59 -1.13 35.48
CA SER F 59 4.97 -2.41 35.17
C SER F 59 5.16 -2.80 33.72
N LEU F 60 5.50 -1.84 32.86
CA LEU F 60 5.73 -2.12 31.46
C LEU F 60 7.10 -2.73 31.20
N PHE F 61 8.03 -2.59 32.15
CA PHE F 61 9.36 -3.17 32.04
C PHE F 61 9.38 -4.48 32.81
N SER F 62 9.45 -5.59 32.08
CA SER F 62 9.48 -6.91 32.72
C SER F 62 9.91 -7.95 31.71
N ALA F 63 10.51 -9.03 32.22
CA ALA F 63 10.86 -10.15 31.36
C ALA F 63 9.63 -10.92 30.93
N ASN F 64 8.51 -10.76 31.65
CA ASN F 64 7.24 -11.34 31.21
C ASN F 64 6.71 -10.71 29.93
N PHE F 65 7.30 -9.60 29.49
CA PHE F 65 6.94 -8.94 28.24
C PHE F 65 8.14 -8.82 27.31
N ARG F 66 9.28 -9.40 27.67
CA ARG F 66 10.51 -9.27 26.91
C ARG F 66 11.05 -7.84 26.88
N THR F 67 10.75 -7.07 27.92
CA THR F 67 11.05 -5.64 27.90
C THR F 67 11.95 -5.17 29.03
N ASP F 68 12.52 -6.09 29.81
CA ASP F 68 13.36 -5.63 30.92
C ASP F 68 14.68 -5.04 30.44
N SER F 69 14.94 -5.03 29.14
CA SER F 69 16.11 -4.37 28.57
C SER F 69 15.88 -2.90 28.27
N PHE F 70 14.67 -2.40 28.44
CA PHE F 70 14.34 -1.00 28.26
C PHE F 70 14.23 -0.30 29.62
N THR F 71 14.55 1.00 29.63
CA THR F 71 14.36 1.81 30.82
C THR F 71 13.38 2.97 30.60
N SER F 72 12.99 3.24 29.37
CA SER F 72 12.05 4.31 29.06
C SER F 72 11.04 3.77 28.06
N VAL F 73 10.01 4.57 27.80
CA VAL F 73 8.92 4.15 26.93
C VAL F 73 8.03 5.33 26.59
N THR F 74 7.50 5.33 25.37
CA THR F 74 6.57 6.37 24.92
C THR F 74 5.19 5.75 24.85
N VAL F 75 4.28 6.22 25.72
CA VAL F 75 2.94 5.66 25.81
C VAL F 75 2.06 6.32 24.76
N MET F 76 1.24 5.52 24.08
CA MET F 76 0.36 6.01 23.02
C MET F 76 -1.12 5.93 23.39
N SER F 77 -1.58 4.80 23.92
CA SER F 77 -2.99 4.68 24.27
C SER F 77 -3.12 3.66 25.39
N VAL F 78 -4.19 3.81 26.18
CA VAL F 78 -4.42 2.99 27.36
C VAL F 78 -5.86 2.53 27.34
N ARG F 79 -6.08 1.22 27.31
CA ARG F 79 -7.41 0.63 27.36
C ARG F 79 -7.49 -0.24 28.61
N ALA F 80 -8.70 -0.38 29.15
CA ALA F 80 -8.89 -1.02 30.44
C ALA F 80 -10.15 -1.89 30.42
N TRP F 81 -10.14 -2.91 31.27
CA TRP F 81 -11.27 -3.81 31.44
C TRP F 81 -11.33 -4.25 32.89
N THR F 82 -12.54 -4.37 33.43
CA THR F 82 -12.68 -5.00 34.75
C THR F 82 -12.32 -6.47 34.64
N GLN F 83 -11.53 -6.96 35.59
CA GLN F 83 -11.02 -8.33 35.52
C GLN F 83 -11.77 -9.31 36.42
N LEU F 84 -12.57 -8.83 37.37
CA LEU F 84 -13.34 -9.68 38.26
C LEU F 84 -14.77 -9.15 38.34
N THR F 85 -15.66 -9.96 38.90
CA THR F 85 -17.07 -9.58 38.95
C THR F 85 -17.26 -8.37 39.84
N PRO F 86 -18.37 -7.65 39.66
CA PRO F 86 -18.64 -6.48 40.50
C PRO F 86 -19.34 -6.88 41.79
N PRO F 87 -19.61 -5.91 42.66
CA PRO F 87 -20.40 -6.21 43.86
C PRO F 87 -21.81 -6.67 43.50
N VAL F 88 -22.51 -7.20 44.50
CA VAL F 88 -23.87 -7.69 44.27
C VAL F 88 -24.76 -6.54 43.85
N ASN F 89 -25.63 -6.79 42.88
CA ASN F 89 -26.63 -5.89 42.36
C ASN F 89 -26.05 -4.81 41.45
N GLU F 90 -24.73 -4.71 41.34
CA GLU F 90 -24.10 -3.63 40.58
C GLU F 90 -23.67 -4.09 39.19
N TYR F 91 -23.54 -3.11 38.30
CA TYR F 91 -22.91 -3.30 36.99
C TYR F 91 -21.48 -2.77 37.06
N SER F 92 -20.55 -3.50 36.45
CA SER F 92 -19.15 -3.09 36.49
C SER F 92 -18.98 -1.68 35.92
N PHE F 93 -17.93 -1.00 36.38
CA PHE F 93 -17.50 0.24 35.75
C PHE F 93 -15.99 0.38 35.94
N VAL F 94 -15.39 1.21 35.10
CA VAL F 94 -13.96 1.48 35.17
C VAL F 94 -13.72 2.90 34.67
N ARG F 95 -12.92 3.67 35.41
CA ARG F 95 -12.60 5.04 35.08
C ARG F 95 -11.10 5.16 34.86
N LEU F 96 -10.71 6.08 33.98
CA LEU F 96 -9.31 6.35 33.71
C LEU F 96 -9.08 7.87 33.73
N LYS F 97 -8.14 8.31 34.57
CA LYS F 97 -7.70 9.70 34.58
C LYS F 97 -6.26 9.76 34.09
N PRO F 98 -5.99 10.38 32.94
CA PRO F 98 -4.60 10.42 32.45
C PRO F 98 -3.72 11.23 33.38
N LEU F 99 -2.50 10.74 33.60
CA LEU F 99 -1.49 11.41 34.39
C LEU F 99 -0.29 11.72 33.51
N PHE F 100 0.24 12.94 33.66
CA PHE F 100 1.42 13.38 32.92
C PHE F 100 2.38 14.10 33.86
N LYS F 101 3.68 14.00 33.53
CA LYS F 101 4.68 14.67 34.35
C LYS F 101 4.60 16.18 34.26
N THR F 102 4.23 16.71 33.09
CA THR F 102 4.09 18.16 32.93
C THR F 102 2.78 18.69 33.49
N GLY F 103 1.83 17.83 33.83
CA GLY F 103 0.55 18.29 34.33
C GLY F 103 -0.51 17.21 34.27
N ASP F 104 -1.02 16.80 35.42
CA ASP F 104 -2.02 15.74 35.47
C ASP F 104 -3.36 16.22 34.93
N SER F 105 -4.06 15.32 34.27
CA SER F 105 -5.40 15.61 33.77
C SER F 105 -6.45 15.36 34.86
N THR F 106 -7.63 15.93 34.64
CA THR F 106 -8.78 15.69 35.49
C THR F 106 -9.90 14.95 34.77
N GLU F 107 -9.69 14.55 33.52
CA GLU F 107 -10.67 13.74 32.81
C GLU F 107 -10.89 12.44 33.56
N GLU F 108 -12.11 11.91 33.48
CA GLU F 108 -12.46 10.63 34.10
C GLU F 108 -13.14 9.77 33.05
N PHE F 109 -12.41 9.42 31.99
CA PHE F 109 -12.94 8.57 30.93
C PHE F 109 -13.50 7.29 31.54
N GLU F 110 -14.81 7.10 31.45
CA GLU F 110 -15.51 6.06 32.19
C GLU F 110 -16.32 5.22 31.23
N GLY F 111 -16.27 3.93 31.44
CA GLY F 111 -17.12 3.01 30.70
C GLY F 111 -17.74 2.04 31.68
N ARG F 112 -19.00 1.71 31.45
CA ARG F 112 -19.74 0.81 32.32
C ARG F 112 -20.20 -0.40 31.53
N ALA F 113 -20.61 -1.42 32.26
CA ALA F 113 -21.18 -2.62 31.67
C ALA F 113 -22.70 -2.49 31.60
N SER F 114 -23.29 -3.21 30.66
CA SER F 114 -24.74 -3.28 30.54
C SER F 114 -25.29 -4.66 30.87
N ASN F 115 -24.43 -5.66 31.01
CA ASN F 115 -24.79 -6.97 31.53
C ASN F 115 -23.88 -7.25 32.72
N ILE F 116 -24.48 -7.46 33.90
CA ILE F 116 -23.68 -7.62 35.12
C ILE F 116 -22.58 -8.65 34.92
N ASN F 117 -22.82 -9.64 34.08
CA ASN F 117 -21.84 -10.71 33.85
C ASN F 117 -20.73 -10.30 32.89
N THR F 118 -20.76 -9.09 32.36
CA THR F 118 -19.82 -8.67 31.33
C THR F 118 -18.89 -7.58 31.85
N ARG F 119 -17.70 -7.54 31.28
CA ARG F 119 -16.71 -6.55 31.68
C ARG F 119 -17.15 -5.14 31.27
N ALA F 120 -16.74 -4.16 32.07
CA ALA F 120 -16.75 -2.77 31.67
C ALA F 120 -15.42 -2.45 31.00
N SER F 121 -15.44 -1.49 30.08
CA SER F 121 -14.22 -1.15 29.36
C SER F 121 -14.22 0.33 29.01
N VAL F 122 -13.02 0.87 28.84
CA VAL F 122 -12.84 2.26 28.40
C VAL F 122 -11.37 2.45 28.10
N GLY F 123 -11.05 3.46 27.30
CA GLY F 123 -9.69 3.73 26.92
C GLY F 123 -9.52 5.19 26.60
N TYR F 124 -8.28 5.58 26.31
CA TYR F 124 -8.01 6.95 25.92
C TYR F 124 -6.69 6.97 25.15
N ARG F 125 -6.62 7.89 24.19
CA ARG F 125 -5.45 8.08 23.36
C ARG F 125 -4.68 9.31 23.82
N ILE F 126 -3.36 9.22 23.77
CA ILE F 126 -2.48 10.33 24.12
C ILE F 126 -2.10 11.08 22.85
N PRO F 127 -2.40 12.38 22.74
CA PRO F 127 -2.07 13.10 21.50
C PRO F 127 -0.56 13.10 21.26
N THR F 128 -0.18 13.40 20.03
CA THR F 128 1.24 13.36 19.66
C THR F 128 2.08 14.28 20.52
N ASN F 129 1.60 15.50 20.78
CA ASN F 129 2.38 16.48 21.52
C ASN F 129 2.66 16.07 22.96
N LEU F 130 2.00 15.03 23.46
CA LEU F 130 2.23 14.57 24.83
C LEU F 130 2.89 13.20 24.87
N ARG F 131 3.49 12.76 23.77
CA ARG F 131 4.08 11.44 23.70
C ARG F 131 5.59 11.52 23.90
N GLN F 132 5.97 11.85 25.13
CA GLN F 132 7.36 11.82 25.53
C GLN F 132 7.65 10.54 26.32
N ASN F 133 8.90 10.34 26.70
CA ASN F 133 9.29 9.14 27.42
C ASN F 133 8.84 9.21 28.88
N THR F 134 8.65 8.04 29.48
CA THR F 134 8.35 7.91 30.90
C THR F 134 9.16 6.76 31.45
N VAL F 135 9.63 6.90 32.69
CA VAL F 135 10.48 5.89 33.31
C VAL F 135 9.69 5.15 34.39
N ALA F 136 10.33 4.20 35.06
CA ALA F 136 9.60 3.31 35.95
C ALA F 136 8.91 4.07 37.08
N ALA F 137 9.57 5.11 37.60
CA ALA F 137 9.02 5.84 38.74
C ALA F 137 7.77 6.66 38.40
N ASP F 138 7.48 6.85 37.12
CA ASP F 138 6.34 7.64 36.71
C ASP F 138 5.08 6.79 36.69
N ASN F 139 3.93 7.45 36.64
CA ASN F 139 2.63 6.80 36.59
C ASN F 139 1.92 7.20 35.31
N VAL F 140 1.17 6.26 34.74
CA VAL F 140 0.48 6.48 33.48
C VAL F 140 -0.89 7.10 33.69
N CYS F 141 -1.65 6.60 34.67
CA CYS F 141 -3.02 7.05 34.86
C CYS F 141 -3.55 6.51 36.17
N GLU F 142 -4.62 7.13 36.66
CA GLU F 142 -5.37 6.62 37.81
C GLU F 142 -6.51 5.75 37.32
N VAL F 143 -6.77 4.65 38.03
CA VAL F 143 -7.83 3.72 37.69
CA VAL F 143 -7.84 3.73 37.68
C VAL F 143 -8.77 3.59 38.87
N ARG F 144 -10.07 3.66 38.61
CA ARG F 144 -11.11 3.46 39.61
C ARG F 144 -12.07 2.41 39.07
N SER F 145 -12.65 1.63 39.97
CA SER F 145 -13.56 0.58 39.59
C SER F 145 -14.24 0.03 40.84
N ASN F 146 -15.44 -0.51 40.66
CA ASN F 146 -16.10 -1.29 41.70
C ASN F 146 -15.69 -2.76 41.65
N CYS F 147 -14.87 -3.15 40.69
CA CYS F 147 -14.28 -4.48 40.62
C CYS F 147 -12.88 -4.45 41.23
N ARG F 148 -12.47 -5.59 41.81
CA ARG F 148 -11.26 -5.60 42.61
C ARG F 148 -9.99 -5.80 41.79
N GLN F 149 -10.11 -6.01 40.48
N GLN F 149 -10.10 -5.97 40.47
CA GLN F 149 -8.96 -6.12 39.60
CA GLN F 149 -8.94 -6.11 39.62
C GLN F 149 -9.33 -5.56 38.24
C GLN F 149 -9.30 -5.62 38.22
N VAL F 150 -8.37 -4.92 37.59
CA VAL F 150 -8.57 -4.30 36.28
C VAL F 150 -7.48 -4.79 35.35
N ALA F 151 -7.86 -5.15 34.12
CA ALA F 151 -6.94 -5.61 33.09
C ALA F 151 -6.70 -4.49 32.09
N LEU F 152 -5.43 -4.13 31.93
CA LEU F 152 -5.04 -3.02 31.07
C LEU F 152 -4.20 -3.51 29.90
N VAL F 153 -4.46 -2.98 28.72
CA VAL F 153 -3.64 -3.21 27.55
C VAL F 153 -3.17 -1.83 27.09
N ILE F 154 -1.85 -1.62 27.17
CA ILE F 154 -1.24 -0.33 26.86
C ILE F 154 -0.46 -0.46 25.57
N SER F 155 -0.70 0.46 24.63
CA SER F 155 0.05 0.55 23.38
C SER F 155 1.15 1.58 23.55
N CYS F 156 2.39 1.13 23.44
CA CYS F 156 3.53 1.98 23.75
C CYS F 156 4.70 1.59 22.85
N CYS F 157 5.64 2.53 22.71
CA CYS F 157 6.84 2.34 21.89
C CYS F 157 8.05 2.31 22.82
N PHE F 158 8.52 1.11 23.13
CA PHE F 158 9.69 0.95 23.98
C PHE F 158 10.93 1.47 23.27
N ASN F 159 11.74 2.25 23.99
CA ASN F 159 12.99 2.77 23.45
C ASN F 159 14.02 2.97 24.55
N GLY G 14 -33.08 -33.25 -18.17
CA GLY G 14 -33.67 -33.79 -16.97
C GLY G 14 -34.25 -35.18 -17.15
N ASP G 15 -34.15 -36.01 -16.11
CA ASP G 15 -33.49 -35.62 -14.86
C ASP G 15 -32.39 -36.62 -14.48
N ASN G 16 -31.33 -36.68 -15.30
CA ASN G 16 -30.24 -37.62 -15.08
C ASN G 16 -30.74 -39.06 -15.17
N SER G 17 -29.83 -40.03 -15.04
CA SER G 17 -30.19 -41.42 -15.28
C SER G 17 -30.99 -41.99 -14.13
N ASN G 18 -31.62 -43.14 -14.41
CA ASN G 18 -32.35 -43.90 -13.41
C ASN G 18 -31.86 -45.33 -13.30
N VAL G 19 -30.93 -45.76 -14.17
CA VAL G 19 -30.49 -47.15 -14.21
C VAL G 19 -28.98 -47.20 -14.35
N VAL G 20 -28.42 -48.38 -14.06
CA VAL G 20 -26.97 -48.55 -14.16
C VAL G 20 -26.54 -48.30 -15.60
N THR G 21 -25.29 -47.87 -15.76
CA THR G 21 -24.73 -47.55 -17.07
C THR G 21 -23.30 -48.08 -17.12
N MET G 22 -22.87 -48.46 -18.33
CA MET G 22 -21.55 -49.04 -18.50
CA MET G 22 -21.55 -49.03 -18.52
C MET G 22 -20.49 -47.94 -18.46
N ILE G 23 -19.31 -48.31 -17.96
CA ILE G 23 -18.16 -47.42 -17.87
C ILE G 23 -17.04 -48.03 -18.73
N ARG G 24 -16.51 -47.23 -19.64
CA ARG G 24 -15.46 -47.69 -20.55
C ARG G 24 -14.08 -47.55 -19.88
N ALA G 25 -13.94 -48.24 -18.74
CA ALA G 25 -12.68 -48.27 -18.03
C ALA G 25 -11.55 -48.71 -18.95
N GLY G 26 -10.37 -48.16 -18.70
CA GLY G 26 -9.23 -48.43 -19.54
C GLY G 26 -8.19 -49.26 -18.84
N SER G 27 -7.04 -48.64 -18.55
CA SER G 27 -5.94 -49.34 -17.90
C SER G 27 -6.07 -49.23 -16.40
N TYR G 28 -5.51 -50.20 -15.69
CA TYR G 28 -5.56 -50.17 -14.24
C TYR G 28 -4.90 -48.88 -13.73
N PRO G 29 -5.58 -48.10 -12.88
CA PRO G 29 -5.03 -46.82 -12.45
C PRO G 29 -4.10 -46.97 -11.25
N LYS G 30 -3.36 -45.91 -10.97
CA LYS G 30 -2.63 -45.84 -9.71
C LYS G 30 -3.63 -45.82 -8.57
N VAL G 31 -3.31 -46.54 -7.50
CA VAL G 31 -4.20 -46.66 -6.36
C VAL G 31 -3.41 -46.46 -5.08
N ASN G 32 -4.13 -46.31 -3.98
CA ASN G 32 -3.54 -46.11 -2.67
C ASN G 32 -4.56 -46.52 -1.60
N PRO G 33 -4.40 -47.69 -0.98
CA PRO G 33 -5.39 -48.11 0.03
C PRO G 33 -5.35 -47.29 1.30
N THR G 34 -4.31 -46.48 1.52
CA THR G 34 -4.14 -45.74 2.76
C THR G 34 -3.73 -44.30 2.46
N PRO G 35 -4.67 -43.48 2.00
CA PRO G 35 -4.33 -42.11 1.60
C PRO G 35 -4.23 -41.20 2.83
N THR G 36 -3.96 -39.93 2.55
CA THR G 36 -3.89 -38.91 3.58
C THR G 36 -5.29 -38.40 3.91
N TRP G 37 -5.38 -37.47 4.86
CA TRP G 37 -6.68 -36.98 5.31
C TRP G 37 -6.51 -35.68 6.07
N VAL G 38 -7.07 -34.61 5.53
CA VAL G 38 -7.11 -33.33 6.23
C VAL G 38 -8.27 -33.35 7.20
N ARG G 39 -8.01 -33.00 8.45
CA ARG G 39 -9.01 -33.15 9.50
C ARG G 39 -8.95 -32.00 10.49
N ALA G 40 -10.10 -31.74 11.11
CA ALA G 40 -10.22 -30.85 12.26
C ALA G 40 -10.65 -31.71 13.44
N ILE G 41 -9.69 -32.13 14.25
CA ILE G 41 -9.90 -33.15 15.27
C ILE G 41 -10.33 -32.46 16.57
N PRO G 42 -11.50 -32.81 17.13
CA PRO G 42 -11.89 -32.22 18.42
C PRO G 42 -11.63 -33.16 19.59
N PHE G 43 -11.00 -32.64 20.65
CA PHE G 43 -10.82 -33.40 21.87
C PHE G 43 -10.59 -32.44 23.01
N GLU G 44 -10.74 -32.95 24.23
CA GLU G 44 -10.62 -32.14 25.44
C GLU G 44 -9.40 -32.59 26.24
N VAL G 45 -8.98 -31.74 27.16
CA VAL G 45 -7.83 -32.02 28.02
C VAL G 45 -8.13 -31.48 29.42
N SER G 46 -7.85 -32.28 30.44
CA SER G 46 -7.99 -31.85 31.82
C SER G 46 -6.79 -30.98 32.19
N VAL G 47 -7.08 -29.75 32.61
CA VAL G 47 -6.06 -28.78 32.99
C VAL G 47 -6.21 -28.46 34.47
N GLN G 48 -5.11 -28.02 35.06
CA GLN G 48 -5.10 -27.54 36.44
C GLN G 48 -4.72 -26.07 36.45
N SER G 49 -5.13 -25.37 37.51
CA SER G 49 -4.85 -23.95 37.61
C SER G 49 -3.35 -23.72 37.71
N GLY G 50 -2.84 -22.77 36.92
CA GLY G 50 -1.43 -22.43 36.98
C GLY G 50 -0.51 -23.62 36.81
N ILE G 51 -0.85 -24.53 35.90
CA ILE G 51 0.03 -25.63 35.53
C ILE G 51 -0.08 -25.81 34.02
N ALA G 52 1.02 -25.55 33.31
CA ALA G 52 1.07 -25.87 31.90
C ALA G 52 0.83 -27.35 31.71
N PHE G 53 -0.01 -27.69 30.74
CA PHE G 53 -0.27 -29.09 30.37
C PHE G 53 0.19 -29.29 28.94
N LYS G 54 1.15 -30.20 28.74
CA LYS G 54 1.66 -30.50 27.41
C LYS G 54 0.67 -31.40 26.68
N VAL G 55 0.13 -30.92 25.58
CA VAL G 55 -0.88 -31.65 24.82
C VAL G 55 -0.20 -32.74 23.99
N PRO G 56 -0.46 -34.01 24.27
CA PRO G 56 0.23 -35.07 23.52
C PRO G 56 -0.35 -35.25 22.13
N VAL G 57 0.55 -35.38 21.15
CA VAL G 57 0.13 -35.63 19.77
C VAL G 57 -0.65 -36.94 19.69
N GLY G 58 -0.37 -37.88 20.59
CA GLY G 58 -1.05 -39.16 20.57
C GLY G 58 -2.55 -39.06 20.70
N SER G 59 -3.06 -37.95 21.23
CA SER G 59 -4.50 -37.79 21.32
C SER G 59 -5.15 -37.74 19.94
N LEU G 60 -4.44 -37.17 18.96
CA LEU G 60 -4.98 -37.06 17.61
C LEU G 60 -5.17 -38.43 16.95
N PHE G 61 -4.49 -39.46 17.43
CA PHE G 61 -4.63 -40.82 16.92
C PHE G 61 -5.61 -41.58 17.81
N SER G 62 -6.66 -42.13 17.21
CA SER G 62 -7.68 -42.86 17.96
C SER G 62 -8.82 -43.31 17.05
N ALA G 63 -9.41 -44.46 17.35
CA ALA G 63 -10.56 -44.93 16.58
C ALA G 63 -11.78 -44.06 16.77
N ASN G 64 -11.80 -43.21 17.82
CA ASN G 64 -12.88 -42.25 17.98
C ASN G 64 -12.87 -41.20 16.88
N PHE G 65 -11.74 -41.02 16.21
CA PHE G 65 -11.60 -40.05 15.13
C PHE G 65 -11.40 -40.70 13.77
N ARG G 66 -11.45 -42.02 13.69
CA ARG G 66 -11.12 -42.77 12.49
C ARG G 66 -9.65 -42.67 12.14
N THR G 67 -8.81 -42.33 13.11
CA THR G 67 -7.40 -42.05 12.88
C THR G 67 -6.46 -43.00 13.62
N ASP G 68 -6.96 -44.11 14.15
CA ASP G 68 -6.08 -45.05 14.85
C ASP G 68 -5.09 -45.72 13.91
N SER G 69 -5.37 -45.71 12.60
CA SER G 69 -4.49 -46.32 11.61
C SER G 69 -3.29 -45.45 11.26
N PHE G 70 -3.28 -44.18 11.68
CA PHE G 70 -2.17 -43.28 11.40
C PHE G 70 -1.15 -43.34 12.52
N THR G 71 0.11 -43.07 12.17
CA THR G 71 1.18 -42.94 13.15
C THR G 71 1.80 -41.54 13.19
N SER G 72 1.60 -40.73 12.14
CA SER G 72 2.19 -39.40 12.04
C SER G 72 1.13 -38.41 11.56
N VAL G 73 1.36 -37.14 11.90
CA VAL G 73 0.40 -36.09 11.58
C VAL G 73 1.14 -34.77 11.42
N THR G 74 0.67 -33.95 10.48
CA THR G 74 1.21 -32.61 10.25
C THR G 74 0.19 -31.60 10.75
N VAL G 75 0.51 -30.92 11.84
CA VAL G 75 -0.39 -29.93 12.41
C VAL G 75 -0.27 -28.64 11.63
N MET G 76 -1.41 -28.01 11.34
CA MET G 76 -1.45 -26.72 10.66
C MET G 76 -1.90 -25.58 11.57
N SER G 77 -2.90 -25.81 12.43
CA SER G 77 -3.35 -24.79 13.36
C SER G 77 -3.95 -25.46 14.59
N VAL G 78 -3.98 -24.69 15.69
CA VAL G 78 -4.49 -25.14 16.97
C VAL G 78 -5.43 -24.08 17.49
N ARG G 79 -6.61 -24.49 17.92
CA ARG G 79 -7.59 -23.60 18.53
C ARG G 79 -8.11 -24.25 19.81
N ALA G 80 -8.25 -23.45 20.86
CA ALA G 80 -8.62 -23.95 22.18
C ALA G 80 -9.80 -23.17 22.75
N TRP G 81 -10.57 -23.85 23.59
CA TRP G 81 -11.73 -23.26 24.26
C TRP G 81 -11.78 -23.78 25.68
N THR G 82 -12.09 -22.88 26.64
CA THR G 82 -12.36 -23.32 28.00
C THR G 82 -13.64 -24.14 28.02
N GLN G 83 -13.57 -25.35 28.60
CA GLN G 83 -14.68 -26.30 28.58
C GLN G 83 -15.54 -26.29 29.83
N LEU G 84 -15.03 -25.75 30.94
CA LEU G 84 -15.77 -25.67 32.18
C LEU G 84 -15.79 -24.23 32.69
N THR G 85 -16.73 -23.96 33.61
CA THR G 85 -16.86 -22.62 34.15
C THR G 85 -15.56 -22.21 34.84
N PRO G 86 -15.29 -20.91 34.94
CA PRO G 86 -14.09 -20.46 35.65
C PRO G 86 -14.31 -20.42 37.15
N PRO G 87 -13.26 -20.10 37.93
CA PRO G 87 -13.45 -19.91 39.37
C PRO G 87 -14.38 -18.74 39.67
N VAL G 88 -14.86 -18.70 40.90
CA VAL G 88 -15.80 -17.65 41.29
C VAL G 88 -15.16 -16.29 41.05
N ASN G 89 -15.98 -15.33 40.62
CA ASN G 89 -15.61 -13.93 40.42
C ASN G 89 -14.67 -13.71 39.26
N GLU G 90 -14.25 -14.76 38.56
CA GLU G 90 -13.27 -14.66 37.49
C GLU G 90 -13.92 -14.77 36.12
N TYR G 91 -13.18 -14.28 35.11
CA TYR G 91 -13.50 -14.48 33.70
C TYR G 91 -12.59 -15.56 33.13
N SER G 92 -13.17 -16.46 32.34
CA SER G 92 -12.40 -17.56 31.78
C SER G 92 -11.23 -17.04 30.95
N PHE G 93 -10.13 -17.79 30.94
CA PHE G 93 -9.00 -17.47 30.08
C PHE G 93 -8.30 -18.77 29.72
N VAL G 94 -7.53 -18.72 28.63
CA VAL G 94 -6.76 -19.87 28.17
C VAL G 94 -5.58 -19.36 27.37
N ARG G 95 -4.44 -20.04 27.49
CA ARG G 95 -3.21 -19.65 26.81
C ARG G 95 -2.66 -20.85 26.05
N LEU G 96 -1.98 -20.54 24.94
CA LEU G 96 -1.30 -21.56 24.14
C LEU G 96 0.14 -21.17 23.91
N LYS G 97 1.07 -22.08 24.24
CA LYS G 97 2.49 -21.91 23.95
C LYS G 97 2.90 -22.96 22.92
N PRO G 98 3.22 -22.57 21.69
CA PRO G 98 3.57 -23.57 20.68
C PRO G 98 4.85 -24.32 21.02
N LEU G 99 4.85 -25.61 20.69
CA LEU G 99 5.97 -26.50 20.94
C LEU G 99 6.41 -27.16 19.65
N PHE G 100 7.72 -27.18 19.41
CA PHE G 100 8.29 -27.85 18.24
C PHE G 100 9.50 -28.65 18.68
N LYS G 101 9.72 -29.80 18.03
CA LYS G 101 10.85 -30.64 18.38
C LYS G 101 12.18 -29.92 18.14
N THR G 102 12.21 -28.99 17.18
CA THR G 102 13.42 -28.25 16.85
C THR G 102 13.62 -27.02 17.73
N GLY G 103 12.69 -26.73 18.63
CA GLY G 103 12.79 -25.57 19.48
C GLY G 103 11.44 -25.05 19.93
N ASP G 104 11.17 -25.09 21.23
CA ASP G 104 9.89 -24.63 21.75
C ASP G 104 9.80 -23.12 21.66
N SER G 105 8.58 -22.63 21.49
CA SER G 105 8.32 -21.20 21.45
C SER G 105 8.08 -20.69 22.86
N THR G 106 8.26 -19.38 23.04
CA THR G 106 7.94 -18.70 24.29
C THR G 106 6.75 -17.76 24.14
N GLU G 107 5.98 -17.91 23.06
CA GLU G 107 4.73 -17.16 22.95
C GLU G 107 3.66 -17.75 23.86
N GLU G 108 2.78 -16.87 24.35
CA GLU G 108 1.63 -17.27 25.18
C GLU G 108 0.41 -16.58 24.56
N PHE G 109 -0.11 -17.16 23.49
CA PHE G 109 -1.31 -16.64 22.83
C PHE G 109 -2.49 -16.80 23.78
N GLU G 110 -2.96 -15.70 24.35
CA GLU G 110 -3.93 -15.72 25.43
C GLU G 110 -5.24 -15.12 24.96
N GLY G 111 -6.33 -15.74 25.33
CA GLY G 111 -7.66 -15.21 25.05
C GLY G 111 -8.52 -15.26 26.29
N ARG G 112 -9.26 -14.18 26.51
CA ARG G 112 -10.11 -14.06 27.69
C ARG G 112 -11.56 -13.84 27.27
N ALA G 113 -12.47 -14.28 28.13
CA ALA G 113 -13.90 -14.06 27.91
C ALA G 113 -14.29 -12.72 28.52
N SER G 114 -15.14 -11.99 27.83
CA SER G 114 -15.70 -10.76 28.35
C SER G 114 -17.03 -10.97 29.07
N ASN G 115 -17.43 -12.22 29.28
CA ASN G 115 -18.63 -12.57 30.04
C ASN G 115 -18.32 -13.83 30.82
N ILE G 116 -18.52 -13.78 32.15
CA ILE G 116 -18.08 -14.89 32.99
C ILE G 116 -18.73 -16.19 32.56
N ASN G 117 -19.92 -16.12 31.96
CA ASN G 117 -20.61 -17.33 31.55
C ASN G 117 -20.19 -17.81 30.17
N THR G 118 -19.25 -17.12 29.52
CA THR G 118 -18.84 -17.40 28.15
C THR G 118 -17.45 -17.99 28.13
N ARG G 119 -17.21 -18.91 27.19
CA ARG G 119 -15.91 -19.53 27.05
C ARG G 119 -14.87 -18.51 26.57
N ALA G 120 -13.63 -18.71 26.99
CA ALA G 120 -12.49 -18.04 26.38
C ALA G 120 -11.99 -18.87 25.20
N SER G 121 -11.32 -18.19 24.26
CA SER G 121 -10.88 -18.86 23.06
C SER G 121 -9.61 -18.20 22.54
N VAL G 122 -8.80 -19.00 21.86
CA VAL G 122 -7.60 -18.50 21.20
C VAL G 122 -7.02 -19.62 20.35
N GLY G 123 -6.20 -19.27 19.37
CA GLY G 123 -5.53 -20.27 18.55
C GLY G 123 -4.28 -19.70 17.93
N TYR G 124 -3.53 -20.56 17.26
CA TYR G 124 -2.34 -20.12 16.55
C TYR G 124 -2.17 -20.95 15.29
N ARG G 125 -1.47 -20.38 14.31
CA ARG G 125 -1.24 -21.02 13.03
C ARG G 125 0.25 -21.30 12.89
N ILE G 126 0.59 -22.55 12.66
CA ILE G 126 2.00 -22.92 12.43
C ILE G 126 2.39 -22.51 11.02
N PRO G 127 3.48 -21.78 10.85
CA PRO G 127 3.87 -21.35 9.50
C PRO G 127 4.28 -22.56 8.65
N THR G 128 4.29 -22.35 7.33
CA THR G 128 4.56 -23.46 6.43
C THR G 128 5.94 -24.09 6.70
N ASN G 129 6.95 -23.27 6.99
CA ASN G 129 8.30 -23.79 7.20
C ASN G 129 8.42 -24.63 8.47
N LEU G 130 7.41 -24.62 9.34
CA LEU G 130 7.42 -25.41 10.56
C LEU G 130 6.40 -26.54 10.54
N ARG G 131 5.84 -26.86 9.37
CA ARG G 131 4.86 -27.94 9.28
C ARG G 131 5.57 -29.24 8.92
N GLN G 132 6.08 -29.90 9.95
CA GLN G 132 6.64 -31.24 9.82
C GLN G 132 5.73 -32.24 10.51
N ASN G 133 6.05 -33.51 10.35
CA ASN G 133 5.29 -34.56 11.01
C ASN G 133 5.57 -34.58 12.52
N THR G 134 4.58 -35.02 13.28
CA THR G 134 4.73 -35.26 14.70
C THR G 134 4.10 -36.60 15.05
N VAL G 135 4.72 -37.33 15.96
CA VAL G 135 4.27 -38.66 16.33
C VAL G 135 3.74 -38.62 17.76
N ALA G 136 3.13 -39.73 18.16
CA ALA G 136 2.40 -39.77 19.43
C ALA G 136 3.24 -39.26 20.59
N ALA G 137 4.49 -39.72 20.66
CA ALA G 137 5.36 -39.31 21.76
C ALA G 137 5.57 -37.80 21.81
N ASP G 138 5.31 -37.09 20.72
CA ASP G 138 5.57 -35.67 20.65
C ASP G 138 4.48 -34.89 21.39
N ASN G 139 4.62 -33.57 21.41
CA ASN G 139 3.67 -32.69 22.08
CA ASN G 139 3.67 -32.69 22.08
C ASN G 139 3.42 -31.47 21.21
N VAL G 140 2.15 -31.06 21.14
CA VAL G 140 1.76 -29.95 20.28
C VAL G 140 2.06 -28.62 20.94
N CYS G 141 1.55 -28.41 22.15
CA CYS G 141 1.63 -27.12 22.81
C CYS G 141 1.24 -27.25 24.27
N GLU G 142 1.62 -26.25 25.05
CA GLU G 142 1.22 -26.15 26.44
C GLU G 142 -0.06 -25.33 26.56
N VAL G 143 -0.93 -25.72 27.49
CA VAL G 143 -2.19 -25.03 27.71
CA VAL G 143 -2.19 -25.02 27.71
C VAL G 143 -2.26 -24.60 29.17
N ARG G 144 -2.53 -23.32 29.39
CA ARG G 144 -2.74 -22.76 30.72
C ARG G 144 -4.15 -22.20 30.75
N SER G 145 -4.86 -22.43 31.85
CA SER G 145 -6.21 -21.92 31.97
C SER G 145 -6.65 -21.93 33.43
N ASN G 146 -7.48 -20.96 33.78
CA ASN G 146 -8.10 -20.98 35.10
C ASN G 146 -9.28 -21.95 35.16
N CYS G 147 -9.69 -22.52 34.02
CA CYS G 147 -10.73 -23.53 33.97
C CYS G 147 -10.11 -24.92 33.96
N ARG G 148 -10.87 -25.91 34.43
CA ARG G 148 -10.31 -27.21 34.71
C ARG G 148 -10.28 -28.13 33.49
N GLN G 149 -10.94 -27.76 32.40
CA GLN G 149 -10.89 -28.55 31.17
C GLN G 149 -10.90 -27.60 29.99
N VAL G 150 -10.08 -27.93 28.98
CA VAL G 150 -9.95 -27.11 27.77
C VAL G 150 -10.33 -27.95 26.56
N ALA G 151 -11.24 -27.42 25.75
CA ALA G 151 -11.69 -28.10 24.52
C ALA G 151 -10.87 -27.59 23.35
N LEU G 152 -10.23 -28.51 22.65
CA LEU G 152 -9.35 -28.19 21.53
C LEU G 152 -9.96 -28.64 20.22
N VAL G 153 -9.53 -27.98 19.14
CA VAL G 153 -9.86 -28.39 17.77
C VAL G 153 -8.60 -28.13 16.95
N ILE G 154 -7.98 -29.18 16.45
CA ILE G 154 -6.68 -29.10 15.80
C ILE G 154 -6.84 -29.44 14.32
N SER G 155 -6.67 -28.43 13.45
CA SER G 155 -6.67 -28.66 12.01
C SER G 155 -5.32 -29.23 11.62
N CYS G 156 -5.33 -30.44 11.04
CA CYS G 156 -4.09 -31.13 10.73
C CYS G 156 -4.33 -32.13 9.61
N CYS G 157 -3.24 -32.58 9.01
CA CYS G 157 -3.26 -33.51 7.90
C CYS G 157 -2.60 -34.80 8.35
N PHE G 158 -3.40 -35.85 8.50
CA PHE G 158 -2.89 -37.17 8.85
C PHE G 158 -2.25 -37.84 7.65
N ASN G 159 -1.10 -38.49 7.90
CA ASN G 159 -0.39 -39.18 6.83
C ASN G 159 0.51 -40.26 7.41
N ASP H 15 -60.70 -1.00 -7.96
CA ASP H 15 -60.57 -1.53 -6.60
C ASP H 15 -60.85 -3.04 -6.57
N ASN H 16 -61.02 -3.58 -5.37
CA ASN H 16 -61.34 -4.99 -5.21
C ASN H 16 -62.83 -5.23 -5.47
N SER H 17 -63.15 -6.46 -5.86
CA SER H 17 -64.54 -6.88 -5.91
C SER H 17 -65.09 -6.95 -4.48
N ASN H 18 -66.39 -6.70 -4.35
CA ASN H 18 -67.04 -6.68 -3.05
C ASN H 18 -68.21 -7.64 -2.96
N VAL H 19 -68.52 -8.38 -4.03
CA VAL H 19 -69.64 -9.31 -4.04
C VAL H 19 -69.20 -10.61 -4.68
N VAL H 20 -69.99 -11.67 -4.43
CA VAL H 20 -69.74 -12.94 -5.07
C VAL H 20 -69.75 -12.76 -6.58
N THR H 21 -68.93 -13.55 -7.27
CA THR H 21 -68.83 -13.50 -8.72
C THR H 21 -68.85 -14.93 -9.25
N MET H 22 -69.27 -15.07 -10.51
CA MET H 22 -69.46 -16.39 -11.09
CA MET H 22 -69.46 -16.38 -11.10
C MET H 22 -68.14 -16.91 -11.65
N ILE H 23 -67.92 -18.20 -11.47
CA ILE H 23 -66.79 -18.93 -12.05
C ILE H 23 -67.32 -19.79 -13.18
N ARG H 24 -66.76 -19.62 -14.38
CA ARG H 24 -67.15 -20.43 -15.54
C ARG H 24 -66.31 -21.70 -15.54
N ALA H 25 -66.66 -22.59 -14.60
CA ALA H 25 -65.98 -23.87 -14.44
C ALA H 25 -66.24 -24.77 -15.63
N GLY H 26 -65.33 -25.73 -15.82
CA GLY H 26 -65.43 -26.66 -16.92
C GLY H 26 -65.54 -28.11 -16.48
N SER H 27 -64.79 -28.99 -17.13
CA SER H 27 -64.84 -30.41 -16.79
C SER H 27 -64.48 -30.60 -15.32
N TYR H 28 -64.92 -31.72 -14.76
CA TYR H 28 -64.51 -32.06 -13.40
C TYR H 28 -63.01 -32.31 -13.38
N PRO H 29 -62.27 -31.69 -12.46
CA PRO H 29 -60.80 -31.79 -12.50
C PRO H 29 -60.28 -33.00 -11.73
N LYS H 30 -59.00 -33.27 -11.91
CA LYS H 30 -58.33 -34.25 -11.08
C LYS H 30 -58.31 -33.73 -9.65
N VAL H 31 -58.53 -34.64 -8.69
CA VAL H 31 -58.63 -34.26 -7.29
C VAL H 31 -57.82 -35.24 -6.44
N ASN H 32 -57.54 -34.82 -5.21
CA ASN H 32 -56.85 -35.67 -4.25
C ASN H 32 -57.26 -35.22 -2.85
N PRO H 33 -58.12 -35.98 -2.18
CA PRO H 33 -58.56 -35.55 -0.83
C PRO H 33 -57.50 -35.73 0.22
N THR H 34 -56.46 -36.52 -0.05
CA THR H 34 -55.41 -36.78 0.92
C THR H 34 -54.06 -36.47 0.30
N PRO H 35 -53.70 -35.19 0.21
CA PRO H 35 -52.44 -34.79 -0.42
C PRO H 35 -51.24 -34.96 0.51
N THR H 36 -50.07 -34.64 -0.02
CA THR H 36 -48.84 -34.64 0.75
C THR H 36 -48.70 -33.34 1.52
N TRP H 37 -47.61 -33.19 2.26
CA TRP H 37 -47.44 -32.00 3.09
C TRP H 37 -45.97 -31.90 3.53
N VAL H 38 -45.35 -30.76 3.24
CA VAL H 38 -44.01 -30.46 3.74
C VAL H 38 -44.15 -29.70 5.05
N ARG H 39 -43.41 -30.13 6.06
CA ARG H 39 -43.61 -29.63 7.42
C ARG H 39 -42.28 -29.43 8.12
N ALA H 40 -42.34 -28.65 9.20
CA ALA H 40 -41.26 -28.52 10.18
C ALA H 40 -41.85 -28.92 11.53
N ILE H 41 -41.63 -30.16 11.93
CA ILE H 41 -42.27 -30.73 13.12
C ILE H 41 -41.38 -30.46 14.32
N PRO H 42 -41.87 -29.78 15.36
CA PRO H 42 -41.08 -29.65 16.59
C PRO H 42 -41.60 -30.55 17.71
N PHE H 43 -40.71 -31.37 18.25
CA PHE H 43 -41.06 -32.21 19.39
C PHE H 43 -39.82 -32.40 20.26
N GLU H 44 -40.03 -32.95 21.46
CA GLU H 44 -38.99 -33.08 22.47
C GLU H 44 -38.84 -34.54 22.86
N VAL H 45 -37.62 -34.90 23.26
CA VAL H 45 -37.32 -36.27 23.67
C VAL H 45 -36.41 -36.23 24.89
N SER H 46 -36.75 -37.06 25.90
CA SER H 46 -35.89 -37.17 27.07
C SER H 46 -34.63 -37.94 26.72
N VAL H 47 -33.52 -37.54 27.34
N VAL H 47 -33.52 -37.56 27.33
CA VAL H 47 -32.22 -38.15 27.10
CA VAL H 47 -32.23 -38.20 27.09
C VAL H 47 -31.54 -38.39 28.44
C VAL H 47 -31.51 -38.37 28.41
N GLN H 48 -30.82 -39.50 28.56
CA GLN H 48 -30.08 -39.82 29.77
C GLN H 48 -28.60 -39.57 29.52
N SER H 49 -27.86 -39.38 30.63
CA SER H 49 -26.44 -39.07 30.52
C SER H 49 -25.69 -40.30 30.03
N GLY H 50 -24.81 -40.10 29.05
CA GLY H 50 -24.02 -41.18 28.50
C GLY H 50 -24.78 -42.23 27.75
N ILE H 51 -26.07 -42.02 27.49
CA ILE H 51 -26.92 -43.00 26.82
C ILE H 51 -27.56 -42.33 25.61
N ALA H 52 -27.38 -42.93 24.44
CA ALA H 52 -27.98 -42.43 23.22
C ALA H 52 -29.45 -42.86 23.15
N PHE H 53 -30.29 -41.94 22.71
CA PHE H 53 -31.72 -42.17 22.55
C PHE H 53 -32.03 -42.26 21.07
N LYS H 54 -32.67 -43.35 20.66
CA LYS H 54 -33.09 -43.52 19.27
C LYS H 54 -34.43 -42.81 19.07
N VAL H 55 -34.45 -41.80 18.21
CA VAL H 55 -35.64 -40.99 17.99
C VAL H 55 -36.60 -41.74 17.07
N PRO H 56 -37.82 -42.06 17.51
CA PRO H 56 -38.72 -42.82 16.65
C PRO H 56 -39.40 -41.93 15.63
N VAL H 57 -39.40 -42.39 14.37
CA VAL H 57 -40.17 -41.71 13.33
C VAL H 57 -41.61 -41.55 13.77
N GLY H 58 -42.08 -42.46 14.62
CA GLY H 58 -43.47 -42.39 15.06
C GLY H 58 -43.79 -41.09 15.78
N SER H 59 -42.79 -40.44 16.35
CA SER H 59 -43.03 -39.16 17.00
C SER H 59 -43.59 -38.12 16.04
N LEU H 60 -43.34 -38.27 14.74
CA LEU H 60 -43.77 -37.32 13.73
C LEU H 60 -45.25 -37.45 13.39
N PHE H 61 -45.87 -38.58 13.71
CA PHE H 61 -47.28 -38.80 13.45
C PHE H 61 -48.06 -38.54 14.73
N SER H 62 -48.83 -37.45 14.74
CA SER H 62 -49.63 -37.10 15.90
C SER H 62 -50.68 -36.07 15.50
N ALA H 63 -51.87 -36.16 16.10
CA ALA H 63 -52.87 -35.11 15.92
C ALA H 63 -52.39 -33.77 16.47
N ASN H 64 -51.41 -33.79 17.37
CA ASN H 64 -50.78 -32.55 17.81
C ASN H 64 -50.11 -31.81 16.66
N PHE H 65 -49.78 -32.52 15.58
CA PHE H 65 -49.15 -31.93 14.40
C PHE H 65 -50.05 -31.95 13.18
N ARG H 66 -51.24 -32.53 13.28
CA ARG H 66 -52.21 -32.69 12.20
C ARG H 66 -51.81 -33.80 11.25
N THR H 67 -50.86 -34.65 11.62
CA THR H 67 -50.35 -35.68 10.74
C THR H 67 -50.74 -37.10 11.17
N ASP H 68 -51.79 -37.25 11.97
CA ASP H 68 -52.19 -38.59 12.38
C ASP H 68 -52.70 -39.42 11.20
N SER H 69 -53.07 -38.78 10.09
CA SER H 69 -53.57 -39.49 8.93
C SER H 69 -52.46 -39.98 8.01
N PHE H 70 -51.22 -39.60 8.26
CA PHE H 70 -50.08 -40.12 7.51
C PHE H 70 -49.51 -41.33 8.24
N THR H 71 -49.06 -42.33 7.47
CA THR H 71 -48.34 -43.46 8.01
C THR H 71 -46.90 -43.53 7.53
N SER H 72 -46.52 -42.64 6.61
CA SER H 72 -45.17 -42.61 6.07
C SER H 72 -44.70 -41.16 6.02
N VAL H 73 -43.39 -40.99 5.89
CA VAL H 73 -42.82 -39.66 5.87
C VAL H 73 -41.41 -39.74 5.30
N THR H 74 -41.06 -38.76 4.48
CA THR H 74 -39.71 -38.63 3.92
C THR H 74 -39.01 -37.52 4.69
N VAL H 75 -37.99 -37.87 5.46
CA VAL H 75 -37.24 -36.91 6.25
C VAL H 75 -36.15 -36.30 5.40
N MET H 76 -36.01 -34.97 5.48
CA MET H 76 -35.03 -34.23 4.69
C MET H 76 -33.87 -33.71 5.54
N SER H 77 -34.16 -33.11 6.70
CA SER H 77 -33.13 -32.60 7.57
C SER H 77 -33.59 -32.67 9.02
N VAL H 78 -32.62 -32.69 9.93
CA VAL H 78 -32.87 -32.81 11.35
C VAL H 78 -32.03 -31.76 12.05
N ARG H 79 -32.66 -30.98 12.94
CA ARG H 79 -31.99 -30.02 13.79
C ARG H 79 -32.38 -30.29 15.24
N ALA H 80 -31.42 -30.16 16.14
CA ALA H 80 -31.63 -30.42 17.56
C ALA H 80 -31.14 -29.25 18.39
N TRP H 81 -31.84 -28.97 19.48
CA TRP H 81 -31.41 -27.98 20.47
C TRP H 81 -31.57 -28.59 21.84
N THR H 82 -30.65 -28.27 22.75
CA THR H 82 -30.81 -28.70 24.14
C THR H 82 -32.00 -27.95 24.75
N GLN H 83 -32.87 -28.70 25.46
CA GLN H 83 -34.13 -28.15 25.96
C GLN H 83 -34.10 -27.81 27.45
N LEU H 84 -33.16 -28.36 28.21
CA LEU H 84 -32.97 -28.03 29.61
C LEU H 84 -31.52 -27.60 29.85
N THR H 85 -31.26 -27.08 31.05
CA THR H 85 -29.94 -26.58 31.38
C THR H 85 -28.94 -27.73 31.54
N PRO H 86 -27.66 -27.47 31.34
CA PRO H 86 -26.66 -28.53 31.49
C PRO H 86 -26.29 -28.75 32.95
N PRO H 87 -25.46 -29.76 33.23
CA PRO H 87 -24.99 -29.96 34.61
C PRO H 87 -24.16 -28.79 35.07
N VAL H 88 -23.95 -28.72 36.39
CA VAL H 88 -23.18 -27.63 36.96
C VAL H 88 -21.76 -27.65 36.41
N ASN H 89 -21.25 -26.47 36.06
CA ASN H 89 -19.90 -26.23 35.57
C ASN H 89 -19.76 -26.61 34.10
N GLU H 90 -20.75 -27.22 33.48
CA GLU H 90 -20.65 -27.72 32.12
C GLU H 90 -21.31 -26.76 31.13
N TYR H 91 -20.84 -26.80 29.89
CA TYR H 91 -21.49 -26.15 28.76
C TYR H 91 -22.32 -27.18 28.02
N SER H 92 -23.53 -26.80 27.63
CA SER H 92 -24.43 -27.74 26.96
C SER H 92 -23.79 -28.26 25.69
N PHE H 93 -24.15 -29.48 25.32
CA PHE H 93 -23.72 -30.06 24.06
C PHE H 93 -24.80 -31.03 23.58
N VAL H 94 -24.68 -31.44 22.32
CA VAL H 94 -25.66 -32.34 21.71
C VAL H 94 -25.06 -32.94 20.45
N ARG H 95 -25.26 -34.24 20.27
CA ARG H 95 -24.77 -34.98 19.12
C ARG H 95 -25.94 -35.64 18.38
N LEU H 96 -25.78 -35.77 17.06
CA LEU H 96 -26.78 -36.43 16.22
C LEU H 96 -26.11 -37.47 15.34
N LYS H 97 -26.60 -38.71 15.41
CA LYS H 97 -26.09 -39.80 14.59
C LYS H 97 -27.16 -40.28 13.63
N PRO H 98 -27.06 -40.00 12.34
CA PRO H 98 -28.14 -40.41 11.43
C PRO H 98 -28.28 -41.92 11.35
N LEU H 99 -29.52 -42.38 11.25
CA LEU H 99 -29.86 -43.78 11.11
C LEU H 99 -30.68 -44.00 9.84
N PHE H 100 -30.47 -45.14 9.19
CA PHE H 100 -31.21 -45.50 7.99
C PHE H 100 -31.43 -47.01 7.98
N LYS H 101 -32.53 -47.42 7.33
CA LYS H 101 -32.82 -48.85 7.22
C LYS H 101 -31.77 -49.57 6.37
N THR H 102 -31.33 -48.93 5.28
CA THR H 102 -30.29 -49.51 4.44
C THR H 102 -28.94 -49.55 5.15
N GLY H 103 -28.81 -48.87 6.27
CA GLY H 103 -27.54 -48.84 6.96
C GLY H 103 -27.37 -47.64 7.87
N ASP H 104 -27.02 -47.89 9.14
CA ASP H 104 -26.80 -46.82 10.08
C ASP H 104 -25.45 -46.15 9.82
N SER H 105 -25.42 -44.83 9.95
CA SER H 105 -24.18 -44.08 9.82
C SER H 105 -23.49 -43.97 11.18
N THR H 106 -22.24 -43.49 11.15
CA THR H 106 -21.44 -43.38 12.36
C THR H 106 -20.96 -41.95 12.60
N GLU H 107 -21.62 -40.95 12.03
CA GLU H 107 -21.29 -39.57 12.33
C GLU H 107 -21.94 -39.14 13.66
N GLU H 108 -21.28 -38.23 14.35
CA GLU H 108 -21.78 -37.66 15.61
C GLU H 108 -21.70 -36.14 15.49
N PHE H 109 -22.54 -35.57 14.62
CA PHE H 109 -22.59 -34.14 14.40
C PHE H 109 -22.87 -33.41 15.70
N GLU H 110 -21.85 -32.81 16.29
CA GLU H 110 -21.94 -32.27 17.63
C GLU H 110 -21.95 -30.76 17.58
N GLY H 111 -22.72 -30.17 18.48
CA GLY H 111 -22.69 -28.73 18.69
C GLY H 111 -22.66 -28.45 20.18
N ARG H 112 -21.85 -27.47 20.56
CA ARG H 112 -21.69 -27.11 21.96
C ARG H 112 -22.06 -25.65 22.15
N ALA H 113 -22.47 -25.31 23.36
CA ALA H 113 -22.79 -23.94 23.71
C ALA H 113 -21.52 -23.21 24.12
N SER H 114 -21.47 -21.91 23.80
CA SER H 114 -20.41 -21.03 24.28
C SER H 114 -20.84 -20.17 25.46
N ASN H 115 -22.07 -20.31 25.92
CA ASN H 115 -22.53 -19.71 27.16
C ASN H 115 -23.34 -20.76 27.89
N ILE H 116 -23.00 -21.00 29.16
CA ILE H 116 -23.67 -22.05 29.92
C ILE H 116 -25.17 -21.84 29.88
N ASN H 117 -25.61 -20.59 29.87
CA ASN H 117 -27.03 -20.26 29.88
C ASN H 117 -27.69 -20.40 28.51
N THR H 118 -26.93 -20.78 27.48
CA THR H 118 -27.43 -20.84 26.12
C THR H 118 -27.50 -22.28 25.62
N ARG H 119 -28.45 -22.52 24.74
CA ARG H 119 -28.61 -23.85 24.16
C ARG H 119 -27.44 -24.22 23.25
N ALA H 120 -27.12 -25.52 23.22
CA ALA H 120 -26.37 -26.13 22.14
C ALA H 120 -27.35 -26.60 21.06
N SER H 121 -26.84 -26.73 19.79
CA SER H 121 -27.80 -27.07 18.75
C SER H 121 -27.42 -28.12 17.72
N VAL H 122 -26.67 -27.78 16.72
CA VAL H 122 -26.33 -28.62 15.58
C VAL H 122 -27.50 -29.27 14.84
N GLY H 123 -27.25 -29.67 13.57
CA GLY H 123 -28.22 -30.38 12.76
C GLY H 123 -27.53 -31.11 11.63
N TYR H 124 -28.31 -31.87 10.84
CA TYR H 124 -27.75 -32.58 9.69
C TYR H 124 -28.79 -32.68 8.57
N ARG H 125 -28.30 -32.83 7.33
CA ARG H 125 -29.12 -32.86 6.13
C ARG H 125 -28.99 -34.22 5.45
N ILE H 126 -30.09 -34.73 4.92
CA ILE H 126 -30.14 -36.05 4.29
C ILE H 126 -30.11 -35.85 2.78
N PRO H 127 -29.17 -36.44 2.06
CA PRO H 127 -29.11 -36.25 0.60
C PRO H 127 -30.25 -37.00 -0.09
N THR H 128 -30.52 -36.55 -1.33
CA THR H 128 -31.70 -37.03 -2.04
C THR H 128 -31.70 -38.55 -2.19
N ASN H 129 -30.52 -39.16 -2.36
CA ASN H 129 -30.47 -40.61 -2.55
C ASN H 129 -30.82 -41.38 -1.29
N LEU H 130 -30.76 -40.76 -0.12
CA LEU H 130 -31.18 -41.40 1.13
C LEU H 130 -32.53 -40.92 1.61
N ARG H 131 -33.29 -40.22 0.79
CA ARG H 131 -34.60 -39.70 1.17
C ARG H 131 -35.71 -40.63 0.70
N GLN H 132 -35.82 -41.77 1.37
CA GLN H 132 -36.93 -42.68 1.18
C GLN H 132 -37.97 -42.44 2.27
N ASN H 133 -39.04 -43.22 2.24
CA ASN H 133 -40.05 -43.15 3.29
C ASN H 133 -39.61 -43.92 4.54
N THR H 134 -40.11 -43.47 5.69
CA THR H 134 -39.92 -44.17 6.95
C THR H 134 -41.27 -44.22 7.67
N VAL H 135 -41.53 -45.34 8.34
CA VAL H 135 -42.79 -45.52 9.06
C VAL H 135 -42.52 -45.38 10.55
N ALA H 136 -43.57 -45.55 11.37
CA ALA H 136 -43.45 -45.24 12.79
C ALA H 136 -42.39 -46.11 13.48
N ALA H 137 -42.30 -47.38 13.12
CA ALA H 137 -41.37 -48.28 13.77
C ALA H 137 -39.91 -48.01 13.41
N ASP H 138 -39.65 -47.03 12.54
CA ASP H 138 -38.29 -46.72 12.14
C ASP H 138 -37.67 -45.70 13.11
N ASN H 139 -36.36 -45.53 13.00
CA ASN H 139 -35.61 -44.59 13.83
C ASN H 139 -34.89 -43.59 12.94
N VAL H 140 -35.05 -42.31 13.26
N VAL H 140 -35.01 -42.31 13.26
CA VAL H 140 -34.41 -41.27 12.45
CA VAL H 140 -34.41 -41.28 12.43
C VAL H 140 -32.94 -41.17 12.81
C VAL H 140 -32.95 -41.05 12.80
N CYS H 141 -32.62 -41.08 14.09
CA CYS H 141 -31.25 -40.84 14.52
C CYS H 141 -31.12 -41.11 16.01
N GLU H 142 -29.88 -41.27 16.46
CA GLU H 142 -29.55 -41.30 17.87
C GLU H 142 -29.18 -39.90 18.33
N VAL H 143 -29.56 -39.55 19.56
CA VAL H 143 -29.26 -38.26 20.16
CA VAL H 143 -29.25 -38.27 20.16
C VAL H 143 -28.48 -38.49 21.44
N ARG H 144 -27.47 -37.64 21.67
CA ARG H 144 -26.67 -37.70 22.89
C ARG H 144 -26.49 -36.28 23.40
N SER H 145 -26.49 -36.10 24.71
CA SER H 145 -26.36 -34.78 25.30
C SER H 145 -26.24 -34.90 26.81
N ASN H 146 -25.77 -33.81 27.43
CA ASN H 146 -25.69 -33.71 28.88
C ASN H 146 -26.89 -32.97 29.47
N CYS H 147 -27.85 -32.59 28.64
CA CYS H 147 -29.10 -32.00 29.10
C CYS H 147 -30.19 -33.06 29.01
N ARG H 148 -31.03 -33.14 30.05
CA ARG H 148 -31.96 -34.26 30.17
C ARG H 148 -33.09 -34.23 29.14
N GLN H 149 -33.11 -33.24 28.25
CA GLN H 149 -34.15 -33.17 27.23
C GLN H 149 -33.59 -32.39 26.06
N VAL H 150 -34.06 -32.75 24.86
CA VAL H 150 -33.56 -32.17 23.62
C VAL H 150 -34.75 -31.88 22.71
N ALA H 151 -34.88 -30.63 22.27
CA ALA H 151 -35.94 -30.20 21.37
C ALA H 151 -35.47 -30.33 19.93
N LEU H 152 -36.22 -31.08 19.13
CA LEU H 152 -35.88 -31.33 17.74
C LEU H 152 -36.80 -30.55 16.82
N VAL H 153 -36.35 -30.37 15.59
CA VAL H 153 -37.17 -29.80 14.52
C VAL H 153 -36.77 -30.54 13.24
N ILE H 154 -37.72 -31.28 12.66
CA ILE H 154 -37.43 -32.18 11.56
C ILE H 154 -38.17 -31.69 10.33
N SER H 155 -37.41 -31.35 9.28
CA SER H 155 -37.99 -31.01 7.98
C SER H 155 -38.27 -32.30 7.20
N CYS H 156 -39.53 -32.54 6.86
CA CYS H 156 -39.92 -33.81 6.30
C CYS H 156 -41.14 -33.63 5.43
N CYS H 157 -41.33 -34.56 4.51
CA CYS H 157 -42.46 -34.56 3.59
C CYS H 157 -43.40 -35.69 4.00
N PHE H 158 -44.59 -35.33 4.48
CA PHE H 158 -45.60 -36.32 4.84
C PHE H 158 -46.35 -36.76 3.58
N ASN H 159 -46.43 -38.07 3.38
CA ASN H 159 -47.12 -38.62 2.21
C ASN H 159 -47.78 -39.94 2.57
N ASN I 16 -39.45 29.14 9.65
CA ASN I 16 -40.43 30.14 9.26
C ASN I 16 -40.13 31.49 9.95
N SER I 17 -41.18 32.19 10.37
CA SER I 17 -41.03 33.51 10.94
C SER I 17 -40.98 33.42 12.48
N ASN I 18 -41.08 34.56 13.16
CA ASN I 18 -41.02 34.61 14.61
C ASN I 18 -42.30 35.14 15.24
N VAL I 19 -43.29 35.55 14.45
CA VAL I 19 -44.50 36.15 15.00
C VAL I 19 -45.71 35.48 14.39
N VAL I 20 -46.85 35.64 15.07
CA VAL I 20 -48.13 35.11 14.61
C VAL I 20 -48.39 35.66 13.21
N THR I 21 -49.07 34.88 12.38
CA THR I 21 -49.41 35.26 11.02
C THR I 21 -50.86 34.92 10.77
N MET I 22 -51.47 35.64 9.82
CA MET I 22 -52.88 35.44 9.52
CA MET I 22 -52.88 35.44 9.52
C MET I 22 -53.05 34.24 8.60
N ILE I 23 -54.18 33.55 8.78
CA ILE I 23 -54.57 32.44 7.93
C ILE I 23 -55.86 32.84 7.25
N ARG I 24 -55.85 32.87 5.91
CA ARG I 24 -57.03 33.24 5.13
C ARG I 24 -57.94 32.02 5.01
N ALA I 25 -58.49 31.62 6.16
CA ALA I 25 -59.41 30.50 6.24
C ALA I 25 -60.68 30.76 5.43
N GLY I 26 -61.36 29.68 5.08
CA GLY I 26 -62.51 29.79 4.21
C GLY I 26 -63.76 29.18 4.82
N SER I 27 -64.47 28.38 4.05
CA SER I 27 -65.68 27.74 4.55
C SER I 27 -65.35 26.84 5.73
N TYR I 28 -66.37 26.57 6.55
CA TYR I 28 -66.19 25.68 7.67
C TYR I 28 -65.87 24.27 7.14
N PRO I 29 -64.86 23.61 7.68
CA PRO I 29 -64.50 22.28 7.18
C PRO I 29 -65.37 21.19 7.76
N LYS I 30 -65.19 19.98 7.23
CA LYS I 30 -65.73 18.79 7.87
C LYS I 30 -64.88 18.51 9.10
N VAL I 31 -65.52 18.04 10.17
CA VAL I 31 -64.84 17.86 11.45
C VAL I 31 -65.29 16.56 12.10
N ASN I 32 -64.48 16.10 13.05
CA ASN I 32 -64.75 14.86 13.78
C ASN I 32 -64.08 15.00 15.13
N PRO I 33 -64.86 15.24 16.19
CA PRO I 33 -64.25 15.40 17.52
C PRO I 33 -63.77 14.11 18.13
N THR I 34 -64.30 12.96 17.68
CA THR I 34 -63.91 11.66 18.21
C THR I 34 -63.33 10.82 17.07
N PRO I 35 -62.09 11.08 16.68
CA PRO I 35 -61.50 10.36 15.55
C PRO I 35 -60.95 9.00 15.96
N THR I 36 -60.55 8.24 14.94
CA THR I 36 -59.93 6.94 15.15
C THR I 36 -58.49 7.10 15.62
N TRP I 37 -57.87 5.98 15.98
CA TRP I 37 -56.48 6.00 16.47
C TRP I 37 -55.85 4.64 16.25
N VAL I 38 -54.69 4.62 15.59
CA VAL I 38 -53.88 3.43 15.42
C VAL I 38 -52.84 3.41 16.52
N ARG I 39 -52.66 2.25 17.15
CA ARG I 39 -51.90 2.21 18.39
C ARG I 39 -51.20 0.86 18.54
N ALA I 40 -50.13 0.87 19.34
CA ALA I 40 -49.50 -0.35 19.84
C ALA I 40 -49.65 -0.33 21.36
N ILE I 41 -50.53 -1.17 21.88
CA ILE I 41 -50.95 -1.12 23.28
C ILE I 41 -50.13 -2.12 24.06
N PRO I 42 -49.33 -1.68 25.05
CA PRO I 42 -48.60 -2.65 25.88
C PRO I 42 -49.30 -2.94 27.20
N PHE I 43 -49.51 -4.22 27.48
CA PHE I 43 -50.15 -4.62 28.73
C PHE I 43 -49.78 -6.05 29.03
N GLU I 44 -49.89 -6.43 30.31
CA GLU I 44 -49.49 -7.73 30.78
C GLU I 44 -50.70 -8.55 31.20
N VAL I 45 -50.49 -9.87 31.29
CA VAL I 45 -51.54 -10.80 31.67
C VAL I 45 -50.90 -11.90 32.50
N SER I 46 -51.67 -12.45 33.44
CA SER I 46 -51.20 -13.48 34.34
C SER I 46 -51.49 -14.85 33.75
N VAL I 47 -50.48 -15.73 33.79
CA VAL I 47 -50.56 -17.04 33.15
C VAL I 47 -50.28 -18.11 34.18
N GLN I 48 -51.14 -19.11 34.26
CA GLN I 48 -50.88 -20.30 35.05
C GLN I 48 -50.12 -21.32 34.21
N SER I 49 -49.44 -22.23 34.90
CA SER I 49 -48.66 -23.25 34.21
C SER I 49 -49.58 -24.23 33.50
N GLY I 50 -49.29 -24.49 32.22
CA GLY I 50 -50.00 -25.49 31.46
C GLY I 50 -51.45 -25.19 31.13
N ILE I 51 -51.97 -24.05 31.59
CA ILE I 51 -53.35 -23.67 31.34
C ILE I 51 -53.34 -22.44 30.43
N ALA I 52 -54.09 -22.51 29.34
CA ALA I 52 -54.19 -21.39 28.43
C ALA I 52 -55.02 -20.27 29.04
N PHE I 53 -54.62 -19.03 28.78
CA PHE I 53 -55.33 -17.85 29.25
C PHE I 53 -55.87 -17.08 28.04
N LYS I 54 -57.17 -16.81 28.06
CA LYS I 54 -57.78 -15.99 27.01
C LYS I 54 -57.51 -14.52 27.32
N VAL I 55 -56.90 -13.81 26.36
CA VAL I 55 -56.60 -12.39 26.51
C VAL I 55 -57.85 -11.59 26.18
N PRO I 56 -58.44 -10.89 27.14
CA PRO I 56 -59.66 -10.14 26.84
C PRO I 56 -59.37 -8.85 26.08
N VAL I 57 -60.22 -8.57 25.08
CA VAL I 57 -60.10 -7.32 24.32
C VAL I 57 -60.34 -6.11 25.21
N GLY I 58 -61.15 -6.26 26.25
CA GLY I 58 -61.42 -5.14 27.14
C GLY I 58 -60.18 -4.57 27.77
N SER I 59 -59.09 -5.32 27.79
CA SER I 59 -57.85 -4.79 28.32
C SER I 59 -57.35 -3.61 27.52
N LEU I 60 -57.80 -3.48 26.27
CA LEU I 60 -57.33 -2.41 25.40
C LEU I 60 -58.04 -1.09 25.67
N PHE I 61 -59.18 -1.11 26.37
CA PHE I 61 -59.94 0.08 26.68
C PHE I 61 -59.65 0.46 28.14
N SER I 62 -58.86 1.51 28.33
CA SER I 62 -58.49 1.95 29.65
C SER I 62 -57.93 3.36 29.57
N ALA I 63 -58.18 4.14 30.62
CA ALA I 63 -57.55 5.45 30.71
C ALA I 63 -56.04 5.34 30.75
N ASN I 64 -55.51 4.16 31.09
CA ASN I 64 -54.06 3.96 31.06
C ASN I 64 -53.49 4.01 29.64
N PHE I 65 -54.34 3.84 28.63
CA PHE I 65 -53.92 3.86 27.23
C PHE I 65 -54.58 5.00 26.46
N ARG I 66 -55.34 5.85 27.14
CA ARG I 66 -56.06 6.96 26.52
C ARG I 66 -57.18 6.46 25.62
N THR I 67 -57.72 5.28 25.90
CA THR I 67 -58.66 4.63 24.99
C THR I 67 -59.99 4.30 25.63
N ASP I 68 -60.26 4.78 26.84
CA ASP I 68 -61.53 4.45 27.49
C ASP I 68 -62.72 5.10 26.81
N SER I 69 -62.51 6.01 25.85
CA SER I 69 -63.61 6.56 25.06
C SER I 69 -64.02 5.65 23.91
N PHE I 70 -63.20 4.67 23.55
CA PHE I 70 -63.54 3.72 22.52
C PHE I 70 -64.26 2.51 23.12
N THR I 71 -65.24 1.98 22.37
CA THR I 71 -65.90 0.74 22.74
C THR I 71 -65.70 -0.35 21.69
N SER I 72 -64.77 -0.15 20.76
CA SER I 72 -64.54 -1.10 19.68
C SER I 72 -63.16 -0.84 19.11
N VAL I 73 -62.56 -1.88 18.52
CA VAL I 73 -61.19 -1.81 18.04
C VAL I 73 -60.97 -2.91 17.03
N THR I 74 -60.16 -2.61 16.02
CA THR I 74 -59.75 -3.58 15.01
C THR I 74 -58.31 -4.01 15.28
N VAL I 75 -58.13 -5.28 15.61
CA VAL I 75 -56.80 -5.81 15.92
C VAL I 75 -56.09 -6.18 14.63
N MET I 76 -54.81 -5.81 14.55
CA MET I 76 -54.00 -6.07 13.37
C MET I 76 -52.90 -7.09 13.59
N SER I 77 -52.27 -7.09 14.76
CA SER I 77 -51.20 -8.03 15.03
C SER I 77 -50.98 -8.13 16.53
N VAL I 78 -50.62 -9.32 16.97
CA VAL I 78 -50.37 -9.59 18.40
C VAL I 78 -48.94 -10.09 18.54
N ARG I 79 -48.17 -9.45 19.42
CA ARG I 79 -46.81 -9.86 19.74
C ARG I 79 -46.73 -10.08 21.25
N ALA I 80 -46.04 -11.14 21.66
CA ALA I 80 -46.01 -11.54 23.06
C ALA I 80 -44.59 -11.84 23.52
N TRP I 81 -44.32 -11.53 24.79
CA TRP I 81 -43.05 -11.79 25.42
C TRP I 81 -43.30 -12.37 26.81
N THR I 82 -42.44 -13.28 27.24
CA THR I 82 -42.48 -13.73 28.63
C THR I 82 -41.98 -12.62 29.55
N GLN I 83 -42.76 -12.31 30.58
CA GLN I 83 -42.51 -11.15 31.45
C GLN I 83 -41.76 -11.51 32.72
N LEU I 84 -41.66 -12.79 33.06
CA LEU I 84 -40.97 -13.23 34.27
C LEU I 84 -40.05 -14.41 33.92
N THR I 85 -39.19 -14.74 34.88
CA THR I 85 -38.22 -15.79 34.64
C THR I 85 -38.92 -17.15 34.59
N PRO I 86 -38.36 -18.09 33.85
CA PRO I 86 -39.02 -19.39 33.68
C PRO I 86 -38.79 -20.26 34.91
N PRO I 87 -39.27 -21.50 34.88
CA PRO I 87 -38.91 -22.46 35.93
C PRO I 87 -37.43 -22.77 35.89
N VAL I 88 -36.94 -23.35 36.98
CA VAL I 88 -35.53 -23.71 37.07
C VAL I 88 -35.23 -24.76 36.01
N ASN I 89 -34.06 -24.65 35.39
CA ASN I 89 -33.55 -25.58 34.37
C ASN I 89 -34.32 -25.49 33.06
N GLU I 90 -35.26 -24.57 32.92
CA GLU I 90 -36.08 -24.46 31.72
C GLU I 90 -35.76 -23.16 30.98
N TYR I 91 -36.01 -23.20 29.67
CA TYR I 91 -35.94 -22.01 28.83
C TYR I 91 -37.34 -21.48 28.63
N SER I 92 -37.49 -20.16 28.67
CA SER I 92 -38.80 -19.55 28.53
C SER I 92 -39.43 -19.98 27.22
N PHE I 93 -40.76 -19.96 27.18
CA PHE I 93 -41.49 -20.17 25.92
C PHE I 93 -42.87 -19.56 26.06
N VAL I 94 -43.38 -19.06 24.94
CA VAL I 94 -44.73 -18.49 24.88
C VAL I 94 -45.40 -18.98 23.60
N ARG I 95 -46.70 -19.26 23.72
CA ARG I 95 -47.51 -19.70 22.58
C ARG I 95 -48.70 -18.76 22.43
N LEU I 96 -49.15 -18.59 21.19
CA LEU I 96 -50.33 -17.79 20.89
C LEU I 96 -51.28 -18.55 19.97
N LYS I 97 -52.56 -18.57 20.31
CA LYS I 97 -53.58 -19.18 19.46
C LYS I 97 -54.62 -18.14 19.11
N PRO I 98 -54.70 -17.67 17.87
CA PRO I 98 -55.66 -16.61 17.54
C PRO I 98 -57.10 -17.08 17.70
N LEU I 99 -57.94 -16.19 18.20
CA LEU I 99 -59.36 -16.43 18.38
C LEU I 99 -60.16 -15.46 17.53
N PHE I 100 -61.24 -15.95 16.94
CA PHE I 100 -62.09 -15.13 16.09
C PHE I 100 -63.54 -15.48 16.37
N LYS I 101 -64.39 -14.46 16.47
CA LYS I 101 -65.81 -14.69 16.74
C LYS I 101 -66.42 -15.62 15.70
N THR I 102 -65.97 -15.53 14.44
CA THR I 102 -66.51 -16.39 13.40
C THR I 102 -65.85 -17.76 13.36
N GLY I 103 -64.83 -17.99 14.18
CA GLY I 103 -64.19 -19.29 14.20
C GLY I 103 -62.77 -19.27 14.76
N ASP I 104 -62.60 -19.76 15.99
CA ASP I 104 -61.28 -19.79 16.59
C ASP I 104 -60.35 -20.67 15.75
N SER I 105 -59.07 -20.33 15.78
CA SER I 105 -58.05 -21.08 15.07
C SER I 105 -57.40 -22.12 15.98
N THR I 106 -56.64 -23.02 15.35
CA THR I 106 -55.91 -24.05 16.07
C THR I 106 -54.40 -23.89 15.89
N GLU I 107 -53.95 -22.75 15.35
CA GLU I 107 -52.53 -22.49 15.26
C GLU I 107 -51.96 -22.20 16.64
N GLU I 108 -50.78 -22.74 16.93
CA GLU I 108 -50.07 -22.50 18.18
C GLU I 108 -48.71 -21.88 17.86
N PHE I 109 -48.71 -20.62 17.42
CA PHE I 109 -47.47 -19.90 17.15
C PHE I 109 -46.65 -19.83 18.43
N GLU I 110 -45.43 -20.37 18.38
CA GLU I 110 -44.62 -20.56 19.57
C GLU I 110 -43.23 -20.01 19.35
N GLY I 111 -42.72 -19.36 20.36
CA GLY I 111 -41.32 -18.95 20.40
C GLY I 111 -40.69 -19.33 21.71
N ARG I 112 -39.42 -19.74 21.64
CA ARG I 112 -38.70 -20.18 22.83
C ARG I 112 -37.40 -19.42 22.94
N ALA I 113 -36.96 -19.20 24.16
CA ALA I 113 -35.68 -18.55 24.40
C ALA I 113 -34.55 -19.56 24.27
N SER I 114 -33.44 -19.12 23.68
CA SER I 114 -32.22 -19.90 23.63
C SER I 114 -31.23 -19.51 24.73
N ASN I 115 -31.64 -18.61 25.63
CA ASN I 115 -30.86 -18.24 26.81
C ASN I 115 -31.84 -18.10 27.97
N ILE I 116 -31.58 -18.82 29.07
CA ILE I 116 -32.56 -18.89 30.15
C ILE I 116 -32.89 -17.49 30.65
N ASN I 117 -31.88 -16.63 30.72
CA ASN I 117 -32.09 -15.27 31.22
C ASN I 117 -32.85 -14.38 30.23
N THR I 118 -33.11 -14.88 29.02
CA THR I 118 -33.67 -14.07 27.95
C THR I 118 -35.14 -14.37 27.74
N ARG I 119 -35.87 -13.36 27.31
CA ARG I 119 -37.30 -13.52 27.07
C ARG I 119 -37.55 -14.41 25.86
N ALA I 120 -38.60 -15.21 25.93
CA ALA I 120 -39.16 -15.85 24.75
C ALA I 120 -40.18 -14.90 24.15
N SER I 121 -40.38 -15.00 22.84
CA SER I 121 -41.31 -14.08 22.17
C SER I 121 -41.86 -14.73 20.91
N VAL I 122 -42.99 -14.20 20.47
CA VAL I 122 -43.57 -14.60 19.20
C VAL I 122 -44.73 -13.66 18.89
N GLY I 123 -45.22 -13.68 17.65
CA GLY I 123 -46.37 -12.88 17.29
C GLY I 123 -47.06 -13.47 16.09
N TYR I 124 -48.23 -12.93 15.78
CA TYR I 124 -48.99 -13.36 14.61
C TYR I 124 -49.71 -12.14 14.03
N ARG I 125 -49.93 -12.19 12.72
CA ARG I 125 -50.59 -11.13 11.98
C ARG I 125 -52.01 -11.59 11.63
N ILE I 126 -52.94 -10.65 11.62
CA ILE I 126 -54.34 -10.92 11.28
C ILE I 126 -54.57 -10.48 9.85
N PRO I 127 -55.04 -11.35 8.96
CA PRO I 127 -55.23 -10.93 7.56
C PRO I 127 -56.35 -9.91 7.43
N THR I 128 -56.28 -9.14 6.36
CA THR I 128 -57.27 -8.09 6.12
C THR I 128 -58.70 -8.62 6.19
N ASN I 129 -58.93 -9.83 5.68
CA ASN I 129 -60.27 -10.37 5.61
C ASN I 129 -60.78 -10.85 6.96
N LEU I 130 -59.96 -10.82 8.00
CA LEU I 130 -60.38 -11.16 9.35
C LEU I 130 -60.33 -9.98 10.31
N ARG I 131 -60.04 -8.78 9.80
CA ARG I 131 -59.87 -7.60 10.65
C ARG I 131 -61.19 -6.86 10.78
N GLN I 132 -62.10 -7.47 11.51
CA GLN I 132 -63.33 -6.81 11.91
C GLN I 132 -63.16 -6.23 13.31
N ASN I 133 -64.23 -5.63 13.82
CA ASN I 133 -64.17 -5.00 15.13
C ASN I 133 -64.36 -6.04 16.23
N THR I 134 -63.90 -5.68 17.43
CA THR I 134 -64.12 -6.46 18.64
C THR I 134 -64.39 -5.51 19.79
N VAL I 135 -65.20 -5.97 20.74
CA VAL I 135 -65.56 -5.17 21.91
C VAL I 135 -64.87 -5.75 23.14
N ALA I 136 -65.18 -5.21 24.33
CA ALA I 136 -64.44 -5.61 25.52
C ALA I 136 -64.76 -7.04 25.92
N ALA I 137 -65.96 -7.52 25.60
CA ALA I 137 -66.32 -8.89 25.97
C ALA I 137 -65.57 -9.93 25.13
N ASP I 138 -65.23 -9.61 23.89
CA ASP I 138 -64.57 -10.56 23.02
C ASP I 138 -63.16 -10.88 23.52
N ASN I 139 -62.54 -11.86 22.89
CA ASN I 139 -61.19 -12.28 23.23
C ASN I 139 -60.29 -12.22 22.01
N VAL I 140 -59.00 -11.99 22.27
CA VAL I 140 -58.01 -11.86 21.20
C VAL I 140 -57.42 -13.21 20.87
N CYS I 141 -56.84 -13.86 21.88
CA CYS I 141 -56.07 -15.07 21.65
C CYS I 141 -55.83 -15.77 22.98
N GLU I 142 -55.40 -17.03 22.89
CA GLU I 142 -54.98 -17.79 24.06
C GLU I 142 -53.47 -17.66 24.24
N VAL I 143 -53.02 -17.73 25.48
CA VAL I 143 -51.60 -17.58 25.80
C VAL I 143 -51.22 -18.70 26.76
N ARG I 144 -50.28 -19.54 26.32
CA ARG I 144 -49.66 -20.55 27.17
C ARG I 144 -48.19 -20.20 27.37
N SER I 145 -47.66 -20.51 28.55
CA SER I 145 -46.28 -20.20 28.86
C SER I 145 -45.88 -20.90 30.15
N ASN I 146 -44.59 -21.23 30.24
CA ASN I 146 -44.01 -21.72 31.48
C ASN I 146 -43.63 -20.59 32.44
N CYS I 147 -43.81 -19.33 32.03
CA CYS I 147 -43.59 -18.17 32.87
C CYS I 147 -44.94 -17.64 33.32
N ARG I 148 -44.97 -17.02 34.50
CA ARG I 148 -46.24 -16.70 35.15
C ARG I 148 -46.82 -15.37 34.69
N GLN I 149 -46.18 -14.68 33.75
CA GLN I 149 -46.69 -13.42 33.24
CA GLN I 149 -46.70 -13.43 33.23
C GLN I 149 -46.16 -13.22 31.82
N VAL I 150 -47.03 -12.74 30.93
CA VAL I 150 -46.69 -12.52 29.53
C VAL I 150 -46.94 -11.06 29.18
N ALA I 151 -46.02 -10.48 28.42
CA ALA I 151 -46.09 -9.08 28.01
C ALA I 151 -46.57 -9.02 26.57
N LEU I 152 -47.68 -8.31 26.34
CA LEU I 152 -48.27 -8.22 25.02
C LEU I 152 -48.16 -6.79 24.48
N VAL I 153 -47.99 -6.69 23.16
CA VAL I 153 -48.03 -5.42 22.45
C VAL I 153 -48.92 -5.65 21.23
N ILE I 154 -50.15 -5.16 21.30
CA ILE I 154 -51.15 -5.39 20.27
C ILE I 154 -51.27 -4.15 19.39
N SER I 155 -50.95 -4.31 18.10
CA SER I 155 -51.15 -3.24 17.12
C SER I 155 -52.60 -3.29 16.66
N CYS I 156 -53.33 -2.22 16.90
CA CYS I 156 -54.76 -2.21 16.66
C CYS I 156 -55.22 -0.82 16.26
N CYS I 157 -56.44 -0.76 15.71
CA CYS I 157 -57.04 0.47 15.22
C CYS I 157 -58.28 0.74 16.06
N PHE I 158 -58.21 1.72 16.95
CA PHE I 158 -59.35 2.08 17.78
C PHE I 158 -60.29 2.96 16.97
N ASN I 159 -61.57 2.58 16.96
CA ASN I 159 -62.59 3.32 16.22
C ASN I 159 -63.90 3.32 16.97
N ASN J 16 5.05 20.64 10.04
CA ASN J 16 5.00 21.91 10.76
C ASN J 16 6.37 22.30 11.31
N SER J 17 6.46 23.46 11.96
CA SER J 17 7.72 23.95 12.46
C SER J 17 8.01 23.38 13.85
N ASN J 18 9.27 23.50 14.26
CA ASN J 18 9.72 23.01 15.56
C ASN J 18 10.03 24.15 16.52
N VAL J 19 9.68 25.39 16.14
CA VAL J 19 10.02 26.55 16.94
C VAL J 19 8.83 27.51 16.97
N VAL J 20 8.87 28.42 17.94
CA VAL J 20 7.83 29.43 18.06
C VAL J 20 7.91 30.39 16.88
N THR J 21 6.75 30.72 16.34
CA THR J 21 6.63 31.64 15.22
C THR J 21 5.79 32.83 15.64
N MET J 22 6.00 33.95 14.95
CA MET J 22 5.27 35.17 15.26
CA MET J 22 5.28 35.17 15.25
C MET J 22 3.88 35.13 14.66
N ILE J 23 2.93 35.71 15.38
CA ILE J 23 1.55 35.89 14.93
C ILE J 23 1.36 37.38 14.69
N ARG J 24 1.06 37.76 13.46
CA ARG J 24 0.81 39.17 13.12
C ARG J 24 -0.62 39.50 13.56
N ALA J 25 -0.77 39.72 14.86
CA ALA J 25 -2.07 40.00 15.45
C ALA J 25 -2.54 41.40 15.08
N GLY J 26 -3.86 41.59 15.18
CA GLY J 26 -4.46 42.85 14.81
C GLY J 26 -5.17 43.53 15.95
N SER J 27 -6.38 44.04 15.69
CA SER J 27 -7.13 44.73 16.72
C SER J 27 -7.55 43.75 17.81
N TYR J 28 -7.83 44.28 18.99
CA TYR J 28 -8.29 43.46 20.09
C TYR J 28 -9.62 42.82 19.67
N PRO J 29 -9.74 41.49 19.69
CA PRO J 29 -10.94 40.84 19.16
C PRO J 29 -12.09 40.89 20.15
N LYS J 30 -13.25 40.44 19.69
CA LYS J 30 -14.34 40.16 20.59
C LYS J 30 -13.95 38.99 21.47
N VAL J 31 -14.39 39.02 22.73
CA VAL J 31 -14.00 38.00 23.69
C VAL J 31 -15.18 37.67 24.60
N ASN J 32 -15.08 36.52 25.28
CA ASN J 32 -16.12 36.05 26.17
C ASN J 32 -15.45 35.12 27.17
N PRO J 33 -15.21 35.59 28.39
CA PRO J 33 -14.57 34.71 29.38
C PRO J 33 -15.45 33.57 29.85
N THR J 34 -16.77 33.64 29.65
CA THR J 34 -17.70 32.66 30.19
C THR J 34 -18.59 32.14 29.07
N PRO J 35 -18.05 31.29 28.20
CA PRO J 35 -18.81 30.82 27.05
C PRO J 35 -19.83 29.75 27.44
N THR J 36 -20.60 29.33 26.46
CA THR J 36 -21.55 28.24 26.62
C THR J 36 -20.84 26.89 26.44
N TRP J 37 -21.57 25.81 26.69
CA TRP J 37 -20.95 24.48 26.62
C TRP J 37 -22.01 23.42 26.35
N VAL J 38 -21.87 22.71 25.25
CA VAL J 38 -22.72 21.57 24.93
C VAL J 38 -22.11 20.32 25.54
N ARG J 39 -22.92 19.57 26.29
CA ARG J 39 -22.40 18.52 27.14
C ARG J 39 -23.33 17.32 27.13
N ALA J 40 -22.83 16.20 27.63
CA ALA J 40 -23.61 15.01 27.97
C ALA J 40 -23.28 14.66 29.42
N ILE J 41 -24.17 14.99 30.35
CA ILE J 41 -23.91 14.93 31.77
C ILE J 41 -24.37 13.56 32.28
N PRO J 42 -23.50 12.75 32.89
CA PRO J 42 -23.95 11.47 33.45
C PRO J 42 -24.10 11.50 34.97
N PHE J 43 -25.25 11.07 35.47
CA PHE J 43 -25.49 11.10 36.91
C PHE J 43 -26.64 10.14 37.23
N GLU J 44 -26.59 9.59 38.44
CA GLU J 44 -27.56 8.60 38.88
C GLU J 44 -28.59 9.23 39.82
N VAL J 45 -29.74 8.56 39.93
CA VAL J 45 -30.77 8.94 40.88
C VAL J 45 -31.30 7.67 41.54
N SER J 46 -31.85 7.84 42.74
CA SER J 46 -32.40 6.74 43.51
C SER J 46 -33.93 6.72 43.37
N VAL J 47 -34.47 5.55 43.07
CA VAL J 47 -35.90 5.40 42.79
C VAL J 47 -36.50 4.37 43.74
N GLN J 48 -37.72 4.65 44.19
CA GLN J 48 -38.48 3.74 45.03
C GLN J 48 -39.47 2.94 44.20
N SER J 49 -39.98 1.86 44.79
CA SER J 49 -40.89 0.97 44.09
C SER J 49 -42.26 1.62 43.98
N GLY J 50 -42.73 1.79 42.75
CA GLY J 50 -44.06 2.33 42.54
C GLY J 50 -44.19 3.82 42.77
N ILE J 51 -43.09 4.52 43.03
CA ILE J 51 -43.11 5.95 43.27
C ILE J 51 -42.24 6.62 42.23
N ALA J 52 -42.77 7.68 41.61
CA ALA J 52 -42.03 8.42 40.60
C ALA J 52 -41.10 9.43 41.25
N PHE J 53 -39.85 9.46 40.80
CA PHE J 53 -38.86 10.43 41.26
C PHE J 53 -38.71 11.55 40.24
N LYS J 54 -38.85 12.79 40.72
CA LYS J 54 -38.63 13.96 39.87
C LYS J 54 -37.13 14.26 39.82
N VAL J 55 -36.59 14.36 38.62
CA VAL J 55 -35.15 14.57 38.43
C VAL J 55 -34.88 16.07 38.50
N PRO J 56 -34.14 16.56 39.49
CA PRO J 56 -33.93 18.00 39.60
C PRO J 56 -32.85 18.46 38.62
N VAL J 57 -33.17 19.50 37.85
CA VAL J 57 -32.19 20.11 36.96
C VAL J 57 -30.93 20.48 37.72
N GLY J 58 -31.08 20.91 38.97
CA GLY J 58 -29.94 21.28 39.79
C GLY J 58 -28.85 20.22 39.82
N SER J 59 -29.22 18.98 39.51
CA SER J 59 -28.22 17.92 39.42
C SER J 59 -27.22 18.17 38.32
N LEU J 60 -27.57 19.00 37.32
CA LEU J 60 -26.67 19.25 36.22
C LEU J 60 -25.60 20.30 36.52
N PHE J 61 -25.84 21.17 37.50
CA PHE J 61 -24.87 22.19 37.89
C PHE J 61 -24.05 21.62 39.04
N SER J 62 -22.77 21.34 38.77
CA SER J 62 -21.90 20.77 39.79
C SER J 62 -20.46 20.87 39.35
N ALA J 63 -19.58 21.00 40.34
CA ALA J 63 -18.14 20.97 40.06
C ALA J 63 -17.73 19.61 39.53
N ASN J 64 -18.48 18.56 39.87
CA ASN J 64 -18.18 17.23 39.33
C ASN J 64 -18.28 17.21 37.80
N PHE J 65 -18.99 18.16 37.22
CA PHE J 65 -19.17 18.25 35.78
C PHE J 65 -18.51 19.48 35.18
N ARG J 66 -17.79 20.25 35.99
CA ARG J 66 -17.21 21.52 35.58
C ARG J 66 -18.27 22.56 35.26
N THR J 67 -19.49 22.39 35.77
CA THR J 67 -20.63 23.21 35.40
C THR J 67 -21.12 24.09 36.54
N ASP J 68 -20.43 24.13 37.67
CA ASP J 68 -20.91 24.91 38.82
C ASP J 68 -20.87 26.42 38.57
N SER J 69 -20.34 26.86 37.42
CA SER J 69 -20.38 28.27 37.06
C SER J 69 -21.64 28.63 36.28
N PHE J 70 -22.45 27.65 35.91
CA PHE J 70 -23.69 27.89 35.20
C PHE J 70 -24.86 27.85 36.18
N THR J 71 -25.89 28.67 35.87
CA THR J 71 -27.14 28.63 36.62
C THR J 71 -28.31 28.19 35.77
N SER J 72 -28.16 28.24 34.44
CA SER J 72 -29.21 27.87 33.50
C SER J 72 -28.67 26.86 32.50
N VAL J 73 -29.57 26.09 31.91
CA VAL J 73 -29.19 25.08 30.93
C VAL J 73 -30.39 24.79 30.06
N THR J 74 -30.14 24.41 28.80
CA THR J 74 -31.16 24.02 27.85
C THR J 74 -31.03 22.52 27.61
N VAL J 75 -32.05 21.76 28.03
CA VAL J 75 -32.03 20.30 27.87
C VAL J 75 -32.53 19.97 26.48
N MET J 76 -31.79 19.09 25.79
CA MET J 76 -32.14 18.65 24.44
C MET J 76 -32.71 17.24 24.39
N SER J 77 -32.08 16.30 25.09
CA SER J 77 -32.57 14.92 25.13
C SER J 77 -32.20 14.31 26.47
N VAL J 78 -32.97 13.31 26.87
CA VAL J 78 -32.81 12.62 28.14
C VAL J 78 -32.78 11.12 27.88
N ARG J 79 -31.70 10.47 28.27
CA ARG J 79 -31.57 9.02 28.19
C ARG J 79 -31.42 8.48 29.60
N ALA J 80 -31.99 7.30 29.85
CA ALA J 80 -31.96 6.72 31.18
C ALA J 80 -31.69 5.22 31.10
N TRP J 81 -30.89 4.72 32.04
CA TRP J 81 -30.60 3.31 32.17
C TRP J 81 -30.80 2.88 33.63
N THR J 82 -31.20 1.63 33.82
CA THR J 82 -31.25 1.07 35.17
C THR J 82 -29.83 0.76 35.65
N GLN J 83 -29.55 1.12 36.90
CA GLN J 83 -28.19 1.06 37.44
C GLN J 83 -27.95 -0.13 38.36
N LEU J 84 -29.00 -0.77 38.84
CA LEU J 84 -28.87 -1.92 39.72
C LEU J 84 -29.78 -3.05 39.23
N THR J 85 -29.53 -4.24 39.76
CA THR J 85 -30.32 -5.39 39.34
C THR J 85 -31.79 -5.20 39.73
N PRO J 86 -32.70 -5.85 39.01
CA PRO J 86 -34.12 -5.74 39.36
C PRO J 86 -34.50 -6.73 40.45
N PRO J 87 -35.75 -6.70 40.90
CA PRO J 87 -36.20 -7.71 41.86
C PRO J 87 -36.13 -9.10 41.26
N VAL J 88 -36.18 -10.11 42.14
CA VAL J 88 -36.07 -11.49 41.70
C VAL J 88 -37.24 -11.85 40.76
N ASN J 89 -36.94 -12.68 39.78
CA ASN J 89 -37.87 -13.20 38.77
C ASN J 89 -38.32 -12.14 37.78
N GLU J 90 -37.87 -10.89 37.90
CA GLU J 90 -38.35 -9.79 37.06
C GLU J 90 -37.30 -9.39 36.04
N TYR J 91 -37.76 -8.65 35.04
CA TYR J 91 -36.89 -7.99 34.06
C TYR J 91 -36.89 -6.50 34.34
N SER J 92 -35.73 -5.87 34.14
CA SER J 92 -35.60 -4.44 34.40
C SER J 92 -36.52 -3.61 33.50
N PHE J 93 -37.00 -2.48 34.03
CA PHE J 93 -37.71 -1.51 33.22
C PHE J 93 -37.42 -0.12 33.78
N VAL J 94 -37.61 0.90 32.92
CA VAL J 94 -37.41 2.29 33.32
C VAL J 94 -38.35 3.15 32.47
N ARG J 95 -38.90 4.20 33.08
CA ARG J 95 -39.92 5.01 32.46
C ARG J 95 -39.60 6.48 32.65
N LEU J 96 -39.95 7.30 31.65
CA LEU J 96 -39.63 8.72 31.64
C LEU J 96 -40.85 9.53 31.23
N LYS J 97 -41.27 10.43 32.10
CA LYS J 97 -42.36 11.36 31.82
C LYS J 97 -41.82 12.77 31.73
N PRO J 98 -41.76 13.38 30.54
CA PRO J 98 -41.18 14.73 30.44
C PRO J 98 -41.97 15.74 31.27
N LEU J 99 -41.25 16.58 31.99
CA LEU J 99 -41.83 17.68 32.74
C LEU J 99 -41.38 19.00 32.12
N PHE J 100 -42.31 19.94 32.01
CA PHE J 100 -42.02 21.26 31.47
C PHE J 100 -42.73 22.31 32.32
N LYS J 101 -42.04 23.44 32.53
CA LYS J 101 -42.63 24.51 33.33
CA LYS J 101 -42.62 24.53 33.31
C LYS J 101 -43.91 25.03 32.69
N THR J 102 -43.97 25.04 31.36
CA THR J 102 -45.16 25.52 30.67
C THR J 102 -46.28 24.49 30.67
N GLY J 103 -46.00 23.26 31.10
CA GLY J 103 -47.01 22.23 31.14
C GLY J 103 -46.44 20.84 31.12
N ASP J 104 -46.63 20.10 32.22
CA ASP J 104 -46.13 18.73 32.27
C ASP J 104 -46.74 17.89 31.15
N SER J 105 -46.03 16.83 30.77
CA SER J 105 -46.52 15.85 29.82
C SER J 105 -47.08 14.65 30.57
N THR J 106 -47.84 13.84 29.85
CA THR J 106 -48.36 12.59 30.39
C THR J 106 -47.80 11.36 29.67
N GLU J 107 -46.78 11.54 28.83
CA GLU J 107 -46.15 10.41 28.18
C GLU J 107 -45.37 9.61 29.20
N GLU J 108 -45.26 8.30 28.95
N GLU J 108 -45.20 8.31 28.90
CA GLU J 108 -44.52 7.39 29.81
CA GLU J 108 -44.54 7.36 29.79
C GLU J 108 -43.58 6.55 28.94
C GLU J 108 -43.56 6.54 28.94
N PHE J 109 -42.52 7.19 28.44
CA PHE J 109 -41.54 6.52 27.59
C PHE J 109 -40.87 5.41 28.39
N GLU J 110 -41.03 4.17 27.94
CA GLU J 110 -40.63 2.99 28.70
C GLU J 110 -39.80 2.06 27.85
N GLY J 111 -38.74 1.57 28.45
CA GLY J 111 -37.94 0.51 27.85
C GLY J 111 -37.67 -0.57 28.87
N ARG J 112 -37.70 -1.82 28.40
CA ARG J 112 -37.53 -2.97 29.26
C ARG J 112 -36.39 -3.84 28.76
N ALA J 113 -35.86 -4.65 29.64
CA ALA J 113 -34.79 -5.57 29.30
C ALA J 113 -35.40 -6.88 28.81
N SER J 114 -34.76 -7.50 27.83
CA SER J 114 -35.07 -8.86 27.42
C SER J 114 -34.11 -9.88 28.03
N ASN J 115 -33.21 -9.44 28.92
CA ASN J 115 -32.31 -10.32 29.65
C ASN J 115 -32.23 -9.77 31.06
N ILE J 116 -32.55 -10.61 32.06
CA ILE J 116 -32.61 -10.12 33.43
C ILE J 116 -31.29 -9.47 33.83
N ASN J 117 -30.18 -10.04 33.36
CA ASN J 117 -28.87 -9.51 33.70
C ASN J 117 -28.53 -8.21 32.99
N THR J 118 -29.41 -7.69 32.15
CA THR J 118 -29.10 -6.54 31.30
C THR J 118 -29.90 -5.32 31.73
N ARG J 119 -29.31 -4.16 31.50
CA ARG J 119 -29.98 -2.91 31.80
C ARG J 119 -31.20 -2.72 30.90
N ALA J 120 -32.18 -1.97 31.40
CA ALA J 120 -33.26 -1.44 30.60
C ALA J 120 -32.96 0.02 30.30
N SER J 121 -33.38 0.47 29.12
CA SER J 121 -33.05 1.82 28.70
C SER J 121 -34.18 2.41 27.87
N VAL J 122 -34.31 3.75 27.95
CA VAL J 122 -35.21 4.49 27.07
C VAL J 122 -34.82 5.96 27.17
N GLY J 123 -35.22 6.74 26.17
CA GLY J 123 -34.93 8.16 26.18
C GLY J 123 -36.00 8.91 25.42
N TYR J 124 -35.94 10.23 25.50
CA TYR J 124 -36.86 11.08 24.76
C TYR J 124 -36.12 12.34 24.33
N ARG J 125 -36.53 12.87 23.19
CA ARG J 125 -35.99 14.09 22.62
C ARG J 125 -36.96 15.24 22.88
N ILE J 126 -36.42 16.42 23.11
CA ILE J 126 -37.19 17.64 23.32
C ILE J 126 -37.24 18.43 22.01
N PRO J 127 -38.42 18.78 21.50
CA PRO J 127 -38.47 19.53 20.24
C PRO J 127 -37.97 20.95 20.42
N THR J 128 -37.47 21.53 19.33
CA THR J 128 -36.85 22.85 19.40
C THR J 128 -37.76 23.87 20.06
N ASN J 129 -39.06 23.77 19.82
CA ASN J 129 -39.99 24.77 20.36
C ASN J 129 -40.13 24.69 21.88
N LEU J 130 -39.67 23.61 22.50
CA LEU J 130 -39.74 23.46 23.94
C LEU J 130 -38.36 23.51 24.59
N ARG J 131 -37.33 23.88 23.85
CA ARG J 131 -35.97 23.98 24.39
C ARG J 131 -35.75 25.40 24.90
N GLN J 132 -36.26 25.67 26.09
CA GLN J 132 -35.98 26.89 26.83
C GLN J 132 -35.10 26.57 28.04
N ASN J 133 -34.52 27.61 28.61
CA ASN J 133 -33.61 27.41 29.73
C ASN J 133 -34.32 26.80 30.93
N THR J 134 -33.51 26.28 31.86
CA THR J 134 -34.02 25.64 33.07
C THR J 134 -33.00 25.80 34.17
N VAL J 135 -33.48 25.98 35.41
CA VAL J 135 -32.61 26.26 36.55
C VAL J 135 -32.73 25.14 37.58
N ALA J 136 -32.00 25.28 38.70
CA ALA J 136 -31.85 24.17 39.62
C ALA J 136 -33.17 23.79 40.27
N ALA J 137 -33.98 24.79 40.61
CA ALA J 137 -35.26 24.50 41.25
C ALA J 137 -36.19 23.69 40.36
N ASP J 138 -35.95 23.69 39.04
CA ASP J 138 -36.86 23.05 38.10
C ASP J 138 -36.57 21.55 38.02
N ASN J 139 -37.48 20.83 37.36
CA ASN J 139 -37.38 19.39 37.21
C ASN J 139 -37.46 19.01 35.74
N VAL J 140 -36.73 17.95 35.38
CA VAL J 140 -36.62 17.51 34.00
C VAL J 140 -37.74 16.55 33.62
N CYS J 141 -38.02 15.57 34.48
CA CYS J 141 -38.91 14.47 34.12
C CYS J 141 -39.08 13.59 35.35
N GLU J 142 -40.14 12.79 35.34
CA GLU J 142 -40.36 11.79 36.37
C GLU J 142 -39.75 10.47 35.93
N VAL J 143 -39.11 9.77 36.87
CA VAL J 143 -38.52 8.47 36.58
C VAL J 143 -39.22 7.42 37.42
N ARG J 144 -39.48 6.27 36.80
CA ARG J 144 -39.98 5.10 37.49
C ARG J 144 -39.11 3.91 37.11
N SER J 145 -39.09 2.89 37.97
CA SER J 145 -38.31 1.70 37.68
C SER J 145 -38.50 0.65 38.77
N ASN J 146 -38.40 -0.61 38.41
CA ASN J 146 -38.30 -1.68 39.39
C ASN J 146 -36.91 -1.77 40.01
N CYS J 147 -35.93 -1.09 39.42
CA CYS J 147 -34.58 -1.04 39.98
C CYS J 147 -34.44 0.20 40.86
N ARG J 148 -33.59 0.08 41.88
CA ARG J 148 -33.50 1.10 42.91
C ARG J 148 -32.66 2.31 42.49
N GLN J 149 -31.88 2.19 41.43
CA GLN J 149 -31.13 3.33 40.90
C GLN J 149 -31.23 3.38 39.39
N VAL J 150 -31.23 4.60 38.86
CA VAL J 150 -31.31 4.85 37.43
C VAL J 150 -30.17 5.77 37.05
N ALA J 151 -29.43 5.41 36.00
CA ALA J 151 -28.36 6.23 35.46
C ALA J 151 -28.89 7.04 34.29
N LEU J 152 -28.63 8.36 34.31
CA LEU J 152 -29.12 9.25 33.27
C LEU J 152 -27.94 9.94 32.58
N VAL J 153 -28.03 10.02 31.25
CA VAL J 153 -27.11 10.80 30.44
C VAL J 153 -27.96 11.84 29.72
N ILE J 154 -27.88 13.09 30.16
CA ILE J 154 -28.71 14.17 29.64
C ILE J 154 -27.85 15.03 28.71
N SER J 155 -28.29 15.20 27.47
CA SER J 155 -27.59 16.03 26.50
C SER J 155 -28.19 17.43 26.53
N CYS J 156 -27.39 18.40 26.96
CA CYS J 156 -27.91 19.73 27.26
C CYS J 156 -26.86 20.77 26.91
N CYS J 157 -27.32 22.02 26.81
CA CYS J 157 -26.47 23.15 26.40
C CYS J 157 -26.43 24.12 27.57
N PHE J 158 -25.27 24.21 28.22
CA PHE J 158 -25.12 25.13 29.35
C PHE J 158 -24.85 26.54 28.83
N ASN J 159 -25.49 27.52 29.47
CA ASN J 159 -25.36 28.90 29.04
C ASN J 159 -25.54 29.82 30.24
N ASP K 15 -36.96 16.88 13.15
CA ASP K 15 -36.34 18.19 13.01
C ASP K 15 -37.38 19.31 12.98
N ASN K 16 -38.51 19.06 12.33
CA ASN K 16 -39.65 19.97 12.35
C ASN K 16 -40.75 19.49 13.28
N SER K 17 -40.42 18.63 14.24
CA SER K 17 -41.41 18.14 15.19
C SER K 17 -41.76 19.23 16.21
N ASN K 18 -42.88 19.01 16.89
CA ASN K 18 -43.37 19.97 17.87
C ASN K 18 -43.56 19.37 19.25
N VAL K 19 -43.38 18.06 19.41
CA VAL K 19 -43.59 17.38 20.68
C VAL K 19 -42.43 16.45 20.98
N VAL K 20 -42.42 15.93 22.20
CA VAL K 20 -41.38 14.98 22.60
C VAL K 20 -41.54 13.70 21.82
N THR K 21 -40.41 13.07 21.47
CA THR K 21 -40.39 11.82 20.73
C THR K 21 -39.49 10.83 21.44
N MET K 22 -39.81 9.54 21.31
CA MET K 22 -39.02 8.51 21.98
C MET K 22 -37.69 8.33 21.28
N ILE K 23 -36.66 8.09 22.07
CA ILE K 23 -35.33 7.71 21.60
C ILE K 23 -35.12 6.25 21.95
N ARG K 24 -34.80 5.43 20.94
CA ARG K 24 -34.58 4.01 21.16
C ARG K 24 -33.12 3.77 21.54
N ALA K 25 -32.79 4.24 22.75
CA ALA K 25 -31.43 4.12 23.26
C ALA K 25 -31.04 2.65 23.41
N GLY K 26 -29.73 2.43 23.47
CA GLY K 26 -29.20 1.08 23.56
C GLY K 26 -28.35 0.85 24.79
N SER K 27 -27.13 0.33 24.57
CA SER K 27 -26.23 0.07 25.68
C SER K 27 -25.83 1.38 26.36
N TYR K 28 -25.34 1.26 27.59
CA TYR K 28 -24.86 2.43 28.31
C TYR K 28 -23.58 2.94 27.65
N PRO K 29 -23.53 4.18 27.17
CA PRO K 29 -22.36 4.63 26.41
C PRO K 29 -21.16 4.85 27.30
N LYS K 30 -20.03 5.12 26.65
CA LYS K 30 -18.85 5.60 27.34
C LYS K 30 -19.07 7.07 27.68
N VAL K 31 -18.78 7.45 28.92
CA VAL K 31 -19.10 8.78 29.42
C VAL K 31 -17.84 9.39 30.02
N ASN K 32 -17.94 10.67 30.38
CA ASN K 32 -16.83 11.40 30.98
C ASN K 32 -17.36 12.70 31.57
N PRO K 33 -17.55 12.76 32.88
CA PRO K 33 -18.15 13.96 33.48
C PRO K 33 -17.22 15.16 33.50
N THR K 34 -15.94 14.99 33.19
CA THR K 34 -14.95 16.06 33.27
C THR K 34 -14.14 16.12 31.98
N PRO K 35 -14.77 16.50 30.87
CA PRO K 35 -14.08 16.50 29.59
C PRO K 35 -13.11 17.68 29.46
N THR K 36 -12.35 17.64 28.38
CA THR K 36 -11.44 18.73 28.04
C THR K 36 -12.22 19.89 27.45
N TRP K 37 -11.52 20.98 27.13
CA TRP K 37 -12.18 22.19 26.64
C TRP K 37 -11.15 23.10 25.99
N VAL K 38 -11.37 23.43 24.72
CA VAL K 38 -10.51 24.37 23.99
C VAL K 38 -11.09 25.76 24.17
N ARG K 39 -10.26 26.68 24.66
CA ARG K 39 -10.72 28.01 25.05
C ARG K 39 -9.81 29.09 24.50
N ALA K 40 -10.32 30.32 24.49
CA ALA K 40 -9.55 31.53 24.25
C ALA K 40 -9.81 32.43 25.45
N ILE K 41 -8.84 32.52 26.36
CA ILE K 41 -9.05 33.09 27.69
C ILE K 41 -8.59 34.54 27.69
N PRO K 42 -9.46 35.52 27.94
CA PRO K 42 -9.01 36.90 28.02
C PRO K 42 -8.76 37.33 29.45
N PHE K 43 -7.62 37.96 29.70
CA PHE K 43 -7.31 38.50 31.02
C PHE K 43 -6.19 39.52 30.86
N GLU K 44 -5.92 40.25 31.95
CA GLU K 44 -4.96 41.33 31.92
C GLU K 44 -3.88 41.12 32.97
N VAL K 45 -2.77 41.83 32.79
CA VAL K 45 -1.64 41.76 33.71
C VAL K 45 -1.00 43.14 33.81
N SER K 46 -0.49 43.47 34.99
CA SER K 46 0.18 44.74 35.23
C SER K 46 1.64 44.61 34.83
N VAL K 47 2.19 45.70 34.27
N VAL K 47 2.19 45.69 34.28
CA VAL K 47 3.57 45.74 33.78
CA VAL K 47 3.58 45.69 33.83
C VAL K 47 4.21 47.02 34.26
C VAL K 47 4.23 47.01 34.22
N GLN K 48 5.48 46.93 34.66
CA GLN K 48 6.25 48.09 35.09
C GLN K 48 7.25 48.44 33.99
N SER K 49 7.52 49.74 33.84
CA SER K 49 8.39 50.20 32.76
C SER K 49 9.78 49.61 32.94
N GLY K 50 10.37 49.18 31.82
CA GLY K 50 11.70 48.63 31.83
C GLY K 50 11.86 47.29 32.49
N ILE K 51 10.80 46.73 33.05
CA ILE K 51 10.86 45.46 33.77
C ILE K 51 10.01 44.45 33.02
N ALA K 52 10.50 43.21 32.97
CA ALA K 52 9.75 42.11 32.38
C ALA K 52 8.85 41.48 33.44
N PHE K 53 7.65 41.09 33.04
CA PHE K 53 6.67 40.47 33.92
C PHE K 53 6.38 39.06 33.46
N LYS K 54 6.57 38.09 34.35
CA LYS K 54 6.31 36.68 34.01
C LYS K 54 4.82 36.40 34.19
N VAL K 55 4.16 36.01 33.11
CA VAL K 55 2.74 35.68 33.16
C VAL K 55 2.58 34.30 33.83
N PRO K 56 1.75 34.19 34.87
CA PRO K 56 1.54 32.86 35.46
C PRO K 56 0.41 32.08 34.79
N VAL K 57 0.67 30.79 34.57
CA VAL K 57 -0.35 29.91 34.05
C VAL K 57 -1.57 29.91 34.96
N GLY K 58 -1.35 30.00 36.27
CA GLY K 58 -2.43 29.99 37.23
C GLY K 58 -3.53 30.99 36.94
N SER K 59 -3.19 32.06 36.22
CA SER K 59 -4.21 33.02 35.82
C SER K 59 -5.25 32.43 34.88
N LEU K 60 -4.99 31.23 34.35
CA LEU K 60 -5.94 30.58 33.46
C LEU K 60 -6.97 29.72 34.19
N PHE K 61 -6.71 29.36 35.45
CA PHE K 61 -7.62 28.54 36.24
C PHE K 61 -8.42 29.46 37.18
N SER K 62 -9.69 29.67 36.85
CA SER K 62 -10.54 30.56 37.62
C SER K 62 -12.00 30.31 37.27
N ALA K 63 -12.88 30.56 38.23
CA ALA K 63 -14.31 30.52 37.96
C ALA K 63 -14.78 31.70 37.11
N ASN K 64 -13.95 32.73 36.95
CA ASN K 64 -14.26 33.78 35.97
C ASN K 64 -14.15 33.26 34.53
N PHE K 65 -13.52 32.10 34.34
CA PHE K 65 -13.41 31.48 33.03
C PHE K 65 -14.05 30.11 32.97
N ARG K 66 -14.70 29.66 34.06
CA ARG K 66 -15.30 28.34 34.14
C ARG K 66 -14.25 27.23 34.16
N THR K 67 -13.07 27.54 34.68
CA THR K 67 -11.94 26.63 34.59
C THR K 67 -11.30 26.31 35.94
N ASP K 68 -11.94 26.69 37.05
N ASP K 68 -11.95 26.68 37.04
CA ASP K 68 -11.36 26.40 38.36
CA ASP K 68 -11.39 26.41 38.37
C ASP K 68 -11.31 24.92 38.67
C ASP K 68 -11.30 24.92 38.67
N SER K 69 -11.93 24.07 37.85
CA SER K 69 -11.88 22.63 38.05
C SER K 69 -10.70 21.98 37.34
N PHE K 70 -9.99 22.73 36.49
CA PHE K 70 -8.82 22.20 35.80
C PHE K 70 -7.57 22.53 36.62
N THR K 71 -6.55 21.67 36.47
CA THR K 71 -5.25 21.91 37.08
C THR K 71 -4.12 21.86 36.06
N SER K 72 -4.41 21.59 34.80
CA SER K 72 -3.43 21.57 33.75
C SER K 72 -4.02 22.21 32.50
N VAL K 73 -3.14 22.67 31.61
CA VAL K 73 -3.57 23.33 30.38
C VAL K 73 -2.43 23.24 29.37
N THR K 74 -2.77 22.98 28.13
CA THR K 74 -1.80 22.91 27.04
C THR K 74 -1.96 24.17 26.21
N VAL K 75 -1.04 25.13 26.38
CA VAL K 75 -1.12 26.39 25.67
C VAL K 75 -0.74 26.19 24.22
N MET K 76 -1.45 26.87 23.31
CA MET K 76 -1.23 26.77 21.88
C MET K 76 -0.67 28.04 21.27
N SER K 77 -1.23 29.19 21.60
CA SER K 77 -0.75 30.46 21.09
C SER K 77 -1.04 31.54 22.13
N VAL K 78 -0.28 32.63 22.05
CA VAL K 78 -0.42 33.74 22.97
C VAL K 78 -0.48 35.03 22.15
N ARG K 79 -1.46 35.87 22.47
CA ARG K 79 -1.62 37.17 21.85
CA ARG K 79 -1.61 37.17 21.85
C ARG K 79 -1.70 38.23 22.94
N ALA K 80 -1.17 39.41 22.65
CA ALA K 80 -1.14 40.49 23.63
C ALA K 80 -1.52 41.82 22.98
N TRP K 81 -2.15 42.67 23.79
CA TRP K 81 -2.52 44.02 23.39
C TRP K 81 -2.25 44.94 24.57
N THR K 82 -1.69 46.12 24.29
CA THR K 82 -1.54 47.11 25.35
C THR K 82 -2.93 47.55 25.81
N GLN K 83 -3.14 47.59 27.12
CA GLN K 83 -4.46 47.84 27.68
C GLN K 83 -4.64 49.27 28.18
N LEU K 84 -3.57 50.04 28.31
CA LEU K 84 -3.65 51.43 28.73
C LEU K 84 -2.80 52.30 27.80
N THR K 85 -3.02 53.61 27.88
CA THR K 85 -2.33 54.53 26.98
C THR K 85 -0.83 54.53 27.26
N PRO K 86 -0.02 54.82 26.24
CA PRO K 86 1.43 54.84 26.43
C PRO K 86 1.88 56.14 27.06
N PRO K 87 3.18 56.29 27.33
CA PRO K 87 3.69 57.57 27.81
C PRO K 87 3.48 58.69 26.80
N VAL K 88 3.60 59.93 27.28
CA VAL K 88 3.51 61.07 26.40
C VAL K 88 4.62 60.99 25.36
N ASN K 89 4.29 61.35 24.13
CA ASN K 89 5.19 61.45 22.99
C ASN K 89 5.57 60.11 22.41
N GLU K 90 5.12 58.99 22.97
CA GLU K 90 5.53 57.67 22.50
C GLU K 90 4.35 56.93 21.89
N TYR K 91 4.68 55.95 21.04
CA TYR K 91 3.74 54.99 20.52
C TYR K 91 3.81 53.71 21.34
N SER K 92 2.66 53.06 21.55
CA SER K 92 2.63 51.85 22.36
C SER K 92 3.49 50.77 21.75
N PHE K 93 4.06 49.93 22.60
CA PHE K 93 4.76 48.73 22.15
C PHE K 93 4.55 47.63 23.18
N VAL K 94 4.75 46.39 22.75
CA VAL K 94 4.59 45.23 23.62
C VAL K 94 5.43 44.10 23.05
N ARG K 95 6.13 43.39 23.94
CA ARG K 95 7.03 42.31 23.56
C ARG K 95 6.63 41.05 24.29
N LEU K 96 6.97 39.91 23.70
CA LEU K 96 6.68 38.60 24.29
C LEU K 96 7.90 37.70 24.12
N LYS K 97 8.42 37.18 25.25
CA LYS K 97 9.46 36.17 25.22
C LYS K 97 8.87 34.84 25.69
N PRO K 98 8.68 33.87 24.81
CA PRO K 98 8.13 32.58 25.26
C PRO K 98 9.00 31.92 26.32
N LEU K 99 8.34 31.28 27.28
CA LEU K 99 9.01 30.54 28.34
C LEU K 99 8.56 29.07 28.30
N PHE K 100 9.52 28.16 28.43
CA PHE K 100 9.24 26.74 28.42
C PHE K 100 9.97 26.08 29.58
N LYS K 101 9.32 25.09 30.21
CA LYS K 101 9.96 24.38 31.30
C LYS K 101 11.21 23.64 30.84
N THR K 102 11.22 23.13 29.61
CA THR K 102 12.37 22.42 29.06
C THR K 102 13.49 23.36 28.61
N GLY K 103 13.28 24.66 28.67
CA GLY K 103 14.28 25.61 28.21
C GLY K 103 13.66 26.88 27.68
N ASP K 104 13.92 28.00 28.34
CA ASP K 104 13.32 29.27 27.94
C ASP K 104 13.90 29.72 26.60
N SER K 105 13.11 30.51 25.88
CA SER K 105 13.52 31.08 24.60
C SER K 105 13.98 32.53 24.78
N THR K 106 14.70 33.01 23.78
CA THR K 106 15.23 34.37 23.77
C THR K 106 14.58 35.25 22.71
N GLU K 107 13.58 34.74 22.01
CA GLU K 107 12.85 35.56 21.05
C GLU K 107 12.11 36.69 21.78
N GLU K 108 12.06 37.87 21.16
CA GLU K 108 11.32 39.00 21.71
C GLU K 108 10.37 39.55 20.65
N PHE K 109 9.39 38.72 20.27
CA PHE K 109 8.35 39.14 19.32
C PHE K 109 7.76 40.46 19.77
N GLU K 110 7.90 41.49 18.94
CA GLU K 110 7.53 42.84 19.33
C GLU K 110 6.59 43.42 18.30
N GLY K 111 5.54 44.08 18.78
CA GLY K 111 4.68 44.88 17.93
C GLY K 111 4.56 46.29 18.48
N ARG K 112 4.39 47.24 17.58
CA ARG K 112 4.26 48.64 17.97
C ARG K 112 3.04 49.22 17.29
N ALA K 113 2.49 50.26 17.91
CA ALA K 113 1.36 50.99 17.36
C ALA K 113 1.88 52.08 16.42
N SER K 114 1.21 52.23 15.28
CA SER K 114 1.52 53.33 14.37
C SER K 114 0.69 54.57 14.65
N ASN K 115 -0.28 54.49 15.57
CA ASN K 115 -1.06 55.63 16.02
C ASN K 115 -1.06 55.61 17.55
N ILE K 116 -0.65 56.72 18.15
CA ILE K 116 -0.48 56.75 19.61
C ILE K 116 -1.77 56.37 20.31
N ASN K 117 -2.91 56.67 19.69
CA ASN K 117 -4.20 56.36 20.31
C ASN K 117 -4.58 54.91 20.17
N THR K 118 -3.75 54.08 19.52
CA THR K 118 -4.08 52.71 19.18
C THR K 118 -3.20 51.74 19.94
N ARG K 119 -3.77 50.57 20.22
CA ARG K 119 -3.05 49.52 20.92
C ARG K 119 -1.91 48.98 20.06
N ALA K 120 -0.89 48.44 20.73
CA ALA K 120 0.17 47.68 20.09
C ALA K 120 -0.09 46.22 20.36
N SER K 121 0.03 45.38 19.33
CA SER K 121 -0.31 43.97 19.46
C SER K 121 0.79 43.11 18.88
N VAL K 122 0.84 41.87 19.37
CA VAL K 122 1.76 40.86 18.84
C VAL K 122 1.41 39.53 19.49
N GLY K 123 1.71 38.43 18.81
CA GLY K 123 1.52 37.13 19.40
C GLY K 123 2.53 36.14 18.85
N TYR K 124 2.55 34.95 19.44
CA TYR K 124 3.40 33.87 18.95
C TYR K 124 2.65 32.55 19.06
N ARG K 125 2.91 31.65 18.11
CA ARG K 125 2.34 30.32 18.12
C ARG K 125 3.34 29.35 18.73
N ILE K 126 2.83 28.40 19.51
CA ILE K 126 3.67 27.36 20.09
C ILE K 126 3.65 26.16 19.15
N PRO K 127 4.81 25.62 18.75
CA PRO K 127 4.80 24.50 17.81
C PRO K 127 4.33 23.21 18.47
N THR K 128 3.74 22.35 17.67
CA THR K 128 3.19 21.11 18.20
C THR K 128 4.14 20.41 19.16
N ASN K 129 5.43 20.33 18.78
CA ASN K 129 6.37 19.55 19.59
C ASN K 129 6.59 20.12 20.98
N LEU K 130 6.24 21.40 21.20
CA LEU K 130 6.41 22.04 22.50
C LEU K 130 5.09 22.23 23.24
N ARG K 131 4.00 21.64 22.74
CA ARG K 131 2.69 21.81 23.35
C ARG K 131 2.47 20.70 24.37
N GLN K 132 3.06 20.88 25.55
CA GLN K 132 2.84 20.01 26.69
C GLN K 132 2.10 20.78 27.78
N ASN K 133 1.74 20.06 28.85
CA ASN K 133 0.93 20.66 29.89
C ASN K 133 1.75 21.62 30.75
N THR K 134 1.04 22.55 31.39
CA THR K 134 1.63 23.47 32.35
C THR K 134 0.63 23.67 33.48
N VAL K 135 1.15 23.97 34.67
CA VAL K 135 0.36 24.05 35.90
C VAL K 135 0.45 25.45 36.48
N ALA K 136 -0.43 25.72 37.44
CA ALA K 136 -0.63 27.08 37.92
C ALA K 136 0.66 27.75 38.35
N ALA K 137 1.64 26.96 38.80
CA ALA K 137 2.91 27.53 39.23
C ALA K 137 3.85 27.86 38.08
N ASP K 138 3.57 27.37 36.86
CA ASP K 138 4.43 27.62 35.72
C ASP K 138 4.19 29.01 35.16
N ASN K 139 5.03 29.39 34.20
CA ASN K 139 4.93 30.68 33.53
C ASN K 139 4.86 30.49 32.02
N VAL K 140 4.04 31.32 31.39
CA VAL K 140 3.81 31.23 29.95
C VAL K 140 4.87 32.02 29.19
N CYS K 141 5.12 33.25 29.60
CA CYS K 141 6.00 34.13 28.84
C CYS K 141 6.29 35.38 29.66
N GLU K 142 7.31 36.12 29.23
CA GLU K 142 7.63 37.44 29.78
C GLU K 142 7.00 38.51 28.91
N VAL K 143 6.36 39.50 29.53
CA VAL K 143 5.73 40.61 28.83
C VAL K 143 6.49 41.87 29.16
N ARG K 144 6.75 42.69 28.14
CA ARG K 144 7.36 44.00 28.30
C ARG K 144 6.49 45.00 27.56
N SER K 145 6.50 46.25 28.03
CA SER K 145 5.64 47.27 27.44
C SER K 145 5.84 48.62 28.09
N ASN K 146 5.62 49.70 27.33
CA ASN K 146 5.59 51.04 27.90
C ASN K 146 4.22 51.43 28.44
N CYS K 147 3.21 50.61 28.21
CA CYS K 147 1.91 50.78 28.83
C CYS K 147 1.86 49.91 30.08
N ARG K 148 1.19 50.40 31.12
CA ARG K 148 1.26 49.76 32.42
C ARG K 148 0.41 48.50 32.54
N GLN K 149 -0.48 48.25 31.59
CA GLN K 149 -1.32 47.07 31.63
CA GLN K 149 -1.36 47.09 31.63
C GLN K 149 -1.45 46.50 30.23
N VAL K 150 -1.31 45.18 30.14
CA VAL K 150 -1.37 44.45 28.88
C VAL K 150 -2.53 43.47 28.92
N ALA K 151 -3.40 43.54 27.92
CA ALA K 151 -4.50 42.58 27.79
C ALA K 151 -4.03 41.40 26.93
N LEU K 152 -4.19 40.20 27.45
CA LEU K 152 -3.75 38.99 26.77
C LEU K 152 -4.95 38.10 26.46
N VAL K 153 -4.88 37.44 25.31
CA VAL K 153 -5.81 36.38 24.94
C VAL K 153 -4.95 35.17 24.63
N ILE K 154 -5.14 34.09 25.37
CA ILE K 154 -4.37 32.86 25.22
C ILE K 154 -5.28 31.75 24.74
N SER K 155 -4.93 31.17 23.59
CA SER K 155 -5.67 30.04 23.03
C SER K 155 -5.00 28.77 23.53
N CYS K 156 -5.76 27.94 24.25
CA CYS K 156 -5.20 26.82 24.97
C CYS K 156 -6.23 25.71 25.09
N CYS K 157 -5.76 24.56 25.57
CA CYS K 157 -6.59 23.36 25.75
C CYS K 157 -6.53 22.95 27.21
N PHE K 158 -7.61 23.22 27.94
CA PHE K 158 -7.71 22.78 29.33
C PHE K 158 -7.96 21.28 29.38
N ASN K 159 -7.29 20.61 30.31
CA ASN K 159 -7.45 19.17 30.47
C ASN K 159 -7.10 18.73 31.88
N GLY L 4 -66.45 42.06 -25.35
CA GLY L 4 -65.63 43.19 -25.71
C GLY L 4 -66.25 44.54 -25.35
N LYS L 5 -66.39 44.79 -24.04
CA LYS L 5 -66.75 46.12 -23.57
C LYS L 5 -65.48 46.91 -23.33
N VAL L 6 -65.52 48.20 -23.63
CA VAL L 6 -64.34 49.05 -23.62
C VAL L 6 -64.61 50.21 -22.66
N LYS L 7 -64.27 50.01 -21.38
CA LYS L 7 -64.30 51.11 -20.42
C LYS L 7 -62.93 51.77 -20.44
N PRO L 8 -62.79 52.99 -21.00
CA PRO L 8 -61.45 53.55 -21.27
C PRO L 8 -60.73 54.06 -20.03
N ASN L 9 -60.03 53.17 -19.33
CA ASN L 9 -59.04 53.59 -18.34
C ASN L 9 -57.73 53.85 -19.04
N ARG L 10 -57.16 55.03 -18.82
CA ARG L 10 -55.96 55.42 -19.56
C ARG L 10 -54.68 55.00 -18.81
N LYS L 11 -54.51 53.70 -18.66
CA LYS L 11 -53.30 53.13 -18.08
C LYS L 11 -52.29 52.98 -19.21
N SER L 12 -51.38 53.96 -19.32
CA SER L 12 -50.44 53.99 -20.44
C SER L 12 -49.26 53.06 -20.21
N THR L 13 -48.69 52.59 -21.33
CA THR L 13 -47.50 51.73 -21.35
C THR L 13 -47.42 50.78 -20.16
N GLY L 14 -48.54 50.16 -19.80
CA GLY L 14 -48.59 49.24 -18.68
C GLY L 14 -48.42 49.90 -17.32
N ASP L 15 -47.17 50.13 -16.92
CA ASP L 15 -46.85 50.68 -15.59
C ASP L 15 -46.36 52.13 -15.75
N ASN L 16 -47.29 52.99 -16.15
CA ASN L 16 -46.97 54.39 -16.41
C ASN L 16 -48.27 55.14 -16.68
N SER L 17 -49.23 55.03 -15.77
CA SER L 17 -50.47 55.75 -15.92
C SER L 17 -50.36 57.12 -15.26
N ASN L 18 -51.08 58.08 -15.84
CA ASN L 18 -51.08 59.45 -15.38
C ASN L 18 -52.36 59.81 -14.65
N VAL L 19 -53.31 58.88 -14.58
CA VAL L 19 -54.61 59.15 -13.97
C VAL L 19 -55.06 57.96 -13.14
N VAL L 20 -56.07 58.22 -12.31
CA VAL L 20 -56.65 57.15 -11.50
C VAL L 20 -57.23 56.08 -12.41
N THR L 21 -57.06 54.82 -12.01
CA THR L 21 -57.61 53.69 -12.72
C THR L 21 -58.48 52.88 -11.76
N MET L 22 -59.46 52.17 -12.31
CA MET L 22 -60.37 51.38 -11.51
CA MET L 22 -60.37 51.38 -11.51
C MET L 22 -59.70 50.08 -11.07
N ILE L 23 -60.00 49.66 -9.85
CA ILE L 23 -59.59 48.37 -9.32
C ILE L 23 -60.85 47.52 -9.23
N ARG L 24 -60.83 46.36 -9.89
CA ARG L 24 -61.98 45.45 -9.85
C ARG L 24 -61.98 44.63 -8.55
N ALA L 25 -62.09 45.34 -7.44
CA ALA L 25 -62.12 44.69 -6.13
C ALA L 25 -63.26 43.68 -6.07
N GLY L 26 -63.10 42.73 -5.16
CA GLY L 26 -64.05 41.63 -5.06
C GLY L 26 -64.65 41.49 -3.68
N SER L 27 -64.44 40.35 -3.04
CA SER L 27 -64.98 40.11 -1.72
CA SER L 27 -64.98 40.11 -1.71
C SER L 27 -64.12 40.80 -0.65
N TYR L 28 -64.76 41.20 0.43
CA TYR L 28 -64.06 41.88 1.50
C TYR L 28 -62.94 40.99 2.02
N PRO L 29 -61.71 41.49 2.12
CA PRO L 29 -60.58 40.63 2.45
C PRO L 29 -60.52 40.33 3.94
N LYS L 30 -59.50 39.58 4.32
CA LYS L 30 -59.09 39.50 5.70
C LYS L 30 -58.27 40.74 5.99
N VAL L 31 -58.50 41.35 7.14
CA VAL L 31 -57.83 42.59 7.51
C VAL L 31 -57.20 42.43 8.88
N ASN L 32 -56.46 43.46 9.29
CA ASN L 32 -55.87 43.52 10.63
C ASN L 32 -55.48 44.97 10.90
N PRO L 33 -56.26 45.67 11.74
CA PRO L 33 -55.91 47.08 12.00
C PRO L 33 -54.67 47.25 12.85
N THR L 34 -54.24 46.21 13.56
CA THR L 34 -53.07 46.27 14.45
C THR L 34 -52.12 45.13 14.10
N PRO L 35 -51.29 45.31 13.08
CA PRO L 35 -50.38 44.24 12.66
C PRO L 35 -49.11 44.22 13.51
N THR L 36 -48.24 43.26 13.20
CA THR L 36 -46.95 43.17 13.85
C THR L 36 -45.97 44.11 13.17
N TRP L 37 -44.76 44.22 13.71
CA TRP L 37 -43.75 45.12 13.15
C TRP L 37 -42.37 44.65 13.57
N VAL L 38 -41.51 44.40 12.58
CA VAL L 38 -40.12 44.03 12.82
C VAL L 38 -39.30 45.30 12.78
N ARG L 39 -38.54 45.54 13.85
CA ARG L 39 -37.90 46.84 14.04
C ARG L 39 -36.48 46.68 14.55
N ALA L 40 -35.69 47.73 14.32
CA ALA L 40 -34.39 47.93 14.94
C ALA L 40 -34.49 49.19 15.81
N ILE L 41 -34.64 48.99 17.11
CA ILE L 41 -34.94 50.09 18.04
C ILE L 41 -33.63 50.62 18.60
N PRO L 42 -33.29 51.91 18.38
CA PRO L 42 -32.08 52.47 18.99
C PRO L 42 -32.41 53.25 20.25
N PHE L 43 -31.73 52.95 21.34
CA PHE L 43 -31.91 53.71 22.56
C PHE L 43 -30.66 53.59 23.42
N GLU L 44 -30.54 54.50 24.39
CA GLU L 44 -29.37 54.59 25.24
C GLU L 44 -29.75 54.24 26.68
N VAL L 45 -28.75 53.80 27.45
CA VAL L 45 -28.93 53.56 28.88
C VAL L 45 -27.73 54.14 29.61
N SER L 46 -27.97 54.61 30.84
CA SER L 46 -26.92 55.11 31.70
C SER L 46 -26.35 53.97 32.51
N VAL L 47 -25.02 54.01 32.73
CA VAL L 47 -24.30 52.93 33.38
C VAL L 47 -23.25 53.52 34.30
N GLN L 48 -22.97 52.83 35.40
CA GLN L 48 -21.85 53.16 36.27
C GLN L 48 -20.73 52.16 36.02
N SER L 49 -19.49 52.62 36.22
CA SER L 49 -18.32 51.77 35.99
C SER L 49 -18.23 50.72 37.09
N GLY L 50 -18.33 49.44 36.70
CA GLY L 50 -18.15 48.34 37.62
C GLY L 50 -19.42 47.66 38.08
N ILE L 51 -20.58 48.24 37.78
CA ILE L 51 -21.86 47.67 38.18
C ILE L 51 -22.63 47.30 36.92
N ALA L 52 -23.20 46.09 36.93
CA ALA L 52 -24.09 45.67 35.86
C ALA L 52 -25.37 46.48 35.91
N PHE L 53 -26.03 46.58 34.76
CA PHE L 53 -27.30 47.26 34.66
C PHE L 53 -28.23 46.43 33.80
N LYS L 54 -29.36 46.00 34.36
CA LYS L 54 -30.34 45.23 33.63
C LYS L 54 -31.16 46.17 32.75
N VAL L 55 -31.21 45.86 31.46
CA VAL L 55 -31.90 46.70 30.48
C VAL L 55 -33.37 46.27 30.47
N PRO L 56 -34.29 47.13 30.89
CA PRO L 56 -35.71 46.73 30.86
C PRO L 56 -36.23 46.63 29.43
N VAL L 57 -37.11 45.66 29.20
CA VAL L 57 -37.76 45.53 27.90
C VAL L 57 -38.67 46.71 27.63
N GLY L 58 -39.17 47.36 28.69
CA GLY L 58 -40.12 48.45 28.52
C GLY L 58 -39.54 49.64 27.79
N SER L 59 -38.22 49.69 27.64
CA SER L 59 -37.62 50.76 26.87
C SER L 59 -37.99 50.68 25.40
N LEU L 60 -38.42 49.50 24.93
CA LEU L 60 -38.75 49.30 23.53
C LEU L 60 -40.14 49.82 23.18
N PHE L 61 -41.06 49.85 24.13
CA PHE L 61 -42.39 50.40 23.91
C PHE L 61 -42.35 51.90 24.24
N SER L 62 -42.46 52.74 23.20
CA SER L 62 -42.38 54.18 23.39
C SER L 62 -42.96 54.87 22.16
N ALA L 63 -43.61 56.00 22.39
CA ALA L 63 -44.05 56.81 21.27
C ALA L 63 -42.87 57.31 20.44
N ASN L 64 -41.68 57.37 21.03
CA ASN L 64 -40.51 57.77 20.27
C ASN L 64 -40.13 56.76 19.19
N PHE L 65 -40.63 55.53 19.30
CA PHE L 65 -40.33 54.48 18.34
C PHE L 65 -41.54 54.07 17.51
N ARG L 66 -42.70 54.71 17.72
CA ARG L 66 -43.97 54.33 17.13
C ARG L 66 -44.45 52.97 17.59
N THR L 67 -43.80 52.38 18.59
CA THR L 67 -44.13 51.05 19.09
C THR L 67 -44.93 51.11 20.38
N ASP L 68 -45.50 52.26 20.70
CA ASP L 68 -46.20 52.42 21.97
C ASP L 68 -47.45 51.55 22.03
N SER L 69 -48.14 51.39 20.91
CA SER L 69 -49.37 50.62 20.91
C SER L 69 -49.17 49.16 21.27
N PHE L 70 -47.94 48.66 21.29
CA PHE L 70 -47.67 47.26 21.60
C PHE L 70 -47.47 47.06 23.10
N THR L 71 -47.75 45.85 23.57
CA THR L 71 -47.46 45.47 24.96
C THR L 71 -46.54 44.25 25.05
N SER L 72 -46.06 43.73 23.93
CA SER L 72 -45.23 42.53 23.91
C SER L 72 -44.26 42.64 22.75
N VAL L 73 -43.16 41.90 22.85
CA VAL L 73 -42.12 41.97 21.82
C VAL L 73 -41.29 40.69 21.89
N THR L 74 -40.88 40.20 20.73
CA THR L 74 -39.97 39.07 20.60
C THR L 74 -38.60 39.60 20.16
N VAL L 75 -37.62 39.53 21.06
CA VAL L 75 -36.28 40.00 20.75
C VAL L 75 -35.55 38.93 19.96
N MET L 76 -34.79 39.35 18.95
CA MET L 76 -34.01 38.44 18.11
C MET L 76 -32.51 38.60 18.32
N SER L 77 -31.99 39.82 18.28
CA SER L 77 -30.58 40.05 18.52
C SER L 77 -30.41 41.38 19.26
N VAL L 78 -29.24 41.55 19.86
CA VAL L 78 -28.92 42.74 20.62
C VAL L 78 -27.51 43.17 20.28
N ARG L 79 -27.32 44.46 20.06
CA ARG L 79 -26.01 45.04 19.81
CA ARG L 79 -26.01 45.04 19.80
C ARG L 79 -25.83 46.26 20.69
N ALA L 80 -24.60 46.47 21.15
CA ALA L 80 -24.30 47.57 22.05
C ALA L 80 -23.06 48.32 21.60
N TRP L 81 -23.07 49.62 21.84
CA TRP L 81 -21.90 50.47 21.63
C TRP L 81 -21.75 51.40 22.83
N THR L 82 -20.51 51.71 23.16
CA THR L 82 -20.25 52.72 24.18
C THR L 82 -20.63 54.07 23.62
N GLN L 83 -21.47 54.82 24.34
CA GLN L 83 -22.01 56.08 23.86
C GLN L 83 -21.19 57.27 24.29
N LEU L 84 -20.40 57.14 25.36
CA LEU L 84 -19.53 58.21 25.84
C LEU L 84 -18.08 57.74 25.90
N THR L 85 -17.18 58.69 26.10
CA THR L 85 -15.77 58.38 26.14
C THR L 85 -15.42 57.60 27.41
N PRO L 86 -14.30 56.89 27.39
CA PRO L 86 -13.90 56.11 28.57
C PRO L 86 -13.12 56.97 29.54
N PRO L 87 -12.79 56.42 30.71
CA PRO L 87 -11.92 57.14 31.65
C PRO L 87 -10.55 57.39 31.05
N VAL L 88 -9.78 58.23 31.73
CA VAL L 88 -8.47 58.61 31.23
C VAL L 88 -7.54 57.41 31.24
N ASN L 89 -6.80 57.23 30.14
CA ASN L 89 -5.80 56.19 29.92
C ASN L 89 -6.43 54.85 29.57
N GLU L 90 -7.75 54.76 29.42
CA GLU L 90 -8.42 53.50 29.18
C GLU L 90 -8.98 53.45 27.76
N TYR L 91 -9.13 52.22 27.27
CA TYR L 91 -9.87 51.94 26.04
C TYR L 91 -11.28 51.52 26.42
N SER L 92 -12.26 51.94 25.60
CA SER L 92 -13.65 51.61 25.89
C SER L 92 -13.87 50.09 25.86
N PHE L 93 -14.79 49.63 26.70
CA PHE L 93 -15.24 48.24 26.64
C PHE L 93 -16.71 48.18 27.01
N VAL L 94 -17.38 47.14 26.53
CA VAL L 94 -18.80 46.91 26.85
C VAL L 94 -19.01 45.41 26.92
N ARG L 95 -19.82 44.99 27.89
CA ARG L 95 -20.19 43.59 28.06
C ARG L 95 -21.71 43.45 28.01
N LEU L 96 -22.16 42.31 27.48
CA LEU L 96 -23.58 41.98 27.41
C LEU L 96 -23.77 40.57 27.95
N LYS L 97 -24.67 40.42 28.90
CA LYS L 97 -25.04 39.11 29.45
C LYS L 97 -26.51 38.85 29.16
N PRO L 98 -26.85 37.93 28.27
CA PRO L 98 -28.27 37.72 27.97
C PRO L 98 -29.05 37.33 29.20
N LEU L 99 -30.29 37.82 29.29
CA LEU L 99 -31.21 37.47 30.36
C LEU L 99 -32.50 36.89 29.76
N PHE L 100 -33.03 35.86 30.41
CA PHE L 100 -34.25 35.22 29.97
C PHE L 100 -35.12 34.90 31.18
N LYS L 101 -36.44 34.93 30.97
CA LYS L 101 -37.34 34.61 32.07
CA LYS L 101 -37.36 34.60 32.06
C LYS L 101 -37.18 33.16 32.51
N THR L 102 -36.94 32.26 31.54
CA THR L 102 -36.75 30.85 31.85
C THR L 102 -35.41 30.56 32.50
N GLY L 103 -34.49 31.53 32.53
CA GLY L 103 -33.19 31.30 33.13
C GLY L 103 -32.11 32.23 32.61
N ASP L 104 -31.52 33.01 33.52
CA ASP L 104 -30.48 33.95 33.13
C ASP L 104 -29.25 33.21 32.64
N SER L 105 -28.59 33.78 31.64
CA SER L 105 -27.33 33.26 31.16
CA SER L 105 -27.33 33.24 31.16
C SER L 105 -26.17 33.84 31.97
N THR L 106 -25.01 33.22 31.82
CA THR L 106 -23.79 33.70 32.47
C THR L 106 -22.73 34.11 31.45
N GLU L 107 -23.09 34.21 30.18
CA GLU L 107 -22.16 34.71 29.17
C GLU L 107 -21.86 36.19 29.42
N GLU L 108 -20.71 36.63 28.92
CA GLU L 108 -20.29 38.01 29.04
C GLU L 108 -19.67 38.47 27.72
N PHE L 109 -20.47 38.39 26.65
CA PHE L 109 -20.02 38.81 25.34
C PHE L 109 -19.44 40.21 25.41
N GLU L 110 -18.13 40.35 25.28
CA GLU L 110 -17.46 41.62 25.50
C GLU L 110 -16.75 42.05 24.23
N GLY L 111 -16.77 43.36 23.99
CA GLY L 111 -15.96 43.96 22.95
C GLY L 111 -15.23 45.17 23.48
N ARG L 112 -14.01 45.39 22.98
CA ARG L 112 -13.17 46.48 23.42
C ARG L 112 -12.71 47.29 22.23
N ALA L 113 -12.41 48.56 22.48
CA ALA L 113 -11.88 49.44 21.45
C ALA L 113 -10.36 49.30 21.38
N SER L 114 -9.83 49.35 20.15
CA SER L 114 -8.40 49.36 19.93
C SER L 114 -7.85 50.78 19.74
N ASN L 115 -8.73 51.78 19.74
CA ASN L 115 -8.37 53.19 19.71
C ASN L 115 -9.12 53.88 20.84
N ILE L 116 -8.42 54.68 21.64
CA ILE L 116 -9.09 55.29 22.78
C ILE L 116 -10.26 56.13 22.33
N ASN L 117 -10.20 56.67 21.12
CA ASN L 117 -11.23 57.58 20.64
C ASN L 117 -12.44 56.85 20.06
N THR L 118 -12.35 55.56 19.78
CA THR L 118 -13.43 54.86 19.11
C THR L 118 -14.30 54.07 20.08
N ARG L 119 -15.54 53.83 19.65
CA ARG L 119 -16.48 53.08 20.45
C ARG L 119 -16.08 51.61 20.57
N ALA L 120 -16.44 51.01 21.69
CA ALA L 120 -16.41 49.57 21.86
C ALA L 120 -17.77 49.03 21.49
N SER L 121 -17.80 47.87 20.83
CA SER L 121 -19.05 47.31 20.35
C SER L 121 -19.08 45.82 20.60
N VAL L 122 -20.29 45.26 20.68
CA VAL L 122 -20.48 43.82 20.80
C VAL L 122 -21.97 43.55 20.70
N GLY L 123 -22.33 42.33 20.35
CA GLY L 123 -23.73 41.95 20.30
C GLY L 123 -23.86 40.45 20.44
N TYR L 124 -25.11 40.00 20.51
CA TYR L 124 -25.40 38.57 20.55
C TYR L 124 -26.73 38.31 19.87
N ARG L 125 -26.83 37.13 19.26
CA ARG L 125 -28.06 36.65 18.64
C ARG L 125 -28.76 35.72 19.62
N ILE L 126 -30.09 35.72 19.56
CA ILE L 126 -30.91 34.87 20.41
C ILE L 126 -31.40 33.70 19.57
N PRO L 127 -31.12 32.46 19.95
CA PRO L 127 -31.54 31.33 19.12
C PRO L 127 -33.06 31.23 19.06
N THR L 128 -33.54 30.59 17.99
CA THR L 128 -34.98 30.51 17.76
CA THR L 128 -34.98 30.52 17.76
C THR L 128 -35.70 29.89 18.95
N ASN L 129 -35.07 28.91 19.60
CA ASN L 129 -35.76 28.21 20.68
C ASN L 129 -35.89 29.06 21.93
N LEU L 130 -35.28 30.25 21.94
CA LEU L 130 -35.40 31.17 23.07
C LEU L 130 -36.05 32.48 22.67
N ARG L 131 -36.77 32.49 21.56
CA ARG L 131 -37.43 33.70 21.07
C ARG L 131 -38.92 33.65 21.42
N GLN L 132 -39.21 33.94 22.68
CA GLN L 132 -40.58 34.14 23.14
C GLN L 132 -40.79 35.61 23.45
N ASN L 133 -42.04 35.96 23.72
CA ASN L 133 -42.37 37.36 23.95
C ASN L 133 -41.83 37.82 25.30
N THR L 134 -41.65 39.14 25.42
CA THR L 134 -41.32 39.80 26.67
C THR L 134 -42.19 41.05 26.79
N VAL L 135 -42.48 41.43 28.04
CA VAL L 135 -43.32 42.60 28.31
C VAL L 135 -42.48 43.67 28.99
N ALA L 136 -43.12 44.78 29.37
CA ALA L 136 -42.37 45.90 29.92
C ALA L 136 -41.63 45.51 31.20
N ALA L 137 -42.22 44.63 31.99
CA ALA L 137 -41.65 44.24 33.28
C ALA L 137 -40.51 43.24 33.15
N ASP L 138 -40.07 42.92 31.93
CA ASP L 138 -39.03 41.94 31.71
C ASP L 138 -37.72 42.63 31.35
N ASN L 139 -36.62 41.93 31.59
CA ASN L 139 -35.29 42.40 31.27
C ASN L 139 -34.75 41.74 30.00
N VAL L 140 -33.74 42.39 29.41
CA VAL L 140 -33.09 41.91 28.18
C VAL L 140 -31.70 41.37 28.47
N CYS L 141 -30.84 42.21 29.04
CA CYS L 141 -29.43 41.85 29.22
C CYS L 141 -28.85 42.70 30.33
N GLU L 142 -27.76 42.20 30.91
CA GLU L 142 -26.93 43.01 31.80
C GLU L 142 -25.86 43.69 30.96
N VAL L 143 -25.65 44.98 31.20
CA VAL L 143 -24.63 45.75 30.50
C VAL L 143 -23.58 46.17 31.52
N ARG L 144 -22.31 46.03 31.14
CA ARG L 144 -21.20 46.60 31.89
C ARG L 144 -20.33 47.38 30.94
N SER L 145 -19.60 48.37 31.46
CA SER L 145 -18.76 49.22 30.63
C SER L 145 -18.00 50.17 31.53
N ASN L 146 -16.89 50.70 31.02
CA ASN L 146 -16.18 51.78 31.68
C ASN L 146 -16.64 53.15 31.23
N CYS L 147 -17.49 53.21 30.21
CA CYS L 147 -18.14 54.45 29.77
C CYS L 147 -19.51 54.57 30.43
N ARG L 148 -19.91 55.81 30.71
CA ARG L 148 -21.08 56.06 31.55
C ARG L 148 -22.40 55.89 30.82
N GLN L 149 -22.37 55.72 29.50
N GLN L 149 -22.37 55.70 29.50
CA GLN L 149 -23.59 55.49 28.73
CA GLN L 149 -23.59 55.51 28.72
C GLN L 149 -23.31 54.47 27.64
C GLN L 149 -23.32 54.51 27.60
N VAL L 150 -24.32 53.67 27.32
CA VAL L 150 -24.22 52.61 26.32
C VAL L 150 -25.39 52.78 25.37
N ALA L 151 -25.10 52.71 24.06
CA ALA L 151 -26.10 52.83 23.02
C ALA L 151 -26.45 51.44 22.50
N LEU L 152 -27.71 51.05 22.63
CA LEU L 152 -28.17 49.74 22.21
C LEU L 152 -28.97 49.86 20.92
N VAL L 153 -28.87 48.84 20.08
CA VAL L 153 -29.74 48.68 18.92
C VAL L 153 -30.27 47.25 18.98
N ILE L 154 -31.57 47.12 19.25
CA ILE L 154 -32.20 45.82 19.47
C ILE L 154 -33.07 45.48 18.27
N SER L 155 -32.77 44.36 17.62
CA SER L 155 -33.62 43.84 16.56
CA SER L 155 -33.61 43.84 16.55
C SER L 155 -34.68 42.93 17.15
N CYS L 156 -35.95 43.26 16.92
CA CYS L 156 -37.03 42.55 17.58
C CYS L 156 -38.28 42.62 16.71
N CYS L 157 -39.29 41.86 17.14
CA CYS L 157 -40.59 41.79 16.45
C CYS L 157 -41.66 42.19 17.45
N PHE L 158 -42.29 43.32 17.22
CA PHE L 158 -43.38 43.78 18.06
C PHE L 158 -44.68 43.11 17.64
N ASN L 159 -45.53 42.83 18.63
CA ASN L 159 -46.75 42.09 18.39
C ASN L 159 -47.72 42.20 19.55
N ASN M 16 -5.78 64.23 -34.80
CA ASN M 16 -6.92 65.11 -34.98
C ASN M 16 -6.58 66.32 -35.86
N SER M 17 -7.60 67.12 -36.15
CA SER M 17 -7.41 68.32 -36.95
C SER M 17 -6.64 69.36 -36.14
N ASN M 18 -5.77 70.11 -36.82
CA ASN M 18 -4.99 71.17 -36.19
C ASN M 18 -5.48 72.56 -36.57
N VAL M 19 -6.52 72.67 -37.40
CA VAL M 19 -6.98 73.96 -37.90
C VAL M 19 -8.50 73.99 -37.88
N VAL M 20 -9.05 75.20 -37.99
CA VAL M 20 -10.50 75.35 -38.04
C VAL M 20 -11.02 74.60 -39.24
N THR M 21 -12.21 74.02 -39.09
CA THR M 21 -12.89 73.33 -40.18
C THR M 21 -14.32 73.82 -40.25
N MET M 22 -14.87 73.82 -41.46
CA MET M 22 -16.22 74.31 -41.66
CA MET M 22 -16.22 74.30 -41.67
C MET M 22 -17.24 73.32 -41.12
N ILE M 23 -18.32 73.85 -40.56
CA ILE M 23 -19.48 73.08 -40.11
C ILE M 23 -20.62 73.41 -41.08
N ARG M 24 -21.12 72.39 -41.77
CA ARG M 24 -22.22 72.58 -42.72
C ARG M 24 -23.53 72.65 -41.95
N ALA M 25 -23.68 73.75 -41.22
CA ALA M 25 -24.89 74.01 -40.45
C ALA M 25 -26.10 74.06 -41.38
N GLY M 26 -27.28 73.98 -40.77
CA GLY M 26 -28.50 73.97 -41.53
C GLY M 26 -29.52 74.97 -41.04
N SER M 27 -30.72 74.50 -40.72
CA SER M 27 -31.77 75.39 -40.25
C SER M 27 -31.49 75.81 -38.82
N TYR M 28 -32.02 76.97 -38.45
CA TYR M 28 -31.86 77.44 -37.09
C TYR M 28 -32.49 76.43 -36.13
N PRO M 29 -31.79 76.02 -35.08
CA PRO M 29 -32.31 74.94 -34.23
C PRO M 29 -33.20 75.43 -33.11
N LYS M 30 -33.63 74.52 -32.24
CA LYS M 30 -34.29 74.90 -31.00
C LYS M 30 -33.23 75.32 -30.00
N VAL M 31 -33.51 76.40 -29.28
CA VAL M 31 -32.52 76.97 -28.36
C VAL M 31 -33.19 77.22 -27.01
N ASN M 32 -32.36 77.38 -26.00
CA ASN M 32 -32.83 77.79 -24.69
C ASN M 32 -31.68 78.47 -23.95
N PRO M 33 -31.78 79.79 -23.70
CA PRO M 33 -30.68 80.46 -23.01
C PRO M 33 -30.63 80.17 -21.52
N THR M 34 -31.73 79.71 -20.93
CA THR M 34 -31.83 79.47 -19.49
C THR M 34 -32.23 78.02 -19.25
N PRO M 35 -31.28 77.10 -19.31
CA PRO M 35 -31.60 75.68 -19.15
C PRO M 35 -31.57 75.23 -17.69
N THR M 36 -32.05 74.01 -17.49
CA THR M 36 -32.00 73.38 -16.18
C THR M 36 -30.57 72.96 -15.83
N TRP M 37 -30.38 72.54 -14.58
CA TRP M 37 -29.05 72.18 -14.09
C TRP M 37 -29.20 71.23 -12.91
N VAL M 38 -28.58 70.07 -13.00
CA VAL M 38 -28.49 69.17 -11.86
C VAL M 38 -27.20 69.45 -11.11
N ARG M 39 -27.31 69.55 -9.78
CA ARG M 39 -26.20 70.03 -8.97
C ARG M 39 -26.15 69.28 -7.66
N ALA M 40 -24.98 69.33 -7.03
CA ALA M 40 -24.78 68.95 -5.63
C ALA M 40 -24.29 70.22 -4.91
N ILE M 41 -25.21 70.88 -4.19
CA ILE M 41 -24.93 72.17 -3.58
C ILE M 41 -24.39 71.93 -2.16
N PRO M 42 -23.16 72.33 -1.84
CA PRO M 42 -22.67 72.21 -0.46
C PRO M 42 -22.79 73.51 0.32
N PHE M 43 -23.39 73.46 1.51
CA PHE M 43 -23.48 74.64 2.37
C PHE M 43 -23.68 74.19 3.80
N GLU M 44 -23.44 75.12 4.73
CA GLU M 44 -23.49 74.84 6.15
C GLU M 44 -24.59 75.65 6.83
N VAL M 45 -25.02 75.16 7.99
CA VAL M 45 -26.09 75.80 8.75
C VAL M 45 -25.76 75.68 10.24
N SER M 46 -25.99 76.76 10.98
CA SER M 46 -25.81 76.73 12.42
C SER M 46 -26.94 75.95 13.09
N VAL M 47 -26.60 75.24 14.15
CA VAL M 47 -27.54 74.38 14.86
C VAL M 47 -27.36 74.55 16.36
N GLN M 48 -28.43 74.90 17.06
CA GLN M 48 -28.41 74.98 18.50
C GLN M 48 -28.66 73.60 19.11
N SER M 49 -28.31 73.47 20.38
CA SER M 49 -28.50 72.21 21.09
CA SER M 49 -28.49 72.21 21.10
C SER M 49 -29.97 72.02 21.47
N GLY M 50 -30.44 70.80 21.33
CA GLY M 50 -31.80 70.46 21.69
C GLY M 50 -32.87 71.13 20.87
N ILE M 51 -32.51 71.78 19.78
CA ILE M 51 -33.46 72.48 18.92
C ILE M 51 -33.25 72.05 17.48
N ALA M 52 -34.35 71.92 16.75
CA ALA M 52 -34.30 71.58 15.33
C ALA M 52 -34.23 72.85 14.51
N PHE M 53 -33.32 72.88 13.54
CA PHE M 53 -33.19 74.00 12.63
C PHE M 53 -33.81 73.65 11.29
N LYS M 54 -34.73 74.49 10.80
CA LYS M 54 -35.37 74.25 9.51
C LYS M 54 -34.44 74.77 8.42
N VAL M 55 -33.94 73.86 7.60
CA VAL M 55 -33.04 74.21 6.49
C VAL M 55 -33.87 74.90 5.41
N PRO M 56 -33.61 76.18 5.11
CA PRO M 56 -34.41 76.87 4.09
C PRO M 56 -33.92 76.53 2.68
N VAL M 57 -34.88 76.40 1.76
CA VAL M 57 -34.54 76.16 0.36
C VAL M 57 -33.79 77.34 -0.22
N GLY M 58 -34.03 78.54 0.30
CA GLY M 58 -33.44 79.73 -0.28
C GLY M 58 -31.93 79.72 -0.28
N SER M 59 -31.31 78.90 0.56
CA SER M 59 -29.86 78.83 0.58
C SER M 59 -29.31 78.25 -0.71
N LEU M 60 -30.12 77.47 -1.42
CA LEU M 60 -29.65 76.86 -2.67
C LEU M 60 -29.45 77.91 -3.76
N PHE M 61 -30.24 78.97 -3.75
CA PHE M 61 -30.13 80.03 -4.76
C PHE M 61 -29.12 81.05 -4.28
N SER M 62 -27.99 81.14 -4.98
CA SER M 62 -26.94 82.07 -4.61
C SER M 62 -25.93 82.16 -5.74
N ALA M 63 -25.34 83.35 -5.88
CA ALA M 63 -24.21 83.51 -6.79
C ALA M 63 -23.06 82.59 -6.38
N ASN M 64 -22.92 82.30 -5.09
CA ASN M 64 -21.87 81.39 -4.62
C ASN M 64 -21.98 80.00 -5.23
N PHE M 65 -23.12 79.67 -5.84
CA PHE M 65 -23.34 78.38 -6.47
C PHE M 65 -23.61 78.50 -7.96
N ARG M 66 -23.65 79.72 -8.50
CA ARG M 66 -24.05 80.00 -9.88
C ARG M 66 -25.54 79.77 -10.10
N THR M 67 -26.31 79.52 -9.04
CA THR M 67 -27.70 79.09 -9.15
C THR M 67 -28.69 80.20 -8.82
N ASP M 68 -28.24 81.44 -8.68
CA ASP M 68 -29.14 82.51 -8.30
CA ASP M 68 -29.13 82.52 -8.29
C ASP M 68 -30.00 83.00 -9.45
N SER M 69 -29.72 82.58 -10.68
CA SER M 69 -30.64 82.88 -11.77
C SER M 69 -31.90 82.02 -11.72
N PHE M 70 -32.03 81.15 -10.73
CA PHE M 70 -33.16 80.26 -10.56
C PHE M 70 -34.02 80.75 -9.39
N THR M 71 -35.30 80.39 -9.44
CA THR M 71 -36.25 80.71 -8.38
C THR M 71 -36.94 79.48 -7.82
N SER M 72 -36.71 78.31 -8.39
CA SER M 72 -37.36 77.07 -7.96
C SER M 72 -36.35 75.94 -8.12
N VAL M 73 -36.60 74.84 -7.41
CA VAL M 73 -35.65 73.74 -7.41
C VAL M 73 -36.33 72.45 -6.96
N THR M 74 -36.05 71.35 -7.67
CA THR M 74 -36.57 70.03 -7.36
C THR M 74 -35.49 69.28 -6.60
N VAL M 75 -35.68 69.10 -5.29
CA VAL M 75 -34.72 68.40 -4.45
C VAL M 75 -34.86 66.90 -4.67
N MET M 76 -33.73 66.22 -4.82
CA MET M 76 -33.69 64.78 -4.99
C MET M 76 -33.21 64.03 -3.75
N SER M 77 -32.10 64.46 -3.16
CA SER M 77 -31.56 63.79 -1.99
C SER M 77 -30.87 64.82 -1.11
N VAL M 78 -30.72 64.48 0.16
CA VAL M 78 -30.15 65.38 1.16
C VAL M 78 -29.20 64.57 2.02
N ARG M 79 -27.96 65.02 2.12
N ARG M 79 -27.96 65.01 2.11
CA ARG M 79 -26.94 64.41 2.96
CA ARG M 79 -26.94 64.42 2.96
C ARG M 79 -26.40 65.48 3.90
C ARG M 79 -26.42 65.48 3.91
N ALA M 80 -26.03 65.06 5.12
CA ALA M 80 -25.59 65.98 6.14
C ALA M 80 -24.42 65.39 6.91
N TRP M 81 -23.40 66.22 7.15
CA TRP M 81 -22.26 65.90 7.98
C TRP M 81 -22.16 66.93 9.08
N THR M 82 -21.79 66.50 10.29
CA THR M 82 -21.43 67.45 11.33
C THR M 82 -20.19 68.22 10.89
N GLN M 83 -20.19 69.53 11.12
CA GLN M 83 -19.13 70.40 10.61
C GLN M 83 -18.18 70.87 11.70
N LEU M 84 -18.56 70.76 12.97
CA LEU M 84 -17.69 71.11 14.08
C LEU M 84 -17.60 69.95 15.06
N THR M 85 -16.62 70.03 15.96
CA THR M 85 -16.42 68.98 16.93
C THR M 85 -17.59 68.94 17.91
N PRO M 86 -17.89 67.77 18.45
CA PRO M 86 -19.01 67.65 19.39
C PRO M 86 -18.62 68.10 20.77
N PRO M 87 -19.54 68.06 21.74
CA PRO M 87 -19.17 68.39 23.12
C PRO M 87 -18.08 67.47 23.66
N VAL M 88 -17.74 67.65 24.92
CA VAL M 88 -16.73 66.82 25.57
C VAL M 88 -17.36 65.48 25.94
N ASN M 89 -16.60 64.41 25.71
CA ASN M 89 -16.98 63.04 26.05
C ASN M 89 -18.09 62.47 25.16
N GLU M 90 -18.62 63.24 24.21
CA GLU M 90 -19.71 62.79 23.36
C GLU M 90 -19.20 62.38 21.98
N TYR M 91 -20.07 61.66 21.26
CA TYR M 91 -19.84 61.28 19.88
C TYR M 91 -20.78 62.08 18.98
N SER M 92 -20.22 62.70 17.94
CA SER M 92 -21.03 63.53 17.05
C SER M 92 -22.23 62.74 16.55
N PHE M 93 -23.36 63.44 16.38
CA PHE M 93 -24.56 62.85 15.78
C PHE M 93 -25.35 63.92 15.06
N VAL M 94 -26.12 63.50 14.07
CA VAL M 94 -26.96 64.40 13.29
C VAL M 94 -28.24 63.65 12.94
N ARG M 95 -29.32 64.41 12.79
CA ARG M 95 -30.62 63.86 12.42
C ARG M 95 -31.24 64.70 11.33
N LEU M 96 -31.96 64.05 10.43
CA LEU M 96 -32.70 64.73 9.36
C LEU M 96 -34.15 64.32 9.41
N LYS M 97 -35.05 65.31 9.45
CA LYS M 97 -36.49 65.06 9.34
C LYS M 97 -36.98 65.71 8.07
N PRO M 98 -37.35 64.95 7.04
CA PRO M 98 -37.83 65.57 5.80
C PRO M 98 -39.05 66.44 6.03
N LEU M 99 -39.19 67.47 5.20
CA LEU M 99 -40.31 68.39 5.24
C LEU M 99 -40.90 68.51 3.86
N PHE M 100 -42.22 68.42 3.77
CA PHE M 100 -42.92 68.56 2.49
C PHE M 100 -44.13 69.45 2.64
N LYS M 101 -44.29 70.40 1.72
CA LYS M 101 -45.45 71.28 1.74
C LYS M 101 -46.74 70.49 1.88
N THR M 102 -46.87 69.37 1.16
CA THR M 102 -48.08 68.57 1.19
C THR M 102 -48.24 67.81 2.50
N GLY M 103 -47.19 67.75 3.32
CA GLY M 103 -47.28 67.04 4.58
C GLY M 103 -45.95 66.66 5.17
N ASP M 104 -45.55 67.37 6.24
CA ASP M 104 -44.25 67.13 6.85
C ASP M 104 -44.16 65.69 7.38
N SER M 105 -42.97 65.11 7.25
CA SER M 105 -42.75 63.76 7.73
CA SER M 105 -42.75 63.76 7.73
C SER M 105 -42.32 63.79 9.19
N THR M 106 -42.12 62.60 9.76
CA THR M 106 -41.75 62.45 11.16
C THR M 106 -40.58 61.47 11.33
N GLU M 107 -40.00 61.01 10.22
CA GLU M 107 -38.76 60.24 10.27
C GLU M 107 -37.63 61.10 10.84
N GLU M 108 -36.73 60.46 11.60
CA GLU M 108 -35.56 61.11 12.16
C GLU M 108 -34.34 60.30 11.74
N PHE M 109 -34.03 60.33 10.44
CA PHE M 109 -32.86 59.66 9.92
C PHE M 109 -31.61 60.15 10.64
N GLU M 110 -30.95 59.26 11.37
CA GLU M 110 -29.88 59.65 12.27
C GLU M 110 -28.60 58.91 11.94
N GLY M 111 -27.49 59.62 12.08
CA GLY M 111 -26.17 59.01 12.03
C GLY M 111 -25.32 59.47 13.19
N ARG M 112 -24.58 58.54 13.77
CA ARG M 112 -23.66 58.84 14.85
C ARG M 112 -22.25 58.44 14.44
N ALA M 113 -21.27 59.14 14.98
CA ALA M 113 -19.87 58.81 14.75
C ALA M 113 -19.39 57.77 15.75
N SER M 114 -18.51 56.89 15.29
CA SER M 114 -17.88 55.91 16.15
C SER M 114 -16.46 56.31 16.55
N ASN M 115 -16.05 57.54 16.24
CA ASN M 115 -14.79 58.11 16.68
C ASN M 115 -15.04 59.58 16.98
N ILE M 116 -14.74 60.02 18.22
CA ILE M 116 -15.13 61.37 18.63
C ILE M 116 -14.57 62.41 17.67
N ASN M 117 -13.42 62.13 17.09
CA ASN M 117 -12.77 63.07 16.19
C ASN M 117 -13.33 63.02 14.77
N THR M 118 -14.27 62.13 14.48
CA THR M 118 -14.81 61.95 13.15
CA THR M 118 -14.80 61.96 13.14
C THR M 118 -16.21 62.55 13.04
N ARG M 119 -16.59 62.91 11.81
CA ARG M 119 -17.91 63.47 11.58
C ARG M 119 -18.98 62.38 11.65
N ALA M 120 -20.16 62.78 12.10
CA ALA M 120 -21.37 61.97 11.95
C ALA M 120 -22.04 62.33 10.62
N SER M 121 -22.66 61.35 9.98
CA SER M 121 -23.25 61.60 8.67
C SER M 121 -24.50 60.76 8.47
N VAL M 122 -25.43 61.30 7.68
CA VAL M 122 -26.65 60.58 7.31
C VAL M 122 -27.28 61.32 6.15
N GLY M 123 -28.16 60.64 5.42
CA GLY M 123 -28.90 61.30 4.35
C GLY M 123 -30.20 60.57 4.12
N TYR M 124 -31.04 61.17 3.27
CA TYR M 124 -32.29 60.53 2.88
C TYR M 124 -32.58 60.87 1.43
N ARG M 125 -33.16 59.92 0.71
CA ARG M 125 -33.54 60.09 -0.69
C ARG M 125 -35.02 60.40 -0.76
N ILE M 126 -35.38 61.35 -1.63
CA ILE M 126 -36.79 61.70 -1.86
C ILE M 126 -37.32 60.85 -3.00
N PRO M 127 -38.46 60.19 -2.83
CA PRO M 127 -39.00 59.38 -3.93
C PRO M 127 -39.52 60.25 -5.05
N THR M 128 -39.55 59.67 -6.25
CA THR M 128 -39.97 60.42 -7.43
CA THR M 128 -39.97 60.42 -7.43
C THR M 128 -41.30 61.11 -7.22
N ASN M 129 -42.25 60.44 -6.56
CA ASN M 129 -43.58 61.01 -6.42
C ASN M 129 -43.61 62.20 -5.47
N LEU M 130 -42.52 62.48 -4.77
CA LEU M 130 -42.44 63.64 -3.90
C LEU M 130 -41.43 64.67 -4.41
N ARG M 131 -41.04 64.56 -5.68
CA ARG M 131 -40.09 65.49 -6.28
C ARG M 131 -40.85 66.54 -7.08
N GLN M 132 -41.45 67.48 -6.35
CA GLN M 132 -42.02 68.67 -6.94
C GLN M 132 -41.07 69.84 -6.66
N ASN M 133 -41.47 71.03 -7.10
CA ASN M 133 -40.61 72.20 -6.95
C ASN M 133 -40.77 72.80 -5.56
N THR M 134 -39.70 73.45 -5.10
CA THR M 134 -39.71 74.23 -3.88
C THR M 134 -39.05 75.57 -4.16
N VAL M 135 -39.46 76.59 -3.40
CA VAL M 135 -38.99 77.94 -3.60
C VAL M 135 -38.25 78.39 -2.34
N ALA M 136 -37.58 79.55 -2.44
CA ALA M 136 -36.73 80.02 -1.37
C ALA M 136 -37.44 80.03 -0.03
N ALA M 137 -38.74 80.35 -0.03
CA ALA M 137 -39.48 80.45 1.21
C ALA M 137 -39.76 79.09 1.84
N ASP M 138 -39.67 78.01 1.07
CA ASP M 138 -39.95 76.68 1.61
C ASP M 138 -38.72 76.12 2.34
N ASN M 139 -38.95 75.00 3.04
CA ASN M 139 -37.94 74.38 3.86
C ASN M 139 -37.70 72.93 3.41
N VAL M 140 -36.43 72.53 3.42
CA VAL M 140 -36.06 71.18 3.00
C VAL M 140 -36.32 70.17 4.10
N CYS M 141 -35.76 70.41 5.29
CA CYS M 141 -35.83 69.43 6.35
C CYS M 141 -35.38 70.07 7.64
N GLU M 142 -35.76 69.45 8.77
CA GLU M 142 -35.24 69.83 10.08
C GLU M 142 -33.93 69.09 10.34
N VAL M 143 -32.99 69.78 10.96
CA VAL M 143 -31.67 69.24 11.29
CA VAL M 143 -31.68 69.21 11.30
C VAL M 143 -31.48 69.34 12.79
N ARG M 144 -31.00 68.26 13.40
CA ARG M 144 -30.65 68.23 14.82
C ARG M 144 -29.25 67.65 14.96
N SER M 145 -28.53 68.07 16.00
CA SER M 145 -27.16 67.64 16.18
C SER M 145 -26.64 68.19 17.48
N ASN M 146 -25.71 67.45 18.08
CA ASN M 146 -24.94 67.94 19.22
C ASN M 146 -23.79 68.85 18.81
N CYS M 147 -23.52 68.95 17.51
CA CYS M 147 -22.55 69.89 16.98
C CYS M 147 -23.23 71.18 16.53
N ARG M 148 -22.46 72.27 16.53
CA ARG M 148 -23.05 73.59 16.35
C ARG M 148 -23.20 73.95 14.88
N GLN M 149 -22.46 73.31 13.99
CA GLN M 149 -22.62 73.52 12.56
C GLN M 149 -22.72 72.18 11.83
N VAL M 150 -23.60 72.13 10.84
CA VAL M 150 -23.83 70.94 10.03
C VAL M 150 -23.50 71.26 8.58
N ALA M 151 -22.75 70.38 7.94
CA ALA M 151 -22.38 70.52 6.54
C ALA M 151 -23.34 69.70 5.69
N LEU M 152 -24.05 70.37 4.80
CA LEU M 152 -25.03 69.73 3.93
C LEU M 152 -24.56 69.72 2.47
N VAL M 153 -24.96 68.67 1.76
CA VAL M 153 -24.77 68.57 0.32
C VAL M 153 -26.09 68.06 -0.22
N ILE M 154 -26.79 68.88 -1.01
CA ILE M 154 -28.12 68.55 -1.50
C ILE M 154 -28.06 68.32 -3.01
N SER M 155 -28.50 67.16 -3.45
CA SER M 155 -28.61 66.86 -4.87
C SER M 155 -29.98 67.33 -5.35
N CYS M 156 -29.98 68.26 -6.30
CA CYS M 156 -31.22 68.90 -6.71
C CYS M 156 -31.13 69.28 -8.18
N CYS M 157 -32.29 69.56 -8.76
CA CYS M 157 -32.42 69.91 -10.18
C CYS M 157 -32.95 71.34 -10.26
N PHE M 158 -32.06 72.29 -10.50
CA PHE M 158 -32.46 73.68 -10.65
C PHE M 158 -33.21 73.86 -11.96
N ASN M 159 -34.39 74.48 -11.90
CA ASN M 159 -35.18 74.72 -13.09
C ASN M 159 -35.96 76.01 -12.97
N ASN N 16 23.55 37.80 -17.63
CA ASN N 16 24.46 38.93 -17.58
C ASN N 16 25.92 38.49 -17.71
N SER N 17 26.78 39.43 -18.08
CA SER N 17 28.21 39.19 -18.15
C SER N 17 28.89 39.63 -16.85
N ASN N 18 30.20 39.41 -16.79
CA ASN N 18 30.99 39.82 -15.64
C ASN N 18 32.03 40.86 -15.98
N VAL N 19 32.17 41.20 -17.27
CA VAL N 19 33.26 42.06 -17.72
C VAL N 19 32.74 42.99 -18.81
N VAL N 20 33.58 43.98 -19.15
CA VAL N 20 33.21 44.94 -20.18
C VAL N 20 33.14 44.25 -21.53
N THR N 21 32.30 44.81 -22.41
CA THR N 21 32.04 44.24 -23.72
C THR N 21 32.03 45.38 -24.73
N MET N 22 32.39 45.07 -25.97
CA MET N 22 32.48 46.10 -27.00
CA MET N 22 32.49 46.08 -27.01
C MET N 22 31.12 46.38 -27.61
N ILE N 23 30.88 47.65 -27.91
CA ILE N 23 29.68 48.12 -28.59
C ILE N 23 30.11 48.59 -29.97
N ARG N 24 29.49 48.02 -31.01
CA ARG N 24 29.81 48.39 -32.39
C ARG N 24 29.05 49.67 -32.73
N ALA N 25 29.53 50.76 -32.14
CA ALA N 25 28.89 52.06 -32.33
C ALA N 25 29.01 52.51 -33.78
N GLY N 26 28.02 53.27 -34.22
CA GLY N 26 27.98 53.74 -35.59
C GLY N 26 28.17 55.23 -35.72
N SER N 27 27.33 55.87 -36.53
CA SER N 27 27.43 57.31 -36.72
C SER N 27 27.16 58.02 -35.40
N TYR N 28 27.52 59.30 -35.36
CA TYR N 28 27.18 60.13 -34.21
C TYR N 28 25.66 60.29 -34.14
N PRO N 29 25.03 60.05 -33.00
CA PRO N 29 23.57 60.14 -32.93
C PRO N 29 23.10 61.57 -32.69
N LYS N 30 21.80 61.76 -32.82
CA LYS N 30 21.17 62.99 -32.34
C LYS N 30 21.37 63.04 -30.84
N VAL N 31 21.64 64.25 -30.33
CA VAL N 31 21.91 64.44 -28.91
C VAL N 31 21.16 65.67 -28.41
N ASN N 32 21.15 65.84 -27.10
CA ASN N 32 20.47 66.95 -26.44
C ASN N 32 20.99 67.03 -25.01
N PRO N 33 21.86 67.99 -24.70
CA PRO N 33 22.40 68.05 -23.33
C PRO N 33 21.40 68.52 -22.31
N THR N 34 20.30 69.15 -22.72
CA THR N 34 19.32 69.74 -21.81
C THR N 34 17.94 69.22 -22.15
N PRO N 35 17.63 67.99 -21.76
CA PRO N 35 16.36 67.38 -22.16
C PRO N 35 15.23 67.77 -21.21
N THR N 36 14.01 67.44 -21.65
CA THR N 36 12.83 67.67 -20.84
C THR N 36 12.77 66.67 -19.69
N TRP N 37 11.85 66.92 -18.74
CA TRP N 37 11.79 66.11 -17.53
C TRP N 37 10.38 66.19 -16.97
N VAL N 38 9.71 65.04 -16.87
CA VAL N 38 8.39 64.96 -16.26
C VAL N 38 8.59 64.67 -14.78
N ARG N 39 7.87 65.42 -13.93
CA ARG N 39 8.16 65.44 -12.52
C ARG N 39 6.88 65.58 -11.71
N ALA N 40 6.97 65.25 -10.42
CA ALA N 40 5.94 65.54 -9.43
C ALA N 40 6.61 66.27 -8.28
N ILE N 41 6.47 67.60 -8.23
CA ILE N 41 7.25 68.44 -7.32
C ILE N 41 6.49 68.63 -6.02
N PRO N 42 7.11 68.42 -4.86
CA PRO N 42 6.43 68.71 -3.59
C PRO N 42 6.94 69.95 -2.88
N PHE N 43 6.07 70.93 -2.64
CA PHE N 43 6.46 72.11 -1.89
C PHE N 43 5.25 72.65 -1.14
N GLU N 44 5.52 73.42 -0.10
CA GLU N 44 4.48 73.97 0.76
C GLU N 44 4.30 75.46 0.49
N VAL N 45 3.14 75.97 0.90
CA VAL N 45 2.79 77.38 0.77
C VAL N 45 2.03 77.80 2.02
N SER N 46 2.16 79.07 2.37
CA SER N 46 1.48 79.64 3.53
C SER N 46 0.14 80.23 3.10
N VAL N 47 -0.93 79.83 3.79
CA VAL N 47 -2.28 80.29 3.52
C VAL N 47 -2.89 80.81 4.81
N GLN N 48 -3.37 82.05 4.79
CA GLN N 48 -4.02 82.67 5.94
C GLN N 48 -5.53 82.60 5.77
N SER N 49 -6.23 82.85 6.87
CA SER N 49 -7.68 82.68 6.89
CA SER N 49 -7.68 82.68 6.89
C SER N 49 -8.37 83.72 6.01
N GLY N 50 -9.40 83.28 5.29
CA GLY N 50 -10.26 84.15 4.52
C GLY N 50 -9.66 84.76 3.28
N ILE N 51 -8.44 84.41 2.91
CA ILE N 51 -7.77 85.04 1.79
C ILE N 51 -7.09 83.97 0.95
N ALA N 52 -7.23 84.10 -0.37
CA ALA N 52 -6.60 83.16 -1.29
C ALA N 52 -5.12 83.49 -1.46
N PHE N 53 -4.33 82.44 -1.66
CA PHE N 53 -2.90 82.57 -1.95
C PHE N 53 -2.65 82.12 -3.37
N LYS N 54 -1.94 82.96 -4.14
CA LYS N 54 -1.61 82.65 -5.53
C LYS N 54 -0.30 81.89 -5.59
N VAL N 55 -0.35 80.67 -6.12
CA VAL N 55 0.84 79.81 -6.17
C VAL N 55 1.69 80.26 -7.35
N PRO N 56 2.89 80.79 -7.13
CA PRO N 56 3.72 81.25 -8.25
C PRO N 56 4.38 80.07 -8.95
N VAL N 57 4.30 80.06 -10.28
CA VAL N 57 4.96 79.03 -11.07
C VAL N 57 6.44 79.00 -10.78
N GLY N 58 7.00 80.13 -10.34
CA GLY N 58 8.43 80.18 -10.09
C GLY N 58 8.89 79.22 -9.01
N SER N 59 8.01 78.87 -8.08
CA SER N 59 8.37 77.95 -7.03
C SER N 59 8.80 76.60 -7.59
N LEU N 60 8.39 76.28 -8.82
CA LEU N 60 8.75 75.00 -9.42
C LEU N 60 10.17 74.97 -9.95
N PHE N 61 10.80 76.13 -10.16
CA PHE N 61 12.19 76.19 -10.60
C PHE N 61 13.04 76.45 -9.37
N SER N 62 13.88 75.47 -9.01
CA SER N 62 14.71 75.59 -7.82
C SER N 62 15.71 74.45 -7.78
N ALA N 63 16.92 74.75 -7.29
CA ALA N 63 17.94 73.72 -7.13
C ALA N 63 17.51 72.65 -6.16
N ASN N 64 16.55 72.95 -5.29
CA ASN N 64 16.01 71.95 -4.38
C ASN N 64 15.22 70.87 -5.10
N PHE N 65 14.86 71.09 -6.36
CA PHE N 65 14.16 70.11 -7.18
C PHE N 65 14.97 69.67 -8.39
N ARG N 66 16.21 70.15 -8.52
CA ARG N 66 17.06 69.91 -9.68
C ARG N 66 16.55 70.57 -10.94
N THR N 67 15.71 71.61 -10.81
CA THR N 67 15.06 72.24 -11.94
C THR N 67 15.44 73.70 -12.10
N ASP N 68 16.53 74.15 -11.48
CA ASP N 68 16.94 75.54 -11.63
C ASP N 68 17.45 75.85 -13.02
N SER N 69 17.67 74.83 -13.86
CA SER N 69 18.09 75.05 -15.24
C SER N 69 16.92 75.30 -16.17
N PHE N 70 15.69 75.15 -15.69
CA PHE N 70 14.50 75.37 -16.51
C PHE N 70 13.95 76.77 -16.26
N THR N 71 13.40 77.37 -17.32
CA THR N 71 12.71 78.64 -17.22
C THR N 71 11.23 78.52 -17.55
N SER N 72 10.77 77.35 -18.00
CA SER N 72 9.39 77.14 -18.39
C SER N 72 8.97 75.73 -18.00
N VAL N 73 7.67 75.52 -17.84
CA VAL N 73 7.14 74.24 -17.40
C VAL N 73 5.67 74.16 -17.78
N THR N 74 5.27 72.99 -18.28
CA THR N 74 3.88 72.69 -18.57
C THR N 74 3.31 71.95 -17.37
N VAL N 75 2.26 72.50 -16.76
CA VAL N 75 1.61 71.89 -15.61
C VAL N 75 0.46 71.03 -16.09
N MET N 76 0.36 69.82 -15.55
CA MET N 76 -0.65 68.86 -15.94
C MET N 76 -1.73 68.70 -14.88
N SER N 77 -1.34 68.51 -13.63
CA SER N 77 -2.30 68.33 -12.55
C SER N 77 -1.74 68.94 -11.28
N VAL N 78 -2.64 69.21 -10.33
CA VAL N 78 -2.29 69.87 -9.08
C VAL N 78 -3.03 69.15 -7.97
N ARG N 79 -2.32 68.83 -6.89
CA ARG N 79 -2.92 68.20 -5.71
C ARG N 79 -2.48 68.97 -4.48
N ALA N 80 -3.42 69.15 -3.55
CA ALA N 80 -3.17 69.94 -2.34
C ALA N 80 -3.53 69.13 -1.10
N TRP N 81 -2.77 69.35 -0.04
CA TRP N 81 -3.02 68.76 1.26
C TRP N 81 -2.78 69.82 2.32
N THR N 82 -3.61 69.83 3.35
CA THR N 82 -3.33 70.69 4.50
C THR N 82 -2.09 70.17 5.23
N GLN N 83 -1.17 71.08 5.56
CA GLN N 83 0.12 70.72 6.15
C GLN N 83 0.19 71.02 7.64
N LEU N 84 -0.78 71.76 8.19
CA LEU N 84 -0.84 72.02 9.63
C LEU N 84 -2.26 71.78 10.15
N THR N 85 -2.36 71.55 11.46
CA THR N 85 -3.64 71.22 12.04
C THR N 85 -4.61 72.39 11.86
N PRO N 86 -5.91 72.12 11.87
CA PRO N 86 -6.89 73.20 11.67
C PRO N 86 -7.14 73.96 12.95
N PRO N 87 -7.95 75.02 12.89
CA PRO N 87 -8.32 75.73 14.12
C PRO N 87 -9.19 74.86 15.03
N VAL N 88 -9.16 75.19 16.31
CA VAL N 88 -9.91 74.42 17.31
C VAL N 88 -11.35 74.30 16.86
N ASN N 89 -11.87 73.07 16.95
CA ASN N 89 -13.26 72.71 16.70
C ASN N 89 -13.58 72.58 15.21
N GLU N 90 -12.64 72.88 14.32
CA GLU N 90 -12.90 72.81 12.89
C GLU N 90 -12.27 71.58 12.28
N TYR N 91 -12.76 71.20 11.10
CA TYR N 91 -12.17 70.16 10.28
C TYR N 91 -11.38 70.79 9.15
N SER N 92 -10.18 70.27 8.90
CA SER N 92 -9.35 70.82 7.83
C SER N 92 -10.14 70.89 6.52
N PHE N 93 -9.86 71.92 5.74
CA PHE N 93 -10.36 71.99 4.36
C PHE N 93 -9.31 72.66 3.49
N VAL N 94 -9.50 72.56 2.17
CA VAL N 94 -8.61 73.19 1.22
C VAL N 94 -9.35 73.32 -0.10
N ARG N 95 -9.16 74.46 -0.77
CA ARG N 95 -9.79 74.75 -2.04
C ARG N 95 -8.72 75.06 -3.07
N LEU N 96 -9.01 74.76 -4.32
CA LEU N 96 -8.10 75.04 -5.42
C LEU N 96 -8.89 75.65 -6.57
N LYS N 97 -8.49 76.87 -6.98
CA LYS N 97 -9.07 77.54 -8.13
C LYS N 97 -8.03 77.59 -9.23
N PRO N 98 -8.17 76.83 -10.32
CA PRO N 98 -7.16 76.89 -11.39
C PRO N 98 -7.06 78.31 -11.92
N LEU N 99 -5.85 78.70 -12.29
CA LEU N 99 -5.59 79.97 -12.97
C LEU N 99 -4.92 79.67 -14.31
N PHE N 100 -5.22 80.54 -15.27
CA PHE N 100 -4.62 80.45 -16.60
C PHE N 100 -4.43 81.85 -17.17
N LYS N 101 -3.37 82.01 -17.96
CA LYS N 101 -3.10 83.31 -18.58
C LYS N 101 -4.24 83.71 -19.51
N THR N 102 -4.67 82.78 -20.37
CA THR N 102 -5.75 83.07 -21.31
C THR N 102 -7.09 83.26 -20.64
N GLY N 103 -7.15 83.18 -19.31
CA GLY N 103 -8.41 83.35 -18.60
C GLY N 103 -8.48 82.52 -17.34
N ASP N 104 -8.55 83.18 -16.19
CA ASP N 104 -8.63 82.47 -14.93
C ASP N 104 -9.97 81.76 -14.81
N SER N 105 -9.99 80.73 -13.96
CA SER N 105 -11.19 79.96 -13.70
CA SER N 105 -11.19 79.96 -13.70
C SER N 105 -11.85 80.41 -12.39
N THR N 106 -13.08 79.95 -12.20
CA THR N 106 -13.84 80.24 -11.00
C THR N 106 -14.23 78.96 -10.26
N GLU N 107 -13.72 77.81 -10.70
CA GLU N 107 -13.91 76.57 -9.95
C GLU N 107 -13.21 76.65 -8.61
N GLU N 108 -13.89 76.17 -7.56
CA GLU N 108 -13.34 76.13 -6.21
C GLU N 108 -13.32 74.68 -5.76
N PHE N 109 -12.50 73.85 -6.42
CA PHE N 109 -12.37 72.44 -6.07
C PHE N 109 -11.99 72.31 -4.60
N GLU N 110 -12.92 71.86 -3.77
CA GLU N 110 -12.75 71.82 -2.32
C GLU N 110 -12.71 70.38 -1.82
N GLY N 111 -11.92 70.17 -0.77
CA GLY N 111 -11.90 68.90 -0.06
C GLY N 111 -11.81 69.14 1.43
N ARG N 112 -12.56 68.35 2.20
CA ARG N 112 -12.62 68.50 3.64
C ARG N 112 -12.19 67.21 4.31
N ALA N 113 -11.64 67.34 5.51
CA ALA N 113 -11.27 66.18 6.31
C ALA N 113 -12.46 65.78 7.16
N SER N 114 -12.71 64.47 7.24
CA SER N 114 -13.76 63.93 8.11
C SER N 114 -13.23 63.54 9.47
N ASN N 115 -11.94 63.76 9.74
CA ASN N 115 -11.32 63.57 11.04
C ASN N 115 -10.46 64.80 11.33
N ILE N 116 -10.67 65.41 12.50
CA ILE N 116 -10.00 66.68 12.79
C ILE N 116 -8.49 66.51 12.70
N ASN N 117 -7.98 65.32 13.03
CA ASN N 117 -6.54 65.08 13.06
C ASN N 117 -5.95 64.70 11.71
N THR N 118 -6.76 64.57 10.66
CA THR N 118 -6.30 64.18 9.35
C THR N 118 -6.34 65.36 8.38
N ARG N 119 -5.50 65.27 7.35
CA ARG N 119 -5.42 66.31 6.35
C ARG N 119 -6.65 66.27 5.45
N ALA N 120 -7.05 67.45 4.98
CA ALA N 120 -7.97 67.59 3.87
C ALA N 120 -7.19 67.63 2.57
N SER N 121 -7.76 67.07 1.51
CA SER N 121 -7.05 66.98 0.25
C SER N 121 -8.02 67.24 -0.91
N VAL N 122 -7.44 67.69 -2.02
CA VAL N 122 -8.20 67.90 -3.25
C VAL N 122 -7.21 68.17 -4.36
N GLY N 123 -7.59 67.87 -5.59
CA GLY N 123 -6.75 68.17 -6.73
C GLY N 123 -7.60 68.35 -7.97
N TYR N 124 -6.98 68.88 -9.01
CA TYR N 124 -7.64 69.05 -10.29
C TYR N 124 -6.67 68.71 -11.41
N ARG N 125 -7.21 68.21 -12.51
CA ARG N 125 -6.46 67.93 -13.72
C ARG N 125 -6.68 69.07 -14.70
N ILE N 126 -5.65 69.38 -15.48
CA ILE N 126 -5.71 70.42 -16.51
C ILE N 126 -5.92 69.71 -17.84
N PRO N 127 -6.96 70.05 -18.60
CA PRO N 127 -7.17 69.39 -19.89
C PRO N 127 -5.98 69.61 -20.83
N THR N 128 -5.97 68.83 -21.90
CA THR N 128 -4.87 68.93 -22.85
C THR N 128 -4.86 70.27 -23.56
N ASN N 129 -6.05 70.77 -23.94
CA ASN N 129 -6.12 72.03 -24.67
C ASN N 129 -5.70 73.23 -23.83
N LEU N 130 -5.50 73.05 -22.53
CA LEU N 130 -5.02 74.12 -21.67
C LEU N 130 -3.61 73.87 -21.14
N ARG N 131 -2.88 72.91 -21.72
CA ARG N 131 -1.55 72.55 -21.26
C ARG N 131 -0.51 73.25 -22.12
N GLN N 132 -0.34 74.54 -21.87
CA GLN N 132 0.75 75.31 -22.44
C GLN N 132 1.81 75.59 -21.38
N ASN N 133 2.91 76.20 -21.80
CA ASN N 133 3.99 76.50 -20.87
C ASN N 133 3.63 77.68 -19.97
N THR N 134 4.31 77.77 -18.84
CA THR N 134 4.18 78.90 -17.92
C THR N 134 5.57 79.24 -17.38
N VAL N 135 5.78 80.51 -17.11
CA VAL N 135 7.07 80.99 -16.59
C VAL N 135 6.92 81.34 -15.11
N ALA N 136 8.02 81.75 -14.48
CA ALA N 136 7.99 82.01 -13.04
C ALA N 136 7.01 83.13 -12.69
N ALA N 137 6.91 84.15 -13.56
CA ALA N 137 6.00 85.26 -13.28
C ALA N 137 4.55 84.83 -13.25
N ASP N 138 4.22 83.68 -13.84
CA ASP N 138 2.84 83.24 -13.90
C ASP N 138 2.41 82.54 -12.61
N ASN N 139 1.12 82.29 -12.49
CA ASN N 139 0.53 81.62 -11.34
C ASN N 139 -0.16 80.34 -11.78
N VAL N 140 -0.22 79.37 -10.86
CA VAL N 140 -0.83 78.08 -11.14
C VAL N 140 -2.29 78.06 -10.71
N CYS N 141 -2.55 78.42 -9.46
CA CYS N 141 -3.90 78.37 -8.92
C CYS N 141 -3.98 79.24 -7.68
N GLU N 142 -5.20 79.37 -7.15
CA GLU N 142 -5.44 80.03 -5.87
C GLU N 142 -5.73 78.95 -4.84
N VAL N 143 -5.10 79.05 -3.68
CA VAL N 143 -5.29 78.09 -2.59
C VAL N 143 -5.99 78.79 -1.45
N ARG N 144 -7.01 78.13 -0.88
CA ARG N 144 -7.67 78.58 0.33
C ARG N 144 -7.65 77.45 1.33
N SER N 145 -7.67 77.79 2.62
CA SER N 145 -7.64 76.77 3.66
C SER N 145 -7.74 77.37 5.05
N ASN N 146 -8.40 76.65 5.96
CA ASN N 146 -8.37 77.01 7.38
C ASN N 146 -7.08 76.59 8.07
N CYS N 147 -6.15 75.99 7.33
CA CYS N 147 -4.86 75.58 7.85
C CYS N 147 -3.80 76.55 7.36
N ARG N 148 -2.84 76.87 8.23
CA ARG N 148 -1.89 77.93 7.94
C ARG N 148 -0.87 77.54 6.88
N GLN N 149 -0.84 76.28 6.45
CA GLN N 149 0.09 75.86 5.41
CA GLN N 149 0.09 75.86 5.41
C GLN N 149 -0.55 74.70 4.63
N VAL N 150 -0.28 74.68 3.32
CA VAL N 150 -0.82 73.65 2.44
C VAL N 150 0.34 73.02 1.68
N ALA N 151 0.42 71.69 1.73
CA ALA N 151 1.41 70.94 0.98
C ALA N 151 0.86 70.63 -0.41
N LEU N 152 1.62 70.96 -1.44
CA LEU N 152 1.20 70.81 -2.82
C LEU N 152 2.13 69.83 -3.54
N VAL N 153 1.54 68.99 -4.40
CA VAL N 153 2.31 68.14 -5.30
C VAL N 153 1.78 68.43 -6.69
N ILE N 154 2.63 69.00 -7.54
CA ILE N 154 2.26 69.41 -8.88
C ILE N 154 2.97 68.51 -9.89
N SER N 155 2.19 67.80 -10.70
CA SER N 155 2.74 66.98 -11.76
CA SER N 155 2.74 66.97 -11.77
C SER N 155 2.87 67.84 -13.02
N CYS N 156 4.10 67.98 -13.50
CA CYS N 156 4.34 68.91 -14.60
C CYS N 156 5.46 68.40 -15.49
N CYS N 157 5.64 69.06 -16.62
CA CYS N 157 6.61 68.69 -17.64
C CYS N 157 7.57 69.86 -17.84
N PHE N 158 8.81 69.71 -17.40
CA PHE N 158 9.82 70.76 -17.56
C PHE N 158 10.41 70.71 -18.98
N ASN N 159 10.67 71.88 -19.53
CA ASN N 159 11.23 71.99 -20.88
C ASN N 159 11.85 73.36 -21.09
N LYS O 11 0.36 0.82 3.04
CA LYS O 11 -0.16 1.62 1.94
C LYS O 11 -1.27 2.58 2.41
N SER O 12 -0.88 3.68 3.05
CA SER O 12 0.54 3.97 3.30
C SER O 12 0.68 5.07 4.35
N THR O 13 0.98 4.67 5.58
CA THR O 13 1.29 5.59 6.67
C THR O 13 2.74 5.39 7.09
N GLY O 14 3.46 6.50 7.28
CA GLY O 14 4.86 6.40 7.61
C GLY O 14 5.60 7.71 7.75
N ASP O 15 4.90 8.76 8.22
CA ASP O 15 5.51 10.05 8.46
C ASP O 15 5.40 10.52 9.91
N ASN O 16 4.58 9.86 10.72
CA ASN O 16 4.35 10.25 12.10
C ASN O 16 5.01 9.24 13.04
N SER O 17 6.33 9.27 13.07
CA SER O 17 7.08 8.39 13.93
C SER O 17 7.01 8.87 15.37
N ASN O 18 7.01 7.91 16.31
CA ASN O 18 7.00 8.22 17.73
C ASN O 18 8.34 8.01 18.40
N VAL O 19 9.23 7.20 17.82
CA VAL O 19 10.50 6.85 18.43
C VAL O 19 11.65 7.32 17.54
N VAL O 20 12.86 7.29 18.11
CA VAL O 20 14.04 7.63 17.34
C VAL O 20 14.23 6.59 16.23
N THR O 21 14.90 7.00 15.16
CA THR O 21 15.16 6.13 14.03
C THR O 21 16.59 6.37 13.55
N MET O 22 17.13 5.38 12.84
CA MET O 22 18.51 5.45 12.40
CA MET O 22 18.51 5.44 12.40
C MET O 22 18.63 6.27 11.12
N ILE O 23 19.76 6.95 10.98
CA ILE O 23 20.13 7.71 9.78
C ILE O 23 21.36 7.04 9.20
N ARG O 24 21.26 6.55 7.97
CA ARG O 24 22.38 5.88 7.30
C ARG O 24 23.29 6.92 6.65
N ALA O 25 23.90 7.73 7.52
CA ALA O 25 24.80 8.78 7.09
C ALA O 25 25.92 8.22 6.23
N GLY O 26 26.52 9.11 5.43
CA GLY O 26 27.60 8.74 4.55
C GLY O 26 28.90 9.45 4.87
N SER O 27 29.63 9.86 3.84
CA SER O 27 30.90 10.53 4.06
C SER O 27 30.69 11.84 4.81
N TYR O 28 31.78 12.37 5.39
CA TYR O 28 31.68 13.63 6.10
C TYR O 28 31.29 14.72 5.12
N PRO O 29 30.33 15.58 5.46
CA PRO O 29 29.87 16.59 4.50
C PRO O 29 30.70 17.86 4.51
N LYS O 30 30.39 18.79 3.61
CA LYS O 30 30.90 20.14 3.74
C LYS O 30 30.16 20.82 4.88
N VAL O 31 30.89 21.56 5.71
CA VAL O 31 30.30 22.23 6.86
C VAL O 31 30.75 23.68 6.90
N ASN O 32 30.00 24.48 7.68
CA ASN O 32 30.37 25.87 7.93
C ASN O 32 29.87 26.25 9.32
N PRO O 33 30.77 26.55 10.27
CA PRO O 33 30.31 26.92 11.62
C PRO O 33 29.83 28.37 11.74
N THR O 34 30.09 29.23 10.74
CA THR O 34 29.76 30.65 10.82
C THR O 34 29.11 31.07 9.50
N PRO O 35 27.88 30.63 9.25
CA PRO O 35 27.22 30.92 7.98
C PRO O 35 26.66 32.34 7.94
N THR O 36 26.14 32.71 6.78
CA THR O 36 25.51 34.00 6.57
C THR O 36 24.09 33.99 7.16
N TRP O 37 23.48 35.17 7.22
CA TRP O 37 22.17 35.32 7.86
C TRP O 37 21.45 36.52 7.26
N VAL O 38 20.33 36.26 6.59
CA VAL O 38 19.46 37.33 6.12
C VAL O 38 18.57 37.75 7.28
N ARG O 39 18.47 39.07 7.48
CA ARG O 39 17.82 39.58 8.68
C ARG O 39 17.05 40.86 8.37
N ALA O 40 16.08 41.16 9.25
CA ALA O 40 15.44 42.47 9.34
C ALA O 40 15.71 43.01 10.74
N ILE O 41 16.60 44.00 10.84
CA ILE O 41 17.12 44.48 12.12
C ILE O 41 16.35 45.74 12.51
N PRO O 42 15.65 45.74 13.65
CA PRO O 42 15.01 46.99 14.11
C PRO O 42 15.86 47.75 15.09
N PHE O 43 15.99 49.06 14.91
CA PHE O 43 16.69 49.88 15.88
C PHE O 43 16.32 51.33 15.63
N GLU O 44 16.54 52.17 16.64
CA GLU O 44 16.14 53.57 16.63
C GLU O 44 17.36 54.47 16.62
N VAL O 45 17.13 55.75 16.32
CA VAL O 45 18.18 56.75 16.32
C VAL O 45 17.60 58.09 16.79
N SER O 46 18.44 58.91 17.40
CA SER O 46 18.03 60.24 17.84
C SER O 46 18.28 61.24 16.72
N VAL O 47 17.27 62.06 16.42
CA VAL O 47 17.35 63.02 15.32
C VAL O 47 17.00 64.41 15.84
N GLN O 48 17.87 65.38 15.57
CA GLN O 48 17.67 66.75 15.98
C GLN O 48 16.91 67.51 14.91
N SER O 49 16.33 68.64 15.30
CA SER O 49 15.57 69.46 14.37
C SER O 49 16.50 70.10 13.33
N GLY O 50 16.11 69.98 12.06
CA GLY O 50 16.85 70.60 10.99
C GLY O 50 18.21 70.02 10.71
N ILE O 51 18.62 68.98 11.43
CA ILE O 51 19.94 68.38 11.29
C ILE O 51 19.78 66.98 10.74
N ALA O 52 20.62 66.62 9.77
CA ALA O 52 20.67 65.25 9.29
C ALA O 52 21.54 64.39 10.18
N PHE O 53 21.12 63.16 10.38
CA PHE O 53 21.86 62.20 11.22
C PHE O 53 22.32 61.04 10.36
N LYS O 54 23.62 60.76 10.40
CA LYS O 54 24.17 59.63 9.67
C LYS O 54 23.96 58.34 10.47
N VAL O 55 23.35 57.34 9.83
CA VAL O 55 23.06 56.06 10.47
C VAL O 55 24.31 55.18 10.36
N PRO O 56 24.92 54.77 11.48
CA PRO O 56 26.15 53.98 11.39
C PRO O 56 25.83 52.51 11.17
N VAL O 57 26.53 51.89 10.22
CA VAL O 57 26.36 50.47 9.96
C VAL O 57 26.66 49.66 11.21
N GLY O 58 27.57 50.13 12.04
CA GLY O 58 27.93 49.43 13.26
C GLY O 58 26.75 49.13 14.16
N SER O 59 25.67 49.88 13.99
CA SER O 59 24.46 49.63 14.75
C SER O 59 23.88 48.26 14.46
N LEU O 60 24.17 47.69 13.28
CA LEU O 60 23.63 46.39 12.92
C LEU O 60 24.36 45.25 13.62
N PHE O 61 25.62 45.45 14.00
CA PHE O 61 26.39 44.45 14.74
C PHE O 61 26.16 44.67 16.23
N SER O 62 25.51 43.70 16.87
CA SER O 62 25.30 43.80 18.31
C SER O 62 24.81 42.46 18.85
N ALA O 63 25.14 42.19 20.12
CA ALA O 63 24.60 41.01 20.78
C ALA O 63 23.10 41.12 21.00
N ASN O 64 22.53 42.33 20.87
CA ASN O 64 21.08 42.49 20.98
C ASN O 64 20.36 41.99 19.74
N PHE O 65 21.10 41.63 18.68
CA PHE O 65 20.53 41.07 17.48
C PHE O 65 21.10 39.71 17.14
N ARG O 66 21.96 39.16 17.98
CA ARG O 66 22.71 37.95 17.70
C ARG O 66 23.67 38.12 16.53
N THR O 67 24.10 39.35 16.25
CA THR O 67 24.98 39.63 15.12
C THR O 67 26.34 40.19 15.53
N ASP O 68 26.69 40.13 16.81
CA ASP O 68 27.99 40.63 17.25
CA ASP O 68 27.99 40.63 17.24
C ASP O 68 29.15 39.81 16.71
N SER O 69 28.87 38.62 16.16
CA SER O 69 29.90 37.77 15.58
C SER O 69 30.20 38.13 14.13
N PHE O 70 29.49 39.09 13.57
CA PHE O 70 29.75 39.55 12.21
C PHE O 70 30.59 40.81 12.25
N THR O 71 31.29 41.07 11.13
CA THR O 71 32.00 42.33 10.94
C THR O 71 31.58 43.06 9.68
N SER O 72 30.96 42.36 8.72
CA SER O 72 30.49 42.97 7.48
C SER O 72 29.00 42.68 7.31
N VAL O 73 28.38 43.41 6.39
CA VAL O 73 26.96 43.21 6.10
C VAL O 73 26.65 43.85 4.76
N THR O 74 25.81 43.17 3.98
CA THR O 74 25.32 43.69 2.70
C THR O 74 23.90 44.22 2.91
N VAL O 75 23.73 45.53 2.86
CA VAL O 75 22.43 46.13 3.10
C VAL O 75 21.60 46.02 1.83
N MET O 76 20.37 45.52 1.96
CA MET O 76 19.46 45.36 0.83
C MET O 76 18.43 46.47 0.74
N SER O 77 17.86 46.90 1.85
CA SER O 77 16.85 47.95 1.84
C SER O 77 16.83 48.63 3.21
N VAL O 78 16.18 49.78 3.27
CA VAL O 78 16.06 50.56 4.50
C VAL O 78 14.65 51.12 4.59
N ARG O 79 13.97 50.87 5.70
CA ARG O 79 12.64 51.41 5.97
C ARG O 79 12.70 52.16 7.29
N ALA O 80 12.01 53.30 7.36
CA ALA O 80 12.07 54.15 8.53
C ALA O 80 10.68 54.61 8.94
N TRP O 81 10.51 54.76 10.26
CA TRP O 81 9.27 55.30 10.83
C TRP O 81 9.64 56.29 11.92
N THR O 82 8.86 57.38 12.02
CA THR O 82 9.00 58.26 13.17
C THR O 82 8.59 57.51 14.43
N GLN O 83 9.39 57.65 15.49
CA GLN O 83 9.19 56.90 16.73
C GLN O 83 8.54 57.72 17.83
N LEU O 84 8.53 59.04 17.74
CA LEU O 84 7.89 59.89 18.74
C LEU O 84 6.97 60.88 18.04
N THR O 85 6.12 61.52 18.85
CA THR O 85 5.15 62.47 18.31
C THR O 85 5.88 63.64 17.66
N PRO O 86 5.23 64.32 16.71
CA PRO O 86 5.83 65.49 16.07
C PRO O 86 5.55 66.74 16.88
N PRO O 87 6.12 67.88 16.48
CA PRO O 87 5.81 69.14 17.16
C PRO O 87 4.32 69.46 17.08
N VAL O 88 3.90 70.40 17.92
CA VAL O 88 2.50 70.82 17.92
C VAL O 88 2.17 71.44 16.58
N ASN O 89 0.98 71.12 16.07
CA ASN O 89 0.39 71.62 14.84
C ASN O 89 0.96 70.93 13.60
N GLU O 90 1.98 70.08 13.74
CA GLU O 90 2.66 69.50 12.60
C GLU O 90 2.26 68.04 12.38
N TYR O 91 2.48 67.59 11.13
CA TYR O 91 2.38 66.17 10.77
C TYR O 91 3.79 65.58 10.71
N SER O 92 3.93 64.37 11.24
CA SER O 92 5.23 63.71 11.23
C SER O 92 5.76 63.59 9.81
N PHE O 93 7.09 63.67 9.67
CA PHE O 93 7.73 63.39 8.39
C PHE O 93 9.09 62.76 8.63
N VAL O 94 9.57 62.05 7.62
CA VAL O 94 10.88 61.40 7.69
C VAL O 94 11.45 61.37 6.28
N ARG O 95 12.75 61.64 6.17
CA ARG O 95 13.45 61.61 4.90
C ARG O 95 14.69 60.73 5.01
N LEU O 96 14.96 59.98 3.95
CA LEU O 96 16.17 59.16 3.87
C LEU O 96 17.00 59.60 2.67
N LYS O 97 18.30 59.83 2.90
CA LYS O 97 19.25 60.12 1.83
C LYS O 97 20.26 58.98 1.82
N PRO O 98 20.24 58.10 0.82
CA PRO O 98 21.21 56.99 0.81
C PRO O 98 22.65 57.50 0.75
N LEU O 99 23.54 56.74 1.39
CA LEU O 99 24.97 56.98 1.37
C LEU O 99 25.67 55.72 0.87
N PHE O 100 26.70 55.91 0.04
CA PHE O 100 27.48 54.79 -0.47
C PHE O 100 28.94 55.19 -0.49
N LYS O 101 29.83 54.21 -0.24
CA LYS O 101 31.26 54.49 -0.16
C LYS O 101 31.79 54.97 -1.52
N THR O 102 31.25 54.43 -2.61
CA THR O 102 31.70 54.83 -3.94
C THR O 102 31.12 56.17 -4.38
N GLY O 103 30.17 56.72 -3.64
CA GLY O 103 29.60 58.01 -3.98
C GLY O 103 28.22 58.23 -3.41
N ASP O 104 28.12 59.13 -2.44
CA ASP O 104 26.85 59.38 -1.79
C ASP O 104 25.81 59.81 -2.82
N SER O 105 24.55 59.62 -2.46
CA SER O 105 23.42 60.02 -3.28
C SER O 105 22.87 61.35 -2.78
N THR O 106 22.09 62.00 -3.64
CA THR O 106 21.39 63.22 -3.30
C THR O 106 19.87 63.04 -3.23
N GLU O 107 19.38 61.81 -3.39
CA GLU O 107 17.95 61.55 -3.26
C GLU O 107 17.52 61.74 -1.81
N GLU O 108 16.37 62.40 -1.62
CA GLU O 108 15.78 62.60 -0.31
C GLU O 108 14.40 61.97 -0.28
N PHE O 109 14.35 60.63 -0.21
CA PHE O 109 13.09 59.92 -0.14
C PHE O 109 12.35 60.30 1.14
N GLU O 110 11.13 60.83 0.99
CA GLU O 110 10.41 61.42 2.11
C GLU O 110 9.05 60.75 2.26
N GLY O 111 8.56 60.75 3.50
CA GLY O 111 7.22 60.29 3.79
C GLY O 111 6.60 61.10 4.92
N ARG O 112 5.33 61.46 4.77
CA ARG O 112 4.64 62.27 5.75
C ARG O 112 3.41 61.52 6.27
N ALA O 113 2.94 61.94 7.43
CA ALA O 113 1.76 61.37 8.06
C ALA O 113 0.54 62.20 7.70
N SER O 114 -0.54 61.55 7.32
CA SER O 114 -1.80 62.22 7.05
C SER O 114 -2.67 62.34 8.29
N ASN O 115 -2.24 61.79 9.41
CA ASN O 115 -2.89 61.96 10.70
C ASN O 115 -1.81 62.30 11.73
N ILE O 116 -2.02 63.39 12.47
CA ILE O 116 -0.95 63.89 13.34
C ILE O 116 -0.57 62.83 14.37
N ASN O 117 -1.54 61.98 14.75
CA ASN O 117 -1.27 60.95 15.73
C ASN O 117 -0.53 59.74 15.14
N THR O 118 -0.22 59.75 13.85
CA THR O 118 0.28 58.58 13.15
C THR O 118 1.72 58.78 12.69
N ARG O 119 2.46 57.67 12.68
CA ARG O 119 3.85 57.68 12.25
C ARG O 119 3.93 58.08 10.79
N ALA O 120 5.04 58.72 10.43
CA ALA O 120 5.43 58.94 9.04
C ALA O 120 6.42 57.84 8.65
N SER O 121 6.31 57.34 7.44
CA SER O 121 7.15 56.22 7.03
C SER O 121 7.63 56.40 5.59
N VAL O 122 8.78 55.81 5.29
CA VAL O 122 9.34 55.81 3.95
C VAL O 122 10.49 54.81 3.95
N GLY O 123 10.99 54.47 2.76
CA GLY O 123 12.13 53.57 2.67
C GLY O 123 12.70 53.60 1.27
N TYR O 124 13.82 52.91 1.10
CA TYR O 124 14.45 52.84 -0.22
C TYR O 124 15.12 51.49 -0.40
N ARG O 125 15.13 51.02 -1.65
CA ARG O 125 15.78 49.79 -2.06
C ARG O 125 17.15 50.12 -2.64
N ILE O 126 18.10 49.20 -2.45
CA ILE O 126 19.44 49.33 -3.02
C ILE O 126 19.52 48.39 -4.22
N PRO O 127 19.86 48.87 -5.41
CA PRO O 127 19.94 47.99 -6.57
C PRO O 127 21.04 46.94 -6.40
N THR O 128 20.89 45.85 -7.16
CA THR O 128 21.88 44.78 -7.11
C THR O 128 23.29 45.33 -7.23
N ASN O 129 23.50 46.22 -8.20
CA ASN O 129 24.86 46.69 -8.51
C ASN O 129 25.45 47.54 -7.40
N LEU O 130 24.66 47.89 -6.38
CA LEU O 130 25.17 48.68 -5.25
C LEU O 130 25.08 47.92 -3.94
N ARG O 131 25.09 46.60 -3.99
CA ARG O 131 24.95 45.77 -2.79
C ARG O 131 26.28 45.12 -2.45
N GLN O 132 27.22 45.95 -2.02
CA GLN O 132 28.51 45.48 -1.54
C GLN O 132 28.47 45.45 -0.02
N ASN O 133 29.61 45.13 0.59
CA ASN O 133 29.69 45.00 2.04
C ASN O 133 30.03 46.33 2.69
N THR O 134 29.51 46.52 3.91
CA THR O 134 29.77 47.71 4.70
C THR O 134 30.15 47.27 6.11
N VAL O 135 31.05 48.04 6.72
CA VAL O 135 31.57 47.70 8.04
C VAL O 135 31.10 48.73 9.05
N ALA O 136 31.44 48.54 10.32
CA ALA O 136 30.89 49.38 11.38
C ALA O 136 31.19 50.86 11.15
N ALA O 137 32.35 51.17 10.57
CA ALA O 137 32.73 52.57 10.41
C ALA O 137 31.86 53.27 9.37
N ASP O 138 31.36 52.54 8.38
CA ASP O 138 30.61 53.15 7.29
C ASP O 138 29.25 53.64 7.79
N ASN O 139 28.52 54.31 6.89
CA ASN O 139 27.21 54.87 7.20
C ASN O 139 26.21 54.49 6.12
N VAL O 140 25.00 54.15 6.54
CA VAL O 140 23.98 53.64 5.63
C VAL O 140 23.28 54.77 4.89
N CYS O 141 22.85 55.79 5.62
CA CYS O 141 22.08 56.88 5.03
C CYS O 141 21.97 58.00 6.06
N GLU O 142 21.55 59.17 5.57
CA GLU O 142 21.22 60.29 6.43
C GLU O 142 19.72 60.30 6.70
N VAL O 143 19.34 60.72 7.91
CA VAL O 143 17.95 60.74 8.35
C VAL O 143 17.60 62.15 8.82
N ARG O 144 16.48 62.66 8.32
CA ARG O 144 15.91 63.92 8.78
C ARG O 144 14.48 63.66 9.21
N SER O 145 13.99 64.48 10.13
CA SER O 145 12.63 64.34 10.64
C SER O 145 12.29 65.48 11.59
N ASN O 146 11.00 65.79 11.73
CA ASN O 146 10.54 66.70 12.77
C ASN O 146 10.29 66.01 14.10
N CYS O 147 10.32 64.68 14.13
CA CYS O 147 10.26 63.92 15.37
C CYS O 147 11.67 63.63 15.85
N ARG O 148 11.82 63.56 17.17
CA ARG O 148 13.17 63.51 17.75
C ARG O 148 13.78 62.12 17.74
N GLN O 149 13.02 61.08 17.42
CA GLN O 149 13.52 59.71 17.39
CA GLN O 149 13.52 59.71 17.39
C GLN O 149 12.84 59.00 16.23
N VAL O 150 13.63 58.29 15.43
CA VAL O 150 13.17 57.59 14.23
C VAL O 150 13.49 56.11 14.35
N ALA O 151 12.52 55.26 14.02
CA ALA O 151 12.66 53.83 14.14
C ALA O 151 12.92 53.22 12.76
N LEU O 152 13.96 52.39 12.66
CA LEU O 152 14.39 51.82 11.39
C LEU O 152 14.25 50.32 11.40
N VAL O 153 14.10 49.75 10.19
CA VAL O 153 14.08 48.31 9.96
C VAL O 153 14.89 48.04 8.70
N ILE O 154 16.12 47.54 8.87
CA ILE O 154 17.05 47.39 7.75
C ILE O 154 17.13 45.92 7.37
N SER O 155 16.64 45.59 6.17
CA SER O 155 16.81 44.25 5.63
C SER O 155 18.23 44.14 5.09
N CYS O 156 18.99 43.19 5.60
CA CYS O 156 20.39 43.08 5.21
C CYS O 156 20.83 41.62 5.29
N CYS O 157 22.00 41.36 4.70
CA CYS O 157 22.58 40.02 4.65
C CYS O 157 23.90 40.07 5.40
N PHE O 158 23.89 39.60 6.64
CA PHE O 158 25.12 39.50 7.41
C PHE O 158 26.02 38.42 6.83
N ASN O 159 27.31 38.71 6.77
CA ASN O 159 28.27 37.75 6.24
C ASN O 159 29.66 38.02 6.78
N ASP BA 15 -34.51 -27.20 -5.37
CA ASP BA 15 -34.86 -28.57 -4.99
C ASP BA 15 -35.62 -29.28 -6.11
N ASN BA 16 -35.63 -30.60 -6.05
CA ASN BA 16 -36.47 -31.43 -6.89
C ASN BA 16 -37.60 -31.99 -6.02
N SER BA 17 -38.52 -32.73 -6.66
CA SER BA 17 -39.62 -33.32 -5.93
C SER BA 17 -39.12 -34.40 -4.98
N ASN BA 18 -39.65 -34.40 -3.77
CA ASN BA 18 -39.33 -35.42 -2.77
C ASN BA 18 -40.51 -36.32 -2.46
N VAL BA 19 -41.64 -36.14 -3.16
CA VAL BA 19 -42.85 -36.91 -2.89
C VAL BA 19 -43.58 -37.15 -4.21
N VAL BA 20 -44.63 -37.98 -4.15
CA VAL BA 20 -45.41 -38.29 -5.33
C VAL BA 20 -46.20 -37.06 -5.76
N THR BA 21 -46.41 -36.93 -7.06
CA THR BA 21 -47.12 -35.80 -7.65
C THR BA 21 -48.12 -36.32 -8.68
N MET BA 22 -49.25 -35.62 -8.78
CA MET BA 22 -50.31 -36.06 -9.68
CA MET BA 22 -50.32 -36.06 -9.67
C MET BA 22 -49.98 -35.73 -11.12
N ILE BA 23 -50.44 -36.59 -12.02
CA ILE BA 23 -50.30 -36.40 -13.46
C ILE BA 23 -51.71 -36.20 -14.02
N ARG BA 24 -51.92 -35.10 -14.73
CA ARG BA 24 -53.24 -34.78 -15.27
C ARG BA 24 -53.41 -35.44 -16.63
N ALA BA 25 -53.38 -36.77 -16.63
CA ALA BA 25 -53.53 -37.55 -17.83
C ALA BA 25 -54.90 -37.31 -18.45
N GLY BA 26 -55.03 -37.75 -19.71
CA GLY BA 26 -56.24 -37.52 -20.48
C GLY BA 26 -56.75 -38.73 -21.21
N SER BA 27 -56.79 -38.66 -22.54
CA SER BA 27 -57.29 -39.78 -23.33
C SER BA 27 -56.29 -40.94 -23.30
N TYR BA 28 -56.81 -42.14 -23.48
CA TYR BA 28 -55.96 -43.31 -23.50
C TYR BA 28 -55.05 -43.22 -24.73
N PRO BA 29 -53.73 -43.39 -24.56
CA PRO BA 29 -52.82 -43.16 -25.68
C PRO BA 29 -52.70 -44.38 -26.59
N LYS BA 30 -52.16 -44.15 -27.78
CA LYS BA 30 -51.70 -45.25 -28.61
C LYS BA 30 -50.59 -45.98 -27.86
N VAL BA 31 -50.73 -47.30 -27.72
CA VAL BA 31 -49.78 -48.10 -26.96
C VAL BA 31 -49.29 -49.24 -27.85
N ASN BA 32 -48.18 -49.84 -27.43
CA ASN BA 32 -47.58 -50.94 -28.17
C ASN BA 32 -46.84 -51.84 -27.18
N PRO BA 33 -47.38 -53.04 -26.89
CA PRO BA 33 -46.75 -53.88 -25.86
C PRO BA 33 -45.50 -54.58 -26.34
N THR BA 34 -45.26 -54.64 -27.64
CA THR BA 34 -44.11 -55.36 -28.21
C THR BA 34 -43.36 -54.42 -29.14
N PRO BA 35 -42.74 -53.38 -28.59
CA PRO BA 35 -42.03 -52.42 -29.45
C PRO BA 35 -40.78 -53.02 -30.06
N THR BA 36 -40.17 -52.25 -30.95
CA THR BA 36 -38.91 -52.65 -31.57
C THR BA 36 -37.77 -52.36 -30.61
N TRP BA 37 -36.54 -52.64 -31.04
CA TRP BA 37 -35.38 -52.48 -30.17
C TRP BA 37 -34.11 -52.47 -31.02
N VAL BA 38 -33.34 -51.38 -30.94
CA VAL BA 38 -32.06 -51.27 -31.62
C VAL BA 38 -30.97 -51.75 -30.67
N ARG BA 39 -30.12 -52.64 -31.15
CA ARG BA 39 -29.22 -53.37 -30.27
C ARG BA 39 -27.87 -53.57 -30.93
N ALA BA 40 -26.87 -53.88 -30.12
CA ALA BA 40 -25.54 -54.30 -30.57
C ALA BA 40 -25.27 -55.64 -29.91
N ILE BA 41 -25.47 -56.73 -30.66
CA ILE BA 41 -25.47 -58.07 -30.08
C ILE BA 41 -24.06 -58.65 -30.10
N PRO BA 42 -23.55 -59.16 -28.97
CA PRO BA 42 -22.25 -59.86 -29.01
C PRO BA 42 -22.41 -61.38 -28.91
N PHE BA 43 -21.73 -62.10 -29.79
CA PHE BA 43 -21.76 -63.56 -29.75
C PHE BA 43 -20.60 -64.07 -30.60
N GLU BA 44 -20.16 -65.29 -30.28
CA GLU BA 44 -19.00 -65.88 -30.93
C GLU BA 44 -19.42 -67.03 -31.84
N VAL BA 45 -18.53 -67.36 -32.76
CA VAL BA 45 -18.77 -68.43 -33.73
C VAL BA 45 -17.46 -69.20 -33.93
N SER BA 46 -17.54 -70.52 -33.88
CA SER BA 46 -16.38 -71.36 -34.12
C SER BA 46 -16.07 -71.42 -35.61
N VAL BA 47 -14.78 -71.30 -35.94
CA VAL BA 47 -14.33 -71.30 -37.33
C VAL BA 47 -13.20 -72.30 -37.47
N GLN BA 48 -13.08 -72.86 -38.68
CA GLN BA 48 -12.04 -73.81 -39.01
C GLN BA 48 -11.10 -73.21 -40.03
N SER BA 49 -9.84 -73.67 -40.02
CA SER BA 49 -8.82 -73.10 -40.87
C SER BA 49 -9.20 -73.26 -42.34
N GLY BA 50 -8.97 -72.20 -43.11
CA GLY BA 50 -9.24 -72.22 -44.54
C GLY BA 50 -10.66 -72.59 -44.90
N ILE BA 51 -11.61 -72.37 -43.98
CA ILE BA 51 -13.00 -72.76 -44.15
C ILE BA 51 -13.88 -71.59 -43.77
N ALA BA 52 -14.84 -71.27 -44.63
CA ALA BA 52 -15.80 -70.21 -44.33
C ALA BA 52 -16.91 -70.74 -43.44
N PHE BA 53 -17.64 -69.82 -42.81
CA PHE BA 53 -18.76 -70.16 -41.93
C PHE BA 53 -19.88 -69.16 -42.10
N LYS BA 54 -21.04 -69.63 -42.53
CA LYS BA 54 -22.20 -68.77 -42.74
C LYS BA 54 -22.85 -68.48 -41.39
N VAL BA 55 -22.72 -67.26 -40.92
CA VAL BA 55 -23.27 -66.86 -39.61
C VAL BA 55 -24.78 -66.85 -39.68
N PRO BA 56 -25.49 -67.64 -38.88
CA PRO BA 56 -26.95 -67.66 -38.98
C PRO BA 56 -27.59 -66.47 -38.27
N VAL BA 57 -28.65 -65.96 -38.89
CA VAL BA 57 -29.40 -64.87 -38.27
C VAL BA 57 -30.08 -65.34 -36.99
N GLY BA 58 -30.36 -66.64 -36.88
CA GLY BA 58 -31.02 -67.16 -35.70
C GLY BA 58 -30.18 -67.06 -34.42
N SER BA 59 -28.90 -66.74 -34.55
CA SER BA 59 -28.07 -66.51 -33.38
C SER BA 59 -28.34 -65.16 -32.72
N LEU BA 60 -29.07 -64.27 -33.39
CA LEU BA 60 -29.44 -63.00 -32.77
C LEU BA 60 -30.68 -63.13 -31.90
N PHE BA 61 -31.55 -64.10 -32.18
CA PHE BA 61 -32.73 -64.35 -31.36
C PHE BA 61 -32.34 -65.32 -30.24
N SER BA 62 -32.55 -64.88 -29.00
CA SER BA 62 -32.17 -65.69 -27.84
C SER BA 62 -32.54 -65.00 -26.53
N ALA BA 63 -32.80 -65.78 -25.49
CA ALA BA 63 -33.04 -65.22 -24.17
C ALA BA 63 -31.75 -64.68 -23.55
N ASN BA 64 -30.59 -65.16 -24.02
CA ASN BA 64 -29.33 -64.58 -23.57
C ASN BA 64 -29.14 -63.14 -24.06
N PHE BA 65 -29.97 -62.69 -24.98
CA PHE BA 65 -29.94 -61.32 -25.46
C PHE BA 65 -31.27 -60.60 -25.26
N ARG BA 66 -32.23 -61.23 -24.60
CA ARG BA 66 -33.58 -60.69 -24.40
C ARG BA 66 -34.36 -60.56 -25.69
N THR BA 67 -34.01 -61.33 -26.72
CA THR BA 67 -34.62 -61.19 -28.03
C THR BA 67 -35.34 -62.45 -28.50
N ASP BA 68 -35.59 -63.41 -27.62
CA ASP BA 68 -36.29 -64.62 -28.04
C ASP BA 68 -37.73 -64.34 -28.45
N SER BA 69 -38.24 -63.14 -28.18
CA SER BA 69 -39.60 -62.76 -28.56
C SER BA 69 -39.68 -62.23 -29.98
N PHE BA 70 -38.55 -61.97 -30.63
CA PHE BA 70 -38.54 -61.50 -32.01
C PHE BA 70 -38.38 -62.68 -32.95
N THR BA 71 -38.89 -62.52 -34.18
CA THR BA 71 -38.70 -63.50 -35.24
C THR BA 71 -38.06 -62.92 -36.49
N SER BA 72 -37.95 -61.58 -36.57
CA SER BA 72 -37.29 -60.91 -37.69
C SER BA 72 -36.33 -59.87 -37.12
N VAL BA 73 -35.42 -59.40 -37.97
CA VAL BA 73 -34.44 -58.41 -37.56
C VAL BA 73 -33.85 -57.75 -38.80
N THR BA 74 -33.49 -56.48 -38.67
CA THR BA 74 -32.84 -55.71 -39.75
C THR BA 74 -31.42 -55.41 -39.32
N VAL BA 75 -30.45 -56.04 -39.97
CA VAL BA 75 -29.05 -55.86 -39.64
C VAL BA 75 -28.55 -54.58 -40.31
N MET BA 76 -27.85 -53.75 -39.55
CA MET BA 76 -27.30 -52.49 -40.04
C MET BA 76 -25.81 -52.57 -40.32
N SER BA 77 -25.03 -53.16 -39.43
CA SER BA 77 -23.59 -53.26 -39.63
C SER BA 77 -23.09 -54.51 -38.93
N VAL BA 78 -21.94 -54.99 -39.37
CA VAL BA 78 -21.32 -56.19 -38.84
C VAL BA 78 -19.87 -55.86 -38.52
N ARG BA 79 -19.43 -56.22 -37.32
CA ARG BA 79 -18.04 -56.09 -36.90
C ARG BA 79 -17.57 -57.41 -36.31
N ALA BA 80 -16.29 -57.70 -36.49
CA ALA BA 80 -15.75 -59.00 -36.11
C ALA BA 80 -14.36 -58.84 -35.50
N TRP BA 81 -14.08 -59.67 -34.49
CA TRP BA 81 -12.77 -59.74 -33.87
C TRP BA 81 -12.40 -61.19 -33.66
N THR BA 82 -11.17 -61.56 -33.99
CA THR BA 82 -10.69 -62.88 -33.61
C THR BA 82 -10.80 -63.05 -32.10
N GLN BA 83 -11.27 -64.21 -31.65
CA GLN BA 83 -11.51 -64.44 -30.24
C GLN BA 83 -10.42 -65.27 -29.57
N LEU BA 84 -9.59 -65.98 -30.34
CA LEU BA 84 -8.53 -66.81 -29.80
C LEU BA 84 -7.23 -66.50 -30.55
N THR BA 85 -6.13 -67.07 -30.04
CA THR BA 85 -4.82 -66.79 -30.61
C THR BA 85 -4.72 -67.40 -32.01
N PRO BA 86 -3.77 -66.93 -32.80
CA PRO BA 86 -3.58 -67.50 -34.14
C PRO BA 86 -2.64 -68.68 -34.11
N PRO BA 87 -2.44 -69.35 -35.25
CA PRO BA 87 -1.44 -70.42 -35.31
C PRO BA 87 -0.05 -69.89 -34.99
N VAL BA 88 0.85 -70.80 -34.63
CA VAL BA 88 2.22 -70.43 -34.31
C VAL BA 88 2.83 -69.73 -35.52
N ASN BA 89 3.46 -68.59 -35.27
CA ASN BA 89 4.20 -67.78 -36.22
C ASN BA 89 3.30 -66.92 -37.10
N GLU BA 90 1.99 -66.96 -36.93
CA GLU BA 90 1.07 -66.23 -37.78
C GLU BA 90 0.41 -65.07 -37.03
N TYR BA 91 0.14 -64.00 -37.76
CA TYR BA 91 -0.65 -62.89 -37.26
C TYR BA 91 -2.13 -63.17 -37.53
N SER BA 92 -2.96 -62.93 -36.52
CA SER BA 92 -4.40 -63.11 -36.66
C SER BA 92 -4.92 -62.44 -37.93
N PHE BA 93 -6.05 -62.93 -38.45
CA PHE BA 93 -6.74 -62.24 -39.55
C PHE BA 93 -8.19 -62.67 -39.52
N VAL BA 94 -9.02 -61.93 -40.24
CA VAL BA 94 -10.44 -62.21 -40.30
C VAL BA 94 -11.06 -61.57 -41.53
N ARG BA 95 -11.83 -62.34 -42.29
CA ARG BA 95 -12.51 -61.86 -43.48
C ARG BA 95 -14.02 -61.86 -43.24
N LEU BA 96 -14.71 -61.01 -44.01
CA LEU BA 96 -16.17 -60.95 -43.95
C LEU BA 96 -16.71 -60.83 -45.37
N LYS BA 97 -17.65 -61.70 -45.74
CA LYS BA 97 -18.31 -61.67 -47.04
C LYS BA 97 -19.80 -61.45 -46.81
N PRO BA 98 -20.34 -60.28 -47.12
CA PRO BA 98 -21.78 -60.07 -46.88
C PRO BA 98 -22.63 -61.02 -47.71
N LEU BA 99 -23.73 -61.47 -47.11
CA LEU BA 99 -24.71 -62.33 -47.77
C LEU BA 99 -26.08 -61.67 -47.72
N PHE BA 100 -26.79 -61.72 -48.85
CA PHE BA 100 -28.12 -61.13 -48.96
C PHE BA 100 -29.01 -62.10 -49.73
N LYS BA 101 -30.27 -62.19 -49.31
CA LYS BA 101 -31.20 -63.13 -49.93
C LYS BA 101 -31.43 -62.80 -51.41
N THR BA 102 -31.44 -61.51 -51.75
CA THR BA 102 -31.62 -61.10 -53.15
C THR BA 102 -30.35 -61.28 -53.98
N GLY BA 103 -29.21 -61.61 -53.35
CA GLY BA 103 -27.98 -61.80 -54.07
C GLY BA 103 -26.77 -61.67 -53.16
N ASP BA 104 -26.10 -62.79 -52.89
CA ASP BA 104 -24.92 -62.76 -52.04
C ASP BA 104 -23.83 -61.94 -52.69
N SER BA 105 -22.98 -61.34 -51.86
CA SER BA 105 -21.87 -60.52 -52.32
C SER BA 105 -20.62 -61.39 -52.52
N THR BA 106 -19.64 -60.81 -53.19
CA THR BA 106 -18.35 -61.47 -53.39
C THR BA 106 -17.21 -60.68 -52.76
N GLU BA 107 -17.50 -59.65 -51.97
CA GLU BA 107 -16.46 -58.91 -51.29
C GLU BA 107 -15.83 -59.74 -50.20
N GLU BA 108 -14.58 -59.40 -49.86
CA GLU BA 108 -13.84 -60.08 -48.81
C GLU BA 108 -13.15 -59.00 -47.96
N PHE BA 109 -13.96 -58.19 -47.27
CA PHE BA 109 -13.43 -57.21 -46.32
C PHE BA 109 -12.53 -57.91 -45.31
N GLU BA 110 -11.24 -57.62 -45.33
CA GLU BA 110 -10.27 -58.33 -44.50
C GLU BA 110 -9.54 -57.34 -43.61
N GLY BA 111 -9.40 -57.72 -42.35
CA GLY BA 111 -8.54 -56.99 -41.43
C GLY BA 111 -7.57 -57.94 -40.76
N ARG BA 112 -6.31 -57.51 -40.67
CA ARG BA 112 -5.27 -58.32 -40.06
C ARG BA 112 -4.74 -57.60 -38.81
N ALA BA 113 -4.06 -58.38 -37.98
CA ALA BA 113 -3.38 -57.85 -36.81
C ALA BA 113 -1.93 -57.55 -37.15
N SER BA 114 -1.38 -56.52 -36.51
CA SER BA 114 0.02 -56.18 -36.64
C SER BA 114 0.84 -56.63 -35.44
N ASN BA 115 0.20 -57.22 -34.42
CA ASN BA 115 0.87 -57.84 -33.29
C ASN BA 115 0.30 -59.25 -33.13
N ILE BA 116 1.17 -60.26 -33.06
CA ILE BA 116 0.69 -61.63 -32.96
C ILE BA 116 -0.21 -61.79 -31.74
N ASN BA 117 0.10 -61.10 -30.65
CA ASN BA 117 -0.69 -61.19 -29.42
C ASN BA 117 -1.99 -60.41 -29.48
N THR BA 118 -2.23 -59.66 -30.55
CA THR BA 118 -3.39 -58.78 -30.66
C THR BA 118 -4.42 -59.33 -31.62
N ARG BA 119 -5.69 -59.03 -31.35
CA ARG BA 119 -6.76 -59.48 -32.21
C ARG BA 119 -6.67 -58.82 -33.59
N ALA BA 120 -7.32 -59.45 -34.56
CA ALA BA 120 -7.57 -58.86 -35.86
C ALA BA 120 -9.05 -58.48 -35.93
N SER BA 121 -9.35 -57.42 -36.69
CA SER BA 121 -10.69 -56.87 -36.66
C SER BA 121 -11.05 -56.33 -38.03
N VAL BA 122 -12.36 -56.27 -38.29
CA VAL BA 122 -12.89 -55.73 -39.54
C VAL BA 122 -14.40 -55.64 -39.41
N GLY BA 123 -15.04 -54.92 -40.32
CA GLY BA 123 -16.48 -54.79 -40.31
C GLY BA 123 -16.97 -54.12 -41.57
N TYR BA 124 -18.29 -54.19 -41.77
CA TYR BA 124 -18.88 -53.60 -42.98
C TYR BA 124 -20.26 -53.04 -42.64
N ARG BA 125 -20.64 -52.02 -43.38
CA ARG BA 125 -21.94 -51.37 -43.25
C ARG BA 125 -22.86 -51.82 -44.37
N ILE BA 126 -24.13 -52.03 -44.04
CA ILE BA 126 -25.14 -52.37 -45.03
C ILE BA 126 -25.82 -51.08 -45.48
N PRO BA 127 -25.87 -50.79 -46.78
CA PRO BA 127 -26.55 -49.57 -47.22
C PRO BA 127 -28.05 -49.65 -46.95
N THR BA 128 -28.67 -48.48 -46.89
CA THR BA 128 -30.09 -48.41 -46.57
C THR BA 128 -30.92 -49.27 -47.52
N ASN BA 129 -30.56 -49.29 -48.81
CA ASN BA 129 -31.33 -50.01 -49.80
C ASN BA 129 -31.25 -51.52 -49.63
N LEU BA 130 -30.31 -52.04 -48.84
CA LEU BA 130 -30.18 -53.48 -48.62
C LEU BA 130 -30.61 -53.89 -47.21
N ARG BA 131 -31.34 -53.01 -46.51
CA ARG BA 131 -31.69 -53.26 -45.11
C ARG BA 131 -33.13 -53.72 -45.04
N GLN BA 132 -33.35 -54.98 -45.39
CA GLN BA 132 -34.62 -55.64 -45.23
C GLN BA 132 -34.52 -56.65 -44.09
N ASN BA 133 -35.69 -57.07 -43.61
CA ASN BA 133 -35.72 -58.04 -42.52
C ASN BA 133 -35.00 -59.33 -42.91
N THR BA 134 -34.52 -60.04 -41.89
CA THR BA 134 -33.95 -61.37 -42.04
C THR BA 134 -34.47 -62.25 -40.92
N VAL BA 135 -34.70 -63.51 -41.23
CA VAL BA 135 -35.26 -64.45 -40.27
C VAL BA 135 -34.18 -65.46 -39.88
N ALA BA 136 -34.48 -66.25 -38.85
CA ALA BA 136 -33.46 -67.15 -38.27
C ALA BA 136 -32.84 -68.06 -39.31
N ALA BA 137 -33.65 -68.55 -40.25
CA ALA BA 137 -33.14 -69.46 -41.28
C ALA BA 137 -32.11 -68.80 -42.20
N ASP BA 138 -32.08 -67.46 -42.26
CA ASP BA 138 -31.20 -66.75 -43.16
C ASP BA 138 -29.80 -66.63 -42.57
N ASN BA 139 -28.88 -66.15 -43.38
CA ASN BA 139 -27.48 -65.97 -42.99
C ASN BA 139 -27.08 -64.52 -43.19
N VAL BA 140 -26.12 -64.07 -42.39
CA VAL BA 140 -25.66 -62.69 -42.42
C VAL BA 140 -24.45 -62.58 -43.35
N CYS BA 141 -23.40 -63.33 -43.04
CA CYS BA 141 -22.17 -63.24 -43.81
C CYS BA 141 -21.29 -64.46 -43.51
N GLU BA 142 -20.32 -64.68 -44.39
CA GLU BA 142 -19.33 -65.73 -44.19
C GLU BA 142 -18.13 -65.17 -43.44
N VAL BA 143 -17.51 -66.00 -42.62
CA VAL BA 143 -16.38 -65.61 -41.80
C VAL BA 143 -15.22 -66.56 -42.07
N ARG BA 144 -14.07 -66.00 -42.43
CA ARG BA 144 -12.84 -66.76 -42.56
C ARG BA 144 -11.83 -66.22 -41.55
N SER BA 145 -10.89 -67.07 -41.14
CA SER BA 145 -9.88 -66.68 -40.17
C SER BA 145 -8.99 -67.87 -39.83
N ASN BA 146 -7.72 -67.60 -39.51
CA ASN BA 146 -6.83 -68.63 -38.98
C ASN BA 146 -7.04 -68.88 -37.49
N CYS BA 147 -7.83 -68.04 -36.83
CA CYS BA 147 -8.20 -68.26 -35.43
C CYS BA 147 -9.46 -69.11 -35.37
N ARG BA 148 -9.50 -70.03 -34.39
CA ARG BA 148 -10.57 -71.02 -34.37
C ARG BA 148 -11.91 -70.43 -33.98
N GLN BA 149 -11.92 -69.26 -33.34
CA GLN BA 149 -13.16 -68.65 -32.88
C GLN BA 149 -13.12 -67.14 -33.13
N VAL BA 150 -14.25 -66.59 -33.55
CA VAL BA 150 -14.38 -65.19 -33.91
C VAL BA 150 -15.52 -64.58 -33.11
N ALA BA 151 -15.27 -63.40 -32.53
CA ALA BA 151 -16.27 -62.66 -31.77
C ALA BA 151 -16.92 -61.63 -32.69
N LEU BA 152 -18.24 -61.66 -32.75
CA LEU BA 152 -19.01 -60.76 -33.61
C LEU BA 152 -19.81 -59.79 -32.75
N VAL BA 153 -19.91 -58.55 -33.22
CA VAL BA 153 -20.77 -57.53 -32.63
C VAL BA 153 -21.61 -56.97 -33.78
N ILE BA 154 -22.90 -57.29 -33.80
CA ILE BA 154 -23.79 -56.93 -34.90
C ILE BA 154 -24.76 -55.86 -34.41
N SER BA 155 -24.76 -54.72 -35.10
CA SER BA 155 -25.69 -53.64 -34.81
C SER BA 155 -26.93 -53.85 -35.66
N CYS BA 156 -28.06 -54.16 -35.01
CA CYS BA 156 -29.25 -54.58 -35.71
C CYS BA 156 -30.48 -54.01 -35.02
N CYS BA 157 -31.59 -53.96 -35.77
CA CYS BA 157 -32.85 -53.42 -35.28
C CYS BA 157 -33.87 -54.54 -35.26
N PHE BA 158 -34.19 -55.03 -34.06
CA PHE BA 158 -35.17 -56.10 -33.89
C PHE BA 158 -36.59 -55.55 -34.02
N ASN BA 159 -37.42 -56.27 -34.77
CA ASN BA 159 -38.81 -55.86 -34.96
C ASN BA 159 -39.68 -57.07 -35.30
N ASN CA 16 4.81 -17.71 3.17
CA ASN CA 16 4.86 -16.25 3.35
C ASN CA 16 5.47 -15.88 4.71
N SER CA 17 4.86 -16.37 5.78
CA SER CA 17 5.32 -16.12 7.14
C SER CA 17 6.24 -17.23 7.60
N ASN CA 18 7.19 -16.87 8.45
CA ASN CA 18 8.15 -17.83 8.99
C ASN CA 18 7.90 -18.17 10.45
N VAL CA 19 6.94 -17.51 11.10
CA VAL CA 19 6.70 -17.69 12.52
C VAL CA 19 5.22 -17.97 12.75
N VAL CA 20 4.93 -18.57 13.92
CA VAL CA 20 3.55 -18.78 14.31
C VAL CA 20 2.86 -17.43 14.43
N THR CA 21 1.55 -17.42 14.18
CA THR CA 21 0.73 -16.23 14.30
C THR CA 21 -0.55 -16.59 15.06
N MET CA 22 -1.15 -15.58 15.65
CA MET CA 22 -2.36 -15.79 16.44
CA MET CA 22 -2.36 -15.77 16.44
C MET CA 22 -3.58 -15.90 15.54
N ILE CA 23 -4.55 -16.70 15.99
CA ILE CA 23 -5.82 -16.89 15.32
C ILE CA 23 -6.90 -16.40 16.27
N ARG CA 24 -7.56 -15.30 15.92
CA ARG CA 24 -8.59 -14.72 16.77
C ARG CA 24 -9.86 -15.56 16.65
N ALA CA 25 -9.81 -16.74 17.26
CA ALA CA 25 -10.94 -17.65 17.26
C ALA CA 25 -12.10 -17.07 18.06
N GLY CA 26 -13.30 -17.58 17.77
CA GLY CA 26 -14.49 -17.10 18.42
C GLY CA 26 -15.21 -18.18 19.20
N SER CA 27 -16.53 -18.28 19.02
CA SER CA 27 -17.31 -19.29 19.72
CA SER CA 27 -17.31 -19.29 19.72
C SER CA 27 -16.92 -20.69 19.25
N TYR CA 28 -17.14 -21.66 20.12
CA TYR CA 28 -16.84 -23.03 19.77
C TYR CA 28 -17.63 -23.43 18.52
N PRO CA 29 -17.01 -24.09 17.56
CA PRO CA 29 -17.70 -24.43 16.32
C PRO CA 29 -18.51 -25.72 16.44
N LYS CA 30 -19.19 -26.08 15.34
CA LYS CA 30 -19.79 -27.39 15.21
C LYS CA 30 -18.69 -28.38 14.82
N VAL CA 31 -18.68 -29.53 15.47
CA VAL CA 31 -17.61 -30.50 15.29
C VAL CA 31 -18.22 -31.86 14.96
N ASN CA 32 -17.37 -32.76 14.50
CA ASN CA 32 -17.76 -34.14 14.18
C ASN CA 32 -16.53 -35.01 14.29
N PRO CA 33 -16.31 -35.63 15.45
CA PRO CA 33 -15.12 -36.49 15.59
C PRO CA 33 -15.11 -37.64 14.60
N THR CA 34 -16.28 -38.09 14.15
CA THR CA 34 -16.40 -39.21 13.23
C THR CA 34 -16.95 -38.71 11.91
N PRO CA 35 -16.12 -38.10 11.07
CA PRO CA 35 -16.63 -37.53 9.81
C PRO CA 35 -16.91 -38.56 8.73
N THR CA 36 -17.13 -38.09 7.51
CA THR CA 36 -17.39 -38.91 6.34
C THR CA 36 -16.10 -39.07 5.55
N TRP CA 37 -16.14 -39.94 4.53
CA TRP CA 37 -14.97 -40.09 3.66
C TRP CA 37 -15.38 -40.61 2.29
N VAL CA 38 -14.79 -40.04 1.24
CA VAL CA 38 -14.93 -40.51 -0.13
C VAL CA 38 -13.64 -41.22 -0.51
N ARG CA 39 -13.77 -42.40 -1.13
CA ARG CA 39 -12.60 -43.25 -1.36
C ARG CA 39 -12.73 -43.98 -2.68
N ALA CA 40 -11.60 -44.52 -3.14
CA ALA CA 40 -11.51 -45.43 -4.28
C ALA CA 40 -10.78 -46.65 -3.73
N ILE CA 41 -11.54 -47.63 -3.25
CA ILE CA 41 -10.94 -48.76 -2.53
C ILE CA 41 -10.45 -49.79 -3.54
N PRO CA 42 -9.17 -50.21 -3.47
CA PRO CA 42 -8.72 -51.33 -4.31
C PRO CA 42 -8.61 -52.64 -3.52
N PHE CA 43 -9.16 -53.71 -4.09
CA PHE CA 43 -9.07 -55.02 -3.46
C PHE CA 43 -9.39 -56.07 -4.51
N GLU CA 44 -8.88 -57.28 -4.28
CA GLU CA 44 -8.99 -58.37 -5.24
C GLU CA 44 -9.93 -59.45 -4.70
N VAL CA 45 -10.38 -60.31 -5.61
CA VAL CA 45 -11.25 -61.43 -5.28
C VAL CA 45 -10.89 -62.63 -6.15
N SER CA 46 -10.98 -63.83 -5.57
CA SER CA 46 -10.72 -65.05 -6.33
C SER CA 46 -11.97 -65.47 -7.08
N VAL CA 47 -11.77 -65.99 -8.29
CA VAL CA 47 -12.86 -66.36 -9.18
C VAL CA 47 -12.61 -67.74 -9.77
N GLN CA 48 -13.69 -68.53 -9.85
CA GLN CA 48 -13.67 -69.83 -10.49
C GLN CA 48 -14.22 -69.72 -11.91
N SER CA 49 -13.74 -70.60 -12.78
CA SER CA 49 -14.17 -70.56 -14.17
C SER CA 49 -15.62 -71.03 -14.30
N GLY CA 50 -16.44 -70.23 -14.96
CA GLY CA 50 -17.83 -70.56 -15.17
C GLY CA 50 -18.77 -70.22 -14.03
N ILE CA 51 -18.25 -69.90 -12.86
CA ILE CA 51 -19.06 -69.61 -11.68
C ILE CA 51 -19.00 -68.12 -11.39
N ALA CA 52 -20.11 -67.59 -10.88
CA ALA CA 52 -20.21 -66.18 -10.53
C ALA CA 52 -19.94 -66.01 -9.04
N PHE CA 53 -19.00 -65.12 -8.71
CA PHE CA 53 -18.66 -64.81 -7.33
C PHE CA 53 -19.36 -63.52 -6.90
N LYS CA 54 -19.98 -63.55 -5.73
CA LYS CA 54 -20.67 -62.39 -5.18
C LYS CA 54 -19.68 -61.61 -4.33
N VAL CA 55 -19.42 -60.36 -4.73
CA VAL CA 55 -18.48 -59.50 -4.03
C VAL CA 55 -19.12 -58.97 -2.75
N PRO CA 56 -18.59 -59.29 -1.57
CA PRO CA 56 -19.20 -58.78 -0.34
C PRO CA 56 -18.82 -57.33 -0.10
N VAL CA 57 -19.82 -56.52 0.28
CA VAL CA 57 -19.55 -55.15 0.69
C VAL CA 57 -18.52 -55.13 1.82
N GLY CA 58 -18.59 -56.12 2.70
CA GLY CA 58 -17.71 -56.17 3.86
C GLY CA 58 -16.25 -56.01 3.53
N SER CA 59 -15.86 -56.38 2.32
CA SER CA 59 -14.47 -56.25 1.91
C SER CA 59 -14.03 -54.79 1.90
N LEU CA 60 -14.96 -53.86 1.94
CA LEU CA 60 -14.61 -52.44 1.93
C LEU CA 60 -14.26 -51.93 3.31
N PHE CA 61 -14.88 -52.47 4.36
CA PHE CA 61 -14.52 -52.12 5.73
C PHE CA 61 -13.31 -52.94 6.15
N SER CA 62 -12.21 -52.27 6.46
CA SER CA 62 -10.99 -52.95 6.85
C SER CA 62 -9.96 -51.94 7.31
N ALA CA 63 -9.13 -52.35 8.25
CA ALA CA 63 -8.03 -51.49 8.67
C ALA CA 63 -7.04 -51.27 7.55
N ASN CA 64 -6.92 -52.23 6.62
CA ASN CA 64 -6.05 -52.04 5.47
C ASN CA 64 -6.45 -50.85 4.62
N PHE CA 65 -7.66 -50.31 4.82
CA PHE CA 65 -8.14 -49.15 4.08
C PHE CA 65 -8.45 -47.97 5.00
N ARG CA 66 -8.13 -48.07 6.28
CA ARG CA 66 -8.48 -47.07 7.29
C ARG CA 66 -9.99 -46.93 7.47
N THR CA 67 -10.76 -47.86 6.94
CA THR CA 67 -12.22 -47.80 6.98
C THR CA 67 -12.81 -48.78 7.99
N ASP CA 68 -12.01 -49.27 8.93
CA ASP CA 68 -12.52 -50.19 9.94
C ASP CA 68 -13.37 -49.52 11.01
N SER CA 69 -13.72 -48.24 10.84
CA SER CA 69 -14.59 -47.54 11.77
C SER CA 69 -15.97 -47.26 11.20
N PHE CA 70 -16.24 -47.70 9.97
CA PHE CA 70 -17.53 -47.54 9.33
C PHE CA 70 -18.28 -48.86 9.34
N THR CA 71 -19.61 -48.78 9.41
CA THR CA 71 -20.48 -49.94 9.26
C THR CA 71 -21.43 -49.81 8.07
N SER CA 72 -21.33 -48.72 7.30
CA SER CA 72 -22.17 -48.50 6.12
C SER CA 72 -21.33 -47.81 5.06
N VAL CA 73 -21.82 -47.88 3.82
CA VAL CA 73 -21.10 -47.31 2.69
C VAL CA 73 -22.09 -47.11 1.54
N THR CA 74 -21.96 -45.96 0.86
CA THR CA 74 -22.76 -45.63 -0.32
C THR CA 74 -21.86 -45.79 -1.53
N VAL CA 75 -22.12 -46.83 -2.35
CA VAL CA 75 -21.31 -47.15 -3.51
C VAL CA 75 -21.83 -46.37 -4.71
N MET CA 76 -20.91 -45.79 -5.48
CA MET CA 76 -21.24 -44.97 -6.63
C MET CA 76 -20.92 -45.64 -7.96
N SER CA 77 -19.71 -46.15 -8.13
CA SER CA 77 -19.34 -46.86 -9.34
C SER CA 77 -18.42 -48.01 -8.99
N VAL CA 78 -18.40 -49.01 -9.87
CA VAL CA 78 -17.58 -50.21 -9.69
C VAL CA 78 -16.80 -50.45 -10.97
N ARG CA 79 -15.48 -50.58 -10.86
CA ARG CA 79 -14.61 -50.92 -11.98
C ARG CA 79 -13.86 -52.19 -11.63
N ALA CA 80 -13.49 -52.96 -12.65
CA ALA CA 80 -12.85 -54.26 -12.45
C ALA CA 80 -11.79 -54.51 -13.50
N TRP CA 81 -10.73 -55.21 -13.08
CA TRP CA 81 -9.64 -55.59 -13.97
C TRP CA 81 -9.22 -57.02 -13.65
N THR CA 82 -9.04 -57.83 -14.69
CA THR CA 82 -8.50 -59.17 -14.50
C THR CA 82 -7.12 -59.07 -13.87
N GLN CA 83 -6.90 -59.79 -12.77
CA GLN CA 83 -5.66 -59.69 -12.00
C GLN CA 83 -4.60 -60.69 -12.43
N LEU CA 84 -4.98 -61.76 -13.14
CA LEU CA 84 -4.05 -62.80 -13.55
C LEU CA 84 -4.28 -63.15 -15.01
N THR CA 85 -3.32 -63.88 -15.59
CA THR CA 85 -3.38 -64.19 -17.00
C THR CA 85 -4.57 -65.10 -17.30
N PRO CA 86 -5.00 -65.13 -18.56
CA PRO CA 86 -6.14 -65.97 -18.92
C PRO CA 86 -5.68 -67.38 -19.29
N PRO CA 87 -6.61 -68.27 -19.60
CA PRO CA 87 -6.22 -69.60 -20.10
C PRO CA 87 -5.59 -69.51 -21.47
N VAL CA 88 -4.85 -70.56 -21.83
CA VAL CA 88 -4.09 -70.56 -23.07
C VAL CA 88 -5.01 -70.33 -24.25
N ASN CA 89 -4.53 -69.55 -25.23
CA ASN CA 89 -5.17 -69.27 -26.50
C ASN CA 89 -6.37 -68.34 -26.37
N GLU CA 90 -6.65 -67.81 -25.18
CA GLU CA 90 -7.81 -66.96 -24.96
C GLU CA 90 -7.39 -65.53 -24.63
N TYR CA 91 -8.32 -64.61 -24.86
CA TYR CA 91 -8.17 -63.22 -24.42
C TYR CA 91 -8.95 -63.03 -23.13
N SER CA 92 -8.36 -62.27 -22.20
CA SER CA 92 -9.00 -62.05 -20.92
C SER CA 92 -10.38 -61.43 -21.11
N PHE CA 93 -11.30 -61.73 -20.19
CA PHE CA 93 -12.59 -61.06 -20.15
C PHE CA 93 -13.07 -61.03 -18.71
N VAL CA 94 -14.00 -60.10 -18.44
CA VAL CA 94 -14.59 -59.96 -17.13
C VAL CA 94 -15.97 -59.34 -17.28
N ARG CA 95 -16.93 -59.88 -16.52
CA ARG CA 95 -18.30 -59.38 -16.51
C ARG CA 95 -18.64 -58.85 -15.13
N LEU CA 96 -19.71 -58.04 -15.06
CA LEU CA 96 -20.19 -57.50 -13.80
C LEU CA 96 -21.71 -57.43 -13.86
N LYS CA 97 -22.36 -58.06 -12.88
CA LYS CA 97 -23.80 -57.98 -12.74
C LYS CA 97 -24.13 -57.18 -11.49
N PRO CA 98 -24.67 -55.98 -11.59
CA PRO CA 98 -25.01 -55.21 -10.38
C PRO CA 98 -26.04 -55.94 -9.53
N LEU CA 99 -25.89 -55.84 -8.21
CA LEU CA 99 -26.81 -56.40 -7.25
C LEU CA 99 -27.30 -55.28 -6.33
N PHE CA 100 -28.58 -55.36 -5.95
CA PHE CA 100 -29.17 -54.39 -5.04
C PHE CA 100 -30.16 -55.10 -4.13
N LYS CA 101 -30.32 -54.56 -2.91
CA LYS CA 101 -31.24 -55.16 -1.96
C LYS CA 101 -32.69 -55.02 -2.41
N THR CA 102 -33.01 -53.97 -3.17
CA THR CA 102 -34.38 -53.75 -3.63
C THR CA 102 -34.73 -54.55 -4.87
N GLY CA 103 -33.74 -55.21 -5.49
CA GLY CA 103 -34.00 -55.96 -6.70
C GLY CA 103 -32.76 -56.09 -7.57
N ASP CA 104 -32.18 -57.28 -7.61
CA ASP CA 104 -30.96 -57.50 -8.38
C ASP CA 104 -31.21 -57.24 -9.86
N SER CA 105 -30.15 -56.85 -10.56
CA SER CA 105 -30.21 -56.56 -11.98
C SER CA 105 -29.69 -57.74 -12.78
N THR CA 106 -30.05 -57.78 -14.06
CA THR CA 106 -29.64 -58.83 -14.97
C THR CA 106 -28.65 -58.35 -16.03
N GLU CA 107 -28.09 -57.15 -15.87
CA GLU CA 107 -27.07 -56.68 -16.80
C GLU CA 107 -25.76 -57.43 -16.58
N GLU CA 108 -25.01 -57.61 -17.65
CA GLU CA 108 -23.72 -58.28 -17.61
C GLU CA 108 -22.70 -57.42 -18.37
N PHE CA 109 -22.36 -56.27 -17.78
CA PHE CA 109 -21.37 -55.37 -18.36
C PHE CA 109 -20.04 -56.11 -18.52
N GLU CA 110 -19.62 -56.34 -19.76
CA GLU CA 110 -18.49 -57.20 -20.07
C GLU CA 110 -17.44 -56.42 -20.84
N GLY CA 111 -16.18 -56.57 -20.44
CA GLY CA 111 -15.07 -56.02 -21.18
C GLY CA 111 -14.04 -57.09 -21.50
N ARG CA 112 -13.60 -57.14 -22.74
CA ARG CA 112 -12.58 -58.09 -23.18
C ARG CA 112 -11.33 -57.34 -23.58
N ALA CA 113 -10.21 -58.06 -23.59
CA ALA CA 113 -8.95 -57.51 -24.01
C ALA CA 113 -8.71 -57.82 -25.49
N SER CA 114 -8.01 -56.91 -26.16
CA SER CA 114 -7.59 -57.13 -27.54
C SER CA 114 -6.14 -57.58 -27.63
N ASN CA 115 -5.47 -57.73 -26.49
CA ASN CA 115 -4.12 -58.27 -26.41
C ASN CA 115 -4.10 -59.28 -25.28
N ILE CA 116 -3.74 -60.54 -25.60
CA ILE CA 116 -3.80 -61.60 -24.59
C ILE CA 116 -3.05 -61.21 -23.33
N ASN CA 117 -1.89 -60.57 -23.51
CA ASN CA 117 -1.06 -60.17 -22.38
C ASN CA 117 -1.62 -58.96 -21.63
N THR CA 118 -2.74 -58.41 -22.05
CA THR CA 118 -3.31 -57.21 -21.46
C THR CA 118 -4.51 -57.57 -20.59
N ARG CA 119 -4.71 -56.77 -19.55
CA ARG CA 119 -5.87 -56.97 -18.69
C ARG CA 119 -7.16 -56.74 -19.46
N ALA CA 120 -8.26 -57.21 -18.88
CA ALA CA 120 -9.61 -56.91 -19.36
C ALA CA 120 -10.31 -56.06 -18.31
N SER CA 121 -11.03 -55.03 -18.76
CA SER CA 121 -11.58 -54.04 -17.83
C SER CA 121 -13.01 -53.72 -18.21
N VAL CA 122 -13.80 -53.35 -17.20
CA VAL CA 122 -15.16 -52.88 -17.38
C VAL CA 122 -15.65 -52.32 -16.05
N GLY CA 123 -16.58 -51.36 -16.11
CA GLY CA 123 -17.14 -50.79 -14.90
C GLY CA 123 -18.56 -50.33 -15.14
N TYR CA 124 -19.28 -50.08 -14.03
CA TYR CA 124 -20.64 -49.57 -14.10
C TYR CA 124 -20.86 -48.54 -13.00
N ARG CA 125 -21.64 -47.52 -13.33
CA ARG CA 125 -22.02 -46.46 -12.42
C ARG CA 125 -23.41 -46.73 -11.86
N ILE CA 126 -23.61 -46.40 -10.59
CA ILE CA 126 -24.89 -46.60 -9.91
C ILE CA 126 -25.64 -45.28 -9.96
N PRO CA 127 -26.84 -45.23 -10.53
CA PRO CA 127 -27.57 -43.96 -10.59
C PRO CA 127 -27.94 -43.45 -9.21
N THR CA 128 -28.29 -42.16 -9.17
CA THR CA 128 -28.58 -41.51 -7.90
C THR CA 128 -29.70 -42.21 -7.15
N ASN CA 129 -30.77 -42.59 -7.86
CA ASN CA 129 -31.92 -43.19 -7.21
C ASN CA 129 -31.64 -44.56 -6.64
N LEU CA 130 -30.42 -45.09 -6.80
CA LEU CA 130 -30.04 -46.39 -6.26
C LEU CA 130 -28.73 -46.29 -5.48
N ARG CA 131 -28.43 -45.13 -4.92
CA ARG CA 131 -27.24 -44.91 -4.11
C ARG CA 131 -27.68 -44.83 -2.65
N GLN CA 132 -27.95 -45.99 -2.07
CA GLN CA 132 -28.30 -46.12 -0.66
C GLN CA 132 -27.18 -46.85 0.05
N ASN CA 133 -27.28 -46.92 1.38
CA ASN CA 133 -26.26 -47.56 2.18
C ASN CA 133 -26.31 -49.08 2.00
N THR CA 134 -25.16 -49.71 2.27
CA THR CA 134 -25.03 -51.16 2.22
C THR CA 134 -24.11 -51.59 3.36
N VAL CA 135 -24.49 -52.64 4.07
CA VAL CA 135 -23.71 -53.12 5.20
C VAL CA 135 -22.85 -54.31 4.75
N ALA CA 136 -22.08 -54.86 5.69
CA ALA CA 136 -21.11 -55.89 5.33
C ALA CA 136 -21.80 -57.12 4.76
N ALA CA 137 -22.92 -57.53 5.36
CA ALA CA 137 -23.61 -58.73 4.91
C ALA CA 137 -24.01 -58.64 3.45
N ASP CA 138 -24.36 -57.44 2.99
CA ASP CA 138 -24.88 -57.24 1.63
C ASP CA 138 -23.84 -57.62 0.59
N ASN CA 139 -24.22 -57.49 -0.69
CA ASN CA 139 -23.33 -57.80 -1.81
C ASN CA 139 -23.46 -56.69 -2.84
N VAL CA 140 -22.36 -56.47 -3.57
CA VAL CA 140 -22.31 -55.38 -4.55
C VAL CA 140 -22.71 -55.89 -5.93
N CYS CA 141 -22.03 -56.92 -6.41
CA CYS CA 141 -22.22 -57.40 -7.77
C CYS CA 141 -21.64 -58.79 -7.91
N GLU CA 142 -22.01 -59.45 -8.99
CA GLU CA 142 -21.42 -60.73 -9.37
C GLU CA 142 -20.32 -60.47 -10.38
N VAL CA 143 -19.26 -61.27 -10.31
CA VAL CA 143 -18.10 -61.15 -11.19
CA VAL CA 143 -18.11 -61.15 -11.20
C VAL CA 143 -17.87 -62.49 -11.87
N ARG CA 144 -17.73 -62.48 -13.19
CA ARG CA 144 -17.47 -63.68 -13.97
C ARG CA 144 -16.27 -63.41 -14.88
N SER CA 145 -15.26 -64.27 -14.80
CA SER CA 145 -14.04 -64.07 -15.58
C SER CA 145 -13.35 -65.40 -15.81
N ASN CA 146 -12.66 -65.51 -16.95
CA ASN CA 146 -11.82 -66.66 -17.23
C ASN CA 146 -10.49 -66.60 -16.51
N CYS CA 147 -10.16 -65.46 -15.93
CA CYS CA 147 -8.97 -65.34 -15.08
C CYS CA 147 -9.36 -65.66 -13.65
N ARG CA 148 -8.44 -66.31 -12.91
CA ARG CA 148 -8.77 -66.82 -11.60
C ARG CA 148 -8.86 -65.73 -10.54
N GLN CA 149 -8.37 -64.53 -10.83
CA GLN CA 149 -8.51 -63.40 -9.91
C GLN CA 149 -8.94 -62.16 -10.68
N VAL CA 150 -9.55 -61.22 -9.96
CA VAL CA 150 -10.05 -59.98 -10.54
C VAL CA 150 -9.77 -58.85 -9.56
N ALA CA 151 -9.21 -57.76 -10.07
CA ALA CA 151 -8.90 -56.58 -9.25
C ALA CA 151 -10.05 -55.58 -9.36
N LEU CA 152 -10.52 -55.11 -8.21
CA LEU CA 152 -11.66 -54.20 -8.15
C LEU CA 152 -11.23 -52.85 -7.58
N VAL CA 153 -11.82 -51.78 -8.11
CA VAL CA 153 -11.66 -50.43 -7.60
C VAL CA 153 -13.06 -49.84 -7.50
N ILE CA 154 -13.53 -49.62 -6.28
CA ILE CA 154 -14.90 -49.23 -6.02
C ILE CA 154 -14.90 -47.79 -5.50
N SER CA 155 -15.47 -46.86 -6.28
CA SER CA 155 -15.61 -45.48 -5.87
C SER CA 155 -16.86 -45.39 -5.02
N CYS CA 156 -16.67 -45.30 -3.70
CA CYS CA 156 -17.77 -45.35 -2.76
C CYS CA 156 -17.66 -44.20 -1.75
N CYS CA 157 -18.66 -44.10 -0.88
CA CYS CA 157 -18.73 -43.03 0.12
C CYS CA 157 -19.00 -43.66 1.49
N PHE CA 158 -17.95 -43.84 2.29
CA PHE CA 158 -18.13 -44.40 3.62
C PHE CA 158 -18.81 -43.39 4.53
N ASN CA 159 -19.68 -43.87 5.40
CA ASN CA 159 -20.37 -43.00 6.34
C ASN CA 159 -20.97 -43.78 7.51
N ASN DA 16 28.91 -13.76 -31.74
CA ASN DA 16 29.63 -14.75 -32.53
C ASN DA 16 30.78 -14.11 -33.31
N SER DA 17 31.97 -14.11 -32.69
CA SER DA 17 33.16 -13.60 -33.35
C SER DA 17 33.73 -14.68 -34.26
N ASN DA 18 35.05 -14.77 -34.32
CA ASN DA 18 35.74 -16.00 -34.63
C ASN DA 18 36.99 -16.16 -33.77
N VAL DA 19 37.39 -15.14 -33.01
CA VAL DA 19 38.66 -15.14 -32.29
C VAL DA 19 38.44 -14.50 -30.93
N VAL DA 20 39.32 -14.86 -30.00
CA VAL DA 20 39.25 -14.40 -28.62
C VAL DA 20 39.16 -12.90 -28.54
N THR DA 21 38.40 -12.40 -27.55
CA THR DA 21 38.27 -10.98 -27.27
C THR DA 21 38.56 -10.77 -25.79
N MET DA 22 38.77 -9.51 -25.42
CA MET DA 22 39.14 -9.18 -24.05
C MET DA 22 37.90 -8.88 -23.23
N ILE DA 23 37.84 -9.46 -22.04
CA ILE DA 23 36.78 -9.18 -21.07
C ILE DA 23 37.33 -8.19 -20.05
N ARG DA 24 36.62 -7.09 -19.84
CA ARG DA 24 37.07 -6.06 -18.91
C ARG DA 24 36.51 -6.37 -17.52
N ALA DA 25 37.12 -7.39 -16.89
CA ALA DA 25 36.71 -7.84 -15.58
C ALA DA 25 36.80 -6.70 -14.57
N GLY DA 26 36.28 -6.98 -13.38
CA GLY DA 26 36.24 -5.97 -12.34
C GLY DA 26 36.80 -6.45 -11.01
N SER DA 27 36.06 -6.20 -9.93
CA SER DA 27 36.47 -6.66 -8.61
C SER DA 27 36.42 -8.19 -8.55
N TYR DA 28 36.93 -8.73 -7.46
CA TYR DA 28 36.84 -10.17 -7.28
C TYR DA 28 35.39 -10.55 -6.94
N PRO DA 29 34.79 -11.49 -7.65
CA PRO DA 29 33.39 -11.84 -7.41
C PRO DA 29 33.24 -12.78 -6.21
N LYS DA 30 31.99 -12.95 -5.78
CA LYS DA 30 31.67 -13.95 -4.78
C LYS DA 30 31.75 -15.31 -5.45
N VAL DA 31 32.42 -16.25 -4.80
CA VAL DA 31 32.72 -17.54 -5.41
C VAL DA 31 32.22 -18.65 -4.49
N ASN DA 32 32.06 -19.84 -5.08
CA ASN DA 32 31.66 -21.04 -4.33
C ASN DA 32 32.20 -22.24 -5.07
N PRO DA 33 33.30 -22.85 -4.60
CA PRO DA 33 33.87 -24.00 -5.31
C PRO DA 33 33.04 -25.26 -5.17
N THR DA 34 32.15 -25.33 -4.20
CA THR DA 34 31.39 -26.54 -3.90
C THR DA 34 29.90 -26.22 -3.87
N PRO DA 35 29.33 -25.86 -5.03
CA PRO DA 35 27.91 -25.45 -5.06
C PRO DA 35 26.95 -26.61 -4.86
N THR DA 36 25.65 -26.30 -4.86
CA THR DA 36 24.60 -27.29 -4.79
C THR DA 36 24.39 -27.90 -6.16
N TRP DA 37 23.43 -28.82 -6.26
CA TRP DA 37 23.16 -29.48 -7.53
C TRP DA 37 21.80 -30.15 -7.48
N VAL DA 38 20.98 -29.88 -8.51
CA VAL DA 38 19.67 -30.50 -8.67
C VAL DA 38 19.84 -31.66 -9.64
N ARG DA 39 19.43 -32.86 -9.22
CA ARG DA 39 19.76 -34.07 -9.97
C ARG DA 39 18.56 -35.00 -9.98
N ALA DA 40 18.53 -35.85 -11.00
CA ALA DA 40 17.62 -37.00 -11.09
C ALA DA 40 18.51 -38.24 -11.10
N ILE DA 41 18.62 -38.90 -9.96
CA ILE DA 41 19.60 -39.98 -9.76
C ILE DA 41 18.88 -41.30 -10.04
N PRO DA 42 19.27 -42.04 -11.07
CA PRO DA 42 18.67 -43.36 -11.30
C PRO DA 42 19.47 -44.49 -10.67
N PHE DA 43 18.80 -45.39 -9.96
CA PHE DA 43 19.47 -46.54 -9.38
C PHE DA 43 18.41 -47.59 -9.09
N GLU DA 44 18.89 -48.81 -8.84
CA GLU DA 44 18.02 -49.96 -8.67
C GLU DA 44 18.25 -50.58 -7.29
N VAL DA 45 17.18 -51.16 -6.76
CA VAL DA 45 17.12 -51.67 -5.41
C VAL DA 45 16.54 -53.08 -5.46
N SER DA 46 17.20 -54.04 -4.79
CA SER DA 46 16.74 -55.42 -4.80
C SER DA 46 15.64 -55.63 -3.76
N VAL DA 47 14.64 -56.44 -4.10
CA VAL DA 47 13.45 -56.61 -3.28
C VAL DA 47 13.05 -58.08 -3.21
N GLN DA 48 12.57 -58.49 -2.05
CA GLN DA 48 12.04 -59.83 -1.83
C GLN DA 48 10.52 -59.80 -1.89
N SER DA 49 9.93 -60.96 -2.15
CA SER DA 49 8.48 -61.07 -2.25
C SER DA 49 7.85 -61.04 -0.86
N GLY DA 50 6.88 -60.15 -0.66
CA GLY DA 50 6.18 -60.02 0.59
C GLY DA 50 6.91 -59.22 1.65
N ILE DA 51 8.09 -58.69 1.35
CA ILE DA 51 8.90 -57.96 2.31
C ILE DA 51 9.11 -56.54 1.80
N ALA DA 52 9.07 -55.58 2.72
CA ALA DA 52 9.30 -54.18 2.39
C ALA DA 52 10.77 -53.84 2.60
N PHE DA 53 11.36 -53.16 1.63
CA PHE DA 53 12.78 -52.80 1.67
C PHE DA 53 12.92 -51.30 1.86
N LYS DA 54 13.66 -50.91 2.90
CA LYS DA 54 13.93 -49.50 3.16
C LYS DA 54 15.06 -49.03 2.26
N VAL DA 55 14.80 -47.99 1.48
CA VAL DA 55 15.81 -47.41 0.59
C VAL DA 55 16.68 -46.45 1.39
N PRO DA 56 17.98 -46.70 1.52
CA PRO DA 56 18.83 -45.77 2.26
C PRO DA 56 19.23 -44.57 1.42
N VAL DA 57 19.32 -43.42 2.09
CA VAL DA 57 19.66 -42.18 1.39
C VAL DA 57 21.10 -42.22 0.90
N GLY DA 58 21.98 -42.93 1.61
CA GLY DA 58 23.37 -43.00 1.20
C GLY DA 58 23.58 -43.48 -0.22
N SER DA 59 22.60 -44.19 -0.77
CA SER DA 59 22.71 -44.67 -2.14
C SER DA 59 22.78 -43.52 -3.13
N LEU DA 60 22.31 -42.33 -2.75
CA LEU DA 60 22.39 -41.17 -3.62
C LEU DA 60 23.79 -40.56 -3.65
N PHE DA 61 24.61 -40.83 -2.65
CA PHE DA 61 26.00 -40.37 -2.63
C PHE DA 61 26.89 -41.47 -3.19
N SER DA 62 27.57 -41.18 -4.31
CA SER DA 62 28.44 -42.16 -4.96
C SER DA 62 29.12 -41.50 -6.13
N ALA DA 63 30.36 -41.93 -6.40
CA ALA DA 63 31.08 -41.40 -7.54
C ALA DA 63 30.38 -41.72 -8.86
N ASN DA 64 29.54 -42.76 -8.88
CA ASN DA 64 28.81 -43.09 -10.11
C ASN DA 64 27.84 -41.98 -10.51
N PHE DA 65 27.44 -41.13 -9.55
CA PHE DA 65 26.53 -40.03 -9.82
C PHE DA 65 27.20 -38.67 -9.73
N ARG DA 66 28.51 -38.63 -9.48
CA ARG DA 66 29.25 -37.40 -9.30
C ARG DA 66 28.91 -36.71 -7.98
N THR DA 67 28.44 -37.47 -7.00
CA THR DA 67 27.93 -36.89 -5.76
C THR DA 67 28.66 -37.39 -4.52
N ASP DA 68 29.84 -37.96 -4.68
CA ASP DA 68 30.59 -38.48 -3.53
C ASP DA 68 31.14 -37.36 -2.65
N SER DA 69 31.00 -36.10 -3.05
CA SER DA 69 31.45 -34.97 -2.25
C SER DA 69 30.33 -34.34 -1.43
N PHE DA 70 29.10 -34.84 -1.55
CA PHE DA 70 27.97 -34.37 -0.78
C PHE DA 70 27.73 -35.30 0.41
N THR DA 71 27.38 -34.71 1.55
CA THR DA 71 27.03 -35.47 2.74
C THR DA 71 25.55 -35.30 3.11
N SER DA 72 24.82 -34.46 2.39
CA SER DA 72 23.41 -34.23 2.66
C SER DA 72 22.70 -34.04 1.32
N VAL DA 73 21.37 -34.06 1.38
CA VAL DA 73 20.55 -33.90 0.18
C VAL DA 73 19.11 -33.63 0.59
N THR DA 74 18.38 -32.87 -0.21
CA THR DA 74 16.97 -32.60 0.00
C THR DA 74 16.19 -33.26 -1.12
N VAL DA 75 15.36 -34.25 -0.76
CA VAL DA 75 14.61 -35.03 -1.74
C VAL DA 75 13.27 -34.36 -2.03
N MET DA 76 12.92 -34.26 -3.31
CA MET DA 76 11.67 -33.62 -3.72
CA MET DA 76 11.68 -33.63 -3.75
C MET DA 76 10.62 -34.63 -4.16
N SER DA 77 10.98 -35.58 -5.03
CA SER DA 77 10.04 -36.57 -5.53
C SER DA 77 10.74 -37.91 -5.68
N VAL DA 78 9.93 -38.97 -5.68
CA VAL DA 78 10.41 -40.34 -5.88
C VAL DA 78 9.54 -41.00 -6.95
N ARG DA 79 10.15 -41.76 -7.84
CA ARG DA 79 9.45 -42.52 -8.86
C ARG DA 79 10.09 -43.89 -8.94
N ALA DA 80 9.27 -44.92 -9.13
CA ALA DA 80 9.73 -46.30 -9.09
C ALA DA 80 9.19 -47.07 -10.28
N TRP DA 81 10.03 -47.94 -10.85
CA TRP DA 81 9.63 -48.85 -11.91
C TRP DA 81 10.15 -50.24 -11.57
N THR DA 82 9.28 -51.25 -11.70
CA THR DA 82 9.73 -52.63 -11.59
C THR DA 82 10.81 -52.90 -12.63
N GLN DA 83 11.92 -53.50 -12.20
CA GLN DA 83 13.07 -53.69 -13.07
C GLN DA 83 13.14 -55.07 -13.69
N LEU DA 84 12.53 -56.08 -13.08
CA LEU DA 84 12.57 -57.45 -13.59
C LEU DA 84 11.15 -57.95 -13.75
N THR DA 85 11.00 -59.03 -14.54
CA THR DA 85 9.67 -59.54 -14.85
C THR DA 85 9.00 -60.06 -13.58
N PRO DA 86 7.68 -60.13 -13.59
CA PRO DA 86 6.95 -60.60 -12.40
C PRO DA 86 6.88 -62.11 -12.34
N PRO DA 87 6.22 -62.67 -11.33
CA PRO DA 87 5.99 -64.12 -11.32
C PRO DA 87 5.06 -64.54 -12.45
N VAL DA 88 5.05 -65.84 -12.74
CA VAL DA 88 4.20 -66.35 -13.79
C VAL DA 88 2.74 -66.03 -13.45
N ASN DA 89 1.97 -65.67 -14.49
CA ASN DA 89 0.54 -65.42 -14.43
C ASN DA 89 0.19 -64.10 -13.74
N GLU DA 90 1.17 -63.38 -13.19
CA GLU DA 90 0.88 -62.16 -12.44
C GLU DA 90 1.23 -60.92 -13.26
N TYR DA 91 0.66 -59.79 -12.84
CA TYR DA 91 1.02 -58.48 -13.36
C TYR DA 91 1.93 -57.78 -12.37
N SER DA 92 2.96 -57.10 -12.89
CA SER DA 92 3.90 -56.41 -12.01
C SER DA 92 3.18 -55.33 -11.19
N PHE DA 93 3.72 -55.04 -10.02
CA PHE DA 93 3.22 -53.95 -9.20
C PHE DA 93 4.36 -53.43 -8.32
N VAL DA 94 4.15 -52.25 -7.74
CA VAL DA 94 5.14 -51.63 -6.87
C VAL DA 94 4.42 -50.70 -5.91
N ARG DA 95 4.89 -50.66 -4.67
CA ARG DA 95 4.33 -49.82 -3.62
C ARG DA 95 5.43 -48.98 -2.99
N LEU DA 96 5.15 -47.69 -2.79
CA LEU DA 96 6.08 -46.77 -2.16
C LEU DA 96 5.45 -46.16 -0.92
N LYS DA 97 6.15 -46.24 0.21
CA LYS DA 97 5.68 -45.68 1.48
C LYS DA 97 6.68 -44.64 1.94
N PRO DA 98 6.33 -43.36 1.94
CA PRO DA 98 7.31 -42.34 2.32
C PRO DA 98 7.74 -42.51 3.77
N LEU DA 99 9.02 -42.28 4.02
CA LEU DA 99 9.59 -42.27 5.37
C LEU DA 99 10.21 -40.90 5.64
N PHE DA 100 9.97 -40.40 6.84
CA PHE DA 100 10.50 -39.10 7.27
C PHE DA 100 11.02 -39.23 8.69
N LYS DA 101 12.06 -38.44 9.00
CA LYS DA 101 12.67 -38.53 10.32
C LYS DA 101 11.72 -38.01 11.40
N THR DA 102 10.94 -36.98 11.09
CA THR DA 102 10.00 -36.42 12.05
C THR DA 102 8.77 -37.29 12.23
N GLY DA 103 8.62 -38.35 11.45
CA GLY DA 103 7.43 -39.18 11.51
C GLY DA 103 7.17 -39.91 10.22
N ASP DA 104 7.19 -41.25 10.25
CA ASP DA 104 7.00 -42.04 9.06
C ASP DA 104 5.53 -42.04 8.62
N SER DA 105 5.32 -42.19 7.32
CA SER DA 105 3.98 -42.19 6.76
C SER DA 105 3.41 -43.61 6.73
N THR DA 106 2.13 -43.70 6.36
CA THR DA 106 1.46 -45.00 6.19
C THR DA 106 0.75 -45.09 4.83
N GLU DA 107 1.12 -44.23 3.88
CA GLU DA 107 0.60 -44.34 2.53
C GLU DA 107 1.32 -45.46 1.78
N GLU DA 108 0.59 -46.07 0.84
CA GLU DA 108 1.15 -47.13 -0.01
C GLU DA 108 0.82 -46.80 -1.46
N PHE DA 109 1.45 -45.73 -1.98
CA PHE DA 109 1.25 -45.33 -3.37
C PHE DA 109 1.61 -46.49 -4.28
N GLU DA 110 0.63 -47.02 -5.00
CA GLU DA 110 0.76 -48.28 -5.72
C GLU DA 110 0.46 -48.08 -7.20
N GLY DA 111 1.21 -48.81 -8.03
CA GLY DA 111 0.96 -48.85 -9.46
C GLY DA 111 1.14 -50.24 -10.02
N ARG DA 112 0.21 -50.66 -10.89
CA ARG DA 112 0.21 -52.01 -11.46
C ARG DA 112 0.25 -51.93 -12.98
N ALA DA 113 0.94 -52.90 -13.58
CA ALA DA 113 0.98 -53.00 -15.03
C ALA DA 113 -0.32 -53.61 -15.54
N SER DA 114 -0.80 -53.12 -16.67
CA SER DA 114 -1.93 -53.73 -17.36
C SER DA 114 -1.49 -54.74 -18.41
N ASN DA 115 -0.18 -54.85 -18.67
CA ASN DA 115 0.38 -55.85 -19.56
C ASN DA 115 1.52 -56.53 -18.82
N ILE DA 116 1.45 -57.86 -18.72
CA ILE DA 116 2.44 -58.61 -17.96
C ILE DA 116 3.86 -58.26 -18.40
N ASN DA 117 4.04 -57.97 -19.68
CA ASN DA 117 5.36 -57.66 -20.23
C ASN DA 117 5.80 -56.23 -19.95
N THR DA 118 4.98 -55.42 -19.29
CA THR DA 118 5.25 -54.01 -19.10
C THR DA 118 5.55 -53.71 -17.63
N ARG DA 119 6.40 -52.71 -17.42
CA ARG DA 119 6.76 -52.31 -16.07
C ARG DA 119 5.55 -51.75 -15.33
N ALA DA 120 5.63 -51.80 -14.00
CA ALA DA 120 4.65 -51.16 -13.13
C ALA DA 120 5.33 -49.96 -12.47
N SER DA 121 4.70 -48.79 -12.59
CA SER DA 121 5.31 -47.54 -12.15
C SER DA 121 4.42 -46.81 -11.15
N VAL DA 122 5.07 -46.04 -10.28
CA VAL DA 122 4.37 -45.16 -9.33
C VAL DA 122 5.39 -44.25 -8.67
N GLY DA 123 4.98 -43.03 -8.33
CA GLY DA 123 5.85 -42.12 -7.61
C GLY DA 123 5.04 -41.19 -6.74
N TYR DA 124 5.74 -40.45 -5.89
CA TYR DA 124 5.09 -39.50 -5.00
C TYR DA 124 5.95 -38.25 -4.83
N ARG DA 125 5.29 -37.12 -4.61
CA ARG DA 125 5.92 -35.83 -4.43
C ARG DA 125 5.99 -35.48 -2.94
N ILE DA 126 7.10 -34.91 -2.52
CA ILE DA 126 7.30 -34.47 -1.14
C ILE DA 126 6.96 -32.98 -1.08
N PRO DA 127 6.02 -32.56 -0.24
CA PRO DA 127 5.68 -31.14 -0.18
C PRO DA 127 6.80 -30.32 0.46
N THR DA 128 6.84 -29.03 0.11
CA THR DA 128 7.97 -28.20 0.47
C THR DA 128 8.13 -28.06 1.98
N ASN DA 129 7.08 -28.31 2.76
CA ASN DA 129 7.21 -28.23 4.20
C ASN DA 129 7.94 -29.43 4.80
N LEU DA 130 8.09 -30.51 4.03
CA LEU DA 130 8.79 -31.71 4.48
C LEU DA 130 10.08 -31.92 3.72
N ARG DA 131 10.63 -30.87 3.12
CA ARG DA 131 11.86 -30.96 2.33
C ARG DA 131 13.02 -30.43 3.16
N GLN DA 132 13.50 -31.27 4.06
CA GLN DA 132 14.72 -31.01 4.82
C GLN DA 132 15.81 -31.96 4.32
N ASN DA 133 16.98 -31.85 4.93
CA ASN DA 133 18.10 -32.66 4.49
C ASN DA 133 18.01 -34.08 5.06
N THR DA 134 18.70 -35.00 4.39
CA THR DA 134 18.78 -36.39 4.81
C THR DA 134 20.20 -36.87 4.55
N VAL DA 135 20.75 -37.62 5.51
CA VAL DA 135 22.12 -38.12 5.42
C VAL DA 135 22.10 -39.60 5.08
N ALA DA 136 23.30 -40.20 4.97
CA ALA DA 136 23.40 -41.56 4.45
C ALA DA 136 22.64 -42.55 5.32
N ALA DA 137 22.73 -42.40 6.64
CA ALA DA 137 22.06 -43.33 7.55
C ALA DA 137 20.55 -43.22 7.54
N ASP DA 138 19.99 -42.20 6.86
CA ASP DA 138 18.56 -42.03 6.81
C ASP DA 138 17.97 -42.91 5.70
N ASN DA 139 16.65 -43.07 5.73
CA ASN DA 139 15.92 -43.83 4.74
C ASN DA 139 14.85 -42.95 4.11
N VAL DA 140 14.57 -43.18 2.83
CA VAL DA 140 13.64 -42.34 2.09
C VAL DA 140 12.25 -42.96 2.01
N CYS DA 141 12.15 -44.26 1.80
CA CYS DA 141 10.85 -44.89 1.64
C CYS DA 141 11.01 -46.41 1.60
N GLU DA 142 9.93 -47.10 1.95
CA GLU DA 142 9.88 -48.55 1.83
C GLU DA 142 9.35 -48.93 0.46
N VAL DA 143 9.89 -50.00 -0.11
CA VAL DA 143 9.50 -50.48 -1.43
C VAL DA 143 8.94 -51.89 -1.28
N ARG DA 144 7.83 -52.15 -1.97
CA ARG DA 144 7.27 -53.48 -2.08
C ARG DA 144 6.98 -53.75 -3.55
N SER DA 145 7.02 -55.02 -3.93
CA SER DA 145 6.79 -55.42 -5.32
C SER DA 145 6.83 -56.93 -5.42
N ASN DA 146 6.23 -57.45 -6.49
CA ASN DA 146 6.35 -58.86 -6.84
C ASN DA 146 7.49 -59.13 -7.80
N CYS DA 147 8.20 -58.09 -8.24
CA CYS DA 147 9.43 -58.22 -9.01
C CYS DA 147 10.62 -58.09 -8.07
N ARG DA 148 11.69 -58.82 -8.39
CA ARG DA 148 12.80 -58.93 -7.45
C ARG DA 148 13.62 -57.64 -7.39
N GLN DA 149 13.64 -56.86 -8.47
CA GLN DA 149 14.30 -55.57 -8.48
C GLN DA 149 13.31 -54.46 -8.83
N VAL DA 150 13.68 -53.23 -8.50
CA VAL DA 150 12.87 -52.05 -8.78
C VAL DA 150 13.82 -50.90 -9.10
N ALA DA 151 13.58 -50.25 -10.24
CA ALA DA 151 14.37 -49.09 -10.65
C ALA DA 151 13.77 -47.83 -10.05
N LEU DA 152 14.64 -46.94 -9.55
CA LEU DA 152 14.22 -45.70 -8.94
C LEU DA 152 14.84 -44.53 -9.67
N VAL DA 153 14.09 -43.42 -9.73
CA VAL DA 153 14.59 -42.14 -10.23
C VAL DA 153 14.13 -41.10 -9.22
N ILE DA 154 15.07 -40.53 -8.48
CA ILE DA 154 14.77 -39.58 -7.40
C ILE DA 154 15.26 -38.19 -7.82
N SER DA 155 14.35 -37.22 -7.78
CA SER DA 155 14.67 -35.82 -8.08
C SER DA 155 14.99 -35.12 -6.77
N CYS DA 156 16.25 -34.74 -6.59
CA CYS DA 156 16.71 -34.21 -5.32
C CYS DA 156 17.65 -33.04 -5.54
N CYS DA 157 18.02 -32.39 -4.43
CA CYS DA 157 18.92 -31.24 -4.44
C CYS DA 157 20.11 -31.54 -3.55
N PHE DA 158 21.28 -31.71 -4.16
CA PHE DA 158 22.49 -32.00 -3.40
C PHE DA 158 23.07 -30.71 -2.87
N ASN DA 159 23.40 -30.70 -1.58
CA ASN DA 159 23.98 -29.52 -0.95
C ASN DA 159 24.91 -29.95 0.18
N ASN EA 16 1.93 -29.10 -69.46
CA ASN EA 16 3.34 -28.80 -69.28
C ASN EA 16 4.17 -29.35 -70.43
N SER EA 17 5.46 -29.03 -70.43
CA SER EA 17 6.33 -29.38 -71.56
C SER EA 17 6.29 -30.88 -71.79
N ASN EA 18 6.15 -31.26 -73.05
CA ASN EA 18 6.17 -32.67 -73.45
C ASN EA 18 7.37 -33.01 -74.34
N VAL EA 19 8.22 -32.04 -74.67
CA VAL EA 19 9.33 -32.26 -75.58
C VAL EA 19 10.55 -31.51 -75.05
N VAL EA 20 11.72 -31.85 -75.61
CA VAL EA 20 12.94 -31.17 -75.23
C VAL EA 20 12.83 -29.67 -75.55
N THR EA 21 13.55 -28.87 -74.78
CA THR EA 21 13.49 -27.42 -74.89
C THR EA 21 14.91 -26.87 -74.75
N MET EA 22 15.23 -25.86 -75.54
CA MET EA 22 16.59 -25.33 -75.57
C MET EA 22 16.86 -24.48 -74.34
N ILE EA 23 17.86 -24.87 -73.57
CA ILE EA 23 18.37 -24.06 -72.47
C ILE EA 23 19.40 -23.09 -73.02
N ARG EA 24 19.36 -21.85 -72.57
CA ARG EA 24 20.31 -20.82 -73.01
C ARG EA 24 21.42 -20.72 -71.97
N ALA EA 25 22.33 -21.68 -72.02
CA ALA EA 25 23.46 -21.71 -71.11
C ALA EA 25 24.43 -20.60 -71.44
N GLY EA 26 25.20 -20.20 -70.43
CA GLY EA 26 26.15 -19.13 -70.57
C GLY EA 26 27.57 -19.54 -70.29
N SER EA 27 28.24 -18.86 -69.37
CA SER EA 27 29.61 -19.19 -69.02
C SER EA 27 29.67 -20.54 -68.32
N TYR EA 28 30.85 -21.14 -68.35
CA TYR EA 28 31.03 -22.41 -67.66
C TYR EA 28 30.95 -22.16 -66.16
N PRO EA 29 30.11 -22.86 -65.43
CA PRO EA 29 29.88 -22.54 -64.02
C PRO EA 29 30.95 -23.12 -63.12
N LYS EA 30 30.87 -22.77 -61.84
CA LYS EA 30 31.66 -23.43 -60.82
C LYS EA 30 31.09 -24.83 -60.58
N VAL EA 31 31.92 -25.85 -60.76
CA VAL EA 31 31.47 -27.23 -60.65
C VAL EA 31 32.20 -27.88 -59.48
N ASN EA 32 31.80 -29.13 -59.18
CA ASN EA 32 32.44 -29.95 -58.16
C ASN EA 32 32.07 -31.41 -58.38
N PRO EA 33 33.02 -32.25 -58.79
CA PRO EA 33 32.67 -33.66 -59.04
C PRO EA 33 32.42 -34.43 -57.77
N THR EA 34 33.05 -34.03 -56.66
CA THR EA 34 33.00 -34.77 -55.39
C THR EA 34 32.38 -33.85 -54.35
N PRO EA 35 31.06 -33.69 -54.38
CA PRO EA 35 30.40 -32.79 -53.42
C PRO EA 35 30.18 -33.47 -52.08
N THR EA 36 29.73 -32.65 -51.12
CA THR EA 36 29.43 -33.11 -49.77
C THR EA 36 28.06 -33.81 -49.75
N TRP EA 37 27.74 -34.38 -48.58
CA TRP EA 37 26.51 -35.16 -48.45
C TRP EA 37 26.11 -35.24 -46.99
N VAL EA 38 24.85 -34.94 -46.70
CA VAL EA 38 24.27 -35.11 -45.37
C VAL EA 38 23.54 -36.44 -45.35
N ARG EA 39 23.76 -37.22 -44.30
CA ARG EA 39 23.26 -38.60 -44.29
C ARG EA 39 22.90 -39.06 -42.88
N ALA EA 40 22.04 -40.09 -42.84
CA ALA EA 40 21.77 -40.88 -41.63
C ALA EA 40 22.13 -42.32 -41.97
N ILE EA 41 23.14 -42.86 -41.31
CA ILE EA 41 23.71 -44.17 -41.65
C ILE EA 41 23.16 -45.21 -40.69
N PRO EA 42 22.42 -46.22 -41.18
CA PRO EA 42 21.96 -47.28 -40.27
C PRO EA 42 22.91 -48.48 -40.27
N PHE EA 43 23.48 -48.78 -39.11
CA PHE EA 43 24.37 -49.93 -38.99
C PHE EA 43 24.28 -50.45 -37.57
N GLU EA 44 24.79 -51.67 -37.38
CA GLU EA 44 24.71 -52.36 -36.10
C GLU EA 44 26.11 -52.64 -35.57
N VAL EA 45 26.23 -52.60 -34.25
CA VAL EA 45 27.47 -52.91 -33.55
C VAL EA 45 27.16 -54.03 -32.55
N SER EA 46 28.19 -54.80 -32.22
CA SER EA 46 28.06 -55.97 -31.38
C SER EA 46 28.56 -55.65 -29.98
N VAL EA 47 27.71 -55.87 -28.98
CA VAL EA 47 28.01 -55.48 -27.61
C VAL EA 47 27.83 -56.67 -26.69
N GLN EA 48 28.65 -56.73 -25.66
CA GLN EA 48 28.67 -57.81 -24.70
C GLN EA 48 28.16 -57.33 -23.35
N SER EA 49 28.01 -58.29 -22.43
CA SER EA 49 27.47 -58.01 -21.11
C SER EA 49 28.52 -57.32 -20.25
N GLY EA 50 28.18 -56.15 -19.73
CA GLY EA 50 29.06 -55.41 -18.85
C GLY EA 50 30.31 -54.82 -19.49
N ILE EA 51 30.45 -54.95 -20.80
CA ILE EA 51 31.64 -54.48 -21.51
C ILE EA 51 31.22 -53.43 -22.52
N ALA EA 52 31.87 -52.27 -22.47
CA ALA EA 52 31.58 -51.19 -23.41
C ALA EA 52 32.26 -51.47 -24.75
N PHE EA 53 31.63 -51.00 -25.82
CA PHE EA 53 32.15 -51.17 -27.18
C PHE EA 53 32.31 -49.80 -27.81
N LYS EA 54 33.52 -49.49 -28.25
CA LYS EA 54 33.78 -48.21 -28.90
C LYS EA 54 33.42 -48.30 -30.38
N VAL EA 55 32.45 -47.52 -30.80
CA VAL EA 55 31.99 -47.51 -32.19
C VAL EA 55 33.02 -46.79 -33.05
N PRO EA 56 33.73 -47.49 -33.93
CA PRO EA 56 34.73 -46.81 -34.76
C PRO EA 56 34.07 -45.98 -35.85
N VAL EA 57 34.64 -44.81 -36.12
CA VAL EA 57 34.10 -43.93 -37.16
C VAL EA 57 34.23 -44.59 -38.53
N GLY EA 58 35.21 -45.48 -38.69
CA GLY EA 58 35.44 -46.11 -39.98
C GLY EA 58 34.27 -46.92 -40.47
N SER EA 59 33.35 -47.29 -39.58
CA SER EA 59 32.19 -48.06 -40.00
C SER EA 59 31.25 -47.24 -40.88
N LEU EA 60 31.39 -45.92 -40.88
CA LEU EA 60 30.49 -45.07 -41.66
C LEU EA 60 30.89 -45.03 -43.14
N PHE EA 61 32.16 -45.21 -43.44
CA PHE EA 61 32.64 -45.28 -44.81
C PHE EA 61 32.53 -46.70 -45.33
N SER EA 62 31.70 -46.90 -46.36
CA SER EA 62 31.40 -48.23 -46.88
C SER EA 62 30.61 -48.11 -48.17
N ALA EA 63 30.88 -49.03 -49.10
CA ALA EA 63 30.10 -49.07 -50.33
C ALA EA 63 28.66 -49.54 -50.07
N ASN EA 64 28.40 -50.12 -48.89
CA ASN EA 64 27.03 -50.40 -48.49
C ASN EA 64 26.23 -49.14 -48.21
N PHE EA 65 26.91 -47.99 -48.12
CA PHE EA 65 26.27 -46.70 -47.88
C PHE EA 65 26.55 -45.69 -48.97
N ARG EA 66 27.32 -46.06 -50.00
CA ARG EA 66 27.79 -45.16 -51.06
C ARG EA 66 28.84 -44.18 -50.57
N THR EA 67 29.38 -44.39 -49.37
CA THR EA 67 30.29 -43.44 -48.74
C THR EA 67 31.73 -43.91 -48.74
N ASP EA 68 32.05 -45.00 -49.45
CA ASP EA 68 33.43 -45.49 -49.48
C ASP EA 68 34.39 -44.47 -50.10
N SER EA 69 33.87 -43.45 -50.77
CA SER EA 69 34.69 -42.42 -51.40
C SER EA 69 35.00 -41.26 -50.46
N PHE EA 70 34.65 -41.36 -49.18
CA PHE EA 70 34.97 -40.35 -48.18
C PHE EA 70 36.04 -40.86 -47.22
N THR EA 71 36.87 -39.94 -46.73
CA THR EA 71 37.85 -40.24 -45.70
C THR EA 71 37.60 -39.49 -44.40
N SER EA 72 36.64 -38.57 -44.38
CA SER EA 72 36.32 -37.79 -43.19
C SER EA 72 34.81 -37.63 -43.10
N VAL EA 73 34.35 -37.31 -41.89
CA VAL EA 73 32.92 -37.11 -41.66
C VAL EA 73 32.76 -36.34 -40.37
N THR EA 74 31.77 -35.43 -40.36
CA THR EA 74 31.45 -34.63 -39.19
C THR EA 74 30.16 -35.17 -38.60
N VAL EA 75 30.26 -35.78 -37.42
CA VAL EA 75 29.11 -36.37 -36.76
C VAL EA 75 28.31 -35.26 -36.09
N MET EA 76 26.97 -35.35 -36.18
CA MET EA 76 26.06 -34.37 -35.59
C MET EA 76 25.27 -34.93 -34.42
N SER EA 77 24.76 -36.16 -34.53
CA SER EA 77 24.01 -36.76 -33.43
C SER EA 77 24.01 -38.28 -33.62
N VAL EA 78 23.83 -38.98 -32.51
CA VAL EA 78 23.88 -40.44 -32.47
C VAL EA 78 22.61 -40.95 -31.81
N ARG EA 79 21.94 -41.89 -32.47
CA ARG EA 79 20.76 -42.56 -31.94
C ARG EA 79 21.00 -44.06 -31.94
N ALA EA 80 20.64 -44.71 -30.83
CA ALA EA 80 20.90 -46.12 -30.64
C ALA EA 80 19.62 -46.85 -30.23
N TRP EA 81 19.45 -48.05 -30.78
CA TRP EA 81 18.37 -48.96 -30.40
C TRP EA 81 18.95 -50.34 -30.18
N THR EA 82 18.52 -51.02 -29.11
CA THR EA 82 18.85 -52.43 -28.98
C THR EA 82 18.31 -53.20 -30.17
N GLN EA 83 19.04 -54.26 -30.55
CA GLN EA 83 18.72 -55.01 -31.77
C GLN EA 83 18.26 -56.44 -31.52
N LEU EA 84 18.58 -57.02 -30.37
CA LEU EA 84 18.19 -58.38 -30.05
C LEU EA 84 17.53 -58.43 -28.68
N THR EA 85 16.87 -59.55 -28.38
CA THR EA 85 16.11 -59.66 -27.15
C THR EA 85 17.04 -59.57 -25.94
N PRO EA 86 16.54 -59.11 -24.80
CA PRO EA 86 17.38 -58.95 -23.62
C PRO EA 86 17.57 -60.27 -22.92
N PRO EA 87 18.33 -60.29 -21.82
CA PRO EA 87 18.38 -61.49 -20.97
C PRO EA 87 17.02 -61.79 -20.37
N VAL EA 88 16.79 -63.07 -20.05
CA VAL EA 88 15.52 -63.46 -19.47
C VAL EA 88 15.29 -62.70 -18.17
N ASN EA 89 14.04 -62.30 -17.95
CA ASN EA 89 13.55 -61.57 -16.78
C ASN EA 89 13.94 -60.10 -16.79
N GLU EA 90 14.59 -59.60 -17.84
CA GLU EA 90 15.12 -58.25 -17.85
C GLU EA 90 14.47 -57.43 -18.94
N TYR EA 91 14.43 -56.11 -18.73
CA TYR EA 91 14.04 -55.16 -19.75
C TYR EA 91 15.30 -54.66 -20.45
N SER EA 92 15.20 -54.48 -21.78
CA SER EA 92 16.34 -53.99 -22.55
C SER EA 92 16.85 -52.68 -21.98
N PHE EA 93 18.12 -52.36 -22.24
CA PHE EA 93 18.62 -51.01 -21.97
C PHE EA 93 19.84 -50.78 -22.86
N VAL EA 94 20.27 -49.52 -22.92
CA VAL EA 94 21.41 -49.13 -23.74
C VAL EA 94 21.96 -47.83 -23.20
N ARG EA 95 23.29 -47.70 -23.26
CA ARG EA 95 23.97 -46.49 -22.82
C ARG EA 95 24.86 -45.95 -23.94
N LEU EA 96 25.16 -44.66 -23.88
CA LEU EA 96 26.04 -44.00 -24.84
C LEU EA 96 26.91 -43.00 -24.10
N LYS EA 97 28.22 -43.08 -24.32
CA LYS EA 97 29.18 -42.16 -23.71
C LYS EA 97 29.95 -41.46 -24.82
N PRO EA 98 29.68 -40.19 -25.11
CA PRO EA 98 30.34 -39.54 -26.24
C PRO EA 98 31.86 -39.55 -26.11
N LEU EA 99 32.52 -39.70 -27.26
CA LEU EA 99 33.97 -39.73 -27.34
C LEU EA 99 34.43 -38.65 -28.32
N PHE EA 100 35.42 -37.86 -27.90
CA PHE EA 100 35.94 -36.80 -28.73
C PHE EA 100 37.46 -36.81 -28.66
N LYS EA 101 38.11 -36.57 -29.80
CA LYS EA 101 39.56 -36.56 -29.84
C LYS EA 101 40.15 -35.52 -28.89
N THR EA 102 39.42 -34.44 -28.64
CA THR EA 102 39.88 -33.40 -27.75
C THR EA 102 39.66 -33.73 -26.28
N GLY EA 103 39.00 -34.85 -25.98
CA GLY EA 103 38.75 -35.22 -24.61
C GLY EA 103 37.47 -36.00 -24.43
N ASP EA 104 37.58 -37.30 -24.13
CA ASP EA 104 36.40 -38.13 -23.99
C ASP EA 104 35.49 -37.58 -22.89
N SER EA 105 34.18 -37.77 -23.07
CA SER EA 105 33.18 -37.37 -22.11
C SER EA 105 32.79 -38.55 -21.22
N THR EA 106 32.22 -38.23 -20.06
CA THR EA 106 31.85 -39.25 -19.08
C THR EA 106 30.34 -39.40 -18.91
N GLU EA 107 29.54 -38.80 -19.79
CA GLU EA 107 28.10 -39.00 -19.70
C GLU EA 107 27.74 -40.43 -20.08
N GLU EA 108 26.60 -40.89 -19.55
CA GLU EA 108 26.08 -42.22 -19.84
C GLU EA 108 24.60 -42.10 -20.19
N PHE EA 109 24.32 -41.40 -21.29
CA PHE EA 109 22.96 -41.24 -21.79
C PHE EA 109 22.32 -42.61 -21.97
N GLU EA 110 21.43 -42.99 -21.07
CA GLU EA 110 20.85 -44.31 -21.04
C GLU EA 110 19.38 -44.26 -21.40
N GLY EA 111 18.89 -45.37 -21.93
CA GLY EA 111 17.47 -45.53 -22.23
C GLY EA 111 17.06 -46.96 -22.01
N ARG EA 112 15.90 -47.17 -21.39
CA ARG EA 112 15.44 -48.51 -21.05
C ARG EA 112 14.06 -48.73 -21.63
N ALA EA 113 13.77 -49.98 -21.97
CA ALA EA 113 12.45 -50.34 -22.46
C ALA EA 113 11.51 -50.54 -21.29
N SER EA 114 10.27 -50.04 -21.44
CA SER EA 114 9.22 -50.32 -20.46
C SER EA 114 8.46 -51.60 -20.77
N ASN EA 115 8.77 -52.24 -21.91
CA ASN EA 115 8.25 -53.55 -22.27
C ASN EA 115 9.43 -54.43 -22.65
N ILE EA 116 9.44 -55.67 -22.14
CA ILE EA 116 10.57 -56.55 -22.42
C ILE EA 116 10.67 -56.82 -23.92
N ASN EA 117 9.54 -56.91 -24.59
CA ASN EA 117 9.53 -57.20 -26.02
C ASN EA 117 9.84 -55.98 -26.88
N THR EA 118 10.03 -54.82 -26.28
CA THR EA 118 10.27 -53.58 -27.00
C THR EA 118 11.73 -53.17 -26.92
N ARG EA 119 12.21 -52.55 -27.99
CA ARG EA 119 13.57 -52.05 -28.00
C ARG EA 119 13.77 -50.96 -26.94
N ALA EA 120 15.03 -50.74 -26.57
CA ALA EA 120 15.44 -49.63 -25.75
C ALA EA 120 16.20 -48.64 -26.62
N SER EA 121 15.95 -47.35 -26.41
CA SER EA 121 16.50 -46.33 -27.30
C SER EA 121 17.05 -45.15 -26.49
N VAL EA 122 18.03 -44.47 -27.08
CA VAL EA 122 18.59 -43.25 -26.49
C VAL EA 122 19.47 -42.61 -27.56
N GLY EA 123 19.84 -41.36 -27.35
CA GLY EA 123 20.70 -40.67 -28.29
C GLY EA 123 21.26 -39.40 -27.68
N TYR EA 124 22.18 -38.78 -28.39
CA TYR EA 124 22.79 -37.54 -27.92
C TYR EA 124 23.20 -36.69 -29.11
N ARG EA 125 23.09 -35.38 -28.94
CA ARG EA 125 23.47 -34.40 -29.95
C ARG EA 125 24.84 -33.81 -29.63
N ILE EA 126 25.65 -33.61 -30.66
CA ILE EA 126 26.97 -33.00 -30.52
C ILE EA 126 26.81 -31.50 -30.77
N PRO EA 127 27.20 -30.64 -29.83
CA PRO EA 127 27.04 -29.20 -30.04
C PRO EA 127 27.96 -28.70 -31.14
N THR EA 128 27.57 -27.56 -31.71
CA THR EA 128 28.30 -27.01 -32.86
C THR EA 128 29.78 -26.84 -32.58
N ASN EA 129 30.13 -26.44 -31.36
CA ASN EA 129 31.52 -26.21 -31.04
C ASN EA 129 32.36 -27.48 -31.01
N LEU EA 130 31.73 -28.66 -31.07
CA LEU EA 130 32.45 -29.92 -31.06
C LEU EA 130 32.25 -30.71 -32.36
N ARG EA 131 31.76 -30.04 -33.40
CA ARG EA 131 31.46 -30.72 -34.66
C ARG EA 131 32.62 -30.57 -35.65
N GLN EA 132 33.73 -31.22 -35.31
CA GLN EA 132 34.88 -31.30 -36.19
C GLN EA 132 34.88 -32.65 -36.90
N ASN EA 133 35.74 -32.76 -37.90
CA ASN EA 133 35.83 -34.00 -38.68
C ASN EA 133 36.34 -35.15 -37.80
N THR EA 134 36.18 -36.36 -38.33
CA THR EA 134 36.74 -37.56 -37.70
C THR EA 134 37.11 -38.55 -38.80
N VAL EA 135 38.15 -39.33 -38.55
CA VAL EA 135 38.64 -40.29 -39.53
C VAL EA 135 38.34 -41.71 -39.03
N ALA EA 136 38.58 -42.68 -39.93
CA ALA EA 136 38.24 -44.07 -39.62
C ALA EA 136 38.89 -44.53 -38.34
N ALA EA 137 40.12 -44.08 -38.07
CA ALA EA 137 40.84 -44.51 -36.87
C ALA EA 137 40.24 -43.94 -35.58
N ASP EA 138 39.27 -43.05 -35.67
CA ASP EA 138 38.66 -42.43 -34.51
C ASP EA 138 37.44 -43.22 -34.04
N ASN EA 139 36.94 -42.85 -32.86
CA ASN EA 139 35.77 -43.49 -32.27
C ASN EA 139 34.68 -42.45 -32.05
N VAL EA 140 33.44 -42.90 -32.09
CA VAL EA 140 32.29 -42.01 -31.89
C VAL EA 140 31.83 -42.02 -30.43
N CYS EA 141 31.56 -43.21 -29.90
CA CYS EA 141 30.99 -43.32 -28.56
C CYS EA 141 31.05 -44.77 -28.10
N GLU EA 142 31.00 -44.95 -26.78
CA GLU EA 142 30.95 -46.28 -26.18
C GLU EA 142 29.50 -46.70 -26.01
N VAL EA 143 29.22 -47.94 -26.39
CA VAL EA 143 27.88 -48.51 -26.28
C VAL EA 143 27.91 -49.58 -25.19
N ARG EA 144 26.93 -49.53 -24.29
CA ARG EA 144 26.76 -50.54 -23.26
C ARG EA 144 25.31 -51.01 -23.29
N SER EA 145 25.11 -52.32 -23.17
CA SER EA 145 23.76 -52.86 -23.23
C SER EA 145 23.76 -54.26 -22.64
N ASN EA 146 22.56 -54.69 -22.22
CA ASN EA 146 22.33 -56.08 -21.86
C ASN EA 146 21.86 -56.91 -23.06
N CYS EA 147 21.53 -56.25 -24.18
CA CYS EA 147 21.25 -56.96 -25.42
C CYS EA 147 22.55 -57.29 -26.15
N ARG EA 148 22.51 -58.36 -26.93
CA ARG EA 148 23.74 -58.83 -27.58
C ARG EA 148 24.17 -57.90 -28.72
N GLN EA 149 23.23 -57.30 -29.43
CA GLN EA 149 23.54 -56.36 -30.50
C GLN EA 149 22.76 -55.07 -30.33
N VAL EA 150 23.27 -54.01 -30.98
CA VAL EA 150 22.66 -52.69 -30.92
C VAL EA 150 22.54 -52.15 -32.34
N ALA EA 151 21.53 -51.31 -32.55
CA ALA EA 151 21.30 -50.68 -33.85
C ALA EA 151 21.51 -49.17 -33.69
N LEU EA 152 22.37 -48.61 -34.53
CA LEU EA 152 22.69 -47.19 -34.49
C LEU EA 152 22.22 -46.49 -35.75
N VAL EA 153 21.88 -45.21 -35.62
CA VAL EA 153 21.60 -44.34 -36.75
C VAL EA 153 22.30 -43.01 -36.46
N ILE EA 154 23.35 -42.72 -37.21
CA ILE EA 154 24.20 -41.56 -36.96
C ILE EA 154 23.93 -40.53 -38.04
N SER EA 155 23.44 -39.36 -37.62
CA SER EA 155 23.27 -38.23 -38.52
C SER EA 155 24.60 -37.51 -38.65
N CYS EA 156 25.09 -37.38 -39.87
CA CYS EA 156 26.43 -36.83 -40.09
C CYS EA 156 26.51 -36.18 -41.46
N CYS EA 157 27.57 -35.39 -41.64
CA CYS EA 157 27.83 -34.66 -42.88
C CYS EA 157 29.17 -35.15 -43.41
N PHE EA 158 29.13 -36.03 -44.41
CA PHE EA 158 30.35 -36.51 -45.04
C PHE EA 158 30.99 -35.41 -45.87
N ASN EA 159 32.32 -35.39 -45.90
CA ASN EA 159 33.06 -34.41 -46.70
C ASN EA 159 34.48 -34.88 -46.94
N ASN FA 16 -37.94 -39.85 -50.13
CA ASN FA 16 -37.88 -39.32 -51.50
C ASN FA 16 -38.68 -40.22 -52.44
N SER FA 17 -38.12 -40.51 -53.61
CA SER FA 17 -38.83 -41.33 -54.58
C SER FA 17 -39.10 -42.70 -54.01
N ASN FA 18 -40.34 -43.19 -54.21
CA ASN FA 18 -40.71 -44.55 -53.84
C ASN FA 18 -41.13 -45.38 -55.06
N VAL FA 19 -41.07 -44.80 -56.27
CA VAL FA 19 -41.51 -45.48 -57.48
C VAL FA 19 -40.59 -45.09 -58.64
N VAL FA 20 -40.59 -45.94 -59.66
CA VAL FA 20 -39.76 -45.68 -60.83
C VAL FA 20 -40.17 -44.36 -61.48
N THR FA 21 -39.21 -43.72 -62.13
CA THR FA 21 -39.42 -42.43 -62.78
C THR FA 21 -38.71 -42.44 -64.13
N MET FA 22 -39.32 -41.77 -65.12
CA MET FA 22 -38.79 -41.82 -66.46
CA MET FA 22 -38.81 -41.80 -66.47
C MET FA 22 -37.55 -40.95 -66.59
N ILE FA 23 -36.69 -41.32 -67.52
CA ILE FA 23 -35.47 -40.57 -67.85
C ILE FA 23 -35.55 -40.19 -69.32
N ARG FA 24 -35.42 -38.90 -69.60
CA ARG FA 24 -35.53 -38.39 -70.96
C ARG FA 24 -34.17 -38.43 -71.64
N ALA FA 25 -33.74 -39.66 -71.91
CA ALA FA 25 -32.42 -39.90 -72.48
C ALA FA 25 -32.34 -39.36 -73.91
N GLY FA 26 -31.13 -39.00 -74.33
CA GLY FA 26 -30.91 -38.46 -75.65
C GLY FA 26 -30.07 -39.36 -76.53
N SER FA 27 -29.08 -38.79 -77.19
CA SER FA 27 -28.26 -39.54 -78.13
C SER FA 27 -27.47 -40.61 -77.39
N TYR FA 28 -27.13 -41.69 -78.11
CA TYR FA 28 -26.37 -42.78 -77.52
C TYR FA 28 -25.00 -42.27 -77.10
N PRO FA 29 -24.59 -42.48 -75.86
CA PRO FA 29 -23.35 -41.84 -75.37
C PRO FA 29 -22.11 -42.62 -75.78
N LYS FA 30 -20.96 -42.00 -75.53
CA LYS FA 30 -19.69 -42.73 -75.59
C LYS FA 30 -19.69 -43.75 -74.47
N VAL FA 31 -19.19 -44.94 -74.77
CA VAL FA 31 -19.23 -46.06 -73.84
C VAL FA 31 -17.87 -46.76 -73.84
N ASN FA 32 -17.69 -47.65 -72.87
CA ASN FA 32 -16.45 -48.42 -72.73
C ASN FA 32 -16.73 -49.63 -71.85
N PRO FA 33 -16.89 -50.81 -72.44
CA PRO FA 33 -17.23 -51.98 -71.61
C PRO FA 33 -16.09 -52.48 -70.76
N THR FA 34 -14.84 -52.25 -71.18
CA THR FA 34 -13.65 -52.72 -70.48
C THR FA 34 -12.81 -51.52 -70.00
N PRO FA 35 -13.26 -50.82 -68.95
CA PRO FA 35 -12.55 -49.62 -68.52
C PRO FA 35 -11.32 -49.93 -67.68
N THR FA 36 -10.78 -48.90 -67.02
CA THR FA 36 -9.62 -49.03 -66.15
C THR FA 36 -10.08 -49.19 -64.70
N TRP FA 37 -9.12 -49.25 -63.77
CA TRP FA 37 -9.47 -49.47 -62.37
C TRP FA 37 -8.28 -49.17 -61.49
N VAL FA 38 -8.50 -48.36 -60.46
CA VAL FA 38 -7.50 -48.04 -59.45
C VAL FA 38 -7.73 -48.91 -58.23
N ARG FA 39 -6.68 -49.59 -57.78
CA ARG FA 39 -6.85 -50.67 -56.81
C ARG FA 39 -5.70 -50.72 -55.83
N ALA FA 40 -5.97 -51.33 -54.67
CA ALA FA 40 -4.95 -51.74 -53.71
C ALA FA 40 -5.04 -53.26 -53.57
N ILE FA 41 -4.05 -53.97 -54.12
CA ILE FA 41 -4.08 -55.42 -54.24
C ILE FA 41 -3.28 -56.00 -53.07
N PRO FA 42 -3.92 -56.72 -52.14
CA PRO FA 42 -3.15 -57.40 -51.09
C PRO FA 42 -2.75 -58.81 -51.51
N PHE FA 43 -1.49 -59.17 -51.28
CA PHE FA 43 -1.03 -60.52 -51.56
C PHE FA 43 0.27 -60.73 -50.82
N GLU FA 44 0.69 -61.99 -50.73
CA GLU FA 44 1.86 -62.40 -49.96
C GLU FA 44 2.89 -63.03 -50.87
N VAL FA 45 4.13 -63.11 -50.36
CA VAL FA 45 5.21 -63.77 -51.07
C VAL FA 45 6.10 -64.46 -50.03
N SER FA 46 6.66 -65.60 -50.41
CA SER FA 46 7.60 -66.31 -49.55
C SER FA 46 9.02 -65.79 -49.81
N VAL FA 47 9.78 -65.66 -48.74
CA VAL FA 47 11.13 -65.07 -48.80
C VAL FA 47 12.08 -65.96 -48.01
N GLN FA 48 13.23 -66.25 -48.61
CA GLN FA 48 14.27 -67.04 -47.97
C GLN FA 48 15.31 -66.10 -47.36
N SER FA 49 15.87 -66.52 -46.23
CA SER FA 49 16.82 -65.68 -45.51
C SER FA 49 18.02 -65.37 -46.39
N GLY FA 50 18.44 -64.10 -46.36
CA GLY FA 50 19.59 -63.65 -47.10
C GLY FA 50 19.44 -63.60 -48.60
N ILE FA 51 18.27 -63.96 -49.13
CA ILE FA 51 18.03 -64.02 -50.57
C ILE FA 51 16.93 -63.03 -50.91
N ALA FA 52 17.08 -62.34 -52.03
CA ALA FA 52 16.10 -61.38 -52.49
C ALA FA 52 15.11 -62.04 -53.45
N PHE FA 53 13.82 -61.74 -53.26
CA PHE FA 53 12.76 -62.31 -54.07
C PHE FA 53 12.20 -61.24 -54.98
N LYS FA 54 12.31 -61.46 -56.29
CA LYS FA 54 11.78 -60.53 -57.28
C LYS FA 54 10.28 -60.71 -57.40
N VAL FA 55 9.53 -59.71 -56.93
CA VAL FA 55 8.06 -59.77 -56.93
C VAL FA 55 7.55 -59.63 -58.36
N PRO FA 56 6.84 -60.63 -58.89
CA PRO FA 56 6.42 -60.54 -60.30
C PRO FA 56 5.13 -59.77 -60.44
N VAL FA 57 5.07 -58.96 -61.50
CA VAL FA 57 3.86 -58.19 -61.77
C VAL FA 57 2.67 -59.11 -62.00
N GLY FA 58 2.93 -60.34 -62.46
CA GLY FA 58 1.83 -61.26 -62.75
C GLY FA 58 0.95 -61.52 -61.55
N SER FA 59 1.50 -61.37 -60.34
CA SER FA 59 0.70 -61.61 -59.14
C SER FA 59 -0.51 -60.70 -59.06
N LEU FA 60 -0.48 -59.57 -59.76
CA LEU FA 60 -1.59 -58.63 -59.70
C LEU FA 60 -2.76 -59.07 -60.58
N PHE FA 61 -2.50 -59.87 -61.61
CA PHE FA 61 -3.56 -60.36 -62.49
C PHE FA 61 -4.06 -61.69 -61.94
N SER FA 62 -5.30 -61.70 -61.48
CA SER FA 62 -5.89 -62.91 -60.91
C SER FA 62 -7.38 -62.67 -60.67
N ALA FA 63 -8.17 -63.74 -60.83
CA ALA FA 63 -9.59 -63.65 -60.56
C ALA FA 63 -9.87 -63.44 -59.09
N ASN FA 64 -8.92 -63.77 -58.21
CA ASN FA 64 -9.08 -63.47 -56.79
C ASN FA 64 -9.09 -61.97 -56.53
N PHE FA 65 -8.69 -61.16 -57.51
CA PHE FA 65 -8.72 -59.71 -57.40
C PHE FA 65 -9.64 -59.06 -58.42
N ARG FA 66 -10.29 -59.84 -59.27
CA ARG FA 66 -11.18 -59.37 -60.33
C ARG FA 66 -10.43 -58.76 -61.49
N THR FA 67 -9.12 -58.96 -61.58
CA THR FA 67 -8.28 -58.29 -62.56
C THR FA 67 -7.72 -59.24 -63.61
N ASP FA 68 -8.23 -60.47 -63.70
CA ASP FA 68 -7.75 -61.40 -64.70
C ASP FA 68 -8.07 -60.97 -66.12
N SER FA 69 -8.85 -59.90 -66.30
CA SER FA 69 -9.19 -59.38 -67.61
C SER FA 69 -8.18 -58.34 -68.10
N PHE FA 70 -7.20 -57.99 -67.29
CA PHE FA 70 -6.18 -57.02 -67.66
C PHE FA 70 -4.89 -57.73 -68.07
N THR FA 71 -4.09 -57.03 -68.86
CA THR FA 71 -2.79 -57.54 -69.28
C THR FA 71 -1.67 -56.53 -69.04
N SER FA 72 -1.99 -55.33 -68.55
CA SER FA 72 -0.99 -54.32 -68.24
C SER FA 72 -1.46 -53.53 -67.04
N VAL FA 73 -0.52 -52.96 -66.29
CA VAL FA 73 -0.84 -52.23 -65.07
C VAL FA 73 0.24 -51.19 -64.83
N THR FA 74 -0.18 -50.04 -64.30
CA THR FA 74 0.71 -48.96 -63.91
C THR FA 74 0.78 -48.93 -62.39
N VAL FA 75 1.96 -49.21 -61.85
CA VAL FA 75 2.16 -49.24 -60.41
C VAL FA 75 2.49 -47.84 -59.93
N MET FA 76 1.92 -47.45 -58.79
CA MET FA 76 2.13 -46.14 -58.19
C MET FA 76 2.95 -46.20 -56.92
N SER FA 77 2.61 -47.10 -55.99
CA SER FA 77 3.35 -47.24 -54.74
C SER FA 77 3.28 -48.69 -54.28
N VAL FA 78 4.28 -49.08 -53.50
CA VAL FA 78 4.40 -50.43 -52.97
C VAL FA 78 4.66 -50.35 -51.48
N ARG FA 79 3.89 -51.10 -50.69
CA ARG FA 79 4.06 -51.17 -49.25
C ARG FA 79 4.16 -52.64 -48.85
N ALA FA 80 4.99 -52.92 -47.85
CA ALA FA 80 5.27 -54.29 -47.44
C ALA FA 80 5.18 -54.44 -45.93
N TRP FA 81 4.69 -55.61 -45.51
CA TRP FA 81 4.60 -55.98 -44.10
C TRP FA 81 5.10 -57.41 -43.96
N THR FA 82 5.82 -57.70 -42.87
CA THR FA 82 6.21 -59.07 -42.58
C THR FA 82 4.98 -59.85 -42.12
N GLN FA 83 4.75 -61.02 -42.74
CA GLN FA 83 3.53 -61.79 -42.49
C GLN FA 83 3.70 -62.85 -41.40
N LEU FA 84 4.92 -63.23 -41.08
CA LEU FA 84 5.17 -64.26 -40.06
C LEU FA 84 6.19 -63.75 -39.05
N THR FA 85 6.27 -64.45 -37.93
CA THR FA 85 7.15 -64.01 -36.85
C THR FA 85 8.61 -64.09 -37.30
N PRO FA 86 9.49 -63.34 -36.64
CA PRO FA 86 10.90 -63.32 -37.04
C PRO FA 86 11.67 -64.43 -36.35
N PRO FA 87 12.95 -64.59 -36.69
CA PRO FA 87 13.79 -65.56 -35.96
C PRO FA 87 13.86 -65.25 -34.47
N VAL FA 88 14.28 -66.26 -33.70
CA VAL FA 88 14.41 -66.08 -32.27
C VAL FA 88 15.44 -65.00 -31.99
N ASN FA 89 15.10 -64.10 -31.06
CA ASN FA 89 15.94 -63.02 -30.56
C ASN FA 89 15.99 -61.82 -31.51
N GLU FA 90 15.34 -61.87 -32.66
CA GLU FA 90 15.46 -60.82 -33.67
C GLU FA 90 14.17 -60.03 -33.79
N TYR FA 91 14.31 -58.74 -34.15
CA TYR FA 91 13.18 -57.89 -34.49
C TYR FA 91 12.94 -57.96 -35.99
N SER FA 92 11.66 -58.06 -36.38
CA SER FA 92 11.31 -58.18 -37.79
C SER FA 92 11.94 -57.03 -38.59
N PHE FA 93 12.18 -57.29 -39.88
CA PHE FA 93 12.64 -56.25 -40.78
C PHE FA 93 12.23 -56.63 -42.20
N VAL FA 94 12.22 -55.63 -43.08
CA VAL FA 94 11.89 -55.84 -44.48
C VAL FA 94 12.47 -54.70 -45.29
N ARG FA 95 13.02 -55.04 -46.46
CA ARG FA 95 13.59 -54.07 -47.38
C ARG FA 95 12.81 -54.07 -48.69
N LEU FA 96 13.01 -53.02 -49.48
CA LEU FA 96 12.38 -52.93 -50.78
C LEU FA 96 13.34 -52.23 -51.74
N LYS FA 97 13.69 -52.89 -52.84
CA LYS FA 97 14.54 -52.32 -53.88
C LYS FA 97 13.73 -52.19 -55.16
N PRO FA 98 13.30 -50.98 -55.54
CA PRO FA 98 12.47 -50.86 -56.75
C PRO FA 98 13.21 -51.34 -57.99
N LEU FA 99 12.44 -51.90 -58.93
CA LEU FA 99 12.97 -52.36 -60.21
C LEU FA 99 12.17 -51.72 -61.34
N PHE FA 100 12.89 -51.26 -62.35
CA PHE FA 100 12.28 -50.67 -63.53
C PHE FA 100 12.88 -51.30 -64.78
N LYS FA 101 12.04 -51.58 -65.77
CA LYS FA 101 12.54 -52.10 -67.03
C LYS FA 101 13.58 -51.17 -67.66
N THR FA 102 13.42 -49.85 -67.48
CA THR FA 102 14.36 -48.89 -68.03
C THR FA 102 15.68 -48.89 -67.27
N GLY FA 103 15.69 -49.35 -66.03
CA GLY FA 103 16.90 -49.35 -65.23
C GLY FA 103 16.60 -49.58 -63.76
N ASP FA 104 17.07 -50.71 -63.24
CA ASP FA 104 16.81 -51.05 -61.85
C ASP FA 104 17.47 -50.03 -60.91
N SER FA 105 16.91 -49.92 -59.70
CA SER FA 105 17.40 -48.99 -58.71
C SER FA 105 18.09 -49.73 -57.58
N THR FA 106 19.02 -49.03 -56.90
CA THR FA 106 19.83 -49.62 -55.85
C THR FA 106 19.43 -49.11 -54.46
N GLU FA 107 18.18 -48.69 -54.30
CA GLU FA 107 17.68 -48.32 -52.99
C GLU FA 107 17.24 -49.56 -52.22
N GLU FA 108 17.30 -49.46 -50.89
CA GLU FA 108 16.87 -50.55 -50.01
C GLU FA 108 16.02 -49.97 -48.88
N PHE FA 109 14.86 -49.40 -49.24
CA PHE FA 109 13.95 -48.82 -48.26
C PHE FA 109 13.64 -49.83 -47.18
N GLU FA 110 14.21 -49.65 -45.99
CA GLU FA 110 14.15 -50.65 -44.93
C GLU FA 110 13.39 -50.09 -43.73
N GLY FA 111 12.38 -50.83 -43.29
CA GLY FA 111 11.69 -50.54 -42.06
C GLY FA 111 11.82 -51.71 -41.10
N ARG FA 112 12.02 -51.41 -39.83
CA ARG FA 112 12.18 -52.42 -38.80
C ARG FA 112 11.10 -52.24 -37.74
N ALA FA 113 10.84 -53.34 -37.03
CA ALA FA 113 9.87 -53.33 -35.94
C ALA FA 113 10.57 -52.99 -34.63
N SER FA 114 9.81 -52.39 -33.71
CA SER FA 114 10.31 -52.07 -32.39
C SER FA 114 9.76 -53.01 -31.32
N ASN FA 115 8.92 -53.97 -31.71
CA ASN FA 115 8.42 -55.01 -30.82
C ASN FA 115 8.53 -56.33 -31.56
N ILE FA 116 9.27 -57.29 -30.99
CA ILE FA 116 9.48 -58.57 -31.67
C ILE FA 116 8.15 -59.17 -32.13
N ASN FA 117 7.08 -58.91 -31.39
CA ASN FA 117 5.77 -59.45 -31.70
C ASN FA 117 5.05 -58.66 -32.79
N THR FA 118 5.65 -57.58 -33.29
CA THR FA 118 4.99 -56.67 -34.20
C THR FA 118 5.64 -56.73 -35.58
N ARG FA 119 4.81 -56.52 -36.60
CA ARG FA 119 5.29 -56.54 -37.97
C ARG FA 119 6.28 -55.40 -38.20
N ALA FA 120 7.13 -55.58 -39.22
CA ALA FA 120 7.95 -54.52 -39.77
C ALA FA 120 7.30 -54.07 -41.08
N SER FA 121 7.35 -52.77 -41.35
CA SER FA 121 6.65 -52.22 -42.50
C SER FA 121 7.52 -51.17 -43.17
N VAL FA 122 7.29 -50.99 -44.47
CA VAL FA 122 7.96 -49.96 -45.26
C VAL FA 122 7.29 -49.88 -46.61
N GLY FA 123 7.56 -48.82 -47.36
CA GLY FA 123 7.00 -48.67 -48.70
C GLY FA 123 7.79 -47.64 -49.47
N TYR FA 124 7.45 -47.52 -50.74
CA TYR FA 124 8.07 -46.51 -51.60
C TYR FA 124 7.12 -46.08 -52.69
N ARG FA 125 7.18 -44.80 -53.05
CA ARG FA 125 6.35 -44.21 -54.08
C ARG FA 125 7.15 -44.13 -55.38
N ILE FA 126 6.45 -44.31 -56.49
CA ILE FA 126 7.04 -44.20 -57.82
C ILE FA 126 6.73 -42.81 -58.38
N PRO FA 127 7.73 -42.06 -58.84
CA PRO FA 127 7.46 -40.72 -59.39
C PRO FA 127 6.67 -40.81 -60.69
N THR FA 128 5.95 -39.73 -60.97
CA THR FA 128 5.09 -39.70 -62.14
C THR FA 128 5.86 -40.05 -63.41
N ASN FA 129 7.13 -39.67 -63.49
CA ASN FA 129 7.92 -39.94 -64.69
C ASN FA 129 8.32 -41.40 -64.82
N LEU FA 130 8.19 -42.19 -63.76
CA LEU FA 130 8.50 -43.62 -63.81
C LEU FA 130 7.24 -44.47 -63.64
N ARG FA 131 6.10 -43.93 -64.05
CA ARG FA 131 4.83 -44.65 -63.94
C ARG FA 131 4.40 -45.05 -65.35
N GLN FA 132 5.04 -46.10 -65.86
CA GLN FA 132 4.65 -46.73 -67.11
C GLN FA 132 3.99 -48.07 -66.80
N ASN FA 133 3.32 -48.63 -67.80
CA ASN FA 133 2.67 -49.92 -67.64
C ASN FA 133 3.71 -50.99 -67.29
N THR FA 134 3.22 -52.17 -66.91
CA THR FA 134 4.05 -53.35 -66.75
C THR FA 134 3.21 -54.57 -67.07
N VAL FA 135 3.87 -55.61 -67.56
CA VAL FA 135 3.19 -56.84 -67.93
C VAL FA 135 3.60 -57.94 -66.96
N ALA FA 136 2.94 -59.09 -67.07
CA ALA FA 136 3.14 -60.16 -66.08
C ALA FA 136 4.60 -60.58 -65.99
N ALA FA 137 5.29 -60.66 -67.13
CA ALA FA 137 6.68 -61.13 -67.13
C ALA FA 137 7.61 -60.21 -66.35
N ASP FA 138 7.18 -58.98 -66.06
CA ASP FA 138 8.05 -58.00 -65.43
C ASP FA 138 8.07 -58.18 -63.91
N ASN FA 139 8.97 -57.44 -63.27
CA ASN FA 139 9.11 -57.45 -61.83
C ASN FA 139 8.96 -56.02 -61.29
N VAL FA 140 8.57 -55.91 -60.03
CA VAL FA 140 8.34 -54.61 -59.40
C VAL FA 140 9.46 -54.25 -58.44
N CYS FA 141 9.96 -55.20 -57.66
CA CYS FA 141 10.96 -54.89 -56.65
C CYS FA 141 11.50 -56.16 -56.04
N GLU FA 142 12.66 -56.03 -55.39
CA GLU FA 142 13.27 -57.11 -54.63
C GLU FA 142 12.93 -56.94 -53.15
N VAL FA 143 12.48 -58.03 -52.53
CA VAL FA 143 12.10 -58.04 -51.11
C VAL FA 143 13.13 -58.84 -50.34
N ARG FA 144 13.45 -58.36 -49.14
CA ARG FA 144 14.37 -59.04 -48.24
C ARG FA 144 13.80 -58.96 -46.83
N SER FA 145 13.94 -60.04 -46.07
CA SER FA 145 13.38 -60.06 -44.73
C SER FA 145 13.83 -61.32 -44.01
N ASN FA 146 14.00 -61.19 -42.70
CA ASN FA 146 14.26 -62.35 -41.84
C ASN FA 146 12.99 -63.14 -41.55
N CYS FA 147 11.83 -62.63 -41.93
CA CYS FA 147 10.59 -63.37 -41.84
C CYS FA 147 10.33 -64.10 -43.15
N ARG FA 148 9.79 -65.31 -43.05
CA ARG FA 148 9.70 -66.18 -44.23
C ARG FA 148 8.60 -65.77 -45.21
N GLN FA 149 7.65 -64.94 -44.78
CA GLN FA 149 6.61 -64.45 -45.66
C GLN FA 149 6.43 -62.95 -45.47
N VAL FA 150 6.06 -62.28 -46.55
CA VAL FA 150 5.85 -60.83 -46.56
C VAL FA 150 4.52 -60.55 -47.23
N ALA FA 151 3.69 -59.73 -46.58
CA ALA FA 151 2.40 -59.32 -47.12
C ALA FA 151 2.55 -57.93 -47.73
N LEU FA 152 2.17 -57.79 -48.99
CA LEU FA 152 2.29 -56.53 -49.69
C LEU FA 152 0.92 -55.95 -49.99
N VAL FA 153 0.90 -54.66 -50.28
CA VAL FA 153 -0.31 -53.94 -50.68
C VAL FA 153 0.11 -52.93 -51.73
N ILE FA 154 -0.07 -53.28 -53.00
CA ILE FA 154 0.41 -52.48 -54.11
C ILE FA 154 -0.74 -51.63 -54.66
N SER FA 155 -0.53 -50.31 -54.69
CA SER FA 155 -1.51 -49.38 -55.24
C SER FA 155 -1.18 -49.18 -56.71
N CYS FA 156 -2.15 -49.52 -57.57
CA CYS FA 156 -1.89 -49.57 -59.01
C CYS FA 156 -3.14 -49.19 -59.79
N CYS FA 157 -2.93 -48.91 -61.07
CA CYS FA 157 -3.99 -48.54 -62.01
C CYS FA 157 -4.01 -49.58 -63.13
N PHE FA 158 -4.92 -50.54 -63.04
CA PHE FA 158 -5.06 -51.54 -64.08
C PHE FA 158 -5.62 -50.89 -65.34
N ASN FA 159 -5.03 -51.21 -66.49
CA ASN FA 159 -5.49 -50.67 -67.76
C ASN FA 159 -5.20 -51.64 -68.90
CL CL NA . 25.76 -0.99 19.18
CL CL OA . 22.38 12.67 30.79
MG MG PA . 37.94 6.55 11.97
CL CL QA . 42.85 3.58 0.10
CL CL RA . 47.34 2.74 2.51
MG MG SA . 45.08 15.86 1.90
CL CL TA . 18.49 -21.97 23.48
CL CL UA . -9.98 -12.04 24.41
CL CL VA . -25.75 -13.98 30.10
CL CL WA . -4.37 -7.03 30.47
MG MG XA . -20.48 -6.13 35.08
MG MG YA . -15.94 -17.08 31.14
CL CL ZA . -63.45 -25.59 -13.08
CL CL AB . -27.76 -34.03 -1.67
CL CL BB . -34.11 -47.35 0.94
MG MG CB . -28.69 -26.39 27.28
CL CL DB . -66.10 24.27 16.07
CL CL EB . -65.89 2.24 19.81
CL CL FB . -40.28 -2.78 42.09
MG MG GB . -30.88 -3.58 35.49
CL CL HB . -7.46 59.18 15.62
MG MG IB . -2.05 51.02 24.33
MG MG JB . -7.73 40.06 27.52
MG MG KB . 0.01 53.74 21.45
MG MG LB . -12.35 54.10 23.63
CL CL MB . -21.32 71.44 3.05
CL CL NB . -29.24 82.82 -31.51
CL CL OB . -41.80 74.07 7.15
CL CL PB . -36.87 79.25 -11.57
CL CL QB . -32.71 73.34 -22.95
MG MG RB . -18.68 66.37 14.52
CL CL SB . 12.67 65.24 0.62
MG MG TB . 5.59 60.44 14.48
CL CL UB . 26.55 -25.21 -22.17
CL CL VB . -7.03 20.42 20.29
CL CL WB . -26.62 -68.20 -47.47
CL CL XB . 3.04 -57.40 -26.37
MG MG YB . 7.83 -55.94 -14.14
MG MG ZB . 15.76 -55.09 -27.00
CL CL AC . 12.47 -51.85 -74.37
#